data_2L48
#
_entry.id   2L48
#
_entity_poly.entity_id   1
_entity_poly.type   'polypeptide(L)'
_entity_poly.pdbx_seq_one_letter_code
;GSIQKVKNGNVATTSPTKQNIIQSGAFSPYETPDVMGALTSLKMTADFILQSDGLTYFISKPTSDAQLKAMKEYLDRKGW
WYEVK
;
_entity_poly.pdbx_strand_id   A,B
#
# COMPACT_ATOMS: atom_id res chain seq x y z
N GLY A 1 7.78 -1.97 21.01
CA GLY A 1 8.61 -2.33 22.15
C GLY A 1 9.20 -3.69 21.97
N SER A 2 9.90 -4.18 22.97
CA SER A 2 10.53 -5.48 22.91
C SER A 2 9.55 -6.55 23.41
N ILE A 3 9.31 -7.56 22.60
CA ILE A 3 8.33 -8.61 22.94
C ILE A 3 9.00 -9.86 23.52
N GLN A 4 10.33 -9.91 23.42
CA GLN A 4 11.15 -11.04 23.91
C GLN A 4 10.82 -12.35 23.17
N LYS A 5 11.31 -13.47 23.73
CA LYS A 5 11.12 -14.83 23.20
C LYS A 5 11.99 -15.10 21.99
N VAL A 6 11.74 -14.37 20.93
CA VAL A 6 12.44 -14.57 19.68
C VAL A 6 13.86 -13.98 19.71
N LYS A 7 14.84 -14.83 19.54
CA LYS A 7 16.23 -14.43 19.50
C LYS A 7 16.85 -15.03 18.27
N ASN A 8 17.62 -14.28 17.55
CA ASN A 8 18.26 -14.81 16.37
C ASN A 8 19.68 -14.35 16.29
N GLY A 9 20.56 -15.28 16.06
CA GLY A 9 21.96 -14.98 15.97
C GLY A 9 22.65 -16.04 15.19
N ASN A 10 22.41 -16.05 13.90
CA ASN A 10 23.01 -17.03 13.03
C ASN A 10 24.35 -16.52 12.55
N VAL A 11 25.24 -17.43 12.22
CA VAL A 11 26.54 -17.03 11.76
C VAL A 11 26.48 -16.64 10.30
N ALA A 12 26.92 -15.45 10.03
CA ALA A 12 27.00 -14.87 8.73
C ALA A 12 27.30 -13.45 8.98
N THR A 13 27.33 -12.69 7.96
CA THR A 13 27.49 -11.29 8.10
C THR A 13 26.17 -10.64 8.54
N THR A 14 25.87 -10.84 9.78
CA THR A 14 24.72 -10.31 10.38
C THR A 14 25.10 -9.14 11.26
N SER A 15 25.05 -7.97 10.67
CA SER A 15 25.43 -6.75 11.32
C SER A 15 24.47 -6.39 12.45
N PRO A 16 24.97 -5.87 13.57
CA PRO A 16 24.13 -5.43 14.65
C PRO A 16 23.57 -4.03 14.37
N THR A 17 22.43 -3.72 14.97
CA THR A 17 21.75 -2.43 14.86
C THR A 17 21.42 -1.95 13.42
N LYS A 18 20.16 -2.08 13.06
CA LYS A 18 19.63 -1.55 11.82
C LYS A 18 18.22 -1.11 12.11
N GLN A 19 17.48 -0.72 11.11
CA GLN A 19 16.08 -0.35 11.34
C GLN A 19 15.19 -1.57 11.19
N ASN A 20 15.71 -2.60 10.48
CA ASN A 20 14.99 -3.87 10.23
C ASN A 20 13.79 -3.63 9.34
N ILE A 21 14.01 -2.79 8.36
CA ILE A 21 12.99 -2.38 7.40
C ILE A 21 13.43 -2.81 6.00
N ILE A 22 12.51 -3.08 5.13
CA ILE A 22 12.81 -3.42 3.75
C ILE A 22 11.85 -2.71 2.83
N GLN A 23 12.37 -2.08 1.82
CA GLN A 23 11.55 -1.43 0.85
C GLN A 23 11.84 -2.10 -0.46
N SER A 24 10.86 -2.33 -1.27
CA SER A 24 11.11 -2.97 -2.52
C SER A 24 11.02 -1.98 -3.67
N GLY A 25 11.42 -2.43 -4.83
CA GLY A 25 11.24 -1.68 -6.01
C GLY A 25 9.89 -1.99 -6.59
N ALA A 26 9.49 -1.23 -7.56
CA ALA A 26 8.22 -1.48 -8.23
C ALA A 26 8.25 -2.81 -8.97
N PHE A 27 7.38 -3.71 -8.57
CA PHE A 27 7.27 -5.01 -9.18
C PHE A 27 5.87 -5.23 -9.73
N SER A 28 5.73 -6.30 -10.49
CA SER A 28 4.49 -6.63 -11.14
C SER A 28 3.39 -7.04 -10.15
N PRO A 29 2.14 -6.56 -10.41
CA PRO A 29 0.97 -6.81 -9.56
C PRO A 29 0.67 -8.29 -9.31
N TYR A 30 1.05 -9.18 -10.25
CA TYR A 30 0.74 -10.60 -10.08
C TYR A 30 1.60 -11.27 -9.01
N GLU A 31 2.72 -10.65 -8.65
CA GLU A 31 3.61 -11.20 -7.63
C GLU A 31 3.22 -10.69 -6.26
N THR A 32 2.45 -9.64 -6.28
CA THR A 32 1.94 -8.98 -5.10
C THR A 32 1.25 -9.95 -4.08
N PRO A 33 0.29 -10.82 -4.52
CA PRO A 33 -0.39 -11.78 -3.65
C PRO A 33 0.60 -12.67 -2.87
N ASP A 34 1.65 -13.12 -3.55
CA ASP A 34 2.61 -14.02 -2.94
C ASP A 34 3.51 -13.28 -1.95
N VAL A 35 3.94 -12.06 -2.32
CA VAL A 35 4.79 -11.28 -1.44
C VAL A 35 3.98 -10.81 -0.20
N MET A 36 2.69 -10.52 -0.40
CA MET A 36 1.80 -10.23 0.72
C MET A 36 1.72 -11.43 1.64
N GLY A 37 1.73 -12.62 1.04
CA GLY A 37 1.73 -13.84 1.79
C GLY A 37 2.97 -13.96 2.66
N ALA A 38 4.12 -13.60 2.09
CA ALA A 38 5.39 -13.64 2.81
C ALA A 38 5.35 -12.69 4.01
N LEU A 39 4.93 -11.47 3.77
CA LEU A 39 4.81 -10.44 4.81
C LEU A 39 3.85 -10.86 5.91
N THR A 40 2.78 -11.51 5.52
CA THR A 40 1.82 -12.02 6.45
C THR A 40 2.42 -13.21 7.25
N SER A 41 3.12 -14.08 6.56
CA SER A 41 3.71 -15.26 7.17
C SER A 41 4.84 -14.84 8.12
N LEU A 42 5.55 -13.81 7.74
CA LEU A 42 6.64 -13.29 8.53
C LEU A 42 6.14 -12.20 9.48
N LYS A 43 4.83 -12.01 9.54
CA LYS A 43 4.18 -11.05 10.42
C LYS A 43 4.87 -9.70 10.42
N MET A 44 5.11 -9.21 9.24
CA MET A 44 5.81 -7.96 9.05
C MET A 44 4.86 -6.86 8.72
N THR A 45 4.03 -7.10 7.72
CA THR A 45 3.07 -6.13 7.22
C THR A 45 3.78 -4.96 6.47
N ALA A 46 3.20 -4.55 5.36
CA ALA A 46 3.79 -3.51 4.57
C ALA A 46 2.72 -2.73 3.85
N ASP A 47 3.06 -1.55 3.44
CA ASP A 47 2.18 -0.72 2.66
C ASP A 47 2.60 -0.83 1.22
N PHE A 48 1.71 -1.28 0.39
CA PHE A 48 1.95 -1.45 -1.03
C PHE A 48 1.42 -0.28 -1.80
N ILE A 49 2.29 0.48 -2.35
CA ILE A 49 1.89 1.62 -3.12
C ILE A 49 1.86 1.26 -4.58
N LEU A 50 0.71 1.43 -5.19
CA LEU A 50 0.55 1.18 -6.60
C LEU A 50 0.95 2.41 -7.33
N GLN A 51 1.76 2.23 -8.31
CA GLN A 51 2.19 3.30 -9.12
C GLN A 51 1.27 3.33 -10.34
N SER A 52 1.19 4.45 -11.01
CA SER A 52 0.28 4.62 -12.13
C SER A 52 0.72 3.81 -13.34
N ASP A 53 1.96 3.37 -13.32
CA ASP A 53 2.52 2.56 -14.40
C ASP A 53 2.01 1.11 -14.33
N GLY A 54 1.38 0.75 -13.22
CA GLY A 54 0.85 -0.58 -13.09
C GLY A 54 1.78 -1.53 -12.39
N LEU A 55 2.56 -0.99 -11.48
CA LEU A 55 3.49 -1.76 -10.66
C LEU A 55 3.33 -1.29 -9.24
N THR A 56 3.69 -2.10 -8.29
CA THR A 56 3.55 -1.70 -6.91
C THR A 56 4.83 -2.05 -6.16
N TYR A 57 5.06 -1.39 -5.05
CA TYR A 57 6.20 -1.63 -4.21
C TYR A 57 5.74 -1.54 -2.78
N PHE A 58 6.38 -2.25 -1.90
CA PHE A 58 5.97 -2.23 -0.53
C PHE A 58 7.06 -1.66 0.32
N ILE A 59 6.68 -1.11 1.43
CA ILE A 59 7.63 -0.70 2.40
C ILE A 59 7.25 -1.45 3.66
N SER A 60 8.12 -2.27 4.16
CA SER A 60 7.80 -3.09 5.32
C SER A 60 8.19 -2.41 6.61
N LYS A 61 7.28 -2.41 7.55
CA LYS A 61 7.51 -1.80 8.83
C LYS A 61 8.38 -2.68 9.73
N PRO A 62 9.26 -2.03 10.57
CA PRO A 62 10.29 -2.70 11.38
C PRO A 62 9.86 -4.00 12.07
N THR A 63 10.71 -5.01 11.94
CA THR A 63 10.50 -6.33 12.52
C THR A 63 11.85 -6.81 13.14
N SER A 64 12.02 -8.09 13.37
CA SER A 64 13.27 -8.62 13.90
C SER A 64 14.20 -9.02 12.75
N ASP A 65 15.49 -9.23 13.05
CA ASP A 65 16.49 -9.61 12.04
C ASP A 65 16.14 -10.94 11.35
N ALA A 66 15.56 -11.85 12.11
CA ALA A 66 15.16 -13.17 11.61
C ALA A 66 14.05 -13.08 10.57
N GLN A 67 13.08 -12.24 10.80
CA GLN A 67 11.99 -12.05 9.86
C GLN A 67 12.50 -11.20 8.70
N LEU A 68 13.28 -10.17 9.04
CA LEU A 68 13.95 -9.27 8.09
C LEU A 68 14.75 -10.05 7.06
N LYS A 69 15.60 -10.94 7.55
CA LYS A 69 16.50 -11.69 6.72
C LYS A 69 15.75 -12.52 5.69
N ALA A 70 14.64 -13.12 6.12
CA ALA A 70 13.88 -14.00 5.27
C ALA A 70 13.07 -13.23 4.24
N MET A 71 12.67 -12.03 4.57
CA MET A 71 11.91 -11.26 3.67
C MET A 71 12.79 -10.70 2.56
N LYS A 72 13.95 -10.17 2.91
CA LYS A 72 14.83 -9.63 1.91
C LYS A 72 15.40 -10.74 1.05
N GLU A 73 15.64 -11.90 1.66
CA GLU A 73 16.15 -13.04 0.93
C GLU A 73 15.13 -13.51 -0.10
N TYR A 74 13.83 -13.30 0.21
CA TYR A 74 12.72 -13.60 -0.71
C TYR A 74 12.75 -12.69 -1.91
N LEU A 75 12.97 -11.41 -1.68
CA LEU A 75 13.03 -10.43 -2.76
C LEU A 75 14.26 -10.74 -3.61
N ASP A 76 15.26 -11.26 -2.96
CA ASP A 76 16.49 -11.72 -3.57
C ASP A 76 16.23 -12.95 -4.44
N ARG A 77 15.26 -13.77 -4.03
CA ARG A 77 14.89 -14.97 -4.79
C ARG A 77 14.22 -14.52 -6.07
N LYS A 78 13.49 -13.42 -5.95
CA LYS A 78 12.75 -12.86 -7.07
C LYS A 78 13.64 -11.98 -7.95
N GLY A 79 14.84 -11.73 -7.49
CA GLY A 79 15.76 -10.90 -8.22
C GLY A 79 15.31 -9.44 -8.29
N TRP A 80 14.47 -9.05 -7.33
CA TRP A 80 13.95 -7.69 -7.31
C TRP A 80 14.92 -6.77 -6.62
N TRP A 81 14.81 -5.51 -6.94
CA TRP A 81 15.56 -4.51 -6.26
C TRP A 81 14.87 -4.19 -4.95
N TYR A 82 15.65 -4.00 -3.90
CA TYR A 82 15.10 -3.65 -2.63
C TYR A 82 16.12 -2.89 -1.80
N GLU A 83 15.67 -2.36 -0.68
CA GLU A 83 16.52 -1.63 0.21
C GLU A 83 16.34 -2.19 1.60
N VAL A 84 17.41 -2.33 2.29
CA VAL A 84 17.41 -2.80 3.63
C VAL A 84 17.63 -1.62 4.50
N LYS A 85 16.70 -1.36 5.32
CA LYS A 85 16.72 -0.21 6.18
C LYS A 85 16.48 -0.61 7.59
N GLY B 1 -5.88 15.13 -15.11
CA GLY B 1 -5.40 16.48 -15.31
C GLY B 1 -5.85 17.01 -16.63
N SER B 2 -5.35 18.15 -17.01
CA SER B 2 -5.70 18.76 -18.27
C SER B 2 -4.86 18.13 -19.38
N ILE B 3 -5.42 17.13 -20.02
CA ILE B 3 -4.71 16.39 -21.05
C ILE B 3 -5.43 16.41 -22.39
N GLN B 4 -6.68 16.87 -22.38
CA GLN B 4 -7.53 16.97 -23.58
C GLN B 4 -7.87 15.59 -24.18
N LYS B 5 -8.82 15.60 -25.11
CA LYS B 5 -9.29 14.40 -25.85
C LYS B 5 -9.93 13.36 -24.92
N VAL B 6 -10.21 13.74 -23.71
CA VAL B 6 -10.79 12.82 -22.78
C VAL B 6 -12.25 13.11 -22.50
N LYS B 7 -13.09 12.62 -23.36
CA LYS B 7 -14.51 12.71 -23.16
C LYS B 7 -15.03 11.43 -22.60
N ASN B 8 -14.91 11.33 -21.33
CA ASN B 8 -15.34 10.21 -20.57
C ASN B 8 -15.81 10.72 -19.25
N GLY B 9 -17.08 10.96 -19.16
CA GLY B 9 -17.65 11.51 -17.98
C GLY B 9 -19.13 11.28 -17.96
N ASN B 10 -19.51 10.05 -18.22
CA ASN B 10 -20.91 9.66 -18.22
C ASN B 10 -21.49 9.79 -16.83
N VAL B 11 -22.80 10.00 -16.73
CA VAL B 11 -23.45 10.28 -15.45
C VAL B 11 -23.25 9.17 -14.42
N ALA B 12 -23.27 9.54 -13.17
CA ALA B 12 -23.04 8.65 -12.08
C ALA B 12 -23.72 9.22 -10.86
N THR B 13 -23.45 8.65 -9.71
CA THR B 13 -23.93 9.20 -8.47
C THR B 13 -23.15 10.50 -8.18
N THR B 14 -23.71 11.60 -8.61
CA THR B 14 -23.09 12.87 -8.46
C THR B 14 -23.52 13.55 -7.16
N SER B 15 -22.72 13.39 -6.14
CA SER B 15 -22.96 14.02 -4.89
C SER B 15 -22.11 15.29 -4.80
N PRO B 16 -22.65 16.41 -4.27
CA PRO B 16 -21.90 17.65 -4.19
C PRO B 16 -20.76 17.58 -3.20
N THR B 17 -19.63 18.20 -3.57
CA THR B 17 -18.45 18.30 -2.73
C THR B 17 -17.76 16.94 -2.54
N LYS B 18 -18.05 16.03 -3.43
CA LYS B 18 -17.43 14.74 -3.33
C LYS B 18 -15.98 14.80 -3.67
N GLN B 19 -15.26 13.89 -3.10
CA GLN B 19 -13.83 13.84 -3.18
C GLN B 19 -13.40 13.01 -4.37
N ASN B 20 -14.29 12.11 -4.73
CA ASN B 20 -14.15 11.18 -5.85
C ASN B 20 -13.11 10.14 -5.52
N ILE B 21 -13.12 9.75 -4.27
CA ILE B 21 -12.22 8.74 -3.74
C ILE B 21 -13.03 7.51 -3.33
N ILE B 22 -12.44 6.35 -3.45
CA ILE B 22 -13.08 5.12 -3.02
C ILE B 22 -12.08 4.32 -2.19
N GLN B 23 -12.45 3.96 -0.98
CA GLN B 23 -11.59 3.15 -0.18
C GLN B 23 -12.29 1.84 0.02
N SER B 24 -11.58 0.77 -0.04
CA SER B 24 -12.19 -0.51 0.11
C SER B 24 -11.94 -1.04 1.50
N GLY B 25 -12.59 -2.14 1.81
CA GLY B 25 -12.33 -2.83 3.02
C GLY B 25 -11.31 -3.88 2.77
N ALA B 26 -10.86 -4.53 3.81
CA ALA B 26 -9.86 -5.59 3.69
C ALA B 26 -10.39 -6.78 2.89
N PHE B 27 -9.76 -7.06 1.77
CA PHE B 27 -10.13 -8.17 0.91
C PHE B 27 -8.97 -9.14 0.72
N SER B 28 -9.21 -10.22 0.00
CA SER B 28 -8.26 -11.29 -0.17
C SER B 28 -7.10 -10.88 -1.10
N PRO B 29 -5.85 -11.25 -0.71
CA PRO B 29 -4.63 -10.92 -1.45
C PRO B 29 -4.60 -11.44 -2.90
N TYR B 30 -5.29 -12.54 -3.19
CA TYR B 30 -5.22 -13.11 -4.54
C TYR B 30 -6.00 -12.26 -5.56
N GLU B 31 -6.89 -11.41 -5.07
CA GLU B 31 -7.68 -10.55 -5.93
C GLU B 31 -6.99 -9.22 -6.16
N THR B 32 -5.98 -8.98 -5.35
CA THR B 32 -5.16 -7.79 -5.41
C THR B 32 -4.59 -7.48 -6.83
N PRO B 33 -3.96 -8.48 -7.53
CA PRO B 33 -3.43 -8.28 -8.88
C PRO B 33 -4.48 -7.76 -9.87
N ASP B 34 -5.70 -8.25 -9.73
CA ASP B 34 -6.78 -7.88 -10.64
C ASP B 34 -7.24 -6.46 -10.35
N VAL B 35 -7.47 -6.17 -9.07
CA VAL B 35 -7.92 -4.87 -8.67
C VAL B 35 -6.86 -3.79 -8.97
N MET B 36 -5.57 -4.14 -8.83
CA MET B 36 -4.49 -3.22 -9.22
C MET B 36 -4.54 -2.92 -10.71
N GLY B 37 -4.94 -3.92 -11.49
CA GLY B 37 -5.08 -3.73 -12.91
C GLY B 37 -6.22 -2.80 -13.22
N ALA B 38 -7.33 -3.00 -12.52
CA ALA B 38 -8.51 -2.15 -12.67
C ALA B 38 -8.17 -0.70 -12.38
N LEU B 39 -7.46 -0.46 -11.29
CA LEU B 39 -7.07 0.89 -10.89
C LEU B 39 -6.17 1.52 -11.92
N THR B 40 -5.20 0.76 -12.40
CA THR B 40 -4.29 1.22 -13.41
C THR B 40 -5.05 1.51 -14.74
N SER B 41 -6.06 0.71 -15.04
CA SER B 41 -6.83 0.87 -16.25
C SER B 41 -7.79 2.05 -16.11
N LEU B 42 -8.40 2.18 -14.93
CA LEU B 42 -9.35 3.25 -14.64
C LEU B 42 -8.63 4.52 -14.19
N LYS B 43 -7.31 4.48 -14.26
CA LYS B 43 -6.43 5.64 -14.01
C LYS B 43 -6.64 6.24 -12.64
N MET B 44 -6.92 5.38 -11.72
CA MET B 44 -7.21 5.80 -10.37
C MET B 44 -5.95 5.82 -9.52
N THR B 45 -5.26 4.67 -9.45
CA THR B 45 -4.07 4.49 -8.62
C THR B 45 -4.45 4.49 -7.10
N ALA B 46 -3.84 3.61 -6.32
CA ALA B 46 -4.23 3.46 -4.92
C ALA B 46 -3.10 2.94 -4.07
N ASP B 47 -3.27 3.09 -2.79
CA ASP B 47 -2.36 2.56 -1.81
C ASP B 47 -3.01 1.36 -1.17
N PHE B 48 -2.34 0.24 -1.24
CA PHE B 48 -2.83 -0.99 -0.70
C PHE B 48 -2.18 -1.29 0.63
N ILE B 49 -2.96 -1.25 1.65
CA ILE B 49 -2.45 -1.52 2.97
C ILE B 49 -2.70 -2.95 3.32
N LEU B 50 -1.67 -3.66 3.59
CA LEU B 50 -1.75 -5.03 4.01
C LEU B 50 -1.93 -5.03 5.50
N GLN B 51 -2.83 -5.83 5.97
CA GLN B 51 -3.03 -5.96 7.38
C GLN B 51 -2.23 -7.17 7.86
N SER B 52 -2.04 -7.30 9.17
CA SER B 52 -1.29 -8.42 9.73
C SER B 52 -2.05 -9.74 9.58
N ASP B 53 -3.37 -9.62 9.36
CA ASP B 53 -4.23 -10.80 9.19
C ASP B 53 -4.05 -11.42 7.81
N GLY B 54 -3.47 -10.66 6.91
CA GLY B 54 -3.24 -11.18 5.57
C GLY B 54 -4.27 -10.76 4.56
N LEU B 55 -4.86 -9.60 4.77
CA LEU B 55 -5.81 -9.02 3.85
C LEU B 55 -5.34 -7.62 3.52
N THR B 56 -5.77 -7.08 2.42
CA THR B 56 -5.34 -5.76 2.05
C THR B 56 -6.54 -4.96 1.53
N TYR B 57 -6.41 -3.66 1.50
CA TYR B 57 -7.43 -2.77 1.01
C TYR B 57 -6.78 -1.61 0.33
N PHE B 58 -7.48 -0.95 -0.56
CA PHE B 58 -6.88 0.14 -1.27
C PHE B 58 -7.59 1.43 -0.99
N ILE B 59 -6.85 2.50 -1.05
CA ILE B 59 -7.41 3.82 -0.97
C ILE B 59 -7.08 4.43 -2.31
N SER B 60 -8.07 4.79 -3.07
CA SER B 60 -7.81 5.29 -4.40
C SER B 60 -7.68 6.80 -4.42
N LYS B 61 -6.81 7.28 -5.27
CA LYS B 61 -6.63 8.70 -5.44
C LYS B 61 -7.76 9.27 -6.29
N PRO B 62 -8.16 10.54 -5.99
CA PRO B 62 -9.27 11.22 -6.68
C PRO B 62 -9.22 11.08 -8.20
N THR B 63 -10.36 10.82 -8.76
CA THR B 63 -10.50 10.65 -10.18
C THR B 63 -11.87 11.23 -10.58
N SER B 64 -12.32 10.94 -11.76
CA SER B 64 -13.60 11.41 -12.21
C SER B 64 -14.67 10.41 -11.77
N ASP B 65 -15.89 10.86 -11.62
CA ASP B 65 -16.96 9.99 -11.16
C ASP B 65 -17.28 8.85 -12.11
N ALA B 66 -17.07 9.08 -13.39
CA ALA B 66 -17.29 8.05 -14.42
C ALA B 66 -16.29 6.90 -14.29
N GLN B 67 -15.10 7.20 -13.84
CA GLN B 67 -14.08 6.18 -13.63
C GLN B 67 -14.38 5.39 -12.37
N LEU B 68 -14.55 6.11 -11.30
CA LEU B 68 -14.77 5.53 -10.00
C LEU B 68 -16.06 4.73 -9.93
N LYS B 69 -17.09 5.20 -10.65
CA LYS B 69 -18.39 4.52 -10.64
C LYS B 69 -18.24 3.06 -11.04
N ALA B 70 -17.37 2.80 -12.01
CA ALA B 70 -17.14 1.47 -12.47
C ALA B 70 -16.28 0.70 -11.49
N MET B 71 -15.43 1.40 -10.79
CA MET B 71 -14.59 0.80 -9.83
C MET B 71 -15.37 0.37 -8.60
N LYS B 72 -16.27 1.23 -8.13
CA LYS B 72 -17.05 0.89 -6.95
C LYS B 72 -17.99 -0.26 -7.26
N GLU B 73 -18.55 -0.29 -8.49
CA GLU B 73 -19.40 -1.38 -8.88
C GLU B 73 -18.59 -2.66 -9.02
N TYR B 74 -17.30 -2.52 -9.36
CA TYR B 74 -16.37 -3.65 -9.43
C TYR B 74 -16.21 -4.26 -8.06
N LEU B 75 -16.07 -3.41 -7.07
CA LEU B 75 -15.93 -3.83 -5.70
C LEU B 75 -17.20 -4.53 -5.25
N ASP B 76 -18.32 -4.06 -5.78
CA ASP B 76 -19.61 -4.65 -5.49
C ASP B 76 -19.74 -6.01 -6.15
N ARG B 77 -19.12 -6.17 -7.34
CA ARG B 77 -19.16 -7.46 -8.06
C ARG B 77 -18.42 -8.49 -7.23
N LYS B 78 -17.40 -7.99 -6.53
CA LYS B 78 -16.58 -8.84 -5.69
C LYS B 78 -17.19 -9.01 -4.30
N GLY B 79 -18.23 -8.26 -4.03
CA GLY B 79 -18.87 -8.33 -2.74
C GLY B 79 -18.00 -7.75 -1.64
N TRP B 80 -17.16 -6.78 -1.96
CA TRP B 80 -16.31 -6.17 -0.97
C TRP B 80 -16.94 -4.90 -0.46
N TRP B 81 -16.67 -4.56 0.77
CA TRP B 81 -17.14 -3.33 1.33
C TRP B 81 -16.24 -2.18 0.85
N TYR B 82 -16.81 -1.00 0.71
CA TYR B 82 -16.07 0.17 0.30
C TYR B 82 -16.82 1.43 0.69
N GLU B 83 -16.18 2.56 0.56
CA GLU B 83 -16.79 3.85 0.84
C GLU B 83 -16.54 4.74 -0.34
N VAL B 84 -17.53 5.48 -0.74
CA VAL B 84 -17.34 6.45 -1.77
C VAL B 84 -17.24 7.81 -1.13
N LYS B 85 -16.16 8.46 -1.37
CA LYS B 85 -15.91 9.76 -0.84
C LYS B 85 -16.42 10.79 -1.85
N GLY A 1 60.73 15.98 5.91
CA GLY A 1 60.87 14.63 5.37
C GLY A 1 59.62 14.18 4.71
N SER A 2 59.54 12.93 4.32
CA SER A 2 58.36 12.43 3.68
C SER A 2 57.33 12.06 4.74
N ILE A 3 56.42 12.97 4.99
CA ILE A 3 55.38 12.76 5.96
C ILE A 3 54.01 12.82 5.30
N GLN A 4 53.34 11.70 5.23
CA GLN A 4 52.08 11.62 4.54
C GLN A 4 51.02 10.91 5.38
N LYS A 5 50.09 11.67 5.90
CA LYS A 5 48.98 11.13 6.66
C LYS A 5 47.71 11.85 6.28
N VAL A 6 46.90 11.20 5.48
CA VAL A 6 45.63 11.77 5.08
C VAL A 6 44.63 11.47 6.18
N LYS A 7 44.64 10.24 6.63
CA LYS A 7 43.87 9.83 7.78
C LYS A 7 44.81 9.50 8.90
N ASN A 8 44.92 10.41 9.84
CA ASN A 8 45.80 10.23 11.00
C ASN A 8 45.16 9.22 11.93
N GLY A 9 43.85 9.19 11.89
CA GLY A 9 43.08 8.26 12.65
C GLY A 9 42.12 7.52 11.76
N ASN A 10 41.97 6.24 11.97
CA ASN A 10 41.04 5.45 11.17
C ASN A 10 40.02 4.78 12.07
N VAL A 11 38.78 4.91 11.71
CA VAL A 11 37.70 4.29 12.43
C VAL A 11 36.80 3.58 11.42
N ALA A 12 36.26 2.44 11.79
CA ALA A 12 35.44 1.68 10.89
C ALA A 12 34.13 1.33 11.52
N THR A 13 33.10 1.28 10.72
CA THR A 13 31.79 0.91 11.17
C THR A 13 31.68 -0.62 11.13
N THR A 14 31.94 -1.23 12.26
CA THR A 14 31.95 -2.67 12.40
C THR A 14 30.54 -3.27 12.25
N SER A 15 29.56 -2.55 12.72
CA SER A 15 28.22 -3.02 12.67
C SER A 15 27.32 -1.97 12.00
N PRO A 16 26.65 -2.32 10.91
CA PRO A 16 25.71 -1.42 10.29
C PRO A 16 24.41 -1.44 11.08
N THR A 17 23.86 -0.29 11.32
CA THR A 17 22.63 -0.20 12.05
C THR A 17 21.47 -0.52 11.13
N LYS A 18 20.66 -1.45 11.53
CA LYS A 18 19.55 -1.88 10.76
C LYS A 18 18.26 -1.60 11.50
N GLN A 19 17.39 -0.87 10.87
CA GLN A 19 16.10 -0.50 11.43
C GLN A 19 15.12 -1.67 11.32
N ASN A 20 15.53 -2.69 10.61
CA ASN A 20 14.72 -3.86 10.29
C ASN A 20 13.51 -3.49 9.49
N ILE A 21 13.80 -2.90 8.35
CA ILE A 21 12.81 -2.43 7.41
C ILE A 21 13.33 -2.79 6.01
N ILE A 22 12.43 -3.07 5.11
CA ILE A 22 12.79 -3.39 3.73
C ILE A 22 11.82 -2.71 2.80
N GLN A 23 12.33 -2.14 1.74
CA GLN A 23 11.49 -1.54 0.74
C GLN A 23 11.83 -2.20 -0.55
N SER A 24 10.86 -2.48 -1.36
CA SER A 24 11.12 -3.11 -2.62
C SER A 24 11.04 -2.08 -3.73
N GLY A 25 11.42 -2.50 -4.92
CA GLY A 25 11.20 -1.70 -6.07
C GLY A 25 9.81 -1.98 -6.59
N ALA A 26 9.39 -1.26 -7.58
CA ALA A 26 8.08 -1.47 -8.14
C ALA A 26 8.07 -2.74 -9.00
N PHE A 27 7.28 -3.70 -8.60
CA PHE A 27 7.17 -4.97 -9.30
C PHE A 27 5.76 -5.20 -9.81
N SER A 28 5.58 -6.29 -10.56
CA SER A 28 4.32 -6.57 -11.20
C SER A 28 3.24 -7.00 -10.18
N PRO A 29 2.01 -6.48 -10.36
CA PRO A 29 0.87 -6.70 -9.47
C PRO A 29 0.54 -8.18 -9.21
N TYR A 30 0.84 -9.07 -10.16
CA TYR A 30 0.46 -10.47 -9.98
C TYR A 30 1.36 -11.18 -8.97
N GLU A 31 2.53 -10.62 -8.67
CA GLU A 31 3.43 -11.22 -7.69
C GLU A 31 3.10 -10.72 -6.30
N THR A 32 2.35 -9.65 -6.24
CA THR A 32 1.94 -9.00 -5.03
C THR A 32 1.29 -9.98 -3.98
N PRO A 33 0.29 -10.82 -4.38
CA PRO A 33 -0.34 -11.80 -3.49
C PRO A 33 0.69 -12.71 -2.80
N ASP A 34 1.71 -13.10 -3.56
CA ASP A 34 2.75 -13.98 -3.04
C ASP A 34 3.64 -13.23 -2.06
N VAL A 35 3.90 -11.96 -2.36
CA VAL A 35 4.69 -11.10 -1.48
C VAL A 35 3.92 -10.85 -0.18
N MET A 36 2.63 -10.59 -0.32
CA MET A 36 1.76 -10.36 0.82
C MET A 36 1.69 -11.58 1.69
N GLY A 37 1.71 -12.75 1.06
CA GLY A 37 1.74 -13.99 1.79
C GLY A 37 2.99 -14.11 2.64
N ALA A 38 4.13 -13.70 2.08
CA ALA A 38 5.40 -13.73 2.79
C ALA A 38 5.37 -12.79 3.97
N LEU A 39 4.88 -11.58 3.74
CA LEU A 39 4.79 -10.55 4.79
C LEU A 39 3.90 -11.01 5.92
N THR A 40 2.83 -11.72 5.58
CA THR A 40 1.92 -12.24 6.56
C THR A 40 2.59 -13.35 7.37
N SER A 41 3.30 -14.22 6.68
CA SER A 41 3.97 -15.33 7.31
C SER A 41 5.09 -14.84 8.21
N LEU A 42 5.79 -13.83 7.74
CA LEU A 42 6.89 -13.24 8.47
C LEU A 42 6.40 -12.15 9.44
N LYS A 43 5.07 -11.96 9.50
CA LYS A 43 4.42 -10.97 10.41
C LYS A 43 4.97 -9.55 10.24
N MET A 44 5.47 -9.25 9.07
CA MET A 44 6.13 -7.99 8.80
C MET A 44 5.13 -6.87 8.60
N THR A 45 4.25 -7.06 7.63
CA THR A 45 3.22 -6.07 7.28
C THR A 45 3.84 -4.84 6.57
N ALA A 46 3.37 -4.56 5.38
CA ALA A 46 3.95 -3.50 4.58
C ALA A 46 2.90 -2.67 3.90
N ASP A 47 3.30 -1.51 3.48
CA ASP A 47 2.46 -0.56 2.80
C ASP A 47 2.81 -0.61 1.32
N PHE A 48 1.88 -1.04 0.50
CA PHE A 48 2.10 -1.20 -0.95
C PHE A 48 1.54 -0.05 -1.73
N ILE A 49 2.39 0.66 -2.40
CA ILE A 49 1.92 1.76 -3.21
C ILE A 49 1.86 1.30 -4.65
N LEU A 50 0.70 1.41 -5.23
CA LEU A 50 0.50 1.08 -6.61
C LEU A 50 0.85 2.30 -7.40
N GLN A 51 1.67 2.12 -8.39
CA GLN A 51 2.16 3.19 -9.22
C GLN A 51 1.27 3.28 -10.45
N SER A 52 1.27 4.43 -11.10
CA SER A 52 0.39 4.68 -12.25
C SER A 52 0.82 3.82 -13.45
N ASP A 53 2.03 3.30 -13.38
CA ASP A 53 2.59 2.45 -14.41
C ASP A 53 2.01 1.03 -14.31
N GLY A 54 1.40 0.73 -13.19
CA GLY A 54 0.82 -0.59 -13.01
C GLY A 54 1.75 -1.53 -12.30
N LEU A 55 2.55 -0.99 -11.42
CA LEU A 55 3.48 -1.76 -10.61
C LEU A 55 3.36 -1.29 -9.19
N THR A 56 3.72 -2.11 -8.24
CA THR A 56 3.61 -1.71 -6.87
C THR A 56 4.91 -2.03 -6.11
N TYR A 57 5.15 -1.31 -5.05
CA TYR A 57 6.30 -1.51 -4.20
C TYR A 57 5.84 -1.41 -2.77
N PHE A 58 6.47 -2.10 -1.87
CA PHE A 58 6.04 -2.05 -0.51
C PHE A 58 7.13 -1.52 0.37
N ILE A 59 6.74 -0.86 1.41
CA ILE A 59 7.67 -0.48 2.42
C ILE A 59 7.23 -1.21 3.67
N SER A 60 8.06 -2.06 4.20
CA SER A 60 7.69 -2.86 5.36
C SER A 60 7.95 -2.12 6.63
N LYS A 61 7.07 -2.31 7.60
CA LYS A 61 7.24 -1.72 8.90
C LYS A 61 8.30 -2.52 9.66
N PRO A 62 8.94 -1.93 10.70
CA PRO A 62 9.98 -2.60 11.48
C PRO A 62 9.55 -3.98 11.99
N THR A 63 10.42 -4.94 11.83
CA THR A 63 10.17 -6.29 12.22
C THR A 63 11.45 -6.82 12.94
N SER A 64 11.53 -8.10 13.23
CA SER A 64 12.73 -8.62 13.88
C SER A 64 13.76 -9.06 12.84
N ASP A 65 15.02 -9.14 13.25
CA ASP A 65 16.16 -9.50 12.38
C ASP A 65 15.94 -10.79 11.58
N ALA A 66 15.45 -11.83 12.25
CA ALA A 66 15.20 -13.14 11.62
C ALA A 66 14.12 -13.08 10.54
N GLN A 67 13.10 -12.29 10.77
CA GLN A 67 12.04 -12.11 9.80
C GLN A 67 12.53 -11.20 8.68
N LEU A 68 13.23 -10.16 9.07
CA LEU A 68 13.79 -9.18 8.16
C LEU A 68 14.71 -9.88 7.17
N LYS A 69 15.63 -10.66 7.69
CA LYS A 69 16.64 -11.35 6.92
C LYS A 69 16.02 -12.31 5.89
N ALA A 70 14.88 -12.88 6.25
CA ALA A 70 14.21 -13.85 5.39
C ALA A 70 13.52 -13.19 4.21
N MET A 71 12.91 -12.04 4.46
CA MET A 71 12.18 -11.34 3.44
C MET A 71 13.10 -10.84 2.34
N LYS A 72 14.25 -10.31 2.73
CA LYS A 72 15.24 -9.88 1.75
C LYS A 72 15.72 -11.04 0.89
N GLU A 73 15.80 -12.24 1.48
CA GLU A 73 16.17 -13.42 0.72
C GLU A 73 15.09 -13.73 -0.32
N TYR A 74 13.84 -13.54 0.07
CA TYR A 74 12.70 -13.75 -0.81
C TYR A 74 12.72 -12.79 -1.99
N LEU A 75 12.98 -11.53 -1.71
CA LEU A 75 13.04 -10.52 -2.75
C LEU A 75 14.22 -10.79 -3.67
N ASP A 76 15.28 -11.35 -3.10
CA ASP A 76 16.46 -11.71 -3.86
C ASP A 76 16.18 -12.91 -4.72
N ARG A 77 15.29 -13.79 -4.25
CA ARG A 77 14.89 -14.98 -5.01
C ARG A 77 14.08 -14.56 -6.20
N LYS A 78 13.40 -13.45 -6.06
CA LYS A 78 12.64 -12.90 -7.14
C LYS A 78 13.53 -12.02 -8.03
N GLY A 79 14.73 -11.78 -7.57
CA GLY A 79 15.64 -10.94 -8.31
C GLY A 79 15.18 -9.49 -8.38
N TRP A 80 14.47 -9.03 -7.36
CA TRP A 80 13.97 -7.66 -7.36
C TRP A 80 14.91 -6.76 -6.58
N TRP A 81 14.87 -5.50 -6.89
CA TRP A 81 15.63 -4.52 -6.15
C TRP A 81 14.91 -4.24 -4.83
N TYR A 82 15.67 -4.07 -3.79
CA TYR A 82 15.12 -3.76 -2.50
C TYR A 82 16.15 -3.02 -1.67
N GLU A 83 15.72 -2.52 -0.54
CA GLU A 83 16.60 -1.83 0.38
C GLU A 83 16.47 -2.41 1.73
N VAL A 84 17.51 -2.27 2.50
CA VAL A 84 17.56 -2.77 3.82
C VAL A 84 17.70 -1.59 4.74
N LYS A 85 16.71 -1.39 5.52
CA LYS A 85 16.66 -0.28 6.42
C LYS A 85 16.33 -0.76 7.78
N GLY B 1 -53.15 35.66 16.69
CA GLY B 1 -53.09 34.73 15.60
C GLY B 1 -52.20 33.54 15.93
N SER B 2 -52.45 32.43 15.30
CA SER B 2 -51.69 31.25 15.53
C SER B 2 -50.61 31.11 14.45
N ILE B 3 -49.38 31.29 14.85
CA ILE B 3 -48.30 31.13 13.93
C ILE B 3 -47.65 29.77 14.12
N GLN B 4 -47.67 28.96 13.10
CA GLN B 4 -47.06 27.65 13.17
C GLN B 4 -46.24 27.38 11.95
N LYS B 5 -44.97 27.60 12.09
CA LYS B 5 -44.00 27.33 11.05
C LYS B 5 -42.76 26.75 11.72
N VAL B 6 -42.51 25.49 11.48
CA VAL B 6 -41.43 24.79 12.15
C VAL B 6 -40.07 25.23 11.63
N LYS B 7 -39.93 25.26 10.34
CA LYS B 7 -38.68 25.65 9.73
C LYS B 7 -38.94 26.49 8.50
N ASN B 8 -38.19 27.54 8.34
CA ASN B 8 -38.29 28.37 7.16
C ASN B 8 -36.88 28.71 6.72
N GLY B 9 -36.49 28.19 5.61
CA GLY B 9 -35.19 28.47 5.09
C GLY B 9 -34.33 27.23 5.04
N ASN B 10 -33.57 27.15 3.99
CA ASN B 10 -32.68 26.03 3.72
C ASN B 10 -31.92 26.35 2.45
N VAL B 11 -31.04 25.48 2.05
CA VAL B 11 -30.33 25.65 0.82
C VAL B 11 -30.23 24.32 0.08
N ALA B 12 -30.60 24.31 -1.18
CA ALA B 12 -30.56 23.12 -1.98
C ALA B 12 -29.19 22.98 -2.60
N THR B 13 -28.65 21.82 -2.53
CA THR B 13 -27.36 21.56 -3.09
C THR B 13 -27.50 21.13 -4.54
N THR B 14 -26.86 21.85 -5.43
CA THR B 14 -26.90 21.56 -6.85
C THR B 14 -26.26 20.18 -7.13
N SER B 15 -25.02 20.04 -6.76
CA SER B 15 -24.32 18.80 -6.88
C SER B 15 -23.73 18.47 -5.52
N PRO B 16 -23.97 17.25 -4.99
CA PRO B 16 -23.41 16.82 -3.71
C PRO B 16 -21.89 16.92 -3.73
N THR B 17 -21.34 17.45 -2.66
CA THR B 17 -19.91 17.62 -2.56
C THR B 17 -19.24 16.27 -2.33
N LYS B 18 -18.17 16.02 -3.04
CA LYS B 18 -17.46 14.78 -2.89
C LYS B 18 -15.96 15.01 -3.01
N GLN B 19 -15.21 13.97 -2.84
CA GLN B 19 -13.76 14.03 -2.86
C GLN B 19 -13.20 13.35 -4.11
N ASN B 20 -13.95 12.34 -4.59
CA ASN B 20 -13.60 11.48 -5.72
C ASN B 20 -12.56 10.47 -5.27
N ILE B 21 -12.78 9.98 -4.07
CA ILE B 21 -11.90 9.02 -3.42
C ILE B 21 -12.72 7.76 -3.03
N ILE B 22 -12.06 6.63 -2.97
CA ILE B 22 -12.66 5.36 -2.55
C ILE B 22 -11.64 4.60 -1.73
N GLN B 23 -12.07 4.07 -0.61
CA GLN B 23 -11.24 3.20 0.19
C GLN B 23 -11.99 1.92 0.35
N SER B 24 -11.32 0.83 0.28
CA SER B 24 -11.99 -0.44 0.39
C SER B 24 -11.79 -1.02 1.77
N GLY B 25 -12.49 -2.07 2.06
CA GLY B 25 -12.26 -2.81 3.24
C GLY B 25 -11.20 -3.84 2.98
N ALA B 26 -10.81 -4.53 4.00
CA ALA B 26 -9.80 -5.57 3.87
C ALA B 26 -10.32 -6.75 3.02
N PHE B 27 -9.67 -6.99 1.89
CA PHE B 27 -10.02 -8.08 1.01
C PHE B 27 -8.86 -9.05 0.85
N SER B 28 -9.08 -10.12 0.11
CA SER B 28 -8.10 -11.18 -0.05
C SER B 28 -6.98 -10.75 -1.02
N PRO B 29 -5.71 -11.01 -0.63
CA PRO B 29 -4.52 -10.61 -1.39
C PRO B 29 -4.48 -11.08 -2.87
N TYR B 30 -5.12 -12.20 -3.19
CA TYR B 30 -5.06 -12.69 -4.58
C TYR B 30 -5.92 -11.85 -5.52
N GLU B 31 -6.84 -11.08 -4.98
CA GLU B 31 -7.71 -10.22 -5.80
C GLU B 31 -7.02 -8.89 -6.07
N THR B 32 -6.03 -8.62 -5.26
CA THR B 32 -5.26 -7.40 -5.31
C THR B 32 -4.70 -7.05 -6.73
N PRO B 33 -4.03 -8.02 -7.44
CA PRO B 33 -3.53 -7.80 -8.80
C PRO B 33 -4.63 -7.29 -9.75
N ASP B 34 -5.83 -7.82 -9.60
CA ASP B 34 -6.94 -7.44 -10.44
C ASP B 34 -7.41 -6.05 -10.10
N VAL B 35 -7.41 -5.73 -8.80
CA VAL B 35 -7.75 -4.40 -8.33
C VAL B 35 -6.72 -3.39 -8.87
N MET B 36 -5.46 -3.75 -8.75
CA MET B 36 -4.36 -2.92 -9.24
C MET B 36 -4.48 -2.71 -10.74
N GLY B 37 -4.87 -3.75 -11.45
CA GLY B 37 -5.08 -3.62 -12.88
C GLY B 37 -6.19 -2.62 -13.17
N ALA B 38 -7.28 -2.71 -12.41
CA ALA B 38 -8.40 -1.79 -12.55
C ALA B 38 -7.97 -0.36 -12.27
N LEU B 39 -7.28 -0.16 -11.14
CA LEU B 39 -6.79 1.16 -10.73
C LEU B 39 -5.88 1.76 -11.78
N THR B 40 -5.05 0.92 -12.35
CA THR B 40 -4.12 1.34 -13.37
C THR B 40 -4.88 1.74 -14.64
N SER B 41 -5.84 0.94 -15.03
CA SER B 41 -6.61 1.19 -16.24
C SER B 41 -7.47 2.46 -16.06
N LEU B 42 -7.97 2.64 -14.86
CA LEU B 42 -8.76 3.79 -14.51
C LEU B 42 -7.89 4.97 -14.07
N LYS B 43 -6.55 4.78 -14.11
CA LYS B 43 -5.55 5.83 -13.77
C LYS B 43 -5.78 6.41 -12.36
N MET B 44 -6.39 5.64 -11.51
CA MET B 44 -6.76 6.10 -10.17
C MET B 44 -5.56 6.11 -9.25
N THR B 45 -4.95 4.93 -9.09
CA THR B 45 -3.81 4.73 -8.23
C THR B 45 -4.19 4.80 -6.71
N ALA B 46 -3.79 3.79 -5.98
CA ALA B 46 -4.14 3.64 -4.59
C ALA B 46 -3.04 2.97 -3.84
N ASP B 47 -3.00 3.20 -2.56
CA ASP B 47 -2.06 2.53 -1.70
C ASP B 47 -2.76 1.43 -0.95
N PHE B 48 -2.19 0.26 -1.05
CA PHE B 48 -2.71 -0.96 -0.49
C PHE B 48 -1.98 -1.30 0.77
N ILE B 49 -2.65 -1.26 1.85
CA ILE B 49 -2.04 -1.59 3.10
C ILE B 49 -2.28 -3.04 3.40
N LEU B 50 -1.24 -3.77 3.55
CA LEU B 50 -1.30 -5.15 3.88
C LEU B 50 -1.42 -5.26 5.35
N GLN B 51 -2.39 -6.00 5.79
CA GLN B 51 -2.67 -6.15 7.18
C GLN B 51 -1.95 -7.39 7.69
N SER B 52 -1.65 -7.42 8.97
CA SER B 52 -0.88 -8.51 9.58
C SER B 52 -1.65 -9.84 9.48
N ASP B 53 -2.95 -9.72 9.38
CA ASP B 53 -3.84 -10.88 9.27
C ASP B 53 -3.82 -11.48 7.85
N GLY B 54 -3.19 -10.81 6.91
CA GLY B 54 -3.08 -11.35 5.56
C GLY B 54 -4.15 -10.87 4.61
N LEU B 55 -4.60 -9.65 4.80
CA LEU B 55 -5.59 -9.04 3.93
C LEU B 55 -5.08 -7.67 3.55
N THR B 56 -5.63 -7.06 2.54
CA THR B 56 -5.19 -5.74 2.17
C THR B 56 -6.40 -4.92 1.73
N TYR B 57 -6.24 -3.62 1.70
CA TYR B 57 -7.27 -2.69 1.30
C TYR B 57 -6.58 -1.55 0.61
N PHE B 58 -7.26 -0.88 -0.29
CA PHE B 58 -6.63 0.19 -0.99
C PHE B 58 -7.32 1.49 -0.69
N ILE B 59 -6.55 2.54 -0.70
CA ILE B 59 -7.06 3.87 -0.56
C ILE B 59 -6.73 4.56 -1.85
N SER B 60 -7.71 4.99 -2.60
CA SER B 60 -7.43 5.60 -3.89
C SER B 60 -7.29 7.10 -3.77
N LYS B 61 -6.48 7.67 -4.62
CA LYS B 61 -6.33 9.11 -4.67
C LYS B 61 -7.53 9.73 -5.37
N PRO B 62 -7.85 11.02 -5.07
CA PRO B 62 -8.95 11.74 -5.72
C PRO B 62 -8.76 11.82 -7.24
N THR B 63 -9.54 11.06 -7.94
CA THR B 63 -9.45 10.95 -9.37
C THR B 63 -10.68 11.66 -10.00
N SER B 64 -10.96 11.43 -11.26
CA SER B 64 -12.12 12.02 -11.89
C SER B 64 -13.33 11.12 -11.65
N ASP B 65 -14.53 11.68 -11.67
CA ASP B 65 -15.75 10.92 -11.32
C ASP B 65 -16.02 9.79 -12.31
N ALA B 66 -15.67 10.01 -13.56
CA ALA B 66 -15.81 9.00 -14.61
C ALA B 66 -15.01 7.75 -14.28
N GLN B 67 -13.82 7.95 -13.78
CA GLN B 67 -12.96 6.88 -13.35
C GLN B 67 -13.43 6.33 -12.00
N LEU B 68 -13.70 7.24 -11.10
CA LEU B 68 -14.14 6.95 -9.74
C LEU B 68 -15.40 6.07 -9.75
N LYS B 69 -16.34 6.42 -10.60
CA LYS B 69 -17.63 5.75 -10.66
C LYS B 69 -17.49 4.27 -10.99
N ALA B 70 -16.54 3.97 -11.86
CA ALA B 70 -16.36 2.63 -12.36
C ALA B 70 -15.76 1.73 -11.32
N MET B 71 -14.90 2.27 -10.51
CA MET B 71 -14.23 1.51 -9.51
C MET B 71 -15.20 1.07 -8.41
N LYS B 72 -16.18 1.92 -8.09
CA LYS B 72 -17.17 1.59 -7.06
C LYS B 72 -17.89 0.35 -7.50
N GLU B 73 -18.33 0.38 -8.75
CA GLU B 73 -19.05 -0.70 -9.38
C GLU B 73 -18.26 -1.99 -9.35
N TYR B 74 -16.97 -1.88 -9.52
CA TYR B 74 -16.08 -3.04 -9.50
C TYR B 74 -16.04 -3.68 -8.12
N LEU B 75 -15.93 -2.85 -7.11
CA LEU B 75 -15.88 -3.32 -5.73
C LEU B 75 -17.23 -3.92 -5.37
N ASP B 76 -18.27 -3.37 -5.97
CA ASP B 76 -19.63 -3.81 -5.78
C ASP B 76 -19.85 -5.16 -6.45
N ARG B 77 -19.12 -5.42 -7.53
CA ARG B 77 -19.21 -6.68 -8.25
C ARG B 77 -18.47 -7.74 -7.45
N LYS B 78 -17.45 -7.30 -6.74
CA LYS B 78 -16.71 -8.19 -5.89
C LYS B 78 -17.42 -8.36 -4.54
N GLY B 79 -18.42 -7.54 -4.33
CA GLY B 79 -19.18 -7.59 -3.11
C GLY B 79 -18.37 -7.14 -1.90
N TRP B 80 -17.38 -6.29 -2.11
CA TRP B 80 -16.53 -5.85 -1.01
C TRP B 80 -17.09 -4.60 -0.40
N TRP B 81 -16.77 -4.37 0.84
CA TRP B 81 -17.12 -3.15 1.48
C TRP B 81 -16.17 -2.05 1.02
N TYR B 82 -16.68 -0.86 0.85
CA TYR B 82 -15.89 0.27 0.47
C TYR B 82 -16.60 1.53 0.89
N GLU B 83 -15.96 2.64 0.69
CA GLU B 83 -16.54 3.92 1.00
C GLU B 83 -16.41 4.78 -0.22
N VAL B 84 -17.32 5.70 -0.38
CA VAL B 84 -17.32 6.59 -1.49
C VAL B 84 -17.21 7.96 -0.98
N LYS B 85 -16.15 8.57 -1.31
CA LYS B 85 -15.84 9.84 -0.87
C LYS B 85 -15.90 10.76 -2.05
N GLY A 1 41.82 -19.00 35.16
CA GLY A 1 41.16 -18.62 36.41
C GLY A 1 41.41 -17.17 36.72
N SER A 2 40.99 -16.73 37.89
CA SER A 2 41.16 -15.36 38.30
C SER A 2 42.58 -15.13 38.83
N ILE A 3 43.39 -14.49 38.03
CA ILE A 3 44.78 -14.22 38.38
C ILE A 3 45.04 -12.72 38.43
N GLN A 4 43.95 -11.95 38.44
CA GLN A 4 43.96 -10.49 38.45
C GLN A 4 44.41 -9.93 37.10
N LYS A 5 44.30 -8.60 36.97
CA LYS A 5 44.69 -7.87 35.75
C LYS A 5 43.79 -8.27 34.59
N VAL A 6 42.61 -8.76 34.94
CA VAL A 6 41.64 -9.22 33.97
C VAL A 6 41.16 -8.05 33.08
N LYS A 7 41.17 -8.29 31.80
CA LYS A 7 40.74 -7.30 30.83
C LYS A 7 39.24 -7.44 30.57
N ASN A 8 38.81 -8.69 30.57
CA ASN A 8 37.44 -9.09 30.27
C ASN A 8 37.12 -8.77 28.82
N GLY A 9 37.50 -9.66 27.95
CA GLY A 9 37.31 -9.47 26.54
C GLY A 9 35.93 -9.86 26.12
N ASN A 10 34.97 -9.04 26.48
CA ASN A 10 33.59 -9.29 26.17
C ASN A 10 33.02 -8.19 25.33
N VAL A 11 32.60 -8.53 24.14
CA VAL A 11 31.92 -7.59 23.29
C VAL A 11 30.43 -7.62 23.66
N ALA A 12 29.87 -6.47 23.92
CA ALA A 12 28.47 -6.39 24.31
C ALA A 12 27.59 -6.32 23.09
N THR A 13 28.08 -5.71 22.07
CA THR A 13 27.37 -5.58 20.85
C THR A 13 27.78 -6.67 19.86
N THR A 14 27.07 -7.76 19.90
CA THR A 14 27.35 -8.90 19.08
C THR A 14 26.63 -8.82 17.74
N SER A 15 25.50 -8.15 17.73
CA SER A 15 24.72 -8.00 16.53
C SER A 15 24.69 -6.53 16.08
N PRO A 16 24.72 -6.25 14.77
CA PRO A 16 24.63 -4.89 14.25
C PRO A 16 23.18 -4.43 14.28
N THR A 17 22.94 -3.20 14.65
CA THR A 17 21.62 -2.68 14.71
C THR A 17 21.13 -2.22 13.33
N LYS A 18 19.86 -2.32 13.12
CA LYS A 18 19.24 -1.88 11.89
C LYS A 18 17.85 -1.36 12.21
N GLN A 19 17.24 -0.72 11.24
CA GLN A 19 15.87 -0.21 11.41
C GLN A 19 14.89 -1.37 11.26
N ASN A 20 15.38 -2.45 10.62
CA ASN A 20 14.61 -3.69 10.39
C ASN A 20 13.47 -3.43 9.44
N ILE A 21 13.79 -2.71 8.39
CA ILE A 21 12.84 -2.34 7.39
C ILE A 21 13.42 -2.69 6.01
N ILE A 22 12.57 -3.12 5.12
CA ILE A 22 12.96 -3.42 3.76
C ILE A 22 11.95 -2.77 2.84
N GLN A 23 12.43 -2.14 1.81
CA GLN A 23 11.58 -1.55 0.85
C GLN A 23 11.92 -2.16 -0.47
N SER A 24 10.95 -2.44 -1.27
CA SER A 24 11.22 -3.04 -2.54
C SER A 24 11.09 -2.00 -3.65
N GLY A 25 11.48 -2.39 -4.82
CA GLY A 25 11.23 -1.60 -5.98
C GLY A 25 9.90 -2.01 -6.55
N ALA A 26 9.42 -1.27 -7.51
CA ALA A 26 8.16 -1.58 -8.15
C ALA A 26 8.26 -2.90 -8.91
N PHE A 27 7.41 -3.84 -8.57
CA PHE A 27 7.39 -5.13 -9.21
C PHE A 27 6.01 -5.44 -9.77
N SER A 28 5.92 -6.57 -10.48
CA SER A 28 4.72 -7.00 -11.14
C SER A 28 3.58 -7.30 -10.14
N PRO A 29 2.39 -6.72 -10.36
CA PRO A 29 1.22 -6.82 -9.47
C PRO A 29 0.77 -8.27 -9.18
N TYR A 30 1.00 -9.18 -10.10
CA TYR A 30 0.53 -10.55 -9.90
C TYR A 30 1.38 -11.31 -8.87
N GLU A 31 2.57 -10.80 -8.58
CA GLU A 31 3.46 -11.41 -7.59
C GLU A 31 3.13 -10.88 -6.21
N THR A 32 2.47 -9.75 -6.19
CA THR A 32 2.08 -9.03 -4.99
C THR A 32 1.33 -9.92 -3.95
N PRO A 33 0.27 -10.69 -4.35
CA PRO A 33 -0.45 -11.59 -3.43
C PRO A 33 0.49 -12.54 -2.68
N ASP A 34 1.50 -13.03 -3.40
CA ASP A 34 2.45 -13.97 -2.83
C ASP A 34 3.39 -13.25 -1.87
N VAL A 35 3.79 -12.03 -2.25
CA VAL A 35 4.64 -11.20 -1.39
C VAL A 35 3.88 -10.88 -0.10
N MET A 36 2.59 -10.59 -0.26
CA MET A 36 1.73 -10.34 0.88
C MET A 36 1.67 -11.56 1.78
N GLY A 37 1.69 -12.73 1.16
CA GLY A 37 1.73 -13.97 1.91
C GLY A 37 3.01 -14.08 2.72
N ALA A 38 4.13 -13.67 2.12
CA ALA A 38 5.42 -13.69 2.81
C ALA A 38 5.39 -12.76 4.00
N LEU A 39 4.90 -11.55 3.79
CA LEU A 39 4.79 -10.53 4.82
C LEU A 39 3.90 -10.99 5.96
N THR A 40 2.79 -11.61 5.62
CA THR A 40 1.86 -12.15 6.59
C THR A 40 2.53 -13.30 7.40
N SER A 41 3.29 -14.14 6.72
CA SER A 41 3.96 -15.25 7.36
C SER A 41 5.12 -14.76 8.23
N LEU A 42 5.83 -13.77 7.73
CA LEU A 42 6.95 -13.17 8.41
C LEU A 42 6.47 -12.11 9.40
N LYS A 43 5.15 -11.96 9.48
CA LYS A 43 4.51 -11.03 10.41
C LYS A 43 5.04 -9.61 10.30
N MET A 44 5.46 -9.25 9.14
CA MET A 44 6.08 -7.98 8.91
C MET A 44 5.06 -6.91 8.64
N THR A 45 4.23 -7.16 7.62
CA THR A 45 3.20 -6.22 7.19
C THR A 45 3.83 -4.97 6.50
N ALA A 46 3.35 -4.65 5.32
CA ALA A 46 3.93 -3.59 4.55
C ALA A 46 2.89 -2.79 3.82
N ASP A 47 3.28 -1.63 3.36
CA ASP A 47 2.42 -0.75 2.61
C ASP A 47 2.75 -0.91 1.15
N PHE A 48 1.78 -1.30 0.39
CA PHE A 48 1.96 -1.49 -1.03
C PHE A 48 1.43 -0.30 -1.78
N ILE A 49 2.30 0.45 -2.36
CA ILE A 49 1.91 1.59 -3.12
C ILE A 49 1.90 1.22 -4.57
N LEU A 50 0.77 1.41 -5.18
CA LEU A 50 0.64 1.15 -6.57
C LEU A 50 1.07 2.38 -7.30
N GLN A 51 1.85 2.20 -8.31
CA GLN A 51 2.25 3.29 -9.11
C GLN A 51 1.29 3.36 -10.29
N SER A 52 1.20 4.50 -10.92
CA SER A 52 0.29 4.72 -12.03
C SER A 52 0.69 3.89 -13.26
N ASP A 53 1.93 3.40 -13.25
CA ASP A 53 2.49 2.60 -14.32
C ASP A 53 1.97 1.15 -14.27
N GLY A 54 1.40 0.77 -13.15
CA GLY A 54 0.88 -0.58 -13.01
C GLY A 54 1.81 -1.51 -12.30
N LEU A 55 2.63 -0.97 -11.44
CA LEU A 55 3.56 -1.76 -10.63
C LEU A 55 3.41 -1.31 -9.20
N THR A 56 3.76 -2.15 -8.26
CA THR A 56 3.64 -1.78 -6.87
C THR A 56 4.91 -2.16 -6.12
N TYR A 57 5.14 -1.53 -4.99
CA TYR A 57 6.29 -1.78 -4.15
C TYR A 57 5.83 -1.70 -2.72
N PHE A 58 6.52 -2.38 -1.84
CA PHE A 58 6.11 -2.37 -0.46
C PHE A 58 7.17 -1.74 0.42
N ILE A 59 6.73 -1.07 1.44
CA ILE A 59 7.61 -0.58 2.46
C ILE A 59 7.16 -1.26 3.73
N SER A 60 8.01 -2.04 4.34
CA SER A 60 7.60 -2.83 5.51
C SER A 60 7.79 -2.06 6.82
N LYS A 61 6.99 -2.43 7.82
CA LYS A 61 7.17 -1.91 9.17
C LYS A 61 8.37 -2.60 9.83
N PRO A 62 9.02 -1.92 10.80
CA PRO A 62 10.15 -2.48 11.54
C PRO A 62 9.76 -3.76 12.32
N THR A 63 10.40 -4.83 11.98
CA THR A 63 10.15 -6.14 12.59
C THR A 63 11.48 -6.62 13.28
N SER A 64 11.60 -7.90 13.52
CA SER A 64 12.81 -8.47 14.08
C SER A 64 13.73 -8.90 12.92
N ASP A 65 15.05 -8.96 13.17
CA ASP A 65 16.01 -9.30 12.10
C ASP A 65 15.77 -10.66 11.47
N ALA A 66 15.32 -11.61 12.26
CA ALA A 66 15.03 -12.95 11.79
C ALA A 66 13.87 -12.98 10.79
N GLN A 67 12.90 -12.10 10.97
CA GLN A 67 11.80 -12.00 10.01
C GLN A 67 12.30 -11.24 8.80
N LEU A 68 12.93 -10.12 9.11
CA LEU A 68 13.51 -9.17 8.18
C LEU A 68 14.40 -9.87 7.15
N LYS A 69 15.24 -10.74 7.63
CA LYS A 69 16.21 -11.42 6.79
C LYS A 69 15.54 -12.26 5.69
N ALA A 70 14.44 -12.92 6.01
CA ALA A 70 13.79 -13.82 5.08
C ALA A 70 13.08 -13.07 3.96
N MET A 71 12.60 -11.88 4.28
CA MET A 71 11.92 -11.03 3.31
C MET A 71 12.85 -10.65 2.17
N LYS A 72 14.06 -10.22 2.52
CA LYS A 72 15.01 -9.81 1.53
C LYS A 72 15.51 -11.01 0.71
N GLU A 73 15.63 -12.18 1.35
CA GLU A 73 16.04 -13.40 0.66
C GLU A 73 15.02 -13.76 -0.43
N TYR A 74 13.77 -13.49 -0.14
CA TYR A 74 12.67 -13.73 -1.07
C TYR A 74 12.79 -12.79 -2.28
N LEU A 75 13.02 -11.53 -2.00
CA LEU A 75 13.13 -10.51 -3.04
C LEU A 75 14.33 -10.80 -3.93
N ASP A 76 15.35 -11.35 -3.31
CA ASP A 76 16.58 -11.74 -4.00
C ASP A 76 16.30 -12.90 -4.94
N ARG A 77 15.41 -13.80 -4.54
CA ARG A 77 15.03 -14.95 -5.36
C ARG A 77 14.31 -14.48 -6.59
N LYS A 78 13.55 -13.43 -6.41
CA LYS A 78 12.77 -12.87 -7.48
C LYS A 78 13.58 -11.92 -8.33
N GLY A 79 14.77 -11.62 -7.89
CA GLY A 79 15.63 -10.73 -8.61
C GLY A 79 15.10 -9.29 -8.61
N TRP A 80 14.39 -8.91 -7.56
CA TRP A 80 13.86 -7.57 -7.48
C TRP A 80 14.81 -6.71 -6.69
N TRP A 81 14.76 -5.43 -6.94
CA TRP A 81 15.56 -4.49 -6.21
C TRP A 81 14.89 -4.19 -4.87
N TYR A 82 15.70 -4.02 -3.83
CA TYR A 82 15.20 -3.68 -2.53
C TYR A 82 16.24 -2.91 -1.74
N GLU A 83 15.85 -2.44 -0.58
CA GLU A 83 16.73 -1.73 0.31
C GLU A 83 16.67 -2.35 1.69
N VAL A 84 17.75 -2.29 2.40
CA VAL A 84 17.83 -2.83 3.74
C VAL A 84 17.99 -1.67 4.68
N LYS A 85 17.02 -1.49 5.50
CA LYS A 85 16.99 -0.40 6.41
C LYS A 85 16.83 -0.85 7.83
N GLY B 1 -40.57 35.67 -27.05
CA GLY B 1 -39.38 36.45 -26.82
C GLY B 1 -39.61 37.91 -27.12
N SER B 2 -40.59 38.19 -27.94
CA SER B 2 -40.91 39.54 -28.33
C SER B 2 -41.70 40.24 -27.21
N ILE B 3 -42.30 39.44 -26.36
CA ILE B 3 -43.03 39.96 -25.20
C ILE B 3 -42.08 40.14 -24.00
N GLN B 4 -40.80 39.84 -24.22
CA GLN B 4 -39.74 39.98 -23.21
C GLN B 4 -40.01 39.08 -21.98
N LYS B 5 -39.29 39.35 -20.89
CA LYS B 5 -39.39 38.62 -19.62
C LYS B 5 -38.83 37.21 -19.75
N VAL B 6 -37.71 36.98 -19.13
CA VAL B 6 -37.07 35.70 -19.18
C VAL B 6 -36.31 35.43 -17.89
N LYS B 7 -36.59 34.30 -17.28
CA LYS B 7 -35.89 33.91 -16.07
C LYS B 7 -34.70 33.04 -16.40
N ASN B 8 -34.96 32.02 -17.22
CA ASN B 8 -34.00 30.98 -17.58
C ASN B 8 -33.69 30.11 -16.37
N GLY B 9 -34.43 29.03 -16.25
CA GLY B 9 -34.27 28.13 -15.15
C GLY B 9 -33.05 27.28 -15.31
N ASN B 10 -32.03 27.59 -14.55
CA ASN B 10 -30.78 26.86 -14.59
C ASN B 10 -30.76 25.84 -13.51
N VAL B 11 -30.17 24.71 -13.77
CA VAL B 11 -30.12 23.64 -12.81
C VAL B 11 -28.73 22.99 -12.73
N ALA B 12 -27.98 23.37 -11.73
CA ALA B 12 -26.63 22.83 -11.52
C ALA B 12 -26.68 21.58 -10.67
N THR B 13 -27.88 21.10 -10.43
CA THR B 13 -28.10 19.92 -9.64
C THR B 13 -28.03 18.67 -10.54
N THR B 14 -27.77 18.88 -11.82
CA THR B 14 -27.67 17.80 -12.78
C THR B 14 -26.42 16.95 -12.52
N SER B 15 -25.50 17.51 -11.77
CA SER B 15 -24.32 16.81 -11.38
C SER B 15 -24.30 16.70 -9.85
N PRO B 16 -24.27 15.49 -9.31
CA PRO B 16 -24.18 15.29 -7.87
C PRO B 16 -22.74 15.45 -7.38
N THR B 17 -22.58 16.01 -6.22
CA THR B 17 -21.28 16.24 -5.68
C THR B 17 -20.81 15.06 -4.82
N LYS B 18 -19.52 14.83 -4.82
CA LYS B 18 -18.90 13.79 -4.03
C LYS B 18 -17.48 14.23 -3.72
N GLN B 19 -16.78 13.51 -2.88
CA GLN B 19 -15.40 13.85 -2.57
C GLN B 19 -14.47 13.18 -3.58
N ASN B 20 -15.04 12.18 -4.26
CA ASN B 20 -14.41 11.43 -5.35
C ASN B 20 -13.36 10.51 -4.76
N ILE B 21 -13.66 9.99 -3.59
CA ILE B 21 -12.76 9.12 -2.87
C ILE B 21 -13.45 7.75 -2.63
N ILE B 22 -12.67 6.69 -2.57
CA ILE B 22 -13.17 5.34 -2.31
C ILE B 22 -12.19 4.60 -1.44
N GLN B 23 -12.69 3.95 -0.42
CA GLN B 23 -11.86 3.08 0.36
C GLN B 23 -12.52 1.72 0.35
N SER B 24 -11.75 0.67 0.25
CA SER B 24 -12.32 -0.64 0.23
C SER B 24 -12.09 -1.33 1.56
N GLY B 25 -12.76 -2.42 1.76
CA GLY B 25 -12.49 -3.24 2.89
C GLY B 25 -11.39 -4.20 2.57
N ALA B 26 -10.86 -4.86 3.57
CA ALA B 26 -9.81 -5.84 3.38
C ALA B 26 -10.33 -7.04 2.58
N PHE B 27 -9.75 -7.26 1.43
CA PHE B 27 -10.15 -8.35 0.55
C PHE B 27 -9.02 -9.35 0.31
N SER B 28 -9.32 -10.41 -0.44
CA SER B 28 -8.37 -11.47 -0.73
C SER B 28 -7.18 -10.94 -1.56
N PRO B 29 -5.94 -11.22 -1.11
CA PRO B 29 -4.71 -10.75 -1.77
C PRO B 29 -4.59 -11.15 -3.27
N TYR B 30 -5.19 -12.25 -3.69
CA TYR B 30 -5.06 -12.68 -5.10
C TYR B 30 -5.91 -11.81 -6.03
N GLU B 31 -6.87 -11.10 -5.48
CA GLU B 31 -7.72 -10.21 -6.26
C GLU B 31 -7.04 -8.87 -6.45
N THR B 32 -6.11 -8.59 -5.57
CA THR B 32 -5.35 -7.35 -5.51
C THR B 32 -4.69 -6.96 -6.86
N PRO B 33 -3.95 -7.88 -7.54
CA PRO B 33 -3.33 -7.59 -8.85
C PRO B 33 -4.35 -7.06 -9.87
N ASP B 34 -5.55 -7.61 -9.84
CA ASP B 34 -6.58 -7.20 -10.78
C ASP B 34 -7.12 -5.84 -10.40
N VAL B 35 -7.27 -5.60 -9.09
CA VAL B 35 -7.69 -4.30 -8.58
C VAL B 35 -6.66 -3.25 -9.00
N MET B 36 -5.39 -3.62 -8.88
CA MET B 36 -4.30 -2.77 -9.30
C MET B 36 -4.37 -2.49 -10.78
N GLY B 37 -4.71 -3.52 -11.54
CA GLY B 37 -4.90 -3.38 -12.96
C GLY B 37 -6.00 -2.38 -13.28
N ALA B 38 -7.12 -2.49 -12.55
CA ALA B 38 -8.24 -1.58 -12.72
C ALA B 38 -7.83 -0.14 -12.44
N LEU B 39 -7.18 0.05 -11.30
CA LEU B 39 -6.71 1.38 -10.89
C LEU B 39 -5.75 1.96 -11.91
N THR B 40 -4.89 1.12 -12.42
CA THR B 40 -3.94 1.53 -13.43
C THR B 40 -4.64 1.94 -14.73
N SER B 41 -5.63 1.15 -15.16
CA SER B 41 -6.35 1.41 -16.38
C SER B 41 -7.23 2.66 -16.21
N LEU B 42 -7.79 2.80 -15.03
CA LEU B 42 -8.63 3.93 -14.68
C LEU B 42 -7.80 5.11 -14.19
N LYS B 43 -6.48 4.95 -14.28
CA LYS B 43 -5.51 6.00 -13.93
C LYS B 43 -5.74 6.65 -12.56
N MET B 44 -6.27 5.87 -11.67
CA MET B 44 -6.65 6.33 -10.35
C MET B 44 -5.49 6.23 -9.39
N THR B 45 -5.05 5.01 -9.15
CA THR B 45 -3.94 4.71 -8.26
C THR B 45 -4.38 4.82 -6.77
N ALA B 46 -4.02 3.84 -5.98
CA ALA B 46 -4.40 3.78 -4.60
C ALA B 46 -3.31 3.13 -3.78
N ASP B 47 -3.41 3.32 -2.49
CA ASP B 47 -2.46 2.75 -1.58
C ASP B 47 -3.06 1.52 -0.98
N PHE B 48 -2.38 0.42 -1.10
CA PHE B 48 -2.84 -0.85 -0.59
C PHE B 48 -2.15 -1.17 0.71
N ILE B 49 -2.89 -1.13 1.77
CA ILE B 49 -2.37 -1.45 3.05
C ILE B 49 -2.64 -2.90 3.37
N LEU B 50 -1.60 -3.64 3.60
CA LEU B 50 -1.71 -5.01 3.96
C LEU B 50 -1.90 -5.07 5.44
N GLN B 51 -2.81 -5.88 5.85
CA GLN B 51 -3.06 -6.08 7.22
C GLN B 51 -2.26 -7.30 7.66
N SER B 52 -2.00 -7.43 8.95
CA SER B 52 -1.17 -8.50 9.48
C SER B 52 -1.85 -9.87 9.36
N ASP B 53 -3.15 -9.84 9.12
CA ASP B 53 -3.94 -11.06 8.98
C ASP B 53 -3.88 -11.62 7.54
N GLY B 54 -3.30 -10.85 6.63
CA GLY B 54 -3.13 -11.35 5.27
C GLY B 54 -4.18 -10.88 4.30
N LEU B 55 -4.71 -9.71 4.52
CA LEU B 55 -5.71 -9.13 3.65
C LEU B 55 -5.28 -7.71 3.37
N THR B 56 -5.71 -7.13 2.30
CA THR B 56 -5.33 -5.79 1.99
C THR B 56 -6.55 -4.98 1.55
N TYR B 57 -6.46 -3.69 1.68
CA TYR B 57 -7.49 -2.76 1.30
C TYR B 57 -6.82 -1.56 0.70
N PHE B 58 -7.47 -0.88 -0.20
CA PHE B 58 -6.85 0.25 -0.83
C PHE B 58 -7.61 1.52 -0.51
N ILE B 59 -6.90 2.60 -0.48
CA ILE B 59 -7.51 3.88 -0.27
C ILE B 59 -7.14 4.73 -1.46
N SER B 60 -8.12 5.19 -2.18
CA SER B 60 -7.85 6.02 -3.32
C SER B 60 -8.01 7.49 -2.98
N LYS B 61 -7.08 8.28 -3.44
CA LYS B 61 -7.16 9.71 -3.31
C LYS B 61 -8.16 10.25 -4.35
N PRO B 62 -8.65 11.51 -4.19
CA PRO B 62 -9.64 12.09 -5.10
C PRO B 62 -9.25 12.05 -6.58
N THR B 63 -10.25 11.98 -7.41
CA THR B 63 -10.10 11.92 -8.84
C THR B 63 -11.38 12.52 -9.46
N SER B 64 -11.63 12.27 -10.71
CA SER B 64 -12.84 12.74 -11.36
C SER B 64 -13.93 11.70 -11.11
N ASP B 65 -15.20 12.08 -11.18
CA ASP B 65 -16.24 11.10 -10.91
C ASP B 65 -16.38 10.06 -11.97
N ALA B 66 -16.07 10.43 -13.18
CA ALA B 66 -16.08 9.51 -14.32
C ALA B 66 -15.19 8.28 -14.03
N GLN B 67 -14.04 8.50 -13.45
CA GLN B 67 -13.13 7.43 -13.09
C GLN B 67 -13.63 6.72 -11.82
N LEU B 68 -13.95 7.54 -10.83
CA LEU B 68 -14.45 7.14 -9.51
C LEU B 68 -15.62 6.16 -9.63
N LYS B 69 -16.58 6.54 -10.46
CA LYS B 69 -17.81 5.80 -10.62
C LYS B 69 -17.56 4.37 -11.09
N ALA B 70 -16.65 4.21 -12.04
CA ALA B 70 -16.38 2.91 -12.63
C ALA B 70 -15.71 1.98 -11.64
N MET B 71 -14.82 2.51 -10.85
CA MET B 71 -14.09 1.74 -9.90
C MET B 71 -14.97 1.23 -8.78
N LYS B 72 -15.89 2.06 -8.30
CA LYS B 72 -16.76 1.64 -7.24
C LYS B 72 -17.73 0.56 -7.73
N GLU B 73 -18.13 0.66 -9.00
CA GLU B 73 -18.96 -0.34 -9.62
C GLU B 73 -18.23 -1.68 -9.72
N TYR B 74 -16.91 -1.62 -9.87
CA TYR B 74 -16.03 -2.79 -9.91
C TYR B 74 -16.03 -3.48 -8.55
N LEU B 75 -15.90 -2.70 -7.50
CA LEU B 75 -15.87 -3.23 -6.15
C LEU B 75 -17.21 -3.85 -5.80
N ASP B 76 -18.25 -3.28 -6.36
CA ASP B 76 -19.61 -3.78 -6.18
C ASP B 76 -19.81 -5.07 -6.96
N ARG B 77 -19.06 -5.23 -8.05
CA ARG B 77 -19.11 -6.46 -8.83
C ARG B 77 -18.41 -7.54 -8.07
N LYS B 78 -17.42 -7.14 -7.31
CA LYS B 78 -16.70 -8.08 -6.49
C LYS B 78 -17.45 -8.38 -5.22
N GLY B 79 -18.49 -7.62 -4.97
CA GLY B 79 -19.28 -7.79 -3.77
C GLY B 79 -18.51 -7.42 -2.51
N TRP B 80 -17.50 -6.56 -2.64
CA TRP B 80 -16.71 -6.18 -1.49
C TRP B 80 -17.29 -4.96 -0.86
N TRP B 81 -17.03 -4.77 0.40
CA TRP B 81 -17.45 -3.58 1.07
C TRP B 81 -16.51 -2.45 0.69
N TYR B 82 -17.07 -1.28 0.47
CA TYR B 82 -16.30 -0.13 0.15
C TYR B 82 -17.07 1.11 0.55
N GLU B 83 -16.45 2.25 0.45
CA GLU B 83 -17.10 3.50 0.76
C GLU B 83 -16.92 4.44 -0.38
N VAL B 84 -17.98 5.13 -0.69
CA VAL B 84 -17.99 6.14 -1.70
C VAL B 84 -18.01 7.45 -0.99
N LYS B 85 -17.01 8.17 -1.20
CA LYS B 85 -16.83 9.43 -0.57
C LYS B 85 -16.88 10.50 -1.59
N GLY A 1 31.29 11.94 41.66
CA GLY A 1 31.33 10.90 40.64
C GLY A 1 30.25 11.11 39.60
N SER A 2 29.31 10.20 39.53
CA SER A 2 28.22 10.29 38.60
C SER A 2 26.96 10.76 39.32
N ILE A 3 26.52 11.97 39.00
CA ILE A 3 25.32 12.50 39.58
C ILE A 3 24.13 11.97 38.79
N GLN A 4 24.15 12.26 37.51
CA GLN A 4 23.13 11.85 36.57
C GLN A 4 23.56 12.25 35.19
N LYS A 5 23.70 11.31 34.29
CA LYS A 5 24.04 11.65 32.93
C LYS A 5 22.78 12.10 32.23
N VAL A 6 22.64 13.39 32.11
CA VAL A 6 21.42 13.97 31.64
C VAL A 6 21.29 14.04 30.11
N LYS A 7 20.20 13.41 29.64
CA LYS A 7 19.72 13.48 28.25
C LYS A 7 20.69 13.00 27.18
N ASN A 8 20.42 11.83 26.64
CA ASN A 8 21.16 11.28 25.51
C ASN A 8 20.18 10.67 24.55
N GLY A 9 19.78 11.43 23.57
CA GLY A 9 18.83 10.95 22.60
C GLY A 9 19.46 10.69 21.26
N ASN A 10 20.67 11.16 21.09
CA ASN A 10 21.38 10.98 19.85
C ASN A 10 22.78 10.48 20.11
N VAL A 11 23.09 9.36 19.55
CA VAL A 11 24.41 8.79 19.66
C VAL A 11 24.83 8.18 18.32
N ALA A 12 25.91 8.71 17.77
CA ALA A 12 26.51 8.29 16.48
C ALA A 12 25.63 8.67 15.28
N THR A 13 24.45 8.12 15.21
CA THR A 13 23.55 8.36 14.13
C THR A 13 22.13 8.58 14.70
N THR A 14 21.19 8.95 13.84
CA THR A 14 19.83 9.24 14.25
C THR A 14 19.15 8.04 14.91
N SER A 15 19.23 6.90 14.30
CA SER A 15 18.67 5.72 14.87
C SER A 15 19.74 4.68 15.12
N PRO A 16 19.92 4.27 16.39
CA PRO A 16 20.88 3.23 16.74
C PRO A 16 20.37 1.88 16.27
N THR A 17 21.26 1.07 15.71
CA THR A 17 20.93 -0.26 15.20
C THR A 17 20.05 -0.13 13.90
N LYS A 18 20.00 -1.19 13.11
CA LYS A 18 19.22 -1.24 11.88
C LYS A 18 17.74 -1.00 12.14
N GLN A 19 17.03 -0.58 11.12
CA GLN A 19 15.62 -0.30 11.24
C GLN A 19 14.83 -1.58 11.00
N ASN A 20 15.44 -2.50 10.23
CA ASN A 20 14.85 -3.82 9.89
C ASN A 20 13.70 -3.63 8.93
N ILE A 21 13.77 -2.54 8.23
CA ILE A 21 12.75 -2.19 7.26
C ILE A 21 13.31 -2.46 5.86
N ILE A 22 12.45 -2.77 4.93
CA ILE A 22 12.84 -2.98 3.56
C ILE A 22 11.90 -2.22 2.67
N GLN A 23 12.42 -1.57 1.66
CA GLN A 23 11.59 -0.98 0.67
C GLN A 23 11.97 -1.65 -0.61
N SER A 24 11.02 -2.00 -1.42
CA SER A 24 11.31 -2.66 -2.65
C SER A 24 11.11 -1.72 -3.82
N GLY A 25 11.50 -2.17 -4.98
CA GLY A 25 11.23 -1.46 -6.18
C GLY A 25 9.90 -1.91 -6.72
N ALA A 26 9.35 -1.16 -7.65
CA ALA A 26 8.06 -1.48 -8.24
C ALA A 26 8.12 -2.80 -9.03
N PHE A 27 7.36 -3.77 -8.59
CA PHE A 27 7.31 -5.08 -9.21
C PHE A 27 5.94 -5.39 -9.77
N SER A 28 5.86 -6.48 -10.52
CA SER A 28 4.64 -6.92 -11.18
C SER A 28 3.54 -7.28 -10.16
N PRO A 29 2.30 -6.80 -10.40
CA PRO A 29 1.15 -6.95 -9.48
C PRO A 29 0.78 -8.39 -9.14
N TYR A 30 1.04 -9.33 -10.04
CA TYR A 30 0.64 -10.71 -9.82
C TYR A 30 1.51 -11.40 -8.75
N GLU A 31 2.67 -10.84 -8.46
CA GLU A 31 3.58 -11.38 -7.45
C GLU A 31 3.20 -10.90 -6.08
N THR A 32 2.50 -9.79 -6.07
CA THR A 32 2.06 -9.10 -4.88
C THR A 32 1.31 -10.02 -3.86
N PRO A 33 0.29 -10.82 -4.29
CA PRO A 33 -0.42 -11.76 -3.40
C PRO A 33 0.53 -12.67 -2.61
N ASP A 34 1.55 -13.15 -3.29
CA ASP A 34 2.51 -14.06 -2.66
C ASP A 34 3.43 -13.29 -1.71
N VAL A 35 3.80 -12.05 -2.08
CA VAL A 35 4.59 -11.18 -1.21
C VAL A 35 3.82 -10.91 0.07
N MET A 36 2.53 -10.67 -0.10
CA MET A 36 1.64 -10.45 1.02
C MET A 36 1.56 -11.69 1.90
N GLY A 37 1.62 -12.86 1.27
CA GLY A 37 1.66 -14.10 2.02
C GLY A 37 2.93 -14.19 2.86
N ALA A 38 4.05 -13.76 2.28
CA ALA A 38 5.33 -13.75 2.97
C ALA A 38 5.28 -12.80 4.16
N LEU A 39 4.80 -11.59 3.93
CA LEU A 39 4.66 -10.58 4.96
C LEU A 39 3.77 -11.05 6.11
N THR A 40 2.79 -11.86 5.77
CA THR A 40 1.89 -12.42 6.75
C THR A 40 2.59 -13.54 7.55
N SER A 41 3.33 -14.38 6.84
CA SER A 41 4.04 -15.49 7.45
C SER A 41 5.19 -14.97 8.31
N LEU A 42 5.73 -13.84 7.92
CA LEU A 42 6.83 -13.22 8.62
C LEU A 42 6.32 -12.13 9.56
N LYS A 43 4.99 -11.97 9.62
CA LYS A 43 4.32 -11.00 10.49
C LYS A 43 4.98 -9.63 10.47
N MET A 44 5.23 -9.19 9.29
CA MET A 44 5.91 -7.94 9.06
C MET A 44 4.93 -6.81 8.84
N THR A 45 4.08 -6.97 7.81
CA THR A 45 3.10 -5.98 7.42
C THR A 45 3.79 -4.81 6.68
N ALA A 46 3.30 -4.51 5.51
CA ALA A 46 3.90 -3.50 4.67
C ALA A 46 2.86 -2.71 3.95
N ASP A 47 3.28 -1.58 3.44
CA ASP A 47 2.41 -0.73 2.68
C ASP A 47 2.78 -0.89 1.23
N PHE A 48 1.84 -1.32 0.45
CA PHE A 48 2.05 -1.49 -0.97
C PHE A 48 1.58 -0.28 -1.72
N ILE A 49 2.50 0.44 -2.26
CA ILE A 49 2.19 1.60 -3.02
C ILE A 49 2.15 1.24 -4.48
N LEU A 50 1.02 1.47 -5.08
CA LEU A 50 0.79 1.21 -6.45
C LEU A 50 1.27 2.39 -7.27
N GLN A 51 2.06 2.11 -8.24
CA GLN A 51 2.65 3.12 -9.10
C GLN A 51 1.79 3.25 -10.34
N SER A 52 1.90 4.36 -11.04
CA SER A 52 1.07 4.63 -12.22
C SER A 52 1.37 3.67 -13.40
N ASP A 53 2.51 2.97 -13.33
CA ASP A 53 2.88 1.96 -14.35
C ASP A 53 2.07 0.69 -14.17
N GLY A 54 1.45 0.55 -13.03
CA GLY A 54 0.70 -0.66 -12.75
C GLY A 54 1.55 -1.65 -12.01
N LEU A 55 2.53 -1.13 -11.34
CA LEU A 55 3.46 -1.92 -10.56
C LEU A 55 3.35 -1.45 -9.14
N THR A 56 3.72 -2.26 -8.20
CA THR A 56 3.63 -1.85 -6.83
C THR A 56 4.90 -2.25 -6.10
N TYR A 57 5.16 -1.60 -5.01
CA TYR A 57 6.29 -1.88 -4.19
C TYR A 57 5.86 -1.75 -2.75
N PHE A 58 6.52 -2.42 -1.86
CA PHE A 58 6.12 -2.35 -0.51
C PHE A 58 7.17 -1.74 0.34
N ILE A 59 6.76 -1.09 1.37
CA ILE A 59 7.66 -0.62 2.35
C ILE A 59 7.19 -1.28 3.64
N SER A 60 8.03 -2.08 4.22
CA SER A 60 7.60 -2.87 5.37
C SER A 60 7.82 -2.14 6.69
N LYS A 61 7.03 -2.50 7.66
CA LYS A 61 7.20 -2.00 9.01
C LYS A 61 8.37 -2.72 9.67
N PRO A 62 9.05 -2.07 10.63
CA PRO A 62 10.20 -2.65 11.33
C PRO A 62 9.83 -3.93 12.11
N THR A 63 10.38 -5.02 11.68
CA THR A 63 10.15 -6.30 12.29
C THR A 63 11.50 -6.80 12.85
N SER A 64 11.57 -8.04 13.22
CA SER A 64 12.80 -8.61 13.73
C SER A 64 13.69 -9.04 12.55
N ASP A 65 15.00 -9.09 12.79
CA ASP A 65 15.98 -9.47 11.75
C ASP A 65 15.69 -10.87 11.20
N ALA A 66 15.25 -11.75 12.06
CA ALA A 66 14.89 -13.12 11.69
C ALA A 66 13.74 -13.15 10.66
N GLN A 67 12.78 -12.25 10.81
CA GLN A 67 11.70 -12.13 9.84
C GLN A 67 12.22 -11.43 8.61
N LEU A 68 12.90 -10.33 8.87
CA LEU A 68 13.49 -9.46 7.86
C LEU A 68 14.33 -10.22 6.87
N LYS A 69 15.12 -11.14 7.38
CA LYS A 69 16.04 -11.87 6.56
C LYS A 69 15.32 -12.63 5.46
N ALA A 70 14.22 -13.27 5.81
CA ALA A 70 13.48 -14.10 4.87
C ALA A 70 12.84 -13.25 3.79
N MET A 71 12.45 -12.04 4.15
CA MET A 71 11.84 -11.10 3.23
C MET A 71 12.87 -10.65 2.19
N LYS A 72 14.08 -10.30 2.66
CA LYS A 72 15.16 -9.84 1.77
C LYS A 72 15.50 -10.93 0.81
N GLU A 73 15.75 -12.11 1.38
CA GLU A 73 16.11 -13.30 0.63
C GLU A 73 15.07 -13.57 -0.45
N TYR A 74 13.82 -13.37 -0.11
CA TYR A 74 12.70 -13.58 -1.04
C TYR A 74 12.80 -12.61 -2.22
N LEU A 75 13.00 -11.35 -1.91
CA LEU A 75 13.08 -10.30 -2.93
C LEU A 75 14.25 -10.55 -3.85
N ASP A 76 15.32 -11.07 -3.28
CA ASP A 76 16.52 -11.40 -4.01
C ASP A 76 16.29 -12.61 -4.91
N ARG A 77 15.44 -13.52 -4.46
CA ARG A 77 15.10 -14.71 -5.24
C ARG A 77 14.22 -14.30 -6.40
N LYS A 78 13.51 -13.22 -6.22
CA LYS A 78 12.67 -12.66 -7.25
C LYS A 78 13.44 -11.71 -8.15
N GLY A 79 14.65 -11.40 -7.76
CA GLY A 79 15.47 -10.48 -8.51
C GLY A 79 14.93 -9.05 -8.49
N TRP A 80 14.27 -8.67 -7.39
CA TRP A 80 13.72 -7.33 -7.28
C TRP A 80 14.69 -6.47 -6.52
N TRP A 81 14.71 -5.20 -6.84
CA TRP A 81 15.54 -4.26 -6.12
C TRP A 81 14.90 -3.97 -4.75
N TYR A 82 15.72 -3.83 -3.73
CA TYR A 82 15.24 -3.51 -2.40
C TYR A 82 16.36 -2.90 -1.57
N GLU A 83 15.99 -2.26 -0.48
CA GLU A 83 16.96 -1.67 0.43
C GLU A 83 16.67 -2.12 1.82
N VAL A 84 17.70 -2.44 2.55
CA VAL A 84 17.54 -2.80 3.94
C VAL A 84 17.80 -1.58 4.79
N LYS A 85 16.80 -1.15 5.45
CA LYS A 85 16.90 0.01 6.32
C LYS A 85 17.40 -0.42 7.68
N GLY B 1 -23.25 46.59 2.36
CA GLY B 1 -23.52 45.41 3.14
C GLY B 1 -22.29 44.52 3.22
N SER B 2 -21.56 44.48 2.14
CA SER B 2 -20.36 43.72 2.08
C SER B 2 -19.18 44.68 2.01
N ILE B 3 -18.19 44.45 2.84
CA ILE B 3 -16.99 45.27 2.83
C ILE B 3 -15.93 44.53 2.04
N GLN B 4 -15.59 43.36 2.52
CA GLN B 4 -14.61 42.51 1.91
C GLN B 4 -14.75 41.13 2.53
N LYS B 5 -15.32 40.21 1.80
CA LYS B 5 -15.55 38.88 2.31
C LYS B 5 -14.35 37.98 2.12
N VAL B 6 -13.51 37.97 3.13
CA VAL B 6 -12.33 37.14 3.16
C VAL B 6 -12.26 36.44 4.50
N LYS B 7 -11.48 35.36 4.56
CA LYS B 7 -11.28 34.57 5.77
C LYS B 7 -12.60 34.10 6.39
N ASN B 8 -13.11 33.01 5.87
CA ASN B 8 -14.36 32.46 6.36
C ASN B 8 -14.44 30.98 6.01
N GLY B 9 -14.95 30.18 6.92
CA GLY B 9 -15.07 28.77 6.66
C GLY B 9 -14.98 27.94 7.90
N ASN B 10 -15.79 28.27 8.88
CA ASN B 10 -15.85 27.50 10.10
C ASN B 10 -17.29 27.26 10.48
N VAL B 11 -17.88 26.32 9.83
CA VAL B 11 -19.25 25.94 9.99
C VAL B 11 -19.41 24.62 9.26
N ALA B 12 -20.48 23.86 9.54
CA ALA B 12 -20.72 22.57 8.91
C ALA B 12 -19.61 21.60 9.30
N THR B 13 -19.48 20.50 8.61
CA THR B 13 -18.43 19.58 8.91
C THR B 13 -17.08 20.10 8.34
N THR B 14 -15.99 19.48 8.76
CA THR B 14 -14.66 19.91 8.38
C THR B 14 -14.40 19.83 6.87
N SER B 15 -14.88 18.78 6.23
CA SER B 15 -14.72 18.65 4.81
C SER B 15 -16.04 18.98 4.11
N PRO B 16 -16.06 20.01 3.25
CA PRO B 16 -17.25 20.37 2.49
C PRO B 16 -17.34 19.57 1.20
N THR B 17 -18.55 19.06 0.91
CA THR B 17 -18.81 18.27 -0.29
C THR B 17 -18.03 16.90 -0.21
N LYS B 18 -18.24 15.99 -1.15
CA LYS B 18 -17.52 14.73 -1.12
C LYS B 18 -16.03 14.94 -1.31
N GLN B 19 -15.28 14.05 -0.75
CA GLN B 19 -13.83 14.13 -0.73
C GLN B 19 -13.25 13.55 -2.02
N ASN B 20 -14.01 12.63 -2.59
CA ASN B 20 -13.67 11.86 -3.79
C ASN B 20 -12.56 10.90 -3.50
N ILE B 21 -12.79 10.13 -2.47
CA ILE B 21 -11.86 9.10 -2.04
C ILE B 21 -12.66 7.81 -1.85
N ILE B 22 -12.02 6.69 -2.01
CA ILE B 22 -12.63 5.40 -1.78
C ILE B 22 -11.67 4.54 -0.99
N GLN B 23 -12.15 3.93 0.06
CA GLN B 23 -11.35 3.04 0.85
C GLN B 23 -12.07 1.73 0.89
N SER B 24 -11.35 0.65 0.80
CA SER B 24 -11.97 -0.64 0.82
C SER B 24 -11.72 -1.31 2.15
N GLY B 25 -12.38 -2.43 2.35
CA GLY B 25 -12.09 -3.25 3.49
C GLY B 25 -11.03 -4.23 3.11
N ALA B 26 -10.48 -4.91 4.08
CA ALA B 26 -9.45 -5.89 3.83
C ALA B 26 -9.99 -7.06 3.01
N PHE B 27 -9.45 -7.24 1.83
CA PHE B 27 -9.86 -8.31 0.93
C PHE B 27 -8.72 -9.26 0.64
N SER B 28 -9.04 -10.31 -0.09
CA SER B 28 -8.10 -11.37 -0.41
C SER B 28 -6.95 -10.88 -1.30
N PRO B 29 -5.69 -11.24 -0.93
CA PRO B 29 -4.47 -10.78 -1.63
C PRO B 29 -4.43 -11.14 -3.12
N TYR B 30 -5.08 -12.21 -3.52
CA TYR B 30 -5.02 -12.64 -4.92
C TYR B 30 -5.85 -11.73 -5.83
N GLU B 31 -6.75 -10.95 -5.24
CA GLU B 31 -7.59 -10.03 -6.01
C GLU B 31 -6.91 -8.70 -6.17
N THR B 32 -5.95 -8.47 -5.31
CA THR B 32 -5.16 -7.26 -5.26
C THR B 32 -4.55 -6.86 -6.64
N PRO B 33 -3.85 -7.79 -7.37
CA PRO B 33 -3.29 -7.51 -8.70
C PRO B 33 -4.35 -6.94 -9.66
N ASP B 34 -5.55 -7.47 -9.58
CA ASP B 34 -6.63 -7.06 -10.45
C ASP B 34 -7.15 -5.67 -10.04
N VAL B 35 -7.23 -5.45 -8.71
CA VAL B 35 -7.64 -4.16 -8.17
C VAL B 35 -6.64 -3.09 -8.61
N MET B 36 -5.36 -3.44 -8.54
CA MET B 36 -4.29 -2.55 -8.97
C MET B 36 -4.40 -2.26 -10.44
N GLY B 37 -4.86 -3.24 -11.20
CA GLY B 37 -5.09 -3.04 -12.62
C GLY B 37 -6.19 -2.01 -12.87
N ALA B 38 -7.24 -2.07 -12.05
CA ALA B 38 -8.34 -1.12 -12.14
C ALA B 38 -7.87 0.26 -11.78
N LEU B 39 -7.15 0.37 -10.66
CA LEU B 39 -6.61 1.64 -10.19
C LEU B 39 -5.65 2.26 -11.20
N THR B 40 -4.92 1.42 -11.89
CA THR B 40 -3.99 1.88 -12.90
C THR B 40 -4.76 2.31 -14.18
N SER B 41 -5.85 1.62 -14.47
CA SER B 41 -6.65 1.93 -15.64
C SER B 41 -7.43 3.22 -15.40
N LEU B 42 -7.88 3.40 -14.18
CA LEU B 42 -8.63 4.58 -13.79
C LEU B 42 -7.69 5.66 -13.28
N LYS B 43 -6.38 5.38 -13.34
CA LYS B 43 -5.30 6.28 -12.94
C LYS B 43 -5.56 6.97 -11.59
N MET B 44 -6.07 6.18 -10.68
CA MET B 44 -6.45 6.64 -9.35
C MET B 44 -5.28 6.52 -8.40
N THR B 45 -4.78 5.30 -8.28
CA THR B 45 -3.68 4.95 -7.40
C THR B 45 -4.11 4.95 -5.92
N ALA B 46 -3.77 3.89 -5.23
CA ALA B 46 -4.15 3.73 -3.87
C ALA B 46 -3.03 3.12 -3.06
N ASP B 47 -3.14 3.21 -1.77
CA ASP B 47 -2.17 2.62 -0.88
C ASP B 47 -2.76 1.36 -0.36
N PHE B 48 -2.14 0.25 -0.64
CA PHE B 48 -2.61 -1.03 -0.19
C PHE B 48 -1.92 -1.41 1.09
N ILE B 49 -2.63 -1.41 2.15
CA ILE B 49 -2.07 -1.79 3.41
C ILE B 49 -2.35 -3.24 3.67
N LEU B 50 -1.30 -4.00 3.82
CA LEU B 50 -1.39 -5.40 4.09
C LEU B 50 -1.51 -5.59 5.56
N GLN B 51 -2.53 -6.27 5.95
CA GLN B 51 -2.82 -6.48 7.34
C GLN B 51 -2.17 -7.79 7.77
N SER B 52 -1.94 -7.93 9.05
CA SER B 52 -1.24 -9.08 9.61
C SER B 52 -2.04 -10.39 9.42
N ASP B 53 -3.32 -10.24 9.12
CA ASP B 53 -4.21 -11.37 8.87
C ASP B 53 -4.01 -11.96 7.49
N GLY B 54 -3.34 -11.24 6.63
CA GLY B 54 -3.10 -11.73 5.29
C GLY B 54 -4.08 -11.18 4.29
N LEU B 55 -4.67 -10.06 4.63
CA LEU B 55 -5.63 -9.38 3.77
C LEU B 55 -5.17 -7.96 3.57
N THR B 56 -5.57 -7.32 2.52
CA THR B 56 -5.14 -5.95 2.28
C THR B 56 -6.32 -5.07 1.90
N TYR B 57 -6.22 -3.80 2.20
CA TYR B 57 -7.22 -2.83 1.87
C TYR B 57 -6.53 -1.63 1.28
N PHE B 58 -7.19 -0.93 0.40
CA PHE B 58 -6.56 0.19 -0.21
C PHE B 58 -7.28 1.46 0.12
N ILE B 59 -6.54 2.52 0.23
CA ILE B 59 -7.13 3.82 0.37
C ILE B 59 -6.71 4.58 -0.88
N SER B 60 -7.65 5.01 -1.68
CA SER B 60 -7.30 5.67 -2.93
C SER B 60 -7.10 7.16 -2.72
N LYS B 61 -6.27 7.76 -3.57
CA LYS B 61 -6.07 9.21 -3.51
C LYS B 61 -7.28 9.93 -4.09
N PRO B 62 -7.53 11.19 -3.65
CA PRO B 62 -8.63 11.99 -4.14
C PRO B 62 -8.50 12.26 -5.64
N THR B 63 -9.41 11.71 -6.38
CA THR B 63 -9.42 11.86 -7.81
C THR B 63 -10.80 12.43 -8.21
N SER B 64 -11.14 12.34 -9.45
CA SER B 64 -12.40 12.82 -9.91
C SER B 64 -13.45 11.73 -9.68
N ASP B 65 -14.70 12.15 -9.55
CA ASP B 65 -15.80 11.22 -9.36
C ASP B 65 -15.97 10.36 -10.62
N ALA B 66 -15.55 10.92 -11.75
CA ALA B 66 -15.54 10.24 -13.04
C ALA B 66 -14.65 8.98 -13.02
N GLN B 67 -13.47 9.08 -12.42
CA GLN B 67 -12.61 7.92 -12.26
C GLN B 67 -13.17 7.05 -11.15
N LEU B 68 -13.38 7.70 -10.03
CA LEU B 68 -13.86 7.09 -8.79
C LEU B 68 -15.11 6.23 -8.96
N LYS B 69 -16.06 6.69 -9.77
CA LYS B 69 -17.33 5.99 -9.97
C LYS B 69 -17.12 4.54 -10.43
N ALA B 70 -16.15 4.33 -11.28
CA ALA B 70 -15.92 3.03 -11.87
C ALA B 70 -15.32 2.07 -10.86
N MET B 71 -14.54 2.62 -9.94
CA MET B 71 -13.89 1.83 -8.96
C MET B 71 -14.90 1.34 -7.92
N LYS B 72 -15.79 2.23 -7.48
CA LYS B 72 -16.86 1.82 -6.58
C LYS B 72 -17.75 0.78 -7.23
N GLU B 73 -18.02 0.94 -8.54
CA GLU B 73 -18.81 -0.04 -9.27
C GLU B 73 -18.11 -1.40 -9.24
N TYR B 74 -16.78 -1.39 -9.31
CA TYR B 74 -15.96 -2.62 -9.27
C TYR B 74 -16.04 -3.28 -7.91
N LEU B 75 -15.84 -2.50 -6.85
CA LEU B 75 -15.85 -3.01 -5.50
C LEU B 75 -17.21 -3.57 -5.16
N ASP B 76 -18.22 -2.95 -5.74
CA ASP B 76 -19.59 -3.34 -5.60
C ASP B 76 -19.87 -4.65 -6.32
N ARG B 77 -19.12 -4.90 -7.41
CA ARG B 77 -19.28 -6.14 -8.16
C ARG B 77 -18.65 -7.25 -7.37
N LYS B 78 -17.60 -6.90 -6.65
CA LYS B 78 -16.88 -7.86 -5.84
C LYS B 78 -17.56 -8.08 -4.50
N GLY B 79 -18.52 -7.26 -4.21
CA GLY B 79 -19.24 -7.38 -2.96
C GLY B 79 -18.38 -7.04 -1.75
N TRP B 80 -17.30 -6.28 -1.95
CA TRP B 80 -16.42 -5.94 -0.86
C TRP B 80 -16.93 -4.70 -0.19
N TRP B 81 -16.72 -4.61 1.09
CA TRP B 81 -17.08 -3.42 1.82
C TRP B 81 -16.12 -2.30 1.44
N TYR B 82 -16.66 -1.11 1.27
CA TYR B 82 -15.86 0.05 0.97
C TYR B 82 -16.58 1.31 1.43
N GLU B 83 -15.91 2.42 1.36
CA GLU B 83 -16.50 3.67 1.73
C GLU B 83 -16.27 4.68 0.64
N VAL B 84 -17.29 5.43 0.36
CA VAL B 84 -17.21 6.49 -0.60
C VAL B 84 -17.08 7.78 0.16
N LYS B 85 -15.97 8.42 -0.02
CA LYS B 85 -15.69 9.65 0.65
C LYS B 85 -16.17 10.81 -0.21
N GLY A 1 18.43 22.93 28.96
CA GLY A 1 19.38 23.41 29.96
C GLY A 1 20.28 22.31 30.43
N SER A 2 21.08 22.56 31.44
CA SER A 2 21.93 21.54 31.97
C SER A 2 21.11 20.62 32.86
N ILE A 3 20.79 19.48 32.33
CA ILE A 3 20.01 18.51 33.04
C ILE A 3 20.91 17.39 33.55
N GLN A 4 20.73 17.01 34.78
CA GLN A 4 21.56 16.00 35.41
C GLN A 4 20.68 14.86 35.91
N LYS A 5 21.31 13.73 36.27
CA LYS A 5 20.63 12.53 36.78
C LYS A 5 19.86 11.81 35.69
N VAL A 6 20.15 12.16 34.47
CA VAL A 6 19.58 11.50 33.33
C VAL A 6 20.27 10.18 33.09
N LYS A 7 19.59 9.12 33.47
CA LYS A 7 20.15 7.80 33.47
C LYS A 7 20.31 7.31 32.04
N ASN A 8 21.52 7.30 31.60
CA ASN A 8 21.90 6.82 30.30
C ASN A 8 22.97 5.78 30.48
N GLY A 9 22.74 4.63 29.98
CA GLY A 9 23.68 3.57 30.08
C GLY A 9 23.76 2.85 28.79
N ASN A 10 24.73 2.00 28.63
CA ASN A 10 24.87 1.30 27.39
C ASN A 10 23.98 0.09 27.37
N VAL A 11 22.72 0.36 27.15
CA VAL A 11 21.70 -0.63 27.07
C VAL A 11 21.01 -0.45 25.74
N ALA A 12 21.41 -1.20 24.78
CA ALA A 12 20.88 -1.12 23.45
C ALA A 12 20.50 -2.51 22.98
N THR A 13 20.24 -2.64 21.71
CA THR A 13 19.90 -3.91 21.15
C THR A 13 21.07 -4.91 21.22
N THR A 14 20.74 -6.16 21.45
CA THR A 14 21.70 -7.23 21.45
C THR A 14 21.46 -8.08 20.22
N SER A 15 20.50 -7.65 19.44
CA SER A 15 20.13 -8.27 18.22
C SER A 15 20.81 -7.52 17.09
N PRO A 16 21.11 -8.20 15.96
CA PRO A 16 21.75 -7.57 14.79
C PRO A 16 21.27 -6.13 14.54
N THR A 17 22.21 -5.26 14.27
CA THR A 17 21.95 -3.86 14.13
C THR A 17 21.46 -3.47 12.73
N LYS A 18 20.23 -3.00 12.67
CA LYS A 18 19.61 -2.51 11.46
C LYS A 18 18.31 -1.80 11.80
N GLN A 19 17.64 -1.22 10.81
CA GLN A 19 16.34 -0.59 11.05
C GLN A 19 15.28 -1.69 11.10
N ASN A 20 15.59 -2.77 10.37
CA ASN A 20 14.76 -3.97 10.23
C ASN A 20 13.57 -3.68 9.35
N ILE A 21 13.82 -2.84 8.36
CA ILE A 21 12.83 -2.38 7.42
C ILE A 21 13.28 -2.74 6.00
N ILE A 22 12.35 -2.94 5.10
CA ILE A 22 12.66 -3.21 3.71
C ILE A 22 11.68 -2.45 2.83
N GLN A 23 12.17 -1.80 1.81
CA GLN A 23 11.31 -1.22 0.83
C GLN A 23 11.72 -1.79 -0.49
N SER A 24 10.79 -2.10 -1.32
CA SER A 24 11.13 -2.68 -2.59
C SER A 24 10.99 -1.66 -3.70
N GLY A 25 11.43 -2.03 -4.87
CA GLY A 25 11.18 -1.24 -6.02
C GLY A 25 9.86 -1.66 -6.60
N ALA A 26 9.38 -0.93 -7.55
CA ALA A 26 8.14 -1.27 -8.21
C ALA A 26 8.27 -2.60 -8.97
N PHE A 27 7.43 -3.55 -8.64
CA PHE A 27 7.41 -4.84 -9.28
C PHE A 27 6.03 -5.18 -9.82
N SER A 28 5.92 -6.30 -10.51
CA SER A 28 4.70 -6.72 -11.16
C SER A 28 3.58 -7.10 -10.15
N PRO A 29 2.37 -6.54 -10.39
CA PRO A 29 1.20 -6.73 -9.51
C PRO A 29 0.81 -8.20 -9.25
N TYR A 30 1.10 -9.09 -10.18
CA TYR A 30 0.71 -10.49 -9.99
C TYR A 30 1.55 -11.17 -8.91
N GLU A 31 2.69 -10.58 -8.58
CA GLU A 31 3.56 -11.14 -7.56
C GLU A 31 3.20 -10.60 -6.20
N THR A 32 2.38 -9.59 -6.20
CA THR A 32 1.91 -8.95 -5.00
C THR A 32 1.28 -9.94 -3.97
N PRO A 33 0.34 -10.82 -4.38
CA PRO A 33 -0.24 -11.82 -3.46
C PRO A 33 0.83 -12.71 -2.83
N ASP A 34 1.83 -13.06 -3.62
CA ASP A 34 2.89 -13.98 -3.22
C ASP A 34 3.80 -13.30 -2.19
N VAL A 35 4.10 -12.02 -2.41
CA VAL A 35 4.91 -11.26 -1.48
C VAL A 35 4.09 -10.87 -0.23
N MET A 36 2.81 -10.59 -0.41
CA MET A 36 1.90 -10.32 0.72
C MET A 36 1.82 -11.51 1.64
N GLY A 37 1.82 -12.71 1.05
CA GLY A 37 1.83 -13.93 1.82
C GLY A 37 3.07 -14.02 2.69
N ALA A 38 4.20 -13.60 2.13
CA ALA A 38 5.48 -13.60 2.85
C ALA A 38 5.42 -12.64 4.04
N LEU A 39 4.98 -11.41 3.77
CA LEU A 39 4.86 -10.38 4.80
C LEU A 39 3.94 -10.81 5.91
N THR A 40 2.89 -11.54 5.56
CA THR A 40 1.95 -12.04 6.53
C THR A 40 2.61 -13.13 7.39
N SER A 41 3.31 -14.05 6.73
CA SER A 41 3.93 -15.17 7.40
C SER A 41 5.08 -14.69 8.28
N LEU A 42 5.75 -13.67 7.82
CA LEU A 42 6.87 -13.09 8.53
C LEU A 42 6.41 -11.96 9.44
N LYS A 43 5.09 -11.78 9.51
CA LYS A 43 4.42 -10.81 10.37
C LYS A 43 5.05 -9.42 10.29
N MET A 44 5.35 -9.02 9.09
CA MET A 44 6.03 -7.76 8.84
C MET A 44 5.06 -6.62 8.63
N THR A 45 4.11 -6.82 7.69
CA THR A 45 3.11 -5.80 7.35
C THR A 45 3.77 -4.62 6.56
N ALA A 46 3.27 -4.37 5.38
CA ALA A 46 3.87 -3.40 4.49
C ALA A 46 2.85 -2.60 3.75
N ASP A 47 3.27 -1.45 3.30
CA ASP A 47 2.46 -0.53 2.55
C ASP A 47 2.83 -0.69 1.09
N PHE A 48 1.90 -1.15 0.30
CA PHE A 48 2.11 -1.32 -1.13
C PHE A 48 1.53 -0.16 -1.89
N ILE A 49 2.35 0.64 -2.47
CA ILE A 49 1.84 1.75 -3.24
C ILE A 49 1.77 1.33 -4.68
N LEU A 50 0.58 1.35 -5.22
CA LEU A 50 0.36 0.99 -6.60
C LEU A 50 0.39 2.21 -7.43
N GLN A 51 1.31 2.23 -8.34
CA GLN A 51 1.55 3.37 -9.18
C GLN A 51 0.71 3.26 -10.45
N SER A 52 0.49 4.38 -11.11
CA SER A 52 -0.35 4.47 -12.30
C SER A 52 0.28 3.72 -13.48
N ASP A 53 1.55 3.40 -13.34
CA ASP A 53 2.32 2.70 -14.37
C ASP A 53 1.96 1.21 -14.37
N GLY A 54 1.32 0.75 -13.31
CA GLY A 54 0.90 -0.64 -13.23
C GLY A 54 1.84 -1.51 -12.44
N LEU A 55 2.61 -0.91 -11.55
CA LEU A 55 3.53 -1.65 -10.69
C LEU A 55 3.37 -1.17 -9.26
N THR A 56 3.73 -2.01 -8.32
CA THR A 56 3.61 -1.64 -6.93
C THR A 56 4.90 -2.01 -6.19
N TYR A 57 5.10 -1.40 -5.05
CA TYR A 57 6.25 -1.64 -4.21
C TYR A 57 5.79 -1.58 -2.78
N PHE A 58 6.46 -2.27 -1.90
CA PHE A 58 6.04 -2.27 -0.54
C PHE A 58 7.06 -1.66 0.37
N ILE A 59 6.60 -1.04 1.42
CA ILE A 59 7.44 -0.50 2.45
C ILE A 59 7.04 -1.24 3.70
N SER A 60 7.90 -1.97 4.31
CA SER A 60 7.54 -2.72 5.47
C SER A 60 7.79 -1.95 6.75
N LYS A 61 7.02 -2.27 7.77
CA LYS A 61 7.29 -1.77 9.10
C LYS A 61 8.47 -2.55 9.71
N PRO A 62 9.13 -2.02 10.76
CA PRO A 62 10.25 -2.71 11.40
C PRO A 62 9.85 -4.02 12.05
N THR A 63 10.46 -5.09 11.62
CA THR A 63 10.20 -6.39 12.15
C THR A 63 11.48 -6.87 12.90
N SER A 64 11.61 -8.12 13.19
CA SER A 64 12.79 -8.62 13.84
C SER A 64 13.80 -9.06 12.77
N ASP A 65 15.06 -9.16 13.14
CA ASP A 65 16.13 -9.53 12.21
C ASP A 65 15.88 -10.90 11.57
N ALA A 66 15.32 -11.81 12.34
CA ALA A 66 15.01 -13.16 11.88
C ALA A 66 13.94 -13.16 10.79
N GLN A 67 12.95 -12.32 10.95
CA GLN A 67 11.88 -12.22 9.97
C GLN A 67 12.41 -11.46 8.75
N LEU A 68 13.11 -10.37 9.06
CA LEU A 68 13.77 -9.51 8.06
C LEU A 68 14.62 -10.33 7.11
N LYS A 69 15.51 -11.10 7.69
CA LYS A 69 16.49 -11.86 6.96
C LYS A 69 15.83 -12.82 5.96
N ALA A 70 14.71 -13.42 6.36
CA ALA A 70 14.02 -14.36 5.50
C ALA A 70 13.36 -13.62 4.34
N MET A 71 12.82 -12.45 4.64
CA MET A 71 12.14 -11.65 3.67
C MET A 71 13.09 -11.13 2.62
N LYS A 72 14.21 -10.58 3.05
CA LYS A 72 15.19 -10.10 2.09
C LYS A 72 15.76 -11.20 1.22
N GLU A 73 15.88 -12.39 1.77
CA GLU A 73 16.28 -13.55 0.99
C GLU A 73 15.22 -13.89 -0.08
N TYR A 74 13.96 -13.66 0.25
CA TYR A 74 12.84 -13.88 -0.67
C TYR A 74 12.90 -12.91 -1.84
N LEU A 75 13.14 -11.66 -1.54
CA LEU A 75 13.22 -10.63 -2.54
C LEU A 75 14.43 -10.89 -3.44
N ASP A 76 15.47 -11.44 -2.84
CA ASP A 76 16.69 -11.82 -3.54
C ASP A 76 16.39 -12.96 -4.53
N ARG A 77 15.45 -13.82 -4.17
CA ARG A 77 15.06 -14.93 -5.02
C ARG A 77 14.25 -14.42 -6.17
N LYS A 78 13.52 -13.35 -5.93
CA LYS A 78 12.70 -12.77 -6.98
C LYS A 78 13.52 -11.87 -7.89
N GLY A 79 14.74 -11.60 -7.48
CA GLY A 79 15.63 -10.78 -8.26
C GLY A 79 15.17 -9.32 -8.36
N TRP A 80 14.34 -8.88 -7.41
CA TRP A 80 13.82 -7.52 -7.44
C TRP A 80 14.77 -6.59 -6.73
N TRP A 81 14.71 -5.34 -7.08
CA TRP A 81 15.46 -4.37 -6.35
C TRP A 81 14.73 -4.01 -5.07
N TYR A 82 15.45 -3.88 -4.00
CA TYR A 82 14.90 -3.49 -2.73
C TYR A 82 16.00 -2.90 -1.88
N GLU A 83 15.65 -2.41 -0.72
CA GLU A 83 16.62 -1.89 0.19
C GLU A 83 16.44 -2.53 1.53
N VAL A 84 17.53 -2.89 2.12
CA VAL A 84 17.52 -3.41 3.44
C VAL A 84 17.88 -2.29 4.35
N LYS A 85 16.97 -1.96 5.16
CA LYS A 85 17.10 -0.89 6.07
C LYS A 85 17.13 -1.40 7.47
N GLY B 1 -4.98 42.69 10.39
CA GLY B 1 -5.69 41.83 9.49
C GLY B 1 -6.17 42.58 8.27
N SER B 2 -7.06 41.96 7.50
CA SER B 2 -7.65 42.53 6.27
C SER B 2 -6.63 42.62 5.12
N ILE B 3 -7.13 42.87 3.92
CA ILE B 3 -6.30 43.02 2.73
C ILE B 3 -7.14 43.59 1.58
N GLN B 4 -6.64 44.60 0.92
CA GLN B 4 -7.33 45.18 -0.18
C GLN B 4 -6.57 44.95 -1.48
N LYS B 5 -6.84 43.78 -2.04
CA LYS B 5 -6.37 43.20 -3.33
C LYS B 5 -6.70 41.74 -3.29
N VAL B 6 -7.93 41.42 -3.60
CA VAL B 6 -8.40 40.07 -3.45
C VAL B 6 -9.02 39.54 -4.70
N LYS B 7 -8.56 38.39 -5.10
CA LYS B 7 -9.15 37.66 -6.18
C LYS B 7 -9.79 36.42 -5.64
N ASN B 8 -11.03 36.57 -5.24
CA ASN B 8 -11.78 35.49 -4.66
C ASN B 8 -12.28 34.60 -5.77
N GLY B 9 -11.83 33.37 -5.77
CA GLY B 9 -12.22 32.45 -6.77
C GLY B 9 -13.59 31.90 -6.49
N ASN B 10 -14.60 32.53 -7.04
CA ASN B 10 -15.96 32.06 -6.91
C ASN B 10 -16.15 30.92 -7.87
N VAL B 11 -15.86 29.73 -7.42
CA VAL B 11 -15.93 28.55 -8.24
C VAL B 11 -16.77 27.50 -7.57
N ALA B 12 -17.76 27.04 -8.25
CA ALA B 12 -18.58 25.98 -7.75
C ALA B 12 -18.26 24.71 -8.50
N THR B 13 -18.22 23.62 -7.81
CA THR B 13 -17.95 22.37 -8.43
C THR B 13 -19.25 21.77 -9.00
N THR B 14 -19.12 21.09 -10.11
CA THR B 14 -20.25 20.46 -10.78
C THR B 14 -20.73 19.25 -10.01
N SER B 15 -19.80 18.55 -9.43
CA SER B 15 -20.08 17.42 -8.58
C SER B 15 -20.32 17.96 -7.18
N PRO B 16 -21.14 17.29 -6.35
CA PRO B 16 -21.29 17.69 -4.94
C PRO B 16 -19.91 17.69 -4.29
N THR B 17 -19.71 18.49 -3.24
CA THR B 17 -18.40 18.62 -2.61
C THR B 17 -17.84 17.28 -2.16
N LYS B 18 -16.85 16.80 -2.90
CA LYS B 18 -16.26 15.51 -2.67
C LYS B 18 -14.74 15.56 -2.84
N GLN B 19 -14.12 14.45 -2.54
CA GLN B 19 -12.67 14.33 -2.54
C GLN B 19 -12.20 13.48 -3.73
N ASN B 20 -13.10 12.61 -4.18
CA ASN B 20 -12.92 11.71 -5.33
C ASN B 20 -11.97 10.61 -4.98
N ILE B 21 -12.02 10.26 -3.73
CA ILE B 21 -11.19 9.23 -3.17
C ILE B 21 -12.05 8.00 -2.82
N ILE B 22 -11.47 6.84 -2.84
CA ILE B 22 -12.14 5.62 -2.49
C ILE B 22 -11.24 4.79 -1.60
N GLN B 23 -11.78 4.22 -0.55
CA GLN B 23 -11.04 3.32 0.26
C GLN B 23 -11.78 2.03 0.33
N SER B 24 -11.09 0.93 0.29
CA SER B 24 -11.75 -0.34 0.35
C SER B 24 -11.60 -0.92 1.74
N GLY B 25 -12.29 -2.01 1.99
CA GLY B 25 -12.07 -2.75 3.19
C GLY B 25 -11.00 -3.77 2.94
N ALA B 26 -10.59 -4.48 3.95
CA ALA B 26 -9.60 -5.51 3.81
C ALA B 26 -10.16 -6.71 3.02
N PHE B 27 -9.54 -7.00 1.90
CA PHE B 27 -9.95 -8.09 1.03
C PHE B 27 -8.82 -9.10 0.84
N SER B 28 -9.11 -10.18 0.11
CA SER B 28 -8.15 -11.26 -0.13
C SER B 28 -6.99 -10.82 -1.04
N PRO B 29 -5.74 -11.16 -0.65
CA PRO B 29 -4.51 -10.76 -1.35
C PRO B 29 -4.46 -11.18 -2.84
N TYR B 30 -5.13 -12.26 -3.20
CA TYR B 30 -5.09 -12.73 -4.59
C TYR B 30 -5.88 -11.82 -5.55
N GLU B 31 -6.79 -11.00 -5.00
CA GLU B 31 -7.59 -10.09 -5.83
C GLU B 31 -6.88 -8.77 -6.01
N THR B 32 -5.88 -8.57 -5.18
CA THR B 32 -5.06 -7.40 -5.18
C THR B 32 -4.47 -7.03 -6.60
N PRO B 33 -3.83 -7.98 -7.32
CA PRO B 33 -3.31 -7.72 -8.68
C PRO B 33 -4.41 -7.22 -9.64
N ASP B 34 -5.60 -7.79 -9.48
CA ASP B 34 -6.75 -7.48 -10.32
C ASP B 34 -7.23 -6.05 -10.07
N VAL B 35 -7.32 -5.66 -8.80
CA VAL B 35 -7.72 -4.31 -8.43
C VAL B 35 -6.61 -3.30 -8.78
N MET B 36 -5.36 -3.72 -8.65
CA MET B 36 -4.24 -2.87 -9.02
C MET B 36 -4.29 -2.50 -10.50
N GLY B 37 -4.74 -3.43 -11.34
CA GLY B 37 -4.89 -3.15 -12.76
C GLY B 37 -5.94 -2.09 -13.02
N ALA B 38 -6.99 -2.10 -12.20
CA ALA B 38 -8.06 -1.13 -12.31
C ALA B 38 -7.55 0.27 -11.98
N LEU B 39 -6.84 0.39 -10.87
CA LEU B 39 -6.26 1.65 -10.41
C LEU B 39 -5.26 2.19 -11.44
N THR B 40 -4.61 1.27 -12.13
CA THR B 40 -3.67 1.61 -13.17
C THR B 40 -4.40 2.23 -14.37
N SER B 41 -5.44 1.55 -14.83
CA SER B 41 -6.19 1.98 -16.00
C SER B 41 -6.97 3.26 -15.72
N LEU B 42 -7.33 3.44 -14.48
CA LEU B 42 -8.08 4.59 -14.05
C LEU B 42 -7.14 5.68 -13.51
N LYS B 43 -5.83 5.41 -13.58
CA LYS B 43 -4.79 6.33 -13.13
C LYS B 43 -5.07 6.94 -11.78
N MET B 44 -5.42 6.10 -10.86
CA MET B 44 -5.81 6.51 -9.54
C MET B 44 -4.63 6.47 -8.58
N THR B 45 -3.99 5.29 -8.47
CA THR B 45 -2.86 5.09 -7.55
C THR B 45 -3.36 5.01 -6.09
N ALA B 46 -3.09 3.91 -5.46
CA ALA B 46 -3.60 3.68 -4.12
C ALA B 46 -2.57 3.04 -3.23
N ASP B 47 -2.78 3.19 -1.95
CA ASP B 47 -1.92 2.60 -0.93
C ASP B 47 -2.59 1.35 -0.43
N PHE B 48 -1.98 0.24 -0.67
CA PHE B 48 -2.49 -1.03 -0.20
C PHE B 48 -1.75 -1.44 1.04
N ILE B 49 -2.40 -1.42 2.15
CA ILE B 49 -1.74 -1.81 3.37
C ILE B 49 -2.01 -3.26 3.63
N LEU B 50 -0.97 -4.04 3.62
CA LEU B 50 -1.09 -5.44 3.90
C LEU B 50 -0.89 -5.64 5.34
N GLN B 51 -1.92 -6.15 5.96
CA GLN B 51 -1.98 -6.31 7.39
C GLN B 51 -1.39 -7.65 7.79
N SER B 52 -1.10 -7.81 9.07
CA SER B 52 -0.53 -9.03 9.59
C SER B 52 -1.53 -10.19 9.54
N ASP B 53 -2.82 -9.87 9.37
CA ASP B 53 -3.86 -10.89 9.26
C ASP B 53 -3.85 -11.52 7.87
N GLY B 54 -3.18 -10.84 6.95
CA GLY B 54 -3.04 -11.37 5.61
C GLY B 54 -4.03 -10.80 4.63
N LEU B 55 -4.61 -9.67 4.96
CA LEU B 55 -5.55 -9.01 4.07
C LEU B 55 -5.04 -7.63 3.76
N THR B 56 -5.53 -7.03 2.70
CA THR B 56 -5.08 -5.72 2.35
C THR B 56 -6.28 -4.85 1.95
N TYR B 57 -6.11 -3.56 2.06
CA TYR B 57 -7.11 -2.59 1.71
C TYR B 57 -6.39 -1.44 1.05
N PHE B 58 -7.02 -0.76 0.13
CA PHE B 58 -6.34 0.32 -0.53
C PHE B 58 -7.01 1.62 -0.25
N ILE B 59 -6.22 2.65 -0.12
CA ILE B 59 -6.73 3.97 -0.02
C ILE B 59 -6.24 4.67 -1.27
N SER B 60 -7.13 5.11 -2.10
CA SER B 60 -6.74 5.70 -3.36
C SER B 60 -6.51 7.19 -3.26
N LYS B 61 -5.68 7.69 -4.15
CA LYS B 61 -5.48 9.10 -4.28
C LYS B 61 -6.69 9.68 -5.02
N PRO B 62 -6.95 11.00 -4.88
CA PRO B 62 -8.04 11.66 -5.60
C PRO B 62 -7.88 11.54 -7.11
N THR B 63 -8.97 11.46 -7.80
CA THR B 63 -8.97 11.33 -9.25
C THR B 63 -10.20 12.10 -9.79
N SER B 64 -10.50 12.00 -11.05
CA SER B 64 -11.67 12.66 -11.61
C SER B 64 -12.88 11.78 -11.38
N ASP B 65 -14.09 12.36 -11.36
CA ASP B 65 -15.31 11.58 -11.11
C ASP B 65 -15.51 10.50 -12.17
N ALA B 66 -15.05 10.77 -13.37
CA ALA B 66 -15.12 9.82 -14.48
C ALA B 66 -14.29 8.56 -14.21
N GLN B 67 -13.12 8.73 -13.64
CA GLN B 67 -12.26 7.60 -13.30
C GLN B 67 -12.81 6.95 -12.03
N LEU B 68 -13.13 7.79 -11.07
CA LEU B 68 -13.70 7.42 -9.78
C LEU B 68 -14.91 6.51 -9.92
N LYS B 69 -15.86 6.93 -10.74
CA LYS B 69 -17.14 6.26 -10.89
C LYS B 69 -16.98 4.79 -11.25
N ALA B 70 -16.01 4.48 -12.11
CA ALA B 70 -15.81 3.13 -12.55
C ALA B 70 -15.19 2.27 -11.48
N MET B 71 -14.32 2.88 -10.68
CA MET B 71 -13.62 2.18 -9.66
C MET B 71 -14.55 1.71 -8.56
N LYS B 72 -15.42 2.61 -8.09
CA LYS B 72 -16.40 2.23 -7.09
C LYS B 72 -17.31 1.13 -7.59
N GLU B 73 -17.67 1.18 -8.86
CA GLU B 73 -18.48 0.15 -9.46
C GLU B 73 -17.74 -1.18 -9.51
N TYR B 74 -16.44 -1.14 -9.74
CA TYR B 74 -15.60 -2.33 -9.73
C TYR B 74 -15.61 -3.01 -8.36
N LEU B 75 -15.50 -2.22 -7.32
CA LEU B 75 -15.47 -2.75 -5.97
C LEU B 75 -16.81 -3.35 -5.63
N ASP B 76 -17.84 -2.76 -6.20
CA ASP B 76 -19.19 -3.23 -6.07
C ASP B 76 -19.38 -4.55 -6.77
N ARG B 77 -18.69 -4.73 -7.90
CA ARG B 77 -18.82 -5.96 -8.66
C ARG B 77 -18.17 -7.08 -7.91
N LYS B 78 -17.17 -6.72 -7.11
CA LYS B 78 -16.47 -7.69 -6.29
C LYS B 78 -17.22 -7.94 -5.00
N GLY B 79 -18.23 -7.15 -4.75
CA GLY B 79 -19.01 -7.27 -3.54
C GLY B 79 -18.21 -6.87 -2.31
N TRP B 80 -17.23 -5.97 -2.48
CA TRP B 80 -16.39 -5.54 -1.37
C TRP B 80 -16.94 -4.29 -0.75
N TRP B 81 -16.62 -4.09 0.49
CA TRP B 81 -17.00 -2.87 1.17
C TRP B 81 -16.02 -1.79 0.80
N TYR B 82 -16.53 -0.58 0.61
CA TYR B 82 -15.70 0.53 0.28
C TYR B 82 -16.34 1.83 0.73
N GLU B 83 -15.58 2.89 0.69
CA GLU B 83 -16.03 4.20 1.06
C GLU B 83 -15.70 5.13 -0.06
N VAL B 84 -16.60 6.00 -0.40
CA VAL B 84 -16.34 6.96 -1.41
C VAL B 84 -16.28 8.32 -0.76
N LYS B 85 -15.26 9.01 -1.06
CA LYS B 85 -15.09 10.32 -0.56
C LYS B 85 -15.49 11.32 -1.61
N GLY A 1 2.74 18.15 -4.69
CA GLY A 1 1.32 18.46 -4.52
C GLY A 1 1.08 19.94 -4.64
N SER A 2 -0.13 20.33 -5.05
CA SER A 2 -0.47 21.74 -5.21
C SER A 2 -0.64 22.41 -3.85
N ILE A 3 -1.33 21.75 -2.96
CA ILE A 3 -1.48 22.25 -1.63
C ILE A 3 -0.56 21.51 -0.69
N GLN A 4 0.31 22.24 -0.05
CA GLN A 4 1.25 21.66 0.86
C GLN A 4 0.71 21.74 2.27
N LYS A 5 -0.10 20.77 2.59
CA LYS A 5 -0.74 20.67 3.88
C LYS A 5 -0.98 19.21 4.15
N VAL A 6 -0.04 18.58 4.79
CA VAL A 6 -0.10 17.17 5.02
C VAL A 6 -1.05 16.88 6.16
N LYS A 7 -2.20 16.30 5.86
CA LYS A 7 -3.15 16.00 6.91
C LYS A 7 -2.66 14.81 7.72
N ASN A 8 -2.12 13.82 7.04
CA ASN A 8 -1.57 12.66 7.70
C ASN A 8 -0.56 12.01 6.79
N GLY A 9 0.67 12.17 7.12
CA GLY A 9 1.75 11.62 6.35
C GLY A 9 2.87 11.25 7.25
N ASN A 10 2.58 10.30 8.09
CA ASN A 10 3.48 9.83 9.11
C ASN A 10 4.41 8.75 8.55
N VAL A 11 5.33 8.27 9.38
CA VAL A 11 6.32 7.26 9.05
C VAL A 11 7.46 7.84 8.24
N ALA A 12 8.53 8.15 8.94
CA ALA A 12 9.71 8.72 8.37
C ALA A 12 10.91 8.02 9.00
N THR A 13 12.06 8.19 8.43
CA THR A 13 13.25 7.54 8.94
C THR A 13 14.09 8.48 9.79
N THR A 14 14.22 8.16 11.05
CA THR A 14 15.08 8.93 11.95
C THR A 14 15.75 7.93 12.93
N SER A 15 15.64 6.65 12.61
CA SER A 15 16.15 5.61 13.45
C SER A 15 17.60 5.27 13.10
N PRO A 16 18.50 5.30 14.09
CA PRO A 16 19.89 4.90 13.92
C PRO A 16 20.02 3.38 13.90
N THR A 17 21.10 2.87 13.29
CA THR A 17 21.34 1.42 13.17
C THR A 17 20.32 0.83 12.15
N LYS A 18 20.41 -0.46 11.85
CA LYS A 18 19.46 -1.07 10.95
C LYS A 18 18.03 -0.95 11.49
N GLN A 19 17.19 -0.44 10.66
CA GLN A 19 15.80 -0.17 11.00
C GLN A 19 14.98 -1.45 10.89
N ASN A 20 15.57 -2.47 10.24
CA ASN A 20 14.92 -3.75 9.98
C ASN A 20 13.69 -3.58 9.13
N ILE A 21 13.85 -2.77 8.12
CA ILE A 21 12.81 -2.43 7.16
C ILE A 21 13.27 -2.90 5.77
N ILE A 22 12.35 -3.16 4.89
CA ILE A 22 12.67 -3.51 3.51
C ILE A 22 11.75 -2.74 2.62
N GLN A 23 12.29 -2.15 1.59
CA GLN A 23 11.48 -1.50 0.64
C GLN A 23 11.82 -2.10 -0.70
N SER A 24 10.85 -2.39 -1.48
CA SER A 24 11.11 -2.95 -2.77
C SER A 24 11.02 -1.89 -3.84
N GLY A 25 11.40 -2.25 -5.03
CA GLY A 25 11.14 -1.42 -6.16
C GLY A 25 9.80 -1.78 -6.72
N ALA A 26 9.33 -1.06 -7.69
CA ALA A 26 8.05 -1.37 -8.30
C ALA A 26 8.12 -2.68 -9.09
N PHE A 27 7.34 -3.66 -8.68
CA PHE A 27 7.30 -4.96 -9.33
C PHE A 27 5.91 -5.26 -9.87
N SER A 28 5.80 -6.35 -10.60
CA SER A 28 4.57 -6.76 -11.24
C SER A 28 3.47 -7.14 -10.21
N PRO A 29 2.25 -6.58 -10.42
CA PRO A 29 1.11 -6.74 -9.50
C PRO A 29 0.71 -8.20 -9.21
N TYR A 30 0.97 -9.11 -10.14
CA TYR A 30 0.56 -10.50 -9.93
C TYR A 30 1.42 -11.22 -8.88
N GLU A 31 2.58 -10.66 -8.57
CA GLU A 31 3.48 -11.26 -7.56
C GLU A 31 3.11 -10.76 -6.18
N THR A 32 2.40 -9.66 -6.17
CA THR A 32 1.97 -8.98 -4.97
C THR A 32 1.26 -9.90 -3.94
N PRO A 33 0.23 -10.71 -4.35
CA PRO A 33 -0.49 -11.61 -3.44
C PRO A 33 0.45 -12.54 -2.68
N ASP A 34 1.48 -13.03 -3.38
CA ASP A 34 2.43 -13.95 -2.80
C ASP A 34 3.35 -13.21 -1.84
N VAL A 35 3.77 -12.00 -2.23
CA VAL A 35 4.59 -11.15 -1.38
C VAL A 35 3.83 -10.81 -0.09
N MET A 36 2.54 -10.49 -0.25
CA MET A 36 1.68 -10.22 0.89
C MET A 36 1.56 -11.45 1.77
N GLY A 37 1.50 -12.61 1.15
CA GLY A 37 1.47 -13.86 1.88
C GLY A 37 2.72 -14.03 2.72
N ALA A 38 3.87 -13.70 2.14
CA ALA A 38 5.16 -13.80 2.82
C ALA A 38 5.19 -12.86 4.02
N LEU A 39 4.78 -11.62 3.81
CA LEU A 39 4.74 -10.60 4.85
C LEU A 39 3.83 -11.03 5.98
N THR A 40 2.71 -11.62 5.64
CA THR A 40 1.76 -12.10 6.60
C THR A 40 2.33 -13.28 7.40
N SER A 41 2.99 -14.18 6.69
CA SER A 41 3.55 -15.38 7.30
C SER A 41 4.73 -15.00 8.19
N LEU A 42 5.45 -13.98 7.79
CA LEU A 42 6.59 -13.49 8.54
C LEU A 42 6.18 -12.45 9.55
N LYS A 43 4.86 -12.11 9.57
CA LYS A 43 4.28 -11.12 10.51
C LYS A 43 5.01 -9.76 10.41
N MET A 44 5.35 -9.39 9.21
CA MET A 44 6.07 -8.14 8.97
C MET A 44 5.14 -6.99 8.73
N THR A 45 4.24 -7.15 7.75
CA THR A 45 3.25 -6.14 7.37
C THR A 45 3.92 -4.95 6.59
N ALA A 46 3.35 -4.58 5.46
CA ALA A 46 3.93 -3.55 4.60
C ALA A 46 2.88 -2.74 3.89
N ASP A 47 3.28 -1.61 3.37
CA ASP A 47 2.43 -0.73 2.59
C ASP A 47 2.80 -0.88 1.14
N PHE A 48 1.88 -1.31 0.34
CA PHE A 48 2.10 -1.49 -1.08
C PHE A 48 1.53 -0.33 -1.84
N ILE A 49 2.37 0.46 -2.40
CA ILE A 49 1.90 1.58 -3.16
C ILE A 49 1.83 1.20 -4.61
N LEU A 50 0.67 1.25 -5.16
CA LEU A 50 0.46 0.98 -6.55
C LEU A 50 0.69 2.24 -7.27
N GLN A 51 1.56 2.19 -8.22
CA GLN A 51 1.96 3.35 -8.97
C GLN A 51 1.13 3.43 -10.24
N SER A 52 1.09 4.61 -10.84
CA SER A 52 0.29 4.86 -12.03
C SER A 52 0.82 4.04 -13.24
N ASP A 53 2.04 3.55 -13.10
CA ASP A 53 2.70 2.74 -14.13
C ASP A 53 2.15 1.30 -14.14
N GLY A 54 1.47 0.93 -13.06
CA GLY A 54 0.87 -0.40 -13.00
C GLY A 54 1.69 -1.38 -12.22
N LEU A 55 2.67 -0.89 -11.52
CA LEU A 55 3.53 -1.72 -10.70
C LEU A 55 3.41 -1.25 -9.27
N THR A 56 3.74 -2.10 -8.33
CA THR A 56 3.62 -1.72 -6.94
C THR A 56 4.91 -2.03 -6.20
N TYR A 57 5.14 -1.33 -5.12
CA TYR A 57 6.30 -1.52 -4.29
C TYR A 57 5.85 -1.47 -2.85
N PHE A 58 6.50 -2.19 -1.98
CA PHE A 58 6.08 -2.19 -0.60
C PHE A 58 7.15 -1.62 0.28
N ILE A 59 6.72 -1.00 1.35
CA ILE A 59 7.64 -0.57 2.36
C ILE A 59 7.17 -1.27 3.63
N SER A 60 8.01 -2.08 4.21
CA SER A 60 7.60 -2.87 5.37
C SER A 60 7.80 -2.12 6.68
N LYS A 61 7.03 -2.51 7.69
CA LYS A 61 7.20 -2.01 9.04
C LYS A 61 8.45 -2.67 9.63
N PRO A 62 9.15 -1.98 10.58
CA PRO A 62 10.34 -2.52 11.24
C PRO A 62 10.01 -3.84 11.95
N THR A 63 10.89 -4.80 11.84
CA THR A 63 10.66 -6.10 12.41
C THR A 63 11.99 -6.61 13.04
N SER A 64 12.08 -7.90 13.35
CA SER A 64 13.29 -8.45 13.90
C SER A 64 14.19 -8.90 12.75
N ASP A 65 15.49 -9.09 13.02
CA ASP A 65 16.40 -9.55 11.96
C ASP A 65 15.98 -10.91 11.43
N ALA A 66 15.41 -11.74 12.29
CA ALA A 66 14.93 -13.08 11.94
C ALA A 66 13.81 -13.03 10.89
N GLN A 67 12.90 -12.11 11.08
CA GLN A 67 11.82 -11.93 10.14
C GLN A 67 12.31 -11.19 8.89
N LEU A 68 13.10 -10.16 9.13
CA LEU A 68 13.74 -9.34 8.09
C LEU A 68 14.53 -10.18 7.10
N LYS A 69 15.41 -11.00 7.63
CA LYS A 69 16.35 -11.77 6.86
C LYS A 69 15.68 -12.60 5.76
N ALA A 70 14.63 -13.30 6.12
CA ALA A 70 13.96 -14.19 5.21
C ALA A 70 13.27 -13.44 4.09
N MET A 71 12.67 -12.31 4.42
CA MET A 71 11.95 -11.55 3.46
C MET A 71 12.88 -10.85 2.48
N LYS A 72 14.00 -10.35 2.95
CA LYS A 72 14.93 -9.71 2.05
C LYS A 72 15.57 -10.74 1.13
N GLU A 73 15.76 -11.95 1.65
CA GLU A 73 16.21 -13.07 0.86
C GLU A 73 15.13 -13.47 -0.19
N TYR A 74 13.87 -13.22 0.14
CA TYR A 74 12.75 -13.47 -0.78
C TYR A 74 12.91 -12.62 -2.03
N LEU A 75 13.09 -11.32 -1.86
CA LEU A 75 13.26 -10.47 -3.02
C LEU A 75 14.55 -10.76 -3.71
N ASP A 76 15.52 -11.18 -2.94
CA ASP A 76 16.82 -11.59 -3.44
C ASP A 76 16.66 -12.78 -4.39
N ARG A 77 15.73 -13.71 -4.07
CA ARG A 77 15.53 -14.87 -4.92
C ARG A 77 14.77 -14.52 -6.16
N LYS A 78 14.01 -13.47 -6.06
CA LYS A 78 13.25 -13.00 -7.18
C LYS A 78 14.04 -12.04 -8.03
N GLY A 79 15.20 -11.68 -7.54
CA GLY A 79 16.07 -10.79 -8.23
C GLY A 79 15.53 -9.39 -8.27
N TRP A 80 14.58 -9.09 -7.40
CA TRP A 80 14.01 -7.76 -7.36
C TRP A 80 14.89 -6.85 -6.59
N TRP A 81 14.84 -5.60 -6.91
CA TRP A 81 15.59 -4.63 -6.22
C TRP A 81 14.87 -4.26 -4.93
N TYR A 82 15.62 -4.18 -3.86
CA TYR A 82 15.08 -3.81 -2.59
C TYR A 82 16.13 -3.09 -1.78
N GLU A 83 15.71 -2.50 -0.70
CA GLU A 83 16.59 -1.85 0.21
C GLU A 83 16.31 -2.35 1.58
N VAL A 84 17.34 -2.60 2.30
CA VAL A 84 17.23 -2.99 3.65
C VAL A 84 17.45 -1.77 4.48
N LYS A 85 16.44 -1.39 5.12
CA LYS A 85 16.41 -0.22 5.91
C LYS A 85 16.14 -0.56 7.32
N GLY B 1 2.72 4.65 13.20
CA GLY B 1 1.67 4.42 14.18
C GLY B 1 2.10 4.81 15.58
N SER B 2 3.23 4.27 16.02
CA SER B 2 3.74 4.57 17.34
C SER B 2 4.39 5.95 17.38
N ILE B 3 5.25 6.23 16.43
CA ILE B 3 5.85 7.55 16.34
C ILE B 3 5.05 8.38 15.39
N GLN B 4 5.11 9.67 15.52
CA GLN B 4 4.40 10.56 14.65
C GLN B 4 5.33 11.60 14.07
N LYS B 5 5.76 11.35 12.88
CA LYS B 5 6.60 12.23 12.12
C LYS B 5 5.89 12.48 10.81
N VAL B 6 5.17 13.56 10.75
CA VAL B 6 4.33 13.88 9.62
C VAL B 6 5.06 14.82 8.67
N LYS B 7 5.20 14.39 7.41
CA LYS B 7 5.84 15.19 6.35
C LYS B 7 5.75 14.51 4.99
N ASN B 8 5.79 13.19 4.99
CA ASN B 8 5.81 12.43 3.74
C ASN B 8 4.38 12.12 3.30
N GLY B 9 4.21 11.71 2.05
CA GLY B 9 2.91 11.28 1.57
C GLY B 9 2.06 12.42 1.05
N ASN B 10 1.95 13.50 1.83
CA ASN B 10 1.09 14.65 1.52
C ASN B 10 -0.36 14.34 1.83
N VAL B 11 -1.03 13.61 0.92
CA VAL B 11 -2.43 13.17 1.09
C VAL B 11 -3.33 14.41 1.44
N ALA B 12 -2.96 15.55 0.90
CA ALA B 12 -3.63 16.80 1.21
C ALA B 12 -4.98 16.90 0.54
N THR B 13 -6.01 16.54 1.29
CA THR B 13 -7.35 16.67 0.84
C THR B 13 -8.37 16.45 1.96
N THR B 14 -9.11 17.49 2.22
CA THR B 14 -10.25 17.54 3.11
C THR B 14 -11.18 18.51 2.39
N SER B 15 -11.05 18.44 1.08
CA SER B 15 -11.59 19.34 0.14
C SER B 15 -13.12 19.29 0.07
N PRO B 16 -13.76 20.47 -0.04
CA PRO B 16 -15.19 20.57 -0.34
C PRO B 16 -15.47 19.95 -1.70
N THR B 17 -16.72 19.53 -1.92
CA THR B 17 -17.12 18.83 -3.16
C THR B 17 -16.56 17.39 -3.09
N LYS B 18 -17.00 16.50 -3.94
CA LYS B 18 -16.48 15.16 -3.92
C LYS B 18 -14.99 15.17 -4.27
N GLN B 19 -14.28 14.27 -3.69
CA GLN B 19 -12.84 14.20 -3.84
C GLN B 19 -12.47 13.29 -5.01
N ASN B 20 -13.43 12.43 -5.38
CA ASN B 20 -13.32 11.45 -6.47
C ASN B 20 -12.36 10.36 -6.03
N ILE B 21 -12.36 10.13 -4.75
CA ILE B 21 -11.49 9.17 -4.10
C ILE B 21 -12.34 7.98 -3.57
N ILE B 22 -11.71 6.83 -3.43
CA ILE B 22 -12.35 5.66 -2.89
C ILE B 22 -11.39 4.96 -1.94
N GLN B 23 -11.90 4.46 -0.85
CA GLN B 23 -11.13 3.65 0.05
C GLN B 23 -11.88 2.35 0.16
N SER B 24 -11.19 1.25 0.17
CA SER B 24 -11.87 -0.01 0.28
C SER B 24 -11.70 -0.57 1.68
N GLY B 25 -12.42 -1.62 1.97
CA GLY B 25 -12.21 -2.34 3.18
C GLY B 25 -11.18 -3.41 2.96
N ALA B 26 -10.81 -4.11 3.99
CA ALA B 26 -9.81 -5.16 3.89
C ALA B 26 -10.35 -6.37 3.10
N PHE B 27 -9.73 -6.67 1.99
CA PHE B 27 -10.13 -7.78 1.15
C PHE B 27 -9.00 -8.79 0.97
N SER B 28 -9.30 -9.87 0.27
CA SER B 28 -8.38 -10.98 0.08
C SER B 28 -7.21 -10.61 -0.87
N PRO B 29 -5.97 -10.95 -0.48
CA PRO B 29 -4.75 -10.58 -1.21
C PRO B 29 -4.70 -11.06 -2.67
N TYR B 30 -5.37 -12.16 -2.99
CA TYR B 30 -5.31 -12.68 -4.34
C TYR B 30 -6.16 -11.83 -5.31
N GLU B 31 -7.06 -11.03 -4.78
CA GLU B 31 -7.89 -10.16 -5.60
C GLU B 31 -7.15 -8.86 -5.88
N THR B 32 -6.20 -8.56 -5.02
CA THR B 32 -5.38 -7.36 -5.04
C THR B 32 -4.72 -7.08 -6.44
N PRO B 33 -4.03 -8.08 -7.06
CA PRO B 33 -3.40 -7.91 -8.38
C PRO B 33 -4.40 -7.42 -9.43
N ASP B 34 -5.62 -7.93 -9.33
CA ASP B 34 -6.67 -7.57 -10.26
C ASP B 34 -7.14 -6.16 -9.99
N VAL B 35 -7.26 -5.82 -8.70
CA VAL B 35 -7.63 -4.47 -8.28
C VAL B 35 -6.57 -3.49 -8.79
N MET B 36 -5.31 -3.88 -8.68
CA MET B 36 -4.21 -3.07 -9.16
C MET B 36 -4.30 -2.87 -10.66
N GLY B 37 -4.73 -3.90 -11.36
CA GLY B 37 -4.94 -3.78 -12.79
C GLY B 37 -6.04 -2.79 -13.10
N ALA B 38 -7.15 -2.89 -12.35
CA ALA B 38 -8.27 -1.97 -12.49
C ALA B 38 -7.84 -0.53 -12.24
N LEU B 39 -7.12 -0.32 -11.14
CA LEU B 39 -6.61 0.99 -10.78
C LEU B 39 -5.71 1.55 -11.85
N THR B 40 -4.90 0.70 -12.43
CA THR B 40 -4.00 1.11 -13.47
C THR B 40 -4.77 1.42 -14.76
N SER B 41 -5.76 0.61 -15.07
CA SER B 41 -6.58 0.78 -16.27
C SER B 41 -7.42 2.06 -16.14
N LEU B 42 -7.80 2.37 -14.93
CA LEU B 42 -8.59 3.53 -14.63
C LEU B 42 -7.70 4.69 -14.21
N LYS B 43 -6.37 4.47 -14.30
CA LYS B 43 -5.32 5.47 -13.98
C LYS B 43 -5.51 6.12 -12.59
N MET B 44 -6.11 5.38 -11.69
CA MET B 44 -6.45 5.89 -10.37
C MET B 44 -5.25 5.95 -9.45
N THR B 45 -4.57 4.80 -9.27
CA THR B 45 -3.38 4.69 -8.40
C THR B 45 -3.80 4.74 -6.90
N ALA B 46 -3.43 3.74 -6.15
CA ALA B 46 -3.86 3.64 -4.76
C ALA B 46 -2.80 3.06 -3.85
N ASP B 47 -2.99 3.25 -2.58
CA ASP B 47 -2.11 2.73 -1.55
C ASP B 47 -2.75 1.51 -0.95
N PHE B 48 -2.13 0.38 -1.08
CA PHE B 48 -2.63 -0.84 -0.50
C PHE B 48 -1.94 -1.12 0.79
N ILE B 49 -2.65 -1.00 1.86
CA ILE B 49 -2.08 -1.27 3.14
C ILE B 49 -2.38 -2.70 3.53
N LEU B 50 -1.32 -3.47 3.65
CA LEU B 50 -1.42 -4.86 4.02
C LEU B 50 -1.41 -4.95 5.50
N GLN B 51 -2.38 -5.62 6.04
CA GLN B 51 -2.52 -5.78 7.46
C GLN B 51 -1.86 -7.08 7.92
N SER B 52 -1.52 -7.16 9.19
CA SER B 52 -0.85 -8.32 9.80
C SER B 52 -1.68 -9.62 9.66
N ASP B 53 -2.99 -9.46 9.44
CA ASP B 53 -3.89 -10.58 9.31
C ASP B 53 -3.84 -11.18 7.90
N GLY B 54 -3.27 -10.45 6.96
CA GLY B 54 -3.15 -10.96 5.60
C GLY B 54 -4.20 -10.46 4.67
N LEU B 55 -4.76 -9.31 4.97
CA LEU B 55 -5.74 -8.66 4.12
C LEU B 55 -5.24 -7.28 3.79
N THR B 56 -5.68 -6.72 2.70
CA THR B 56 -5.24 -5.42 2.33
C THR B 56 -6.43 -4.58 1.88
N TYR B 57 -6.27 -3.28 1.93
CA TYR B 57 -7.28 -2.34 1.49
C TYR B 57 -6.56 -1.21 0.80
N PHE B 58 -7.19 -0.58 -0.14
CA PHE B 58 -6.52 0.47 -0.84
C PHE B 58 -7.20 1.78 -0.62
N ILE B 59 -6.43 2.82 -0.65
CA ILE B 59 -6.96 4.14 -0.63
C ILE B 59 -6.47 4.78 -1.92
N SER B 60 -7.37 5.18 -2.77
CA SER B 60 -6.98 5.68 -4.08
C SER B 60 -6.74 7.18 -4.06
N LYS B 61 -5.91 7.64 -4.97
CA LYS B 61 -5.73 9.04 -5.23
C LYS B 61 -6.93 9.52 -6.03
N PRO B 62 -7.16 10.85 -6.14
CA PRO B 62 -8.27 11.39 -6.91
C PRO B 62 -8.14 11.06 -8.40
N THR B 63 -9.25 11.02 -9.06
CA THR B 63 -9.33 10.74 -10.45
C THR B 63 -10.60 11.43 -10.97
N SER B 64 -11.03 11.15 -12.17
CA SER B 64 -12.24 11.77 -12.67
C SER B 64 -13.43 10.92 -12.26
N ASP B 65 -14.64 11.48 -12.33
CA ASP B 65 -15.84 10.73 -11.93
C ASP B 65 -16.07 9.54 -12.87
N ALA B 66 -15.66 9.70 -14.11
CA ALA B 66 -15.78 8.66 -15.12
C ALA B 66 -14.89 7.46 -14.80
N GLN B 67 -13.71 7.72 -14.33
CA GLN B 67 -12.80 6.67 -13.93
C GLN B 67 -13.24 6.11 -12.57
N LEU B 68 -13.66 7.00 -11.70
CA LEU B 68 -14.19 6.70 -10.37
C LEU B 68 -15.39 5.75 -10.43
N LYS B 69 -16.36 6.08 -11.27
CA LYS B 69 -17.63 5.37 -11.37
C LYS B 69 -17.43 3.89 -11.63
N ALA B 70 -16.49 3.56 -12.50
CA ALA B 70 -16.24 2.19 -12.86
C ALA B 70 -15.60 1.42 -11.71
N MET B 71 -14.73 2.07 -10.96
CA MET B 71 -14.07 1.44 -9.88
C MET B 71 -15.00 1.16 -8.73
N LYS B 72 -15.93 2.08 -8.45
CA LYS B 72 -16.92 1.87 -7.40
C LYS B 72 -17.72 0.66 -7.75
N GLU B 73 -18.13 0.60 -9.01
CA GLU B 73 -18.87 -0.51 -9.55
C GLU B 73 -18.06 -1.82 -9.50
N TYR B 74 -16.75 -1.71 -9.58
CA TYR B 74 -15.88 -2.87 -9.48
C TYR B 74 -15.92 -3.44 -8.09
N LEU B 75 -15.74 -2.58 -7.11
CA LEU B 75 -15.75 -2.97 -5.72
C LEU B 75 -17.13 -3.47 -5.36
N ASP B 76 -18.11 -2.87 -5.99
CA ASP B 76 -19.50 -3.24 -5.84
C ASP B 76 -19.76 -4.63 -6.38
N ARG B 77 -19.17 -4.96 -7.53
CA ARG B 77 -19.38 -6.28 -8.12
C ARG B 77 -18.65 -7.33 -7.34
N LYS B 78 -17.61 -6.89 -6.64
CA LYS B 78 -16.89 -7.75 -5.75
C LYS B 78 -17.57 -7.85 -4.38
N GLY B 79 -18.54 -7.00 -4.16
CA GLY B 79 -19.28 -6.99 -2.92
C GLY B 79 -18.44 -6.55 -1.74
N TRP B 80 -17.41 -5.74 -1.99
CA TRP B 80 -16.53 -5.29 -0.93
C TRP B 80 -17.01 -3.94 -0.46
N TRP B 81 -16.79 -3.65 0.80
CA TRP B 81 -17.13 -2.36 1.33
C TRP B 81 -16.13 -1.32 0.83
N TYR B 82 -16.61 -0.14 0.58
CA TYR B 82 -15.78 0.94 0.15
C TYR B 82 -16.41 2.26 0.53
N GLU B 83 -15.67 3.32 0.34
CA GLU B 83 -16.14 4.65 0.59
C GLU B 83 -15.91 5.48 -0.61
N VAL B 84 -16.75 6.43 -0.81
CA VAL B 84 -16.67 7.33 -1.88
C VAL B 84 -16.41 8.68 -1.31
N LYS B 85 -15.31 9.18 -1.61
CA LYS B 85 -14.85 10.41 -1.13
C LYS B 85 -14.86 11.41 -2.21
N GLY A 1 15.10 -19.40 30.69
CA GLY A 1 16.15 -20.30 30.23
C GLY A 1 17.13 -20.60 31.33
N SER A 2 18.39 -20.56 31.02
CA SER A 2 19.42 -20.80 31.98
C SER A 2 20.56 -19.81 31.70
N ILE A 3 21.08 -19.19 32.75
CA ILE A 3 22.12 -18.21 32.60
C ILE A 3 23.29 -18.45 33.56
N GLN A 4 24.41 -18.90 33.02
CA GLN A 4 25.62 -19.06 33.80
C GLN A 4 26.41 -17.75 33.77
N LYS A 5 26.56 -17.23 32.58
CA LYS A 5 27.09 -15.91 32.33
C LYS A 5 26.18 -15.26 31.33
N VAL A 6 26.16 -15.87 30.13
CA VAL A 6 25.38 -15.42 29.00
C VAL A 6 25.71 -14.01 28.59
N LYS A 7 26.78 -13.91 27.86
CA LYS A 7 27.28 -12.67 27.36
C LYS A 7 27.30 -12.72 25.83
N ASN A 8 26.66 -13.76 25.31
CA ASN A 8 26.50 -13.93 23.88
C ASN A 8 25.60 -12.83 23.38
N GLY A 9 25.97 -12.23 22.29
CA GLY A 9 25.22 -11.10 21.81
C GLY A 9 25.85 -9.83 22.32
N ASN A 10 27.03 -10.00 22.93
CA ASN A 10 27.88 -8.92 23.44
C ASN A 10 27.27 -8.19 24.62
N VAL A 11 28.11 -7.74 25.50
CA VAL A 11 27.67 -6.96 26.61
C VAL A 11 27.43 -5.55 26.10
N ALA A 12 26.55 -4.80 26.76
CA ALA A 12 26.14 -3.45 26.35
C ALA A 12 25.22 -3.54 25.12
N THR A 13 24.79 -4.78 24.82
CA THR A 13 23.90 -5.10 23.71
C THR A 13 24.57 -4.88 22.34
N THR A 14 24.60 -5.92 21.52
CA THR A 14 25.09 -5.79 20.17
C THR A 14 24.11 -4.94 19.35
N SER A 15 24.52 -3.75 19.02
CA SER A 15 23.73 -2.88 18.19
C SER A 15 23.86 -3.30 16.73
N PRO A 16 22.73 -3.43 16.03
CA PRO A 16 22.72 -3.82 14.63
C PRO A 16 22.90 -2.62 13.70
N THR A 17 23.38 -2.86 12.51
CA THR A 17 23.55 -1.82 11.51
C THR A 17 22.29 -1.79 10.63
N LYS A 18 21.27 -2.39 11.14
CA LYS A 18 20.04 -2.52 10.42
C LYS A 18 18.86 -2.14 11.28
N GLN A 19 17.92 -1.53 10.63
CA GLN A 19 16.66 -1.09 11.21
C GLN A 19 15.62 -2.17 11.01
N ASN A 20 15.99 -3.16 10.18
CA ASN A 20 15.19 -4.34 9.88
C ASN A 20 14.00 -3.99 9.02
N ILE A 21 14.12 -2.89 8.33
CA ILE A 21 13.07 -2.42 7.46
C ILE A 21 13.48 -2.67 6.03
N ILE A 22 12.56 -2.98 5.19
CA ILE A 22 12.85 -3.23 3.79
C ILE A 22 11.87 -2.46 2.94
N GLN A 23 12.36 -1.85 1.88
CA GLN A 23 11.49 -1.27 0.92
C GLN A 23 11.83 -1.91 -0.39
N SER A 24 10.87 -2.22 -1.17
CA SER A 24 11.14 -2.83 -2.44
C SER A 24 11.02 -1.80 -3.53
N GLY A 25 11.40 -2.19 -4.72
CA GLY A 25 11.19 -1.38 -5.87
C GLY A 25 9.89 -1.76 -6.49
N ALA A 26 9.55 -1.11 -7.55
CA ALA A 26 8.34 -1.39 -8.28
C ALA A 26 8.42 -2.76 -8.97
N PHE A 27 7.55 -3.67 -8.58
CA PHE A 27 7.53 -5.00 -9.16
C PHE A 27 6.16 -5.35 -9.73
N SER A 28 6.09 -6.50 -10.40
CA SER A 28 4.89 -6.97 -11.05
C SER A 28 3.75 -7.25 -10.06
N PRO A 29 2.54 -6.71 -10.33
CA PRO A 29 1.35 -6.84 -9.48
C PRO A 29 0.96 -8.31 -9.19
N TYR A 30 1.28 -9.21 -10.10
CA TYR A 30 0.92 -10.62 -9.92
C TYR A 30 1.78 -11.33 -8.87
N GLU A 31 2.92 -10.76 -8.52
CA GLU A 31 3.79 -11.35 -7.50
C GLU A 31 3.41 -10.84 -6.13
N THR A 32 2.71 -9.73 -6.14
CA THR A 32 2.22 -9.05 -4.96
C THR A 32 1.46 -10.00 -3.96
N PRO A 33 0.49 -10.83 -4.44
CA PRO A 33 -0.24 -11.77 -3.58
C PRO A 33 0.69 -12.66 -2.76
N ASP A 34 1.75 -13.15 -3.38
CA ASP A 34 2.68 -14.02 -2.70
C ASP A 34 3.53 -13.22 -1.71
N VAL A 35 3.93 -12.00 -2.12
CA VAL A 35 4.67 -11.09 -1.24
C VAL A 35 3.86 -10.82 0.02
N MET A 36 2.56 -10.57 -0.16
CA MET A 36 1.65 -10.33 0.94
C MET A 36 1.56 -11.54 1.86
N GLY A 37 1.58 -12.72 1.26
CA GLY A 37 1.55 -13.95 2.03
C GLY A 37 2.80 -14.08 2.88
N ALA A 38 3.94 -13.70 2.30
CA ALA A 38 5.21 -13.75 3.00
C ALA A 38 5.20 -12.77 4.18
N LEU A 39 4.75 -11.53 3.92
CA LEU A 39 4.67 -10.49 4.95
C LEU A 39 3.77 -10.92 6.09
N THR A 40 2.68 -11.56 5.75
CA THR A 40 1.73 -12.04 6.72
C THR A 40 2.34 -13.16 7.59
N SER A 41 3.09 -14.03 6.94
CA SER A 41 3.72 -15.15 7.62
C SER A 41 4.89 -14.66 8.47
N LEU A 42 5.55 -13.64 8.00
CA LEU A 42 6.69 -13.05 8.70
C LEU A 42 6.24 -11.92 9.61
N LYS A 43 4.92 -11.75 9.74
CA LYS A 43 4.29 -10.75 10.64
C LYS A 43 4.85 -9.33 10.41
N MET A 44 5.34 -9.09 9.22
CA MET A 44 6.03 -7.84 8.90
C MET A 44 5.05 -6.71 8.65
N THR A 45 4.17 -6.91 7.68
CA THR A 45 3.17 -5.93 7.26
C THR A 45 3.82 -4.75 6.49
N ALA A 46 3.27 -4.45 5.33
CA ALA A 46 3.83 -3.41 4.50
C ALA A 46 2.74 -2.66 3.76
N ASP A 47 3.10 -1.49 3.29
CA ASP A 47 2.21 -0.66 2.50
C ASP A 47 2.60 -0.79 1.05
N PHE A 48 1.69 -1.24 0.23
CA PHE A 48 1.91 -1.41 -1.19
C PHE A 48 1.33 -0.26 -1.96
N ILE A 49 2.17 0.54 -2.54
CA ILE A 49 1.69 1.64 -3.34
C ILE A 49 1.63 1.23 -4.78
N LEU A 50 0.44 1.22 -5.33
CA LEU A 50 0.23 0.87 -6.71
C LEU A 50 0.29 2.10 -7.52
N GLN A 51 1.20 2.10 -8.44
CA GLN A 51 1.47 3.25 -9.27
C GLN A 51 0.67 3.15 -10.56
N SER A 52 0.51 4.26 -11.24
CA SER A 52 -0.26 4.33 -12.48
C SER A 52 0.45 3.58 -13.62
N ASP A 53 1.72 3.31 -13.40
CA ASP A 53 2.56 2.61 -14.36
C ASP A 53 2.25 1.10 -14.32
N GLY A 54 1.52 0.68 -13.30
CA GLY A 54 1.09 -0.70 -13.21
C GLY A 54 1.92 -1.57 -12.32
N LEU A 55 2.82 -0.97 -11.59
CA LEU A 55 3.68 -1.71 -10.69
C LEU A 55 3.47 -1.22 -9.29
N THR A 56 3.82 -2.02 -8.32
CA THR A 56 3.66 -1.64 -6.95
C THR A 56 4.96 -1.93 -6.20
N TYR A 57 5.11 -1.32 -5.06
CA TYR A 57 6.25 -1.51 -4.21
C TYR A 57 5.78 -1.44 -2.78
N PHE A 58 6.42 -2.14 -1.90
CA PHE A 58 5.99 -2.15 -0.54
C PHE A 58 7.02 -1.55 0.36
N ILE A 59 6.56 -0.88 1.38
CA ILE A 59 7.42 -0.38 2.39
C ILE A 59 7.02 -1.13 3.66
N SER A 60 7.92 -1.90 4.23
CA SER A 60 7.57 -2.72 5.39
C SER A 60 7.83 -1.99 6.68
N LYS A 61 7.07 -2.36 7.69
CA LYS A 61 7.27 -1.86 9.02
C LYS A 61 8.48 -2.61 9.62
N PRO A 62 9.11 -2.08 10.69
CA PRO A 62 10.24 -2.73 11.35
C PRO A 62 9.83 -4.08 11.98
N THR A 63 10.79 -4.96 12.11
CA THR A 63 10.56 -6.28 12.65
C THR A 63 11.91 -6.84 13.14
N SER A 64 11.98 -8.12 13.43
CA SER A 64 13.24 -8.72 13.87
C SER A 64 14.05 -9.18 12.65
N ASP A 65 15.36 -9.40 12.83
CA ASP A 65 16.22 -9.86 11.73
C ASP A 65 15.75 -11.22 11.23
N ALA A 66 15.15 -12.00 12.12
CA ALA A 66 14.57 -13.30 11.81
C ALA A 66 13.54 -13.19 10.70
N GLN A 67 12.68 -12.21 10.81
CA GLN A 67 11.64 -11.99 9.82
C GLN A 67 12.27 -11.33 8.60
N LEU A 68 13.07 -10.30 8.88
CA LEU A 68 13.78 -9.51 7.89
C LEU A 68 14.53 -10.39 6.91
N LYS A 69 15.35 -11.28 7.45
CA LYS A 69 16.24 -12.12 6.67
C LYS A 69 15.49 -12.91 5.63
N ALA A 70 14.36 -13.46 6.00
CA ALA A 70 13.58 -14.29 5.11
C ALA A 70 12.98 -13.47 3.98
N MET A 71 12.52 -12.28 4.30
CA MET A 71 11.92 -11.44 3.33
C MET A 71 12.96 -10.88 2.35
N LYS A 72 14.09 -10.44 2.86
CA LYS A 72 15.13 -9.97 1.98
C LYS A 72 15.71 -11.06 1.10
N GLU A 73 15.77 -12.29 1.62
CA GLU A 73 16.15 -13.44 0.80
C GLU A 73 15.12 -13.63 -0.32
N TYR A 74 13.84 -13.49 0.02
CA TYR A 74 12.73 -13.62 -0.93
C TYR A 74 12.87 -12.65 -2.09
N LEU A 75 13.10 -11.40 -1.77
CA LEU A 75 13.23 -10.36 -2.76
C LEU A 75 14.43 -10.60 -3.65
N ASP A 76 15.47 -11.20 -3.07
CA ASP A 76 16.66 -11.55 -3.81
C ASP A 76 16.37 -12.72 -4.74
N ARG A 77 15.48 -13.62 -4.30
CA ARG A 77 15.11 -14.77 -5.11
C ARG A 77 14.37 -14.29 -6.32
N LYS A 78 13.64 -13.22 -6.13
CA LYS A 78 12.84 -12.64 -7.18
C LYS A 78 13.64 -11.69 -8.05
N GLY A 79 14.84 -11.38 -7.63
CA GLY A 79 15.69 -10.50 -8.40
C GLY A 79 15.15 -9.06 -8.46
N TRP A 80 14.42 -8.66 -7.44
CA TRP A 80 13.87 -7.33 -7.41
C TRP A 80 14.81 -6.41 -6.67
N TRP A 81 14.75 -5.15 -6.97
CA TRP A 81 15.50 -4.17 -6.24
C TRP A 81 14.80 -3.93 -4.90
N TYR A 82 15.57 -3.76 -3.86
CA TYR A 82 15.04 -3.48 -2.55
C TYR A 82 16.12 -2.87 -1.71
N GLU A 83 15.75 -2.32 -0.59
CA GLU A 83 16.70 -1.75 0.32
C GLU A 83 16.48 -2.30 1.68
N VAL A 84 17.54 -2.63 2.34
CA VAL A 84 17.48 -3.07 3.68
C VAL A 84 17.91 -1.94 4.56
N LYS A 85 17.01 -1.48 5.35
CA LYS A 85 17.31 -0.45 6.30
C LYS A 85 17.63 -1.07 7.59
N GLY B 1 -14.82 21.54 -28.73
CA GLY B 1 -15.45 21.24 -30.00
C GLY B 1 -16.31 22.38 -30.47
N SER B 2 -17.01 22.17 -31.56
CA SER B 2 -17.86 23.17 -32.13
C SER B 2 -19.24 23.06 -31.49
N ILE B 3 -19.81 24.18 -31.12
CA ILE B 3 -21.12 24.22 -30.48
C ILE B 3 -21.91 25.40 -31.01
N GLN B 4 -23.22 25.27 -30.99
CA GLN B 4 -24.07 26.38 -31.34
C GLN B 4 -24.31 27.15 -30.04
N LYS B 5 -24.85 26.45 -29.07
CA LYS B 5 -24.95 26.95 -27.70
C LYS B 5 -24.42 25.84 -26.82
N VAL B 6 -25.19 24.77 -26.74
CA VAL B 6 -24.88 23.54 -26.01
C VAL B 6 -24.52 23.80 -24.53
N LYS B 7 -25.55 24.01 -23.74
CA LYS B 7 -25.38 24.22 -22.33
C LYS B 7 -26.42 23.41 -21.55
N ASN B 8 -25.97 22.34 -20.96
CA ASN B 8 -26.82 21.44 -20.17
C ASN B 8 -26.05 20.98 -18.97
N GLY B 9 -26.70 20.27 -18.08
CA GLY B 9 -26.03 19.76 -16.90
C GLY B 9 -25.71 20.86 -15.92
N ASN B 10 -26.72 21.67 -15.62
CA ASN B 10 -26.65 22.78 -14.67
C ASN B 10 -25.81 23.94 -15.17
N VAL B 11 -25.78 25.00 -14.40
CA VAL B 11 -25.01 26.17 -14.76
C VAL B 11 -23.88 26.40 -13.77
N ALA B 12 -23.02 27.37 -14.08
CA ALA B 12 -21.86 27.76 -13.24
C ALA B 12 -20.81 26.66 -13.17
N THR B 13 -20.91 25.71 -14.11
CA THR B 13 -20.03 24.57 -14.21
C THR B 13 -20.28 23.55 -13.09
N THR B 14 -20.53 22.32 -13.47
CA THR B 14 -20.80 21.29 -12.52
C THR B 14 -19.51 20.81 -11.83
N SER B 15 -19.33 21.25 -10.61
CA SER B 15 -18.23 20.81 -9.80
C SER B 15 -18.57 19.41 -9.30
N PRO B 16 -17.57 18.50 -9.20
CA PRO B 16 -17.82 17.12 -8.76
C PRO B 16 -18.60 17.08 -7.44
N THR B 17 -19.59 16.24 -7.37
CA THR B 17 -20.43 16.13 -6.17
C THR B 17 -19.92 14.95 -5.32
N LYS B 18 -18.76 14.53 -5.66
CA LYS B 18 -18.09 13.42 -5.05
C LYS B 18 -16.60 13.65 -5.02
N GLN B 19 -15.91 12.80 -4.32
CA GLN B 19 -14.47 12.91 -4.18
C GLN B 19 -13.80 12.09 -5.29
N ASN B 20 -14.55 11.10 -5.79
CA ASN B 20 -14.12 10.18 -6.85
C ASN B 20 -13.08 9.23 -6.31
N ILE B 21 -13.23 8.93 -5.06
CA ILE B 21 -12.35 8.08 -4.31
C ILE B 21 -13.10 6.80 -3.92
N ILE B 22 -12.39 5.73 -3.77
CA ILE B 22 -12.94 4.48 -3.30
C ILE B 22 -12.01 3.91 -2.25
N GLN B 23 -12.55 3.53 -1.13
CA GLN B 23 -11.77 2.96 -0.07
C GLN B 23 -12.40 1.60 0.23
N SER B 24 -11.66 0.51 0.03
CA SER B 24 -12.22 -0.82 0.14
C SER B 24 -11.92 -1.49 1.47
N GLY B 25 -12.64 -2.55 1.76
CA GLY B 25 -12.38 -3.33 2.91
C GLY B 25 -11.30 -4.32 2.61
N ALA B 26 -10.79 -4.96 3.63
CA ALA B 26 -9.75 -5.95 3.48
C ALA B 26 -10.24 -7.16 2.70
N PHE B 27 -9.58 -7.47 1.62
CA PHE B 27 -9.92 -8.59 0.77
C PHE B 27 -8.73 -9.52 0.56
N SER B 28 -8.99 -10.64 -0.10
CA SER B 28 -8.02 -11.67 -0.36
C SER B 28 -6.84 -11.16 -1.22
N PRO B 29 -5.58 -11.46 -0.78
CA PRO B 29 -4.36 -11.03 -1.48
C PRO B 29 -4.27 -11.53 -2.92
N TYR B 30 -4.88 -12.67 -3.21
CA TYR B 30 -4.82 -13.24 -4.55
C TYR B 30 -5.72 -12.47 -5.54
N GLU B 31 -6.65 -11.68 -5.02
CA GLU B 31 -7.54 -10.88 -5.87
C GLU B 31 -6.86 -9.56 -6.22
N THR B 32 -5.88 -9.21 -5.40
CA THR B 32 -5.12 -7.98 -5.50
C THR B 32 -4.52 -7.72 -6.92
N PRO B 33 -3.83 -8.71 -7.57
CA PRO B 33 -3.28 -8.54 -8.93
C PRO B 33 -4.32 -8.04 -9.92
N ASP B 34 -5.51 -8.62 -9.85
CA ASP B 34 -6.62 -8.25 -10.71
C ASP B 34 -7.05 -6.82 -10.42
N VAL B 35 -7.15 -6.48 -9.14
CA VAL B 35 -7.49 -5.14 -8.70
C VAL B 35 -6.44 -4.13 -9.20
N MET B 36 -5.16 -4.47 -9.02
CA MET B 36 -4.07 -3.61 -9.44
C MET B 36 -4.07 -3.38 -10.94
N GLY B 37 -4.36 -4.44 -11.69
CA GLY B 37 -4.46 -4.31 -13.13
C GLY B 37 -5.54 -3.33 -13.52
N ALA B 38 -6.69 -3.44 -12.86
CA ALA B 38 -7.81 -2.54 -13.09
C ALA B 38 -7.41 -1.09 -12.81
N LEU B 39 -6.80 -0.87 -11.64
CA LEU B 39 -6.36 0.47 -11.23
C LEU B 39 -5.36 1.04 -12.23
N THR B 40 -4.58 0.17 -12.83
CA THR B 40 -3.61 0.57 -13.82
C THR B 40 -4.30 1.05 -15.08
N SER B 41 -5.21 0.25 -15.58
CA SER B 41 -5.93 0.53 -16.81
C SER B 41 -6.88 1.71 -16.61
N LEU B 42 -7.42 1.83 -15.42
CA LEU B 42 -8.32 2.90 -15.07
C LEU B 42 -7.56 4.11 -14.54
N LYS B 43 -6.22 4.03 -14.57
CA LYS B 43 -5.32 5.14 -14.17
C LYS B 43 -5.66 5.71 -12.78
N MET B 44 -6.20 4.87 -11.94
CA MET B 44 -6.68 5.30 -10.63
C MET B 44 -5.57 5.48 -9.61
N THR B 45 -4.78 4.42 -9.39
CA THR B 45 -3.68 4.42 -8.41
C THR B 45 -4.24 4.40 -6.96
N ALA B 46 -3.79 3.44 -6.20
CA ALA B 46 -4.29 3.23 -4.87
C ALA B 46 -3.21 2.77 -3.93
N ASP B 47 -3.43 3.01 -2.69
CA ASP B 47 -2.55 2.56 -1.65
C ASP B 47 -3.13 1.31 -1.03
N PHE B 48 -2.43 0.22 -1.17
CA PHE B 48 -2.84 -1.05 -0.63
C PHE B 48 -2.17 -1.28 0.69
N ILE B 49 -2.94 -1.33 1.72
CA ILE B 49 -2.39 -1.60 3.01
C ILE B 49 -2.61 -3.06 3.33
N LEU B 50 -1.53 -3.75 3.56
CA LEU B 50 -1.57 -5.14 3.90
C LEU B 50 -1.74 -5.26 5.37
N GLN B 51 -2.73 -6.00 5.76
CA GLN B 51 -3.05 -6.20 7.14
C GLN B 51 -2.39 -7.48 7.62
N SER B 52 -2.14 -7.58 8.92
CA SER B 52 -1.41 -8.71 9.50
C SER B 52 -2.25 -10.00 9.43
N ASP B 53 -3.53 -9.83 9.19
CA ASP B 53 -4.46 -10.95 9.11
C ASP B 53 -4.32 -11.69 7.76
N GLY B 54 -3.64 -11.05 6.81
CA GLY B 54 -3.43 -11.67 5.52
C GLY B 54 -4.41 -11.20 4.49
N LEU B 55 -4.86 -9.98 4.64
CA LEU B 55 -5.78 -9.35 3.73
C LEU B 55 -5.31 -7.95 3.46
N THR B 56 -5.70 -7.38 2.36
CA THR B 56 -5.28 -6.03 2.05
C THR B 56 -6.47 -5.23 1.53
N TYR B 57 -6.38 -3.93 1.63
CA TYR B 57 -7.42 -3.04 1.17
C TYR B 57 -6.76 -1.89 0.49
N PHE B 58 -7.47 -1.18 -0.35
CA PHE B 58 -6.86 -0.09 -1.04
C PHE B 58 -7.64 1.18 -0.86
N ILE B 59 -6.96 2.26 -1.08
CA ILE B 59 -7.54 3.57 -1.09
C ILE B 59 -7.18 4.15 -2.44
N SER B 60 -8.14 4.44 -3.25
CA SER B 60 -7.85 4.98 -4.55
C SER B 60 -7.95 6.47 -4.55
N LYS B 61 -6.96 7.12 -5.11
CA LYS B 61 -6.93 8.55 -5.15
C LYS B 61 -7.90 9.11 -6.19
N PRO B 62 -8.43 10.34 -5.95
CA PRO B 62 -9.49 10.97 -6.77
C PRO B 62 -9.19 10.96 -8.27
N THR B 63 -10.07 10.34 -9.01
CA THR B 63 -9.95 10.22 -10.43
C THR B 63 -11.25 10.78 -11.08
N SER B 64 -11.55 10.40 -12.28
CA SER B 64 -12.77 10.84 -12.93
C SER B 64 -13.89 9.85 -12.62
N ASP B 65 -15.16 10.30 -12.73
CA ASP B 65 -16.31 9.42 -12.49
C ASP B 65 -16.29 8.20 -13.42
N ALA B 66 -15.80 8.40 -14.63
CA ALA B 66 -15.66 7.34 -15.64
C ALA B 66 -14.74 6.22 -15.17
N GLN B 67 -13.67 6.58 -14.48
CA GLN B 67 -12.76 5.58 -13.95
C GLN B 67 -13.38 4.97 -12.70
N LEU B 68 -13.86 5.85 -11.85
CA LEU B 68 -14.52 5.51 -10.59
C LEU B 68 -15.60 4.46 -10.80
N LYS B 69 -16.49 4.76 -11.73
CA LYS B 69 -17.66 3.94 -11.99
C LYS B 69 -17.29 2.51 -12.32
N ALA B 70 -16.27 2.32 -13.14
CA ALA B 70 -15.86 1.01 -13.57
C ALA B 70 -15.29 0.19 -12.44
N MET B 71 -14.53 0.84 -11.57
CA MET B 71 -13.91 0.19 -10.49
C MET B 71 -14.91 -0.18 -9.40
N LYS B 72 -15.80 0.75 -9.08
CA LYS B 72 -16.82 0.43 -8.09
C LYS B 72 -17.77 -0.68 -8.54
N GLU B 73 -18.02 -0.74 -9.85
CA GLU B 73 -18.75 -1.87 -10.42
C GLU B 73 -17.99 -3.17 -10.15
N TYR B 74 -16.67 -3.13 -10.38
CA TYR B 74 -15.78 -4.28 -10.18
C TYR B 74 -15.84 -4.78 -8.74
N LEU B 75 -15.70 -3.88 -7.80
CA LEU B 75 -15.69 -4.21 -6.39
C LEU B 75 -17.02 -4.82 -5.98
N ASP B 76 -18.08 -4.32 -6.59
CA ASP B 76 -19.41 -4.84 -6.36
C ASP B 76 -19.55 -6.25 -6.88
N ARG B 77 -18.86 -6.55 -7.98
CA ARG B 77 -18.93 -7.88 -8.58
C ARG B 77 -18.27 -8.87 -7.65
N LYS B 78 -17.30 -8.37 -6.91
CA LYS B 78 -16.56 -9.19 -5.98
C LYS B 78 -17.28 -9.29 -4.64
N GLY B 79 -18.30 -8.50 -4.47
CA GLY B 79 -19.05 -8.51 -3.23
C GLY B 79 -18.25 -7.98 -2.04
N TRP B 80 -17.19 -7.22 -2.30
CA TRP B 80 -16.35 -6.70 -1.23
C TRP B 80 -16.96 -5.43 -0.69
N TRP B 81 -16.64 -5.11 0.52
CA TRP B 81 -17.06 -3.86 1.08
C TRP B 81 -16.15 -2.76 0.56
N TYR B 82 -16.73 -1.62 0.28
CA TYR B 82 -16.00 -0.48 -0.18
C TYR B 82 -16.87 0.73 -0.02
N GLU B 83 -16.29 1.88 -0.18
CA GLU B 83 -17.04 3.10 -0.09
C GLU B 83 -16.76 3.93 -1.29
N VAL B 84 -17.76 4.60 -1.73
CA VAL B 84 -17.67 5.51 -2.81
C VAL B 84 -17.62 6.87 -2.21
N LYS B 85 -16.55 7.48 -2.39
CA LYS B 85 -16.29 8.75 -1.82
C LYS B 85 -16.20 9.77 -2.89
N GLY A 1 8.00 27.33 6.94
CA GLY A 1 6.80 26.76 6.35
C GLY A 1 5.80 26.40 7.42
N SER A 2 4.57 26.82 7.22
CA SER A 2 3.53 26.51 8.15
C SER A 2 2.85 25.23 7.70
N ILE A 3 3.05 24.18 8.45
CA ILE A 3 2.50 22.91 8.11
C ILE A 3 1.56 22.47 9.20
N GLN A 4 0.31 22.80 9.06
CA GLN A 4 -0.67 22.41 10.01
C GLN A 4 -1.77 21.59 9.36
N LYS A 5 -1.47 20.32 9.24
CA LYS A 5 -2.33 19.33 8.61
C LYS A 5 -2.26 18.10 9.50
N VAL A 6 -2.76 16.97 9.04
CA VAL A 6 -2.67 15.74 9.83
C VAL A 6 -1.19 15.37 10.07
N LYS A 7 -0.80 15.41 11.32
CA LYS A 7 0.56 15.12 11.71
C LYS A 7 0.74 13.61 11.74
N ASN A 8 1.77 13.10 11.07
CA ASN A 8 1.96 11.66 11.01
C ASN A 8 2.82 11.17 12.18
N GLY A 9 2.43 10.06 12.75
CA GLY A 9 3.13 9.49 13.87
C GLY A 9 4.31 8.65 13.41
N ASN A 10 5.42 9.28 13.18
CA ASN A 10 6.63 8.59 12.78
C ASN A 10 7.80 9.15 13.56
N VAL A 11 8.36 8.35 14.43
CA VAL A 11 9.46 8.80 15.24
C VAL A 11 10.79 8.37 14.62
N ALA A 12 11.81 9.15 14.83
CA ALA A 12 13.13 8.83 14.36
C ALA A 12 13.92 8.20 15.49
N THR A 13 14.65 7.17 15.18
CA THR A 13 15.47 6.52 16.16
C THR A 13 16.72 7.41 16.40
N THR A 14 16.88 7.87 17.63
CA THR A 14 17.96 8.77 18.00
C THR A 14 19.34 8.11 17.79
N SER A 15 19.47 6.87 18.18
CA SER A 15 20.71 6.14 17.97
C SER A 15 20.62 5.41 16.63
N PRO A 16 21.64 5.51 15.77
CA PRO A 16 21.61 4.84 14.47
C PRO A 16 21.63 3.32 14.61
N THR A 17 20.76 2.66 13.90
CA THR A 17 20.61 1.22 13.91
C THR A 17 20.04 0.81 12.58
N LYS A 18 19.87 -0.46 12.34
CA LYS A 18 19.14 -0.87 11.19
C LYS A 18 17.67 -0.74 11.48
N GLN A 19 16.95 -0.14 10.56
CA GLN A 19 15.53 0.08 10.72
C GLN A 19 14.75 -1.22 10.66
N ASN A 20 15.35 -2.23 9.97
CA ASN A 20 14.73 -3.59 9.80
C ASN A 20 13.54 -3.47 8.91
N ILE A 21 13.63 -2.51 8.05
CA ILE A 21 12.60 -2.20 7.11
C ILE A 21 13.13 -2.51 5.71
N ILE A 22 12.27 -2.80 4.78
CA ILE A 22 12.66 -3.06 3.41
C ILE A 22 11.79 -2.23 2.50
N GLN A 23 12.40 -1.60 1.54
CA GLN A 23 11.67 -0.82 0.59
C GLN A 23 12.06 -1.43 -0.77
N SER A 24 11.09 -1.99 -1.48
CA SER A 24 11.37 -2.69 -2.72
C SER A 24 11.15 -1.83 -3.94
N GLY A 25 11.65 -2.27 -5.08
CA GLY A 25 11.39 -1.59 -6.31
C GLY A 25 10.01 -1.95 -6.83
N ALA A 26 9.62 -1.33 -7.90
CA ALA A 26 8.33 -1.58 -8.49
C ALA A 26 8.28 -2.95 -9.17
N PHE A 27 7.39 -3.80 -8.69
CA PHE A 27 7.20 -5.14 -9.24
C PHE A 27 5.80 -5.32 -9.77
N SER A 28 5.61 -6.37 -10.56
CA SER A 28 4.34 -6.67 -11.19
C SER A 28 3.24 -7.03 -10.17
N PRO A 29 2.02 -6.47 -10.38
CA PRO A 29 0.87 -6.64 -9.48
C PRO A 29 0.48 -8.10 -9.19
N TYR A 30 0.74 -9.01 -10.12
CA TYR A 30 0.36 -10.41 -9.90
C TYR A 30 1.28 -11.10 -8.88
N GLU A 31 2.44 -10.51 -8.63
CA GLU A 31 3.39 -11.05 -7.65
C GLU A 31 3.03 -10.60 -6.25
N THR A 32 2.27 -9.55 -6.19
CA THR A 32 1.84 -8.91 -4.97
C THR A 32 1.23 -9.89 -3.93
N PRO A 33 0.23 -10.74 -4.31
CA PRO A 33 -0.38 -11.73 -3.40
C PRO A 33 0.66 -12.61 -2.73
N ASP A 34 1.67 -13.01 -3.49
CA ASP A 34 2.72 -13.87 -2.97
C ASP A 34 3.64 -13.10 -2.05
N VAL A 35 3.92 -11.85 -2.38
CA VAL A 35 4.76 -11.02 -1.53
C VAL A 35 4.03 -10.72 -0.23
N MET A 36 2.72 -10.45 -0.32
CA MET A 36 1.89 -10.23 0.85
C MET A 36 1.84 -11.48 1.71
N GLY A 37 1.84 -12.62 1.05
CA GLY A 37 1.87 -13.89 1.75
C GLY A 37 3.13 -14.06 2.56
N ALA A 38 4.26 -13.67 1.99
CA ALA A 38 5.54 -13.73 2.68
C ALA A 38 5.52 -12.86 3.91
N LEU A 39 5.10 -11.62 3.73
CA LEU A 39 5.01 -10.65 4.80
C LEU A 39 4.11 -11.13 5.91
N THR A 40 2.96 -11.65 5.53
CA THR A 40 2.01 -12.17 6.48
C THR A 40 2.57 -13.37 7.26
N SER A 41 3.25 -14.26 6.57
CA SER A 41 3.81 -15.46 7.19
C SER A 41 4.94 -15.07 8.14
N LEU A 42 5.60 -13.99 7.82
CA LEU A 42 6.69 -13.48 8.63
C LEU A 42 6.18 -12.48 9.65
N LYS A 43 4.88 -12.18 9.58
CA LYS A 43 4.19 -11.23 10.48
C LYS A 43 4.84 -9.84 10.43
N MET A 44 5.39 -9.49 9.27
CA MET A 44 6.10 -8.23 9.12
C MET A 44 5.16 -7.09 8.80
N THR A 45 4.31 -7.30 7.80
CA THR A 45 3.32 -6.31 7.37
C THR A 45 3.99 -5.13 6.61
N ALA A 46 3.44 -4.77 5.47
CA ALA A 46 4.01 -3.71 4.65
C ALA A 46 2.93 -2.89 3.99
N ASP A 47 3.31 -1.73 3.57
CA ASP A 47 2.45 -0.84 2.84
C ASP A 47 2.82 -0.96 1.37
N PHE A 48 1.89 -1.36 0.56
CA PHE A 48 2.11 -1.52 -0.87
C PHE A 48 1.56 -0.33 -1.62
N ILE A 49 2.43 0.44 -2.19
CA ILE A 49 2.00 1.59 -2.94
C ILE A 49 1.90 1.21 -4.40
N LEU A 50 0.74 1.35 -4.94
CA LEU A 50 0.49 1.09 -6.32
C LEU A 50 0.80 2.33 -7.08
N GLN A 51 1.62 2.19 -8.07
CA GLN A 51 2.07 3.30 -8.87
C GLN A 51 1.19 3.39 -10.11
N SER A 52 1.15 4.55 -10.73
CA SER A 52 0.26 4.79 -11.88
C SER A 52 0.76 4.00 -13.10
N ASP A 53 1.99 3.54 -13.01
CA ASP A 53 2.64 2.77 -14.06
C ASP A 53 2.12 1.33 -14.09
N GLY A 54 1.42 0.93 -13.04
CA GLY A 54 0.85 -0.41 -13.00
C GLY A 54 1.70 -1.40 -12.27
N LEU A 55 2.54 -0.90 -11.41
CA LEU A 55 3.41 -1.73 -10.61
C LEU A 55 3.31 -1.26 -9.18
N THR A 56 3.70 -2.07 -8.24
CA THR A 56 3.62 -1.69 -6.85
C THR A 56 4.94 -2.03 -6.14
N TYR A 57 5.14 -1.44 -4.99
CA TYR A 57 6.32 -1.66 -4.20
C TYR A 57 5.90 -1.62 -2.75
N PHE A 58 6.62 -2.29 -1.87
CA PHE A 58 6.21 -2.31 -0.51
C PHE A 58 7.26 -1.76 0.39
N ILE A 59 6.83 -1.25 1.49
CA ILE A 59 7.71 -0.81 2.52
C ILE A 59 7.25 -1.56 3.74
N SER A 60 8.08 -2.38 4.28
CA SER A 60 7.69 -3.17 5.41
C SER A 60 7.81 -2.40 6.69
N LYS A 61 6.93 -2.67 7.59
CA LYS A 61 6.96 -2.06 8.87
C LYS A 61 8.06 -2.73 9.70
N PRO A 62 8.70 -1.98 10.62
CA PRO A 62 9.83 -2.48 11.43
C PRO A 62 9.55 -3.85 12.06
N THR A 63 10.54 -4.70 12.06
CA THR A 63 10.41 -6.03 12.55
C THR A 63 11.77 -6.50 13.10
N SER A 64 11.92 -7.76 13.38
CA SER A 64 13.17 -8.30 13.87
C SER A 64 14.02 -8.74 12.70
N ASP A 65 15.31 -8.88 12.92
CA ASP A 65 16.24 -9.26 11.86
C ASP A 65 15.92 -10.67 11.31
N ALA A 66 15.46 -11.53 12.19
CA ALA A 66 15.09 -12.90 11.85
C ALA A 66 13.87 -12.96 10.94
N GLN A 67 12.91 -12.08 11.15
CA GLN A 67 11.75 -11.98 10.29
C GLN A 67 12.15 -11.28 8.99
N LEU A 68 12.88 -10.18 9.17
CA LEU A 68 13.40 -9.35 8.08
C LEU A 68 14.18 -10.16 7.05
N LYS A 69 15.06 -11.01 7.53
CA LYS A 69 15.97 -11.76 6.69
C LYS A 69 15.24 -12.54 5.60
N ALA A 70 14.18 -13.23 5.96
CA ALA A 70 13.45 -14.07 5.04
C ALA A 70 12.75 -13.25 3.97
N MET A 71 12.35 -12.05 4.32
CA MET A 71 11.68 -11.15 3.38
C MET A 71 12.69 -10.65 2.35
N LYS A 72 13.89 -10.32 2.81
CA LYS A 72 14.95 -9.87 1.91
C LYS A 72 15.31 -11.00 1.00
N GLU A 73 15.53 -12.16 1.60
CA GLU A 73 15.88 -13.38 0.89
C GLU A 73 14.83 -13.77 -0.12
N TYR A 74 13.58 -13.43 0.17
CA TYR A 74 12.48 -13.67 -0.76
C TYR A 74 12.73 -12.88 -2.03
N LEU A 75 12.94 -11.59 -1.85
CA LEU A 75 13.16 -10.66 -2.94
C LEU A 75 14.43 -11.04 -3.67
N ASP A 76 15.39 -11.51 -2.90
CA ASP A 76 16.68 -11.99 -3.38
C ASP A 76 16.51 -13.16 -4.34
N ARG A 77 15.52 -14.03 -4.07
CA ARG A 77 15.33 -15.20 -4.91
C ARG A 77 14.66 -14.76 -6.20
N LYS A 78 13.95 -13.65 -6.12
CA LYS A 78 13.28 -13.12 -7.27
C LYS A 78 14.13 -12.15 -8.05
N GLY A 79 15.28 -11.86 -7.49
CA GLY A 79 16.21 -10.96 -8.12
C GLY A 79 15.69 -9.54 -8.18
N TRP A 80 14.73 -9.23 -7.34
CA TRP A 80 14.19 -7.89 -7.34
C TRP A 80 15.09 -6.97 -6.54
N TRP A 81 15.03 -5.72 -6.86
CA TRP A 81 15.77 -4.71 -6.16
C TRP A 81 15.03 -4.28 -4.91
N TYR A 82 15.76 -4.10 -3.84
CA TYR A 82 15.20 -3.65 -2.61
C TYR A 82 16.28 -2.95 -1.81
N GLU A 83 15.88 -2.31 -0.75
CA GLU A 83 16.82 -1.67 0.12
C GLU A 83 16.55 -2.13 1.52
N VAL A 84 17.58 -2.43 2.22
CA VAL A 84 17.46 -2.77 3.59
C VAL A 84 17.59 -1.51 4.37
N LYS A 85 16.55 -1.17 5.03
CA LYS A 85 16.52 0.02 5.82
C LYS A 85 16.97 -0.30 7.22
N GLY B 1 -1.48 17.54 20.77
CA GLY B 1 -1.41 18.28 19.53
C GLY B 1 0.02 18.59 19.16
N SER B 2 0.86 18.72 20.14
CA SER B 2 2.25 19.00 19.92
C SER B 2 2.98 17.71 19.52
N ILE B 3 3.30 17.59 18.26
CA ILE B 3 3.99 16.43 17.74
C ILE B 3 5.15 16.90 16.86
N GLN B 4 6.33 16.94 17.42
CA GLN B 4 7.47 17.29 16.63
C GLN B 4 8.26 16.04 16.25
N LYS B 5 7.88 15.47 15.14
CA LYS B 5 8.51 14.29 14.61
C LYS B 5 8.61 14.44 13.12
N VAL B 6 7.45 14.44 12.50
CA VAL B 6 7.32 14.64 11.08
C VAL B 6 6.13 15.57 10.85
N LYS B 7 6.42 16.82 10.57
CA LYS B 7 5.37 17.74 10.25
C LYS B 7 5.02 17.64 8.80
N ASN B 8 4.31 16.59 8.48
CA ASN B 8 3.86 16.28 7.14
C ASN B 8 3.02 15.03 7.24
N GLY B 9 1.91 15.02 6.56
CA GLY B 9 1.04 13.91 6.60
C GLY B 9 0.00 14.02 5.55
N ASN B 10 -0.94 13.14 5.60
CA ASN B 10 -2.05 13.12 4.66
C ASN B 10 -2.98 14.26 4.95
N VAL B 11 -3.09 15.18 4.01
CA VAL B 11 -3.97 16.29 4.21
C VAL B 11 -5.41 15.82 4.06
N ALA B 12 -6.17 16.04 5.07
CA ALA B 12 -7.54 15.67 5.06
C ALA B 12 -8.35 16.83 4.59
N THR B 13 -9.38 16.56 3.83
CA THR B 13 -10.25 17.58 3.32
C THR B 13 -10.94 18.28 4.48
N THR B 14 -10.56 19.50 4.71
CA THR B 14 -10.98 20.25 5.86
C THR B 14 -12.41 20.78 5.69
N SER B 15 -12.72 21.23 4.51
CA SER B 15 -14.04 21.72 4.23
C SER B 15 -14.86 20.60 3.58
N PRO B 16 -16.06 20.32 4.12
CA PRO B 16 -16.90 19.21 3.63
C PRO B 16 -17.29 19.39 2.17
N THR B 17 -17.15 18.32 1.43
CA THR B 17 -17.43 18.15 0.00
C THR B 17 -17.06 16.73 -0.31
N LYS B 18 -17.25 16.26 -1.53
CA LYS B 18 -16.78 14.94 -1.81
C LYS B 18 -15.30 15.05 -2.06
N GLN B 19 -14.58 14.13 -1.57
CA GLN B 19 -13.14 14.17 -1.64
C GLN B 19 -12.68 13.46 -2.88
N ASN B 20 -13.58 12.65 -3.42
CA ASN B 20 -13.37 11.88 -4.64
C ASN B 20 -12.39 10.77 -4.35
N ILE B 21 -12.41 10.34 -3.12
CA ILE B 21 -11.53 9.31 -2.64
C ILE B 21 -12.38 8.07 -2.30
N ILE B 22 -11.80 6.91 -2.42
CA ILE B 22 -12.47 5.67 -2.11
C ILE B 22 -11.54 4.81 -1.28
N GLN B 23 -12.05 4.25 -0.20
CA GLN B 23 -11.28 3.38 0.61
C GLN B 23 -12.02 2.09 0.71
N SER B 24 -11.34 1.00 0.65
CA SER B 24 -11.98 -0.28 0.72
C SER B 24 -11.74 -0.89 2.08
N GLY B 25 -12.44 -1.97 2.36
CA GLY B 25 -12.16 -2.73 3.53
C GLY B 25 -11.12 -3.75 3.21
N ALA B 26 -10.61 -4.42 4.20
CA ALA B 26 -9.60 -5.45 4.00
C ALA B 26 -10.16 -6.61 3.17
N PHE B 27 -9.53 -6.86 2.05
CA PHE B 27 -9.96 -7.92 1.16
C PHE B 27 -8.83 -8.89 0.86
N SER B 28 -9.16 -9.93 0.14
CA SER B 28 -8.29 -11.02 -0.20
C SER B 28 -7.06 -10.56 -1.02
N PRO B 29 -5.83 -10.99 -0.59
CA PRO B 29 -4.55 -10.61 -1.24
C PRO B 29 -4.48 -11.04 -2.72
N TYR B 30 -5.18 -12.09 -3.06
CA TYR B 30 -5.19 -12.59 -4.44
C TYR B 30 -6.07 -11.72 -5.34
N GLU B 31 -6.95 -10.93 -4.75
CA GLU B 31 -7.83 -10.04 -5.51
C GLU B 31 -7.12 -8.73 -5.78
N THR B 32 -6.12 -8.48 -4.98
CA THR B 32 -5.29 -7.31 -5.04
C THR B 32 -4.74 -7.01 -6.47
N PRO B 33 -4.10 -8.01 -7.15
CA PRO B 33 -3.60 -7.83 -8.53
C PRO B 33 -4.69 -7.30 -9.47
N ASP B 34 -5.91 -7.81 -9.32
CA ASP B 34 -7.04 -7.38 -10.13
C ASP B 34 -7.39 -5.95 -9.82
N VAL B 35 -7.42 -5.64 -8.54
CA VAL B 35 -7.72 -4.30 -8.07
C VAL B 35 -6.66 -3.30 -8.55
N MET B 36 -5.40 -3.70 -8.46
CA MET B 36 -4.29 -2.87 -8.92
C MET B 36 -4.39 -2.61 -10.41
N GLY B 37 -4.86 -3.60 -11.16
CA GLY B 37 -5.07 -3.43 -12.57
C GLY B 37 -6.11 -2.37 -12.85
N ALA B 38 -7.24 -2.46 -12.13
CA ALA B 38 -8.34 -1.51 -12.25
C ALA B 38 -7.85 -0.10 -11.94
N LEU B 39 -7.12 0.04 -10.84
CA LEU B 39 -6.58 1.33 -10.42
C LEU B 39 -5.64 1.92 -11.46
N THR B 40 -4.93 1.06 -12.14
CA THR B 40 -4.00 1.47 -13.17
C THR B 40 -4.76 1.93 -14.41
N SER B 41 -5.78 1.18 -14.79
CA SER B 41 -6.58 1.48 -15.97
C SER B 41 -7.42 2.75 -15.75
N LEU B 42 -7.87 2.93 -14.53
CA LEU B 42 -8.65 4.08 -14.13
C LEU B 42 -7.74 5.23 -13.74
N LYS B 43 -6.42 4.96 -13.73
CA LYS B 43 -5.37 5.94 -13.42
C LYS B 43 -5.55 6.53 -12.01
N MET B 44 -6.20 5.78 -11.14
CA MET B 44 -6.53 6.27 -9.80
C MET B 44 -5.34 6.27 -8.88
N THR B 45 -4.73 5.10 -8.72
CA THR B 45 -3.56 4.92 -7.85
C THR B 45 -3.99 4.94 -6.36
N ALA B 46 -3.59 3.92 -5.63
CA ALA B 46 -3.97 3.79 -4.24
C ALA B 46 -2.87 3.18 -3.42
N ASP B 47 -2.99 3.31 -2.12
CA ASP B 47 -2.07 2.72 -1.17
C ASP B 47 -2.71 1.52 -0.56
N PHE B 48 -2.11 0.38 -0.75
CA PHE B 48 -2.62 -0.86 -0.21
C PHE B 48 -1.91 -1.18 1.08
N ILE B 49 -2.60 -1.10 2.16
CA ILE B 49 -2.04 -1.43 3.43
C ILE B 49 -2.36 -2.86 3.74
N LEU B 50 -1.35 -3.64 3.97
CA LEU B 50 -1.51 -5.02 4.33
C LEU B 50 -1.71 -5.08 5.81
N GLN B 51 -2.65 -5.87 6.23
CA GLN B 51 -2.91 -6.02 7.61
C GLN B 51 -2.14 -7.24 8.10
N SER B 52 -1.98 -7.38 9.38
CA SER B 52 -1.22 -8.47 9.99
C SER B 52 -1.86 -9.85 9.75
N ASP B 53 -3.13 -9.87 9.34
CA ASP B 53 -3.85 -11.13 9.11
C ASP B 53 -3.66 -11.57 7.66
N GLY B 54 -3.18 -10.65 6.85
CA GLY B 54 -2.89 -10.95 5.47
C GLY B 54 -3.95 -10.49 4.51
N LEU B 55 -4.83 -9.62 4.95
CA LEU B 55 -5.75 -8.96 4.04
C LEU B 55 -5.26 -7.56 3.80
N THR B 56 -5.66 -6.96 2.72
CA THR B 56 -5.20 -5.63 2.43
C THR B 56 -6.37 -4.75 1.99
N TYR B 57 -6.23 -3.47 2.19
CA TYR B 57 -7.23 -2.51 1.79
C TYR B 57 -6.52 -1.35 1.15
N PHE B 58 -7.17 -0.68 0.25
CA PHE B 58 -6.52 0.41 -0.41
C PHE B 58 -7.22 1.70 -0.12
N ILE B 59 -6.46 2.76 -0.07
CA ILE B 59 -7.02 4.06 0.02
C ILE B 59 -6.57 4.75 -1.24
N SER B 60 -7.49 5.15 -2.06
CA SER B 60 -7.15 5.76 -3.33
C SER B 60 -6.86 7.24 -3.17
N LYS B 61 -6.06 7.77 -4.07
CA LYS B 61 -5.80 9.18 -4.09
C LYS B 61 -7.01 9.90 -4.66
N PRO B 62 -7.20 11.20 -4.34
CA PRO B 62 -8.30 12.00 -4.89
C PRO B 62 -8.20 12.06 -6.42
N THR B 63 -9.15 11.46 -7.07
CA THR B 63 -9.17 11.39 -8.50
C THR B 63 -10.46 12.06 -9.00
N SER B 64 -10.74 11.93 -10.27
CA SER B 64 -11.95 12.50 -10.81
C SER B 64 -13.11 11.54 -10.59
N ASP B 65 -14.32 12.07 -10.55
CA ASP B 65 -15.51 11.28 -10.26
C ASP B 65 -15.74 10.17 -11.27
N ALA B 66 -15.55 10.49 -12.54
CA ALA B 66 -15.72 9.52 -13.63
C ALA B 66 -14.78 8.32 -13.48
N GLN B 67 -13.62 8.57 -12.91
CA GLN B 67 -12.66 7.54 -12.65
C GLN B 67 -13.07 6.72 -11.42
N LEU B 68 -13.31 7.42 -10.32
CA LEU B 68 -13.63 6.79 -9.04
C LEU B 68 -14.92 5.98 -9.11
N LYS B 69 -15.90 6.50 -9.86
CA LYS B 69 -17.22 5.87 -9.95
C LYS B 69 -17.12 4.45 -10.45
N ALA B 70 -16.16 4.20 -11.30
CA ALA B 70 -15.98 2.89 -11.86
C ALA B 70 -15.39 1.94 -10.83
N MET B 71 -14.57 2.48 -9.94
CA MET B 71 -13.93 1.69 -8.96
C MET B 71 -14.89 1.34 -7.83
N LYS B 72 -15.72 2.31 -7.43
CA LYS B 72 -16.76 2.01 -6.44
C LYS B 72 -17.70 0.95 -6.95
N GLU B 73 -18.05 1.04 -8.23
CA GLU B 73 -18.89 0.03 -8.83
C GLU B 73 -18.17 -1.31 -8.90
N TYR B 74 -16.87 -1.27 -9.11
CA TYR B 74 -16.04 -2.47 -9.16
C TYR B 74 -16.12 -3.22 -7.82
N LEU B 75 -15.84 -2.49 -6.75
CA LEU B 75 -15.83 -3.06 -5.40
C LEU B 75 -17.20 -3.57 -5.04
N ASP B 76 -18.19 -2.87 -5.54
CA ASP B 76 -19.59 -3.21 -5.36
C ASP B 76 -19.90 -4.56 -5.98
N ARG B 77 -19.31 -4.83 -7.13
CA ARG B 77 -19.61 -6.07 -7.85
C ARG B 77 -18.99 -7.24 -7.12
N LYS B 78 -17.95 -6.95 -6.37
CA LYS B 78 -17.28 -7.95 -5.58
C LYS B 78 -17.87 -8.09 -4.22
N GLY B 79 -18.79 -7.20 -3.91
CA GLY B 79 -19.47 -7.23 -2.67
C GLY B 79 -18.61 -6.78 -1.52
N TRP B 80 -17.49 -6.16 -1.83
CA TRP B 80 -16.60 -5.71 -0.78
C TRP B 80 -17.10 -4.39 -0.21
N TRP B 81 -16.79 -4.17 1.02
CA TRP B 81 -17.13 -2.96 1.68
C TRP B 81 -16.17 -1.85 1.27
N TYR B 82 -16.70 -0.66 1.08
CA TYR B 82 -15.89 0.48 0.73
C TYR B 82 -16.59 1.75 1.16
N GLU B 83 -15.89 2.85 1.12
CA GLU B 83 -16.47 4.13 1.46
C GLU B 83 -16.15 5.11 0.37
N VAL B 84 -17.08 5.95 0.09
CA VAL B 84 -16.84 7.01 -0.84
C VAL B 84 -16.60 8.28 -0.04
N LYS B 85 -15.48 8.86 -0.24
CA LYS B 85 -15.06 10.05 0.43
C LYS B 85 -15.46 11.22 -0.42
N GLY A 1 39.84 -20.99 42.56
CA GLY A 1 40.19 -20.34 41.30
C GLY A 1 39.77 -18.92 41.30
N SER A 2 39.80 -18.29 40.15
CA SER A 2 39.42 -16.90 40.01
C SER A 2 37.90 -16.74 40.09
N ILE A 3 37.19 -17.70 39.51
CA ILE A 3 35.75 -17.69 39.46
C ILE A 3 35.30 -18.99 38.79
N GLN A 4 34.38 -19.69 39.41
CA GLN A 4 33.87 -20.92 38.84
C GLN A 4 32.36 -21.02 39.03
N LYS A 5 31.88 -20.65 40.20
CA LYS A 5 30.46 -20.68 40.49
C LYS A 5 29.83 -19.35 40.04
N VAL A 6 28.89 -19.46 39.08
CA VAL A 6 28.19 -18.32 38.50
C VAL A 6 29.13 -17.50 37.62
N LYS A 7 29.21 -17.89 36.37
CA LYS A 7 30.12 -17.27 35.44
C LYS A 7 29.47 -16.10 34.76
N ASN A 8 30.26 -15.10 34.44
CA ASN A 8 29.77 -13.99 33.67
C ASN A 8 29.74 -14.40 32.22
N GLY A 9 28.56 -14.61 31.69
CA GLY A 9 28.41 -15.07 30.33
C GLY A 9 28.53 -13.96 29.32
N ASN A 10 29.71 -13.40 29.21
CA ASN A 10 29.95 -12.36 28.24
C ASN A 10 30.41 -12.99 26.94
N VAL A 11 29.49 -13.10 26.02
CA VAL A 11 29.78 -13.71 24.74
C VAL A 11 29.94 -12.64 23.68
N ALA A 12 29.85 -11.39 24.13
CA ALA A 12 29.93 -10.20 23.29
C ALA A 12 28.84 -10.19 22.25
N THR A 13 27.70 -9.67 22.63
CA THR A 13 26.58 -9.60 21.75
C THR A 13 26.77 -8.46 20.77
N THR A 14 27.32 -8.77 19.64
CA THR A 14 27.57 -7.79 18.65
C THR A 14 26.44 -7.83 17.61
N SER A 15 25.52 -6.92 17.73
CA SER A 15 24.40 -6.84 16.85
C SER A 15 24.48 -5.58 16.00
N PRO A 16 24.51 -5.71 14.65
CA PRO A 16 24.58 -4.56 13.76
C PRO A 16 23.32 -3.71 13.87
N THR A 17 23.50 -2.43 13.96
CA THR A 17 22.39 -1.53 14.06
C THR A 17 21.75 -1.30 12.70
N LYS A 18 20.48 -1.57 12.61
CA LYS A 18 19.75 -1.43 11.38
C LYS A 18 18.35 -0.97 11.70
N GLN A 19 17.72 -0.35 10.74
CA GLN A 19 16.36 0.16 10.88
C GLN A 19 15.35 -1.00 10.86
N ASN A 20 15.78 -2.12 10.27
CA ASN A 20 14.98 -3.36 10.16
C ASN A 20 13.81 -3.17 9.23
N ILE A 21 13.95 -2.26 8.33
CA ILE A 21 12.92 -1.94 7.36
C ILE A 21 13.38 -2.45 5.99
N ILE A 22 12.47 -2.83 5.16
CA ILE A 22 12.78 -3.26 3.82
C ILE A 22 11.87 -2.55 2.86
N GLN A 23 12.43 -1.98 1.83
CA GLN A 23 11.63 -1.34 0.83
C GLN A 23 11.95 -2.01 -0.47
N SER A 24 10.98 -2.26 -1.29
CA SER A 24 11.23 -2.87 -2.56
C SER A 24 11.08 -1.85 -3.67
N GLY A 25 11.48 -2.22 -4.84
CA GLY A 25 11.23 -1.44 -6.00
C GLY A 25 9.90 -1.85 -6.58
N ALA A 26 9.41 -1.10 -7.51
CA ALA A 26 8.14 -1.41 -8.15
C ALA A 26 8.22 -2.71 -8.95
N PHE A 27 7.41 -3.67 -8.58
CA PHE A 27 7.36 -4.98 -9.21
C PHE A 27 5.96 -5.27 -9.76
N SER A 28 5.82 -6.42 -10.39
CA SER A 28 4.59 -6.82 -11.04
C SER A 28 3.46 -7.09 -10.03
N PRO A 29 2.26 -6.50 -10.29
CA PRO A 29 1.09 -6.60 -9.40
C PRO A 29 0.64 -8.05 -9.10
N TYR A 30 0.88 -8.96 -10.02
CA TYR A 30 0.48 -10.35 -9.80
C TYR A 30 1.40 -11.06 -8.78
N GLU A 31 2.56 -10.49 -8.52
CA GLU A 31 3.47 -11.05 -7.53
C GLU A 31 3.12 -10.53 -6.14
N THR A 32 2.35 -9.47 -6.13
CA THR A 32 1.91 -8.82 -4.92
C THR A 32 1.20 -9.79 -3.91
N PRO A 33 0.18 -10.59 -4.35
CA PRO A 33 -0.50 -11.57 -3.48
C PRO A 33 0.50 -12.53 -2.84
N ASP A 34 1.50 -12.87 -3.61
CA ASP A 34 2.56 -13.76 -3.20
C ASP A 34 3.41 -13.09 -2.10
N VAL A 35 3.77 -11.82 -2.31
CA VAL A 35 4.55 -11.05 -1.34
C VAL A 35 3.72 -10.81 -0.06
N MET A 36 2.45 -10.55 -0.24
CA MET A 36 1.54 -10.34 0.88
C MET A 36 1.45 -11.59 1.73
N GLY A 37 1.51 -12.74 1.07
CA GLY A 37 1.51 -14.00 1.78
C GLY A 37 2.77 -14.17 2.58
N ALA A 38 3.89 -13.70 2.04
CA ALA A 38 5.17 -13.76 2.72
C ALA A 38 5.14 -12.95 4.01
N LEU A 39 4.67 -11.69 3.93
CA LEU A 39 4.55 -10.82 5.07
C LEU A 39 3.68 -11.49 6.13
N THR A 40 2.55 -12.03 5.69
CA THR A 40 1.61 -12.68 6.58
C THR A 40 2.25 -13.93 7.27
N SER A 41 3.12 -14.62 6.56
CA SER A 41 3.79 -15.79 7.09
C SER A 41 4.91 -15.39 8.06
N LEU A 42 5.62 -14.36 7.70
CA LEU A 42 6.76 -13.86 8.47
C LEU A 42 6.32 -12.84 9.50
N LYS A 43 5.02 -12.74 9.70
CA LYS A 43 4.44 -11.78 10.64
C LYS A 43 4.97 -10.39 10.49
N MET A 44 4.93 -10.00 9.28
CA MET A 44 5.30 -8.73 8.86
C MET A 44 4.04 -8.04 8.39
N THR A 45 4.22 -7.09 7.54
CA THR A 45 3.21 -6.08 7.13
C THR A 45 3.95 -5.03 6.30
N ALA A 46 3.35 -4.57 5.24
CA ALA A 46 3.96 -3.55 4.41
C ALA A 46 2.91 -2.71 3.73
N ASP A 47 3.32 -1.56 3.24
CA ASP A 47 2.43 -0.69 2.47
C ASP A 47 2.78 -0.85 1.02
N PHE A 48 1.87 -1.35 0.25
CA PHE A 48 2.09 -1.53 -1.18
C PHE A 48 1.47 -0.36 -1.92
N ILE A 49 2.30 0.48 -2.48
CA ILE A 49 1.82 1.63 -3.22
C ILE A 49 1.74 1.28 -4.68
N LEU A 50 0.56 1.37 -5.24
CA LEU A 50 0.36 1.07 -6.63
C LEU A 50 0.60 2.28 -7.46
N GLN A 51 1.55 2.17 -8.33
CA GLN A 51 1.98 3.27 -9.15
C GLN A 51 1.19 3.26 -10.46
N SER A 52 1.14 4.39 -11.11
CA SER A 52 0.37 4.58 -12.34
C SER A 52 0.91 3.76 -13.51
N ASP A 53 2.14 3.29 -13.37
CA ASP A 53 2.78 2.47 -14.39
C ASP A 53 2.23 1.04 -14.34
N GLY A 54 1.56 0.72 -13.24
CA GLY A 54 0.97 -0.60 -13.08
C GLY A 54 1.86 -1.52 -12.31
N LEU A 55 2.69 -0.95 -11.47
CA LEU A 55 3.59 -1.71 -10.65
C LEU A 55 3.45 -1.22 -9.23
N THR A 56 3.76 -2.06 -8.28
CA THR A 56 3.64 -1.66 -6.90
C THR A 56 4.93 -1.96 -6.17
N TYR A 57 5.18 -1.24 -5.11
CA TYR A 57 6.34 -1.45 -4.29
C TYR A 57 5.88 -1.37 -2.86
N PHE A 58 6.54 -2.05 -1.98
CA PHE A 58 6.11 -2.03 -0.61
C PHE A 58 7.19 -1.51 0.28
N ILE A 59 6.79 -0.95 1.38
CA ILE A 59 7.71 -0.56 2.40
C ILE A 59 7.25 -1.27 3.66
N SER A 60 8.08 -2.11 4.22
CA SER A 60 7.71 -2.86 5.38
C SER A 60 7.99 -2.09 6.66
N LYS A 61 7.18 -2.34 7.66
CA LYS A 61 7.40 -1.76 8.97
C LYS A 61 8.54 -2.49 9.66
N PRO A 62 9.30 -1.79 10.53
CA PRO A 62 10.41 -2.40 11.25
C PRO A 62 9.98 -3.61 12.07
N THR A 63 10.80 -4.61 12.04
CA THR A 63 10.56 -5.85 12.73
C THR A 63 11.92 -6.34 13.25
N SER A 64 12.02 -7.58 13.60
CA SER A 64 13.27 -8.13 14.05
C SER A 64 14.07 -8.54 12.82
N ASP A 65 15.40 -8.61 12.93
CA ASP A 65 16.20 -8.98 11.77
C ASP A 65 15.84 -10.38 11.33
N ALA A 66 15.53 -11.22 12.32
CA ALA A 66 15.16 -12.62 12.09
C ALA A 66 14.04 -12.78 11.06
N GLN A 67 13.06 -11.92 11.15
CA GLN A 67 11.93 -11.98 10.25
C GLN A 67 12.29 -11.39 8.88
N LEU A 68 12.81 -10.18 8.88
CA LEU A 68 13.10 -9.44 7.66
C LEU A 68 14.15 -10.14 6.82
N LYS A 69 15.12 -10.77 7.48
CA LYS A 69 16.24 -11.39 6.80
C LYS A 69 15.78 -12.47 5.85
N ALA A 70 14.70 -13.14 6.21
CA ALA A 70 14.14 -14.17 5.36
C ALA A 70 13.43 -13.51 4.19
N MET A 71 12.76 -12.41 4.46
CA MET A 71 12.03 -11.68 3.47
C MET A 71 12.96 -11.03 2.45
N LYS A 72 14.08 -10.53 2.89
CA LYS A 72 15.00 -9.93 1.97
C LYS A 72 15.68 -10.97 1.07
N GLU A 73 15.92 -12.16 1.62
CA GLU A 73 16.44 -13.28 0.84
C GLU A 73 15.40 -13.71 -0.21
N TYR A 74 14.14 -13.49 0.13
CA TYR A 74 12.99 -13.80 -0.70
C TYR A 74 12.94 -12.85 -1.88
N LEU A 75 13.08 -11.56 -1.61
CA LEU A 75 13.08 -10.54 -2.65
C LEU A 75 14.27 -10.74 -3.57
N ASP A 76 15.35 -11.24 -2.99
CA ASP A 76 16.56 -11.60 -3.72
C ASP A 76 16.28 -12.76 -4.67
N ARG A 77 15.39 -13.65 -4.25
CA ARG A 77 15.00 -14.80 -5.06
C ARG A 77 14.13 -14.34 -6.20
N LYS A 78 13.42 -13.25 -5.97
CA LYS A 78 12.59 -12.68 -7.01
C LYS A 78 13.41 -11.80 -7.95
N GLY A 79 14.65 -11.55 -7.58
CA GLY A 79 15.52 -10.72 -8.38
C GLY A 79 15.10 -9.25 -8.42
N TRP A 80 14.28 -8.84 -7.46
CA TRP A 80 13.79 -7.46 -7.44
C TRP A 80 14.75 -6.60 -6.68
N TRP A 81 14.74 -5.33 -6.98
CA TRP A 81 15.53 -4.40 -6.24
C TRP A 81 14.83 -4.11 -4.92
N TYR A 82 15.62 -4.01 -3.87
CA TYR A 82 15.09 -3.69 -2.58
C TYR A 82 16.19 -3.06 -1.74
N GLU A 83 15.84 -2.55 -0.60
CA GLU A 83 16.79 -2.00 0.32
C GLU A 83 16.56 -2.59 1.66
N VAL A 84 17.61 -2.94 2.35
CA VAL A 84 17.47 -3.35 3.70
C VAL A 84 17.90 -2.18 4.54
N LYS A 85 16.99 -1.64 5.24
CA LYS A 85 17.25 -0.49 6.06
C LYS A 85 17.81 -0.94 7.38
N GLY B 1 -32.96 40.35 -23.83
CA GLY B 1 -31.80 41.18 -24.10
C GLY B 1 -30.70 40.93 -23.10
N SER B 2 -31.06 40.42 -21.95
CA SER B 2 -30.08 40.07 -20.94
C SER B 2 -29.50 38.69 -21.25
N ILE B 3 -30.29 37.89 -21.94
CA ILE B 3 -29.89 36.59 -22.39
C ILE B 3 -30.63 36.29 -23.71
N GLN B 4 -29.97 36.52 -24.80
CA GLN B 4 -30.54 36.29 -26.12
C GLN B 4 -29.46 35.74 -27.05
N LYS B 5 -28.59 36.60 -27.52
CA LYS B 5 -27.49 36.18 -28.36
C LYS B 5 -26.32 35.86 -27.45
N VAL B 6 -26.26 36.57 -26.36
CA VAL B 6 -25.30 36.32 -25.34
C VAL B 6 -25.94 35.37 -24.35
N LYS B 7 -25.41 34.19 -24.23
CA LYS B 7 -25.97 33.19 -23.36
C LYS B 7 -25.07 32.92 -22.18
N ASN B 8 -25.64 32.35 -21.15
CA ASN B 8 -24.90 32.06 -19.93
C ASN B 8 -25.55 30.88 -19.25
N GLY B 9 -24.88 29.77 -19.23
CA GLY B 9 -25.43 28.60 -18.63
C GLY B 9 -24.73 28.27 -17.35
N ASN B 10 -25.25 28.78 -16.25
CA ASN B 10 -24.66 28.52 -14.96
C ASN B 10 -25.08 27.17 -14.45
N VAL B 11 -24.24 26.19 -14.66
CA VAL B 11 -24.50 24.87 -14.15
C VAL B 11 -23.90 24.74 -12.76
N ALA B 12 -22.88 25.57 -12.52
CA ALA B 12 -22.19 25.66 -11.24
C ALA B 12 -21.55 24.33 -10.85
N THR B 13 -21.00 24.28 -9.68
CA THR B 13 -20.49 23.08 -9.17
C THR B 13 -21.55 22.49 -8.26
N THR B 14 -22.38 21.67 -8.81
CA THR B 14 -23.44 21.07 -8.04
C THR B 14 -23.01 19.66 -7.63
N SER B 15 -21.80 19.32 -8.00
CA SER B 15 -21.21 18.09 -7.59
C SER B 15 -20.83 18.21 -6.11
N PRO B 16 -21.07 17.15 -5.33
CA PRO B 16 -20.80 17.15 -3.88
C PRO B 16 -19.38 17.56 -3.55
N THR B 17 -19.21 18.32 -2.49
CA THR B 17 -17.91 18.71 -2.02
C THR B 17 -17.17 17.48 -1.50
N LYS B 18 -16.25 17.00 -2.28
CA LYS B 18 -15.60 15.76 -2.01
C LYS B 18 -14.08 15.85 -2.02
N GLN B 19 -13.46 14.73 -1.75
CA GLN B 19 -12.02 14.61 -1.66
C GLN B 19 -11.49 13.82 -2.86
N ASN B 20 -12.36 12.95 -3.36
CA ASN B 20 -12.16 12.10 -4.53
C ASN B 20 -11.27 10.94 -4.17
N ILE B 21 -11.43 10.51 -2.95
CA ILE B 21 -10.69 9.43 -2.36
C ILE B 21 -11.63 8.24 -2.13
N ILE B 22 -11.11 7.05 -2.19
CA ILE B 22 -11.89 5.85 -1.93
C ILE B 22 -11.08 4.95 -1.02
N GLN B 23 -11.69 4.45 0.03
CA GLN B 23 -11.04 3.51 0.90
C GLN B 23 -11.83 2.24 0.82
N SER B 24 -11.18 1.12 0.78
CA SER B 24 -11.88 -0.12 0.74
C SER B 24 -11.76 -0.84 2.07
N GLY B 25 -12.48 -1.91 2.22
CA GLY B 25 -12.31 -2.76 3.35
C GLY B 25 -11.28 -3.81 3.03
N ALA B 26 -10.91 -4.61 3.99
CA ALA B 26 -9.92 -5.65 3.78
C ALA B 26 -10.47 -6.76 2.89
N PHE B 27 -9.78 -7.02 1.81
CA PHE B 27 -10.19 -8.05 0.86
C PHE B 27 -9.06 -9.04 0.58
N SER B 28 -9.40 -10.08 -0.16
CA SER B 28 -8.50 -11.17 -0.47
C SER B 28 -7.30 -10.71 -1.32
N PRO B 29 -6.07 -11.08 -0.91
CA PRO B 29 -4.81 -10.68 -1.58
C PRO B 29 -4.73 -11.07 -3.06
N TYR B 30 -5.41 -12.14 -3.45
CA TYR B 30 -5.35 -12.58 -4.84
C TYR B 30 -6.17 -11.65 -5.74
N GLU B 31 -7.07 -10.89 -5.14
CA GLU B 31 -7.91 -9.93 -5.88
C GLU B 31 -7.13 -8.66 -6.14
N THR B 32 -6.12 -8.46 -5.34
CA THR B 32 -5.28 -7.28 -5.34
C THR B 32 -4.68 -6.93 -6.73
N PRO B 33 -4.04 -7.89 -7.46
CA PRO B 33 -3.47 -7.64 -8.80
C PRO B 33 -4.51 -7.07 -9.77
N ASP B 34 -5.73 -7.57 -9.66
CA ASP B 34 -6.83 -7.14 -10.51
C ASP B 34 -7.19 -5.71 -10.14
N VAL B 35 -7.34 -5.47 -8.84
CA VAL B 35 -7.66 -4.15 -8.29
C VAL B 35 -6.59 -3.13 -8.68
N MET B 36 -5.33 -3.56 -8.61
CA MET B 36 -4.21 -2.72 -8.99
C MET B 36 -4.26 -2.36 -10.47
N GLY B 37 -4.69 -3.30 -11.30
CA GLY B 37 -4.84 -3.04 -12.71
C GLY B 37 -5.89 -1.99 -12.97
N ALA B 38 -6.97 -2.06 -12.21
CA ALA B 38 -8.06 -1.08 -12.31
C ALA B 38 -7.57 0.31 -11.93
N LEU B 39 -6.88 0.42 -10.79
CA LEU B 39 -6.33 1.68 -10.30
C LEU B 39 -5.35 2.26 -11.31
N THR B 40 -4.65 1.38 -11.99
CA THR B 40 -3.71 1.76 -13.02
C THR B 40 -4.47 2.33 -14.25
N SER B 41 -5.52 1.64 -14.65
CA SER B 41 -6.30 2.01 -15.81
C SER B 41 -7.07 3.32 -15.57
N LEU B 42 -7.43 3.53 -14.32
CA LEU B 42 -8.21 4.68 -13.92
C LEU B 42 -7.32 5.77 -13.34
N LYS B 43 -6.00 5.56 -13.39
CA LYS B 43 -5.01 6.53 -12.91
C LYS B 43 -5.34 7.08 -11.53
N MET B 44 -5.62 6.18 -10.64
CA MET B 44 -6.01 6.51 -9.30
C MET B 44 -4.84 6.46 -8.35
N THR B 45 -4.19 5.29 -8.27
CA THR B 45 -3.05 5.07 -7.36
C THR B 45 -3.53 4.98 -5.90
N ALA B 46 -3.23 3.88 -5.28
CA ALA B 46 -3.70 3.64 -3.94
C ALA B 46 -2.65 2.96 -3.11
N ASP B 47 -2.77 3.11 -1.81
CA ASP B 47 -1.88 2.48 -0.88
C ASP B 47 -2.56 1.26 -0.33
N PHE B 48 -2.01 0.12 -0.59
CA PHE B 48 -2.54 -1.13 -0.10
C PHE B 48 -1.87 -1.52 1.20
N ILE B 49 -2.62 -1.51 2.25
CA ILE B 49 -2.12 -1.89 3.54
C ILE B 49 -2.41 -3.35 3.80
N LEU B 50 -1.36 -4.11 3.94
CA LEU B 50 -1.47 -5.52 4.19
C LEU B 50 -1.54 -5.78 5.66
N GLN B 51 -2.58 -6.44 6.07
CA GLN B 51 -2.81 -6.71 7.47
C GLN B 51 -2.26 -8.10 7.80
N SER B 52 -2.02 -8.35 9.08
CA SER B 52 -1.45 -9.62 9.56
C SER B 52 -2.45 -10.78 9.37
N ASP B 53 -3.70 -10.41 9.14
CA ASP B 53 -4.78 -11.35 8.91
C ASP B 53 -4.68 -11.92 7.50
N GLY B 54 -3.88 -11.29 6.67
CA GLY B 54 -3.64 -11.78 5.33
C GLY B 54 -4.47 -11.08 4.30
N LEU B 55 -5.17 -10.06 4.70
CA LEU B 55 -6.00 -9.30 3.80
C LEU B 55 -5.43 -7.92 3.65
N THR B 56 -5.77 -7.25 2.58
CA THR B 56 -5.28 -5.93 2.36
C THR B 56 -6.44 -5.02 1.95
N TYR B 57 -6.28 -3.74 2.15
CA TYR B 57 -7.26 -2.77 1.77
C TYR B 57 -6.51 -1.59 1.21
N PHE B 58 -7.10 -0.86 0.33
CA PHE B 58 -6.40 0.23 -0.26
C PHE B 58 -7.10 1.52 0.03
N ILE B 59 -6.35 2.57 0.09
CA ILE B 59 -6.92 3.86 0.18
C ILE B 59 -6.38 4.60 -1.03
N SER B 60 -7.24 5.01 -1.90
CA SER B 60 -6.80 5.63 -3.12
C SER B 60 -6.48 7.07 -2.90
N LYS B 61 -5.46 7.53 -3.55
CA LYS B 61 -5.10 8.91 -3.49
C LYS B 61 -6.07 9.69 -4.37
N PRO B 62 -6.31 10.99 -4.08
CA PRO B 62 -7.28 11.80 -4.83
C PRO B 62 -7.10 11.72 -6.36
N THR B 63 -8.20 11.61 -7.05
CA THR B 63 -8.21 11.52 -8.49
C THR B 63 -9.45 12.26 -9.02
N SER B 64 -9.78 12.08 -10.27
CA SER B 64 -10.93 12.72 -10.84
C SER B 64 -12.19 11.89 -10.53
N ASP B 65 -13.36 12.51 -10.50
CA ASP B 65 -14.60 11.78 -10.15
C ASP B 65 -14.94 10.74 -11.17
N ALA B 66 -14.73 11.05 -12.44
CA ALA B 66 -14.98 10.14 -13.54
C ALA B 66 -14.11 8.90 -13.44
N GLN B 67 -12.93 9.06 -12.88
CA GLN B 67 -12.00 7.97 -12.70
C GLN B 67 -12.42 7.09 -11.52
N LEU B 68 -12.61 7.73 -10.36
CA LEU B 68 -12.91 7.02 -9.11
C LEU B 68 -14.25 6.31 -9.17
N LYS B 69 -15.20 6.93 -9.85
CA LYS B 69 -16.55 6.40 -9.94
C LYS B 69 -16.56 4.98 -10.47
N ALA B 70 -15.68 4.70 -11.42
CA ALA B 70 -15.62 3.39 -12.03
C ALA B 70 -15.07 2.37 -11.05
N MET B 71 -14.12 2.80 -10.24
CA MET B 71 -13.51 1.94 -9.29
C MET B 71 -14.45 1.63 -8.13
N LYS B 72 -15.23 2.61 -7.73
CA LYS B 72 -16.16 2.38 -6.67
C LYS B 72 -17.29 1.45 -7.14
N GLU B 73 -17.66 1.56 -8.43
CA GLU B 73 -18.62 0.64 -9.04
C GLU B 73 -18.01 -0.77 -9.10
N TYR B 74 -16.68 -0.83 -9.21
CA TYR B 74 -15.93 -2.10 -9.24
C TYR B 74 -16.09 -2.80 -7.91
N LEU B 75 -15.80 -2.07 -6.85
CA LEU B 75 -15.83 -2.59 -5.49
C LEU B 75 -17.21 -3.10 -5.16
N ASP B 76 -18.21 -2.39 -5.66
CA ASP B 76 -19.61 -2.77 -5.50
C ASP B 76 -19.91 -4.12 -6.13
N ARG B 77 -19.28 -4.40 -7.28
CA ARG B 77 -19.53 -5.66 -8.00
C ARG B 77 -19.00 -6.82 -7.21
N LYS B 78 -18.03 -6.53 -6.38
CA LYS B 78 -17.40 -7.53 -5.58
C LYS B 78 -17.99 -7.60 -4.20
N GLY B 79 -18.88 -6.68 -3.92
CA GLY B 79 -19.54 -6.65 -2.64
C GLY B 79 -18.62 -6.25 -1.52
N TRP B 80 -17.48 -5.68 -1.87
CA TRP B 80 -16.55 -5.23 -0.84
C TRP B 80 -17.01 -3.90 -0.33
N TRP B 81 -16.85 -3.69 0.94
CA TRP B 81 -17.20 -2.43 1.54
C TRP B 81 -16.17 -1.38 1.16
N TYR B 82 -16.61 -0.16 0.99
CA TYR B 82 -15.74 0.93 0.66
C TYR B 82 -16.37 2.24 1.07
N GLU B 83 -15.61 3.31 0.97
CA GLU B 83 -16.11 4.63 1.25
C GLU B 83 -15.76 5.53 0.10
N VAL B 84 -16.60 6.47 -0.16
CA VAL B 84 -16.36 7.44 -1.16
C VAL B 84 -16.17 8.76 -0.48
N LYS B 85 -15.02 9.30 -0.63
CA LYS B 85 -14.72 10.55 -0.07
C LYS B 85 -15.04 11.63 -1.08
N GLY A 1 7.84 18.20 -0.18
CA GLY A 1 7.44 17.20 0.82
C GLY A 1 6.11 17.52 1.47
N SER A 2 5.29 18.30 0.81
CA SER A 2 4.01 18.69 1.33
C SER A 2 3.02 18.83 0.19
N ILE A 3 1.80 18.40 0.44
CA ILE A 3 0.76 18.52 -0.56
C ILE A 3 0.04 19.87 -0.44
N GLN A 4 0.27 20.55 0.68
CA GLN A 4 -0.35 21.84 0.94
C GLN A 4 0.21 22.40 2.23
N LYS A 5 0.06 21.66 3.29
CA LYS A 5 0.51 22.06 4.59
C LYS A 5 0.80 20.80 5.39
N VAL A 6 1.94 20.75 6.01
CA VAL A 6 2.29 19.61 6.81
C VAL A 6 1.76 19.71 8.24
N LYS A 7 0.65 19.04 8.46
CA LYS A 7 0.06 18.96 9.79
C LYS A 7 0.18 17.51 10.30
N ASN A 8 0.41 16.61 9.37
CA ASN A 8 0.67 15.20 9.64
C ASN A 8 1.85 14.83 8.81
N GLY A 9 2.17 13.58 8.77
CA GLY A 9 3.24 13.15 7.95
C GLY A 9 4.13 12.21 8.64
N ASN A 10 5.28 12.03 8.08
CA ASN A 10 6.26 11.12 8.57
C ASN A 10 7.58 11.82 8.66
N VAL A 11 8.57 11.07 9.03
CA VAL A 11 9.93 11.53 9.05
C VAL A 11 10.81 10.47 8.42
N ALA A 12 11.73 10.90 7.60
CA ALA A 12 12.67 9.99 7.00
C ALA A 12 13.64 9.54 8.07
N THR A 13 13.51 8.30 8.48
CA THR A 13 14.31 7.77 9.53
C THR A 13 15.76 7.59 9.11
N THR A 14 16.56 8.54 9.46
CA THR A 14 17.93 8.49 9.16
C THR A 14 18.68 7.84 10.29
N SER A 15 18.75 6.55 10.24
CA SER A 15 19.44 5.78 11.22
C SER A 15 20.43 4.86 10.53
N PRO A 16 21.73 4.97 10.86
CA PRO A 16 22.77 4.10 10.32
C PRO A 16 22.58 2.67 10.83
N THR A 17 23.11 1.70 10.08
CA THR A 17 23.01 0.29 10.40
C THR A 17 21.55 -0.18 10.11
N LYS A 18 21.22 -1.44 10.36
CA LYS A 18 19.88 -1.86 10.04
C LYS A 18 18.85 -1.53 11.09
N GLN A 19 17.96 -0.70 10.66
CA GLN A 19 16.76 -0.25 11.37
C GLN A 19 15.77 -1.40 11.47
N ASN A 20 15.93 -2.33 10.54
CA ASN A 20 15.09 -3.49 10.38
C ASN A 20 13.78 -3.14 9.72
N ILE A 21 13.91 -2.66 8.49
CA ILE A 21 12.82 -2.27 7.63
C ILE A 21 13.28 -2.61 6.20
N ILE A 22 12.39 -3.03 5.35
CA ILE A 22 12.73 -3.35 3.97
C ILE A 22 11.75 -2.67 3.04
N GLN A 23 12.25 -2.02 2.01
CA GLN A 23 11.39 -1.46 1.01
C GLN A 23 11.81 -2.07 -0.30
N SER A 24 10.88 -2.39 -1.13
CA SER A 24 11.21 -3.00 -2.39
C SER A 24 11.07 -1.96 -3.50
N GLY A 25 11.51 -2.33 -4.67
CA GLY A 25 11.26 -1.51 -5.82
C GLY A 25 9.97 -1.94 -6.45
N ALA A 26 9.50 -1.20 -7.41
CA ALA A 26 8.26 -1.52 -8.09
C ALA A 26 8.36 -2.85 -8.83
N PHE A 27 7.48 -3.77 -8.51
CA PHE A 27 7.45 -5.08 -9.14
C PHE A 27 6.07 -5.38 -9.70
N SER A 28 5.97 -6.51 -10.38
CA SER A 28 4.74 -6.94 -11.03
C SER A 28 3.62 -7.23 -10.01
N PRO A 29 2.43 -6.62 -10.22
CA PRO A 29 1.28 -6.75 -9.31
C PRO A 29 0.81 -8.19 -9.08
N TYR A 30 1.02 -9.07 -10.04
CA TYR A 30 0.57 -10.46 -9.89
C TYR A 30 1.41 -11.22 -8.86
N GLU A 31 2.58 -10.70 -8.54
CA GLU A 31 3.47 -11.30 -7.55
C GLU A 31 3.11 -10.84 -6.16
N THR A 32 2.43 -9.71 -6.11
CA THR A 32 2.02 -9.05 -4.90
C THR A 32 1.28 -9.97 -3.89
N PRO A 33 0.24 -10.75 -4.33
CA PRO A 33 -0.49 -11.67 -3.44
C PRO A 33 0.43 -12.63 -2.69
N ASP A 34 1.44 -13.13 -3.39
CA ASP A 34 2.37 -14.09 -2.79
C ASP A 34 3.27 -13.38 -1.81
N VAL A 35 3.72 -12.18 -2.20
CA VAL A 35 4.52 -11.34 -1.36
C VAL A 35 3.76 -10.97 -0.08
N MET A 36 2.48 -10.63 -0.23
CA MET A 36 1.61 -10.34 0.91
C MET A 36 1.48 -11.54 1.83
N GLY A 37 1.40 -12.72 1.23
CA GLY A 37 1.33 -13.94 2.01
C GLY A 37 2.59 -14.13 2.85
N ALA A 38 3.74 -13.86 2.24
CA ALA A 38 5.02 -13.96 2.92
C ALA A 38 5.08 -12.97 4.08
N LEU A 39 4.69 -11.73 3.82
CA LEU A 39 4.69 -10.66 4.83
C LEU A 39 3.80 -11.04 5.99
N THR A 40 2.67 -11.64 5.69
CA THR A 40 1.73 -12.05 6.70
C THR A 40 2.33 -13.18 7.57
N SER A 41 2.95 -14.13 6.90
CA SER A 41 3.51 -15.28 7.56
C SER A 41 4.69 -14.86 8.45
N LEU A 42 5.47 -13.92 7.93
CA LEU A 42 6.63 -13.40 8.62
C LEU A 42 6.25 -12.25 9.55
N LYS A 43 4.94 -11.97 9.64
CA LYS A 43 4.36 -10.92 10.50
C LYS A 43 5.00 -9.54 10.26
N MET A 44 5.52 -9.34 9.06
CA MET A 44 6.21 -8.12 8.72
C MET A 44 5.26 -6.98 8.52
N THR A 45 4.31 -7.18 7.61
CA THR A 45 3.29 -6.18 7.27
C THR A 45 3.92 -4.95 6.55
N ALA A 46 3.40 -4.63 5.38
CA ALA A 46 3.97 -3.58 4.56
C ALA A 46 2.91 -2.76 3.89
N ASP A 47 3.33 -1.61 3.45
CA ASP A 47 2.51 -0.69 2.72
C ASP A 47 2.89 -0.79 1.26
N PHE A 48 1.96 -1.20 0.45
CA PHE A 48 2.16 -1.37 -0.96
C PHE A 48 1.68 -0.15 -1.72
N ILE A 49 2.58 0.54 -2.33
CA ILE A 49 2.22 1.70 -3.11
C ILE A 49 2.11 1.30 -4.56
N LEU A 50 0.93 1.45 -5.09
CA LEU A 50 0.67 1.17 -6.48
C LEU A 50 1.00 2.39 -7.28
N GLN A 51 1.79 2.21 -8.28
CA GLN A 51 2.17 3.29 -9.16
C GLN A 51 1.26 3.27 -10.38
N SER A 52 1.15 4.39 -11.06
CA SER A 52 0.26 4.54 -12.21
C SER A 52 0.72 3.70 -13.41
N ASP A 53 1.97 3.24 -13.35
CA ASP A 53 2.55 2.39 -14.40
C ASP A 53 2.02 0.96 -14.29
N GLY A 54 1.43 0.66 -13.15
CA GLY A 54 0.87 -0.66 -12.96
C GLY A 54 1.80 -1.58 -12.22
N LEU A 55 2.67 -1.01 -11.41
CA LEU A 55 3.59 -1.77 -10.57
C LEU A 55 3.44 -1.31 -9.15
N THR A 56 3.81 -2.12 -8.20
CA THR A 56 3.69 -1.73 -6.83
C THR A 56 4.96 -2.15 -6.07
N TYR A 57 5.19 -1.53 -4.94
CA TYR A 57 6.33 -1.84 -4.10
C TYR A 57 5.87 -1.76 -2.67
N PHE A 58 6.51 -2.47 -1.79
CA PHE A 58 6.08 -2.47 -0.43
C PHE A 58 7.13 -1.91 0.48
N ILE A 59 6.69 -1.24 1.51
CA ILE A 59 7.58 -0.79 2.55
C ILE A 59 7.16 -1.55 3.78
N SER A 60 8.02 -2.34 4.32
CA SER A 60 7.66 -3.12 5.48
C SER A 60 7.85 -2.29 6.72
N LYS A 61 6.99 -2.46 7.68
CA LYS A 61 7.14 -1.76 8.93
C LYS A 61 8.22 -2.44 9.76
N PRO A 62 8.88 -1.69 10.67
CA PRO A 62 9.97 -2.21 11.52
C PRO A 62 9.62 -3.53 12.21
N THR A 63 10.48 -4.49 12.01
CA THR A 63 10.32 -5.80 12.57
C THR A 63 11.71 -6.26 13.06
N SER A 64 11.89 -7.52 13.31
CA SER A 64 13.17 -8.03 13.72
C SER A 64 13.94 -8.47 12.47
N ASP A 65 15.26 -8.54 12.56
CA ASP A 65 16.05 -8.97 11.42
C ASP A 65 15.73 -10.41 11.05
N ALA A 66 15.33 -11.18 12.06
CA ALA A 66 14.97 -12.58 11.90
C ALA A 66 13.78 -12.76 10.96
N GLN A 67 12.84 -11.85 11.00
CA GLN A 67 11.68 -11.93 10.11
C GLN A 67 12.07 -11.48 8.72
N LEU A 68 12.64 -10.29 8.66
CA LEU A 68 12.96 -9.64 7.41
C LEU A 68 13.97 -10.38 6.57
N LYS A 69 14.93 -11.06 7.21
CA LYS A 69 16.01 -11.75 6.52
C LYS A 69 15.48 -12.71 5.45
N ALA A 70 14.37 -13.37 5.73
CA ALA A 70 13.80 -14.33 4.83
C ALA A 70 13.13 -13.64 3.67
N MET A 71 12.59 -12.46 3.94
CA MET A 71 11.93 -11.72 2.95
C MET A 71 12.92 -11.03 2.01
N LYS A 72 14.02 -10.51 2.56
CA LYS A 72 15.06 -9.95 1.73
C LYS A 72 15.68 -11.01 0.83
N GLU A 73 15.80 -12.22 1.35
CA GLU A 73 16.26 -13.33 0.55
C GLU A 73 15.25 -13.69 -0.52
N TYR A 74 13.97 -13.52 -0.19
CA TYR A 74 12.88 -13.79 -1.13
C TYR A 74 13.01 -12.86 -2.33
N LEU A 75 13.14 -11.57 -2.04
CA LEU A 75 13.19 -10.53 -3.05
C LEU A 75 14.39 -10.75 -3.96
N ASP A 76 15.49 -11.17 -3.36
CA ASP A 76 16.72 -11.44 -4.09
C ASP A 76 16.58 -12.63 -5.03
N ARG A 77 15.74 -13.58 -4.66
CA ARG A 77 15.53 -14.77 -5.48
C ARG A 77 14.75 -14.40 -6.71
N LYS A 78 13.98 -13.36 -6.57
CA LYS A 78 13.19 -12.85 -7.64
C LYS A 78 13.93 -11.80 -8.41
N GLY A 79 15.09 -11.44 -7.90
CA GLY A 79 15.93 -10.47 -8.53
C GLY A 79 15.35 -9.08 -8.43
N TRP A 80 14.43 -8.87 -7.51
CA TRP A 80 13.85 -7.56 -7.35
C TRP A 80 14.76 -6.70 -6.53
N TRP A 81 14.77 -5.43 -6.82
CA TRP A 81 15.54 -4.48 -6.08
C TRP A 81 14.83 -4.17 -4.76
N TYR A 82 15.61 -3.97 -3.72
CA TYR A 82 15.08 -3.62 -2.42
C TYR A 82 16.13 -2.92 -1.60
N GLU A 83 15.73 -2.39 -0.48
CA GLU A 83 16.65 -1.74 0.42
C GLU A 83 16.41 -2.31 1.80
N VAL A 84 17.47 -2.58 2.48
CA VAL A 84 17.38 -2.99 3.85
C VAL A 84 17.74 -1.80 4.68
N LYS A 85 16.80 -1.33 5.42
CA LYS A 85 17.03 -0.19 6.27
C LYS A 85 17.68 -0.66 7.52
N GLY B 1 -1.92 11.70 13.83
CA GLY B 1 -1.07 11.98 12.68
C GLY B 1 0.38 12.15 13.06
N SER B 2 0.61 12.71 14.24
CA SER B 2 1.93 12.91 14.73
C SER B 2 2.45 11.64 15.41
N ILE B 3 3.12 10.81 14.61
CA ILE B 3 3.66 9.52 15.07
C ILE B 3 4.77 9.70 16.11
N GLN B 4 5.40 10.85 16.08
CA GLN B 4 6.49 11.20 16.99
C GLN B 4 6.85 12.64 16.72
N LYS B 5 7.09 12.90 15.48
CA LYS B 5 7.40 14.17 14.94
C LYS B 5 6.98 14.10 13.50
N VAL B 6 6.60 15.19 12.91
CA VAL B 6 6.20 15.16 11.52
C VAL B 6 7.06 16.13 10.73
N LYS B 7 7.53 15.70 9.59
CA LYS B 7 8.33 16.58 8.78
C LYS B 7 7.72 16.72 7.39
N ASN B 8 7.65 15.62 6.68
CA ASN B 8 7.08 15.62 5.34
C ASN B 8 6.00 14.58 5.26
N GLY B 9 5.03 14.77 4.40
CA GLY B 9 4.00 13.77 4.28
C GLY B 9 2.70 14.31 3.76
N ASN B 10 1.62 13.74 4.25
CA ASN B 10 0.29 14.06 3.78
C ASN B 10 -0.58 14.42 4.96
N VAL B 11 -1.77 14.88 4.68
CA VAL B 11 -2.74 15.24 5.70
C VAL B 11 -4.10 14.80 5.24
N ALA B 12 -5.08 14.97 6.07
CA ALA B 12 -6.43 14.69 5.70
C ALA B 12 -7.03 15.95 5.14
N THR B 13 -7.16 16.00 3.84
CA THR B 13 -7.69 17.16 3.20
C THR B 13 -9.18 17.28 3.39
N THR B 14 -9.57 18.06 4.36
CA THR B 14 -10.95 18.23 4.67
C THR B 14 -11.60 19.25 3.76
N SER B 15 -11.98 18.79 2.61
CA SER B 15 -12.64 19.59 1.64
C SER B 15 -14.16 19.46 1.82
N PRO B 16 -14.89 20.58 1.85
CA PRO B 16 -16.35 20.54 1.83
C PRO B 16 -16.77 19.97 0.50
N THR B 17 -17.74 19.06 0.53
CA THR B 17 -18.20 18.21 -0.60
C THR B 17 -17.37 16.90 -0.58
N LYS B 18 -17.52 16.03 -1.56
CA LYS B 18 -16.76 14.79 -1.59
C LYS B 18 -15.27 15.06 -1.84
N GLN B 19 -14.45 14.26 -1.24
CA GLN B 19 -13.01 14.37 -1.31
C GLN B 19 -12.51 13.67 -2.56
N ASN B 20 -13.30 12.71 -3.01
CA ASN B 20 -13.04 11.90 -4.21
C ASN B 20 -11.96 10.90 -3.94
N ILE B 21 -12.11 10.24 -2.83
CA ILE B 21 -11.21 9.20 -2.40
C ILE B 21 -12.06 7.98 -2.03
N ILE B 22 -11.67 6.83 -2.43
CA ILE B 22 -12.39 5.63 -2.06
C ILE B 22 -11.47 4.75 -1.25
N GLN B 23 -11.95 4.27 -0.13
CA GLN B 23 -11.18 3.37 0.65
C GLN B 23 -11.92 2.08 0.69
N SER B 24 -11.25 0.99 0.58
CA SER B 24 -11.90 -0.27 0.61
C SER B 24 -11.71 -0.91 1.97
N GLY B 25 -12.40 -1.99 2.20
CA GLY B 25 -12.18 -2.77 3.36
C GLY B 25 -11.12 -3.81 3.07
N ALA B 26 -10.78 -4.59 4.04
CA ALA B 26 -9.80 -5.64 3.87
C ALA B 26 -10.33 -6.74 2.94
N PHE B 27 -9.67 -6.93 1.83
CA PHE B 27 -10.07 -7.93 0.87
C PHE B 27 -8.97 -8.93 0.61
N SER B 28 -9.30 -9.94 -0.18
CA SER B 28 -8.44 -11.03 -0.51
C SER B 28 -7.19 -10.58 -1.30
N PRO B 29 -5.97 -10.96 -0.84
CA PRO B 29 -4.69 -10.55 -1.45
C PRO B 29 -4.55 -10.95 -2.93
N TYR B 30 -5.20 -12.04 -3.33
CA TYR B 30 -5.08 -12.50 -4.71
C TYR B 30 -5.89 -11.62 -5.66
N GLU B 31 -6.81 -10.85 -5.12
CA GLU B 31 -7.65 -9.95 -5.91
C GLU B 31 -6.92 -8.65 -6.16
N THR B 32 -5.95 -8.39 -5.31
CA THR B 32 -5.17 -7.19 -5.31
C THR B 32 -4.57 -6.83 -6.71
N PRO B 33 -3.87 -7.77 -7.41
CA PRO B 33 -3.31 -7.53 -8.75
C PRO B 33 -4.35 -6.97 -9.73
N ASP B 34 -5.56 -7.51 -9.69
CA ASP B 34 -6.61 -7.06 -10.61
C ASP B 34 -7.11 -5.69 -10.20
N VAL B 35 -7.20 -5.46 -8.90
CA VAL B 35 -7.61 -4.18 -8.36
C VAL B 35 -6.57 -3.12 -8.75
N MET B 36 -5.30 -3.49 -8.67
CA MET B 36 -4.21 -2.63 -9.09
C MET B 36 -4.31 -2.33 -10.57
N GLY B 37 -4.67 -3.35 -11.35
CA GLY B 37 -4.89 -3.18 -12.77
C GLY B 37 -6.01 -2.20 -13.04
N ALA B 38 -7.10 -2.33 -12.28
CA ALA B 38 -8.26 -1.46 -12.41
C ALA B 38 -7.87 -0.02 -12.13
N LEU B 39 -7.12 0.18 -11.05
CA LEU B 39 -6.64 1.51 -10.66
C LEU B 39 -5.76 2.11 -11.74
N THR B 40 -4.93 1.28 -12.33
CA THR B 40 -4.03 1.69 -13.38
C THR B 40 -4.83 2.07 -14.64
N SER B 41 -5.86 1.29 -14.91
CA SER B 41 -6.73 1.50 -16.06
C SER B 41 -7.57 2.78 -15.87
N LEU B 42 -8.05 2.96 -14.65
CA LEU B 42 -8.87 4.09 -14.28
C LEU B 42 -8.02 5.29 -13.91
N LYS B 43 -6.70 5.11 -13.99
CA LYS B 43 -5.71 6.18 -13.74
C LYS B 43 -5.86 6.77 -12.32
N MET B 44 -6.39 5.96 -11.43
CA MET B 44 -6.67 6.39 -10.08
C MET B 44 -5.43 6.34 -9.22
N THR B 45 -4.85 5.14 -9.12
CA THR B 45 -3.69 4.88 -8.29
C THR B 45 -4.07 4.90 -6.77
N ALA B 46 -3.60 3.93 -5.99
CA ALA B 46 -3.99 3.82 -4.60
C ALA B 46 -2.90 3.25 -3.72
N ASP B 47 -3.08 3.43 -2.45
CA ASP B 47 -2.18 2.93 -1.44
C ASP B 47 -2.79 1.67 -0.85
N PHE B 48 -2.12 0.56 -1.02
CA PHE B 48 -2.59 -0.71 -0.50
C PHE B 48 -1.88 -1.06 0.78
N ILE B 49 -2.58 -1.06 1.85
CA ILE B 49 -1.98 -1.40 3.10
C ILE B 49 -2.29 -2.83 3.43
N LEU B 50 -1.25 -3.59 3.59
CA LEU B 50 -1.38 -4.96 3.94
C LEU B 50 -1.46 -5.03 5.44
N GLN B 51 -2.43 -5.73 5.91
CA GLN B 51 -2.66 -5.87 7.31
C GLN B 51 -2.00 -7.14 7.79
N SER B 52 -1.70 -7.22 9.06
CA SER B 52 -1.01 -8.36 9.65
C SER B 52 -1.88 -9.62 9.62
N ASP B 53 -3.16 -9.40 9.39
CA ASP B 53 -4.17 -10.44 9.31
C ASP B 53 -4.10 -11.18 7.95
N GLY B 54 -3.42 -10.60 6.99
CA GLY B 54 -3.26 -11.25 5.70
C GLY B 54 -4.22 -10.76 4.65
N LEU B 55 -4.78 -9.61 4.87
CA LEU B 55 -5.70 -8.97 3.94
C LEU B 55 -5.21 -7.57 3.68
N THR B 56 -5.61 -6.98 2.59
CA THR B 56 -5.16 -5.64 2.29
C THR B 56 -6.36 -4.77 1.91
N TYR B 57 -6.18 -3.48 2.01
CA TYR B 57 -7.20 -2.51 1.66
C TYR B 57 -6.51 -1.36 0.98
N PHE B 58 -7.18 -0.70 0.08
CA PHE B 58 -6.56 0.39 -0.61
C PHE B 58 -7.26 1.68 -0.31
N ILE B 59 -6.53 2.75 -0.34
CA ILE B 59 -7.09 4.05 -0.24
C ILE B 59 -6.66 4.75 -1.51
N SER B 60 -7.59 5.17 -2.33
CA SER B 60 -7.23 5.78 -3.61
C SER B 60 -6.84 7.21 -3.42
N LYS B 61 -5.90 7.69 -4.20
CA LYS B 61 -5.54 9.08 -4.12
C LYS B 61 -6.61 9.92 -4.84
N PRO B 62 -6.81 11.19 -4.43
CA PRO B 62 -7.85 12.07 -4.98
C PRO B 62 -7.85 12.12 -6.51
N THR B 63 -9.00 11.88 -7.08
CA THR B 63 -9.18 11.90 -8.50
C THR B 63 -10.54 12.55 -8.79
N SER B 64 -11.05 12.35 -9.97
CA SER B 64 -12.33 12.85 -10.34
C SER B 64 -13.38 11.79 -10.01
N ASP B 65 -14.66 12.18 -9.88
CA ASP B 65 -15.66 11.18 -9.57
C ASP B 65 -15.86 10.24 -10.72
N ALA B 66 -15.67 10.74 -11.92
CA ALA B 66 -15.79 9.97 -13.15
C ALA B 66 -14.85 8.75 -13.15
N GLN B 67 -13.66 8.89 -12.58
CA GLN B 67 -12.76 7.76 -12.49
C GLN B 67 -13.17 6.82 -11.39
N LEU B 68 -13.33 7.36 -10.21
CA LEU B 68 -13.59 6.57 -9.02
C LEU B 68 -14.89 5.83 -9.07
N LYS B 69 -15.90 6.42 -9.69
CA LYS B 69 -17.22 5.83 -9.78
C LYS B 69 -17.17 4.41 -10.37
N ALA B 70 -16.26 4.21 -11.32
CA ALA B 70 -16.13 2.92 -11.95
C ALA B 70 -15.49 1.92 -10.99
N MET B 71 -14.67 2.43 -10.09
CA MET B 71 -14.00 1.62 -9.15
C MET B 71 -14.95 1.20 -8.03
N LYS B 72 -15.74 2.14 -7.53
CA LYS B 72 -16.77 1.80 -6.53
C LYS B 72 -17.76 0.80 -7.09
N GLU B 73 -18.17 1.01 -8.34
CA GLU B 73 -19.05 0.08 -8.99
C GLU B 73 -18.39 -1.30 -9.15
N TYR B 74 -17.07 -1.31 -9.28
CA TYR B 74 -16.30 -2.54 -9.34
C TYR B 74 -16.38 -3.24 -7.99
N LEU B 75 -16.18 -2.47 -6.95
CA LEU B 75 -16.21 -2.96 -5.59
C LEU B 75 -17.57 -3.57 -5.25
N ASP B 76 -18.66 -2.93 -5.70
CA ASP B 76 -20.02 -3.48 -5.50
C ASP B 76 -20.21 -4.82 -6.20
N ARG B 77 -19.48 -5.04 -7.28
CA ARG B 77 -19.60 -6.29 -8.04
C ARG B 77 -19.00 -7.41 -7.23
N LYS B 78 -17.98 -7.06 -6.46
CA LYS B 78 -17.28 -7.98 -5.64
C LYS B 78 -17.83 -8.06 -4.25
N GLY B 79 -18.76 -7.18 -3.96
CA GLY B 79 -19.39 -7.14 -2.68
C GLY B 79 -18.46 -6.64 -1.61
N TRP B 80 -17.41 -5.95 -2.00
CA TRP B 80 -16.48 -5.43 -1.02
C TRP B 80 -17.00 -4.12 -0.45
N TRP B 81 -16.73 -3.91 0.80
CA TRP B 81 -17.11 -2.69 1.47
C TRP B 81 -16.12 -1.58 1.12
N TYR B 82 -16.61 -0.37 1.01
CA TYR B 82 -15.79 0.76 0.72
C TYR B 82 -16.40 2.03 1.28
N GLU B 83 -15.66 3.10 1.23
CA GLU B 83 -16.14 4.40 1.63
C GLU B 83 -15.86 5.37 0.53
N VAL B 84 -16.79 6.23 0.27
CA VAL B 84 -16.55 7.30 -0.62
C VAL B 84 -16.24 8.51 0.21
N LYS B 85 -15.06 8.99 0.12
CA LYS B 85 -14.64 10.15 0.87
C LYS B 85 -15.11 11.37 0.12
N GLY A 1 0.53 29.04 21.64
CA GLY A 1 1.75 28.64 20.93
C GLY A 1 1.62 27.25 20.37
N SER A 2 0.52 27.01 19.63
CA SER A 2 0.21 25.72 19.02
C SER A 2 -0.04 24.66 20.11
N ILE A 3 -0.41 23.46 19.71
CA ILE A 3 -0.60 22.40 20.66
C ILE A 3 0.77 21.87 21.00
N GLN A 4 1.07 21.76 22.29
CA GLN A 4 2.40 21.36 22.69
C GLN A 4 2.62 19.85 22.53
N LYS A 5 3.01 19.48 21.33
CA LYS A 5 3.31 18.11 20.98
C LYS A 5 4.63 18.09 20.23
N VAL A 6 4.85 17.02 19.44
CA VAL A 6 6.08 16.82 18.64
C VAL A 6 7.22 16.47 19.61
N LYS A 7 6.82 15.92 20.73
CA LYS A 7 7.74 15.52 21.76
C LYS A 7 8.34 14.17 21.39
N ASN A 8 9.52 14.21 20.83
CA ASN A 8 10.19 12.99 20.43
C ASN A 8 11.40 12.77 21.28
N GLY A 9 11.52 11.59 21.82
CA GLY A 9 12.64 11.28 22.68
C GLY A 9 12.91 9.80 22.73
N ASN A 10 14.00 9.44 23.39
CA ASN A 10 14.46 8.06 23.57
C ASN A 10 14.88 7.42 22.27
N VAL A 11 16.13 7.61 21.91
CA VAL A 11 16.68 6.97 20.75
C VAL A 11 17.14 5.57 21.13
N ALA A 12 17.26 4.72 20.17
CA ALA A 12 17.63 3.37 20.44
C ALA A 12 19.13 3.17 20.34
N THR A 13 19.76 2.99 21.49
CA THR A 13 21.18 2.75 21.57
C THR A 13 21.45 1.23 21.47
N THR A 14 20.57 0.47 22.07
CA THR A 14 20.61 -0.98 22.03
C THR A 14 19.76 -1.49 20.85
N SER A 15 19.74 -0.68 19.81
CA SER A 15 18.98 -0.89 18.62
C SER A 15 19.52 -2.08 17.82
N PRO A 16 18.66 -2.75 17.05
CA PRO A 16 19.06 -3.84 16.14
C PRO A 16 20.16 -3.36 15.19
N THR A 17 20.94 -4.29 14.66
CA THR A 17 22.09 -3.99 13.79
C THR A 17 21.61 -3.50 12.36
N LYS A 18 20.40 -3.04 12.31
CA LYS A 18 19.74 -2.48 11.15
C LYS A 18 18.41 -1.90 11.58
N GLN A 19 17.71 -1.29 10.66
CA GLN A 19 16.40 -0.74 10.96
C GLN A 19 15.33 -1.81 10.76
N ASN A 20 15.69 -2.83 9.96
CA ASN A 20 14.84 -4.04 9.72
C ASN A 20 13.68 -3.71 8.82
N ILE A 21 13.83 -2.63 8.12
CA ILE A 21 12.83 -2.17 7.20
C ILE A 21 13.29 -2.51 5.80
N ILE A 22 12.42 -2.96 4.98
CA ILE A 22 12.76 -3.25 3.61
C ILE A 22 11.84 -2.47 2.71
N GLN A 23 12.40 -1.88 1.70
CA GLN A 23 11.61 -1.21 0.73
C GLN A 23 11.93 -1.89 -0.58
N SER A 24 10.95 -2.14 -1.37
CA SER A 24 11.20 -2.77 -2.63
C SER A 24 11.11 -1.74 -3.74
N GLY A 25 11.49 -2.13 -4.92
CA GLY A 25 11.27 -1.33 -6.06
C GLY A 25 9.97 -1.73 -6.70
N ALA A 26 9.60 -1.07 -7.76
CA ALA A 26 8.37 -1.38 -8.48
C ALA A 26 8.46 -2.78 -9.13
N PHE A 27 7.51 -3.63 -8.78
CA PHE A 27 7.45 -4.97 -9.33
C PHE A 27 6.06 -5.29 -9.85
N SER A 28 5.95 -6.43 -10.53
CA SER A 28 4.71 -6.88 -11.15
C SER A 28 3.62 -7.19 -10.12
N PRO A 29 2.40 -6.67 -10.35
CA PRO A 29 1.25 -6.82 -9.43
C PRO A 29 0.85 -8.28 -9.15
N TYR A 30 1.10 -9.18 -10.09
CA TYR A 30 0.70 -10.58 -9.91
C TYR A 30 1.60 -11.32 -8.92
N GLU A 31 2.78 -10.76 -8.64
CA GLU A 31 3.73 -11.34 -7.69
C GLU A 31 3.39 -10.87 -6.29
N THR A 32 2.69 -9.76 -6.24
CA THR A 32 2.31 -9.08 -5.03
C THR A 32 1.61 -10.01 -3.98
N PRO A 33 0.58 -10.81 -4.37
CA PRO A 33 -0.08 -11.76 -3.46
C PRO A 33 0.91 -12.66 -2.72
N ASP A 34 1.94 -13.10 -3.42
CA ASP A 34 2.93 -13.96 -2.83
C ASP A 34 3.84 -13.20 -1.88
N VAL A 35 4.17 -11.94 -2.24
CA VAL A 35 4.96 -11.07 -1.39
C VAL A 35 4.18 -10.83 -0.10
N MET A 36 2.88 -10.60 -0.27
CA MET A 36 1.98 -10.42 0.85
C MET A 36 1.94 -11.65 1.71
N GLY A 37 2.01 -12.82 1.08
CA GLY A 37 2.06 -14.07 1.81
C GLY A 37 3.29 -14.14 2.71
N ALA A 38 4.43 -13.67 2.19
CA ALA A 38 5.68 -13.65 2.95
C ALA A 38 5.52 -12.75 4.17
N LEU A 39 5.02 -11.54 3.94
CA LEU A 39 4.80 -10.57 5.00
C LEU A 39 3.80 -11.09 6.04
N THR A 40 2.87 -11.92 5.60
CA THR A 40 1.89 -12.53 6.47
C THR A 40 2.56 -13.55 7.41
N SER A 41 3.33 -14.46 6.84
CA SER A 41 3.99 -15.51 7.60
C SER A 41 5.04 -14.93 8.53
N LEU A 42 5.66 -13.86 8.08
CA LEU A 42 6.68 -13.19 8.83
C LEU A 42 6.08 -12.10 9.72
N LYS A 43 4.74 -12.01 9.72
CA LYS A 43 3.99 -11.05 10.57
C LYS A 43 4.51 -9.63 10.50
N MET A 44 5.00 -9.28 9.35
CA MET A 44 5.67 -8.01 9.15
C MET A 44 4.71 -6.85 8.92
N THR A 45 3.92 -6.92 7.83
CA THR A 45 2.99 -5.85 7.44
C THR A 45 3.72 -4.70 6.71
N ALA A 46 3.29 -4.42 5.52
CA ALA A 46 3.93 -3.42 4.69
C ALA A 46 2.90 -2.64 3.92
N ASP A 47 3.31 -1.50 3.45
CA ASP A 47 2.46 -0.62 2.65
C ASP A 47 2.84 -0.80 1.21
N PHE A 48 1.93 -1.31 0.43
CA PHE A 48 2.14 -1.48 -1.00
C PHE A 48 1.51 -0.33 -1.74
N ILE A 49 2.30 0.51 -2.32
CA ILE A 49 1.79 1.63 -3.06
C ILE A 49 1.73 1.27 -4.53
N LEU A 50 0.55 1.30 -5.08
CA LEU A 50 0.35 0.99 -6.46
C LEU A 50 0.54 2.23 -7.31
N GLN A 51 1.49 2.15 -8.19
CA GLN A 51 1.83 3.28 -9.03
C GLN A 51 0.97 3.24 -10.28
N SER A 52 0.81 4.38 -10.92
CA SER A 52 -0.04 4.53 -12.10
C SER A 52 0.45 3.71 -13.29
N ASP A 53 1.68 3.27 -13.22
CA ASP A 53 2.28 2.46 -14.28
C ASP A 53 1.78 1.02 -14.22
N GLY A 54 1.20 0.65 -13.11
CA GLY A 54 0.69 -0.70 -12.95
C GLY A 54 1.63 -1.59 -12.19
N LEU A 55 2.53 -0.99 -11.47
CA LEU A 55 3.48 -1.73 -10.65
C LEU A 55 3.37 -1.24 -9.24
N THR A 56 3.73 -2.04 -8.29
CA THR A 56 3.64 -1.65 -6.92
C THR A 56 4.98 -1.93 -6.22
N TYR A 57 5.16 -1.30 -5.10
CA TYR A 57 6.35 -1.48 -4.28
C TYR A 57 5.89 -1.38 -2.85
N PHE A 58 6.56 -2.05 -1.96
CA PHE A 58 6.14 -2.02 -0.58
C PHE A 58 7.22 -1.48 0.29
N ILE A 59 6.83 -0.93 1.41
CA ILE A 59 7.76 -0.53 2.40
C ILE A 59 7.28 -1.19 3.69
N SER A 60 8.07 -2.03 4.27
CA SER A 60 7.65 -2.76 5.47
C SER A 60 7.98 -1.97 6.72
N LYS A 61 7.16 -2.14 7.74
CA LYS A 61 7.43 -1.54 9.02
C LYS A 61 8.53 -2.38 9.71
N PRO A 62 9.32 -1.78 10.63
CA PRO A 62 10.41 -2.50 11.32
C PRO A 62 9.93 -3.72 12.11
N THR A 63 10.73 -4.76 12.09
CA THR A 63 10.42 -6.01 12.75
C THR A 63 11.74 -6.63 13.26
N SER A 64 11.71 -7.88 13.64
CA SER A 64 12.89 -8.57 14.14
C SER A 64 13.75 -9.06 12.97
N ASP A 65 15.07 -9.24 13.19
CA ASP A 65 16.00 -9.71 12.14
C ASP A 65 15.55 -11.06 11.58
N ALA A 66 14.98 -11.88 12.44
CA ALA A 66 14.45 -13.19 12.09
C ALA A 66 13.40 -13.11 11.00
N GLN A 67 12.50 -12.15 11.12
CA GLN A 67 11.45 -11.98 10.13
C GLN A 67 12.03 -11.33 8.90
N LEU A 68 12.77 -10.26 9.14
CA LEU A 68 13.43 -9.47 8.12
C LEU A 68 14.25 -10.33 7.16
N LYS A 69 14.98 -11.28 7.72
CA LYS A 69 15.92 -12.04 6.97
C LYS A 69 15.30 -12.82 5.80
N ALA A 70 14.16 -13.46 6.04
CA ALA A 70 13.52 -14.27 5.02
C ALA A 70 12.86 -13.40 3.95
N MET A 71 12.47 -12.21 4.36
CA MET A 71 11.79 -11.27 3.48
C MET A 71 12.79 -10.77 2.42
N LYS A 72 14.01 -10.40 2.89
CA LYS A 72 15.08 -9.88 2.00
C LYS A 72 15.38 -10.91 0.95
N GLU A 73 15.67 -12.12 1.44
CA GLU A 73 16.05 -13.24 0.61
C GLU A 73 15.01 -13.52 -0.45
N TYR A 74 13.77 -13.36 -0.09
CA TYR A 74 12.66 -13.56 -1.02
C TYR A 74 12.74 -12.61 -2.21
N LEU A 75 12.96 -11.36 -1.94
CA LEU A 75 13.05 -10.35 -2.98
C LEU A 75 14.26 -10.63 -3.85
N ASP A 76 15.28 -11.20 -3.25
CA ASP A 76 16.50 -11.57 -3.96
C ASP A 76 16.25 -12.78 -4.85
N ARG A 77 15.36 -13.68 -4.43
CA ARG A 77 15.04 -14.87 -5.21
C ARG A 77 14.30 -14.44 -6.44
N LYS A 78 13.56 -13.35 -6.29
CA LYS A 78 12.81 -12.78 -7.38
C LYS A 78 13.69 -11.86 -8.22
N GLY A 79 14.87 -11.57 -7.73
CA GLY A 79 15.79 -10.72 -8.44
C GLY A 79 15.31 -9.28 -8.56
N TRP A 80 14.55 -8.81 -7.58
CA TRP A 80 14.03 -7.45 -7.60
C TRP A 80 14.94 -6.56 -6.81
N TRP A 81 14.92 -5.28 -7.11
CA TRP A 81 15.69 -4.33 -6.35
C TRP A 81 14.96 -4.03 -5.05
N TYR A 82 15.69 -3.95 -3.97
CA TYR A 82 15.14 -3.63 -2.70
C TYR A 82 16.20 -3.03 -1.81
N GLU A 83 15.78 -2.49 -0.71
CA GLU A 83 16.69 -1.93 0.23
C GLU A 83 16.42 -2.47 1.58
N VAL A 84 17.46 -2.80 2.27
CA VAL A 84 17.34 -3.21 3.62
C VAL A 84 17.82 -2.09 4.47
N LYS A 85 16.93 -1.54 5.22
CA LYS A 85 17.27 -0.45 6.07
C LYS A 85 17.82 -0.98 7.36
N GLY B 1 10.70 22.05 19.70
CA GLY B 1 9.79 22.78 20.57
C GLY B 1 8.46 23.02 19.92
N SER B 2 7.78 21.91 19.60
CA SER B 2 6.46 21.93 18.96
C SER B 2 6.54 22.47 17.52
N ILE B 3 6.67 21.58 16.57
CA ILE B 3 6.67 21.95 15.17
C ILE B 3 5.23 22.08 14.72
N GLN B 4 4.84 23.27 14.33
CA GLN B 4 3.48 23.54 13.96
C GLN B 4 3.09 22.87 12.65
N LYS B 5 2.12 22.01 12.74
CA LYS B 5 1.55 21.38 11.60
C LYS B 5 0.05 21.64 11.65
N VAL B 6 -0.68 20.99 10.78
CA VAL B 6 -2.12 21.08 10.72
C VAL B 6 -2.58 22.46 10.24
N LYS B 7 -2.36 22.67 8.97
CA LYS B 7 -2.85 23.83 8.26
C LYS B 7 -3.43 23.34 6.96
N ASN B 8 -3.72 22.05 6.94
CA ASN B 8 -4.23 21.35 5.77
C ASN B 8 -5.74 21.44 5.73
N GLY B 9 -6.31 20.88 4.70
CA GLY B 9 -7.74 20.88 4.55
C GLY B 9 -8.15 21.82 3.48
N ASN B 10 -8.04 23.12 3.76
CA ASN B 10 -8.41 24.18 2.83
C ASN B 10 -9.85 24.04 2.36
N VAL B 11 -10.77 24.54 3.14
CA VAL B 11 -12.17 24.47 2.76
C VAL B 11 -12.57 25.69 1.96
N ALA B 12 -13.47 25.50 1.04
CA ALA B 12 -13.93 26.56 0.18
C ALA B 12 -15.42 26.39 -0.03
N THR B 13 -16.06 27.36 -0.62
CA THR B 13 -17.49 27.34 -0.81
C THR B 13 -17.86 26.26 -1.86
N THR B 14 -17.41 26.43 -3.07
CA THR B 14 -17.66 25.47 -4.10
C THR B 14 -16.57 24.42 -4.13
N SER B 15 -16.58 23.62 -3.11
CA SER B 15 -15.64 22.56 -2.95
C SER B 15 -16.37 21.21 -2.98
N PRO B 16 -15.68 20.12 -3.42
CA PRO B 16 -16.27 18.79 -3.41
C PRO B 16 -16.84 18.47 -2.02
N THR B 17 -18.03 17.91 -1.98
CA THR B 17 -18.67 17.62 -0.72
C THR B 17 -18.30 16.20 -0.26
N LYS B 18 -17.33 15.67 -0.92
CA LYS B 18 -16.83 14.36 -0.67
C LYS B 18 -15.32 14.43 -0.72
N GLN B 19 -14.68 13.32 -0.55
CA GLN B 19 -13.23 13.28 -0.53
C GLN B 19 -12.70 12.72 -1.84
N ASN B 20 -13.54 11.89 -2.49
CA ASN B 20 -13.25 11.21 -3.76
C ASN B 20 -12.27 10.10 -3.50
N ILE B 21 -12.40 9.54 -2.32
CA ILE B 21 -11.54 8.47 -1.85
C ILE B 21 -12.40 7.21 -1.66
N ILE B 22 -11.75 6.07 -1.67
CA ILE B 22 -12.38 4.80 -1.39
C ILE B 22 -11.45 4.02 -0.50
N GLN B 23 -11.99 3.38 0.50
CA GLN B 23 -11.21 2.51 1.30
C GLN B 23 -11.90 1.19 1.27
N SER B 24 -11.17 0.13 1.18
CA SER B 24 -11.75 -1.17 1.10
C SER B 24 -11.61 -1.89 2.41
N GLY B 25 -12.34 -2.96 2.55
CA GLY B 25 -12.13 -3.82 3.66
C GLY B 25 -11.00 -4.76 3.33
N ALA B 26 -10.54 -5.48 4.30
CA ALA B 26 -9.48 -6.44 4.06
C ALA B 26 -9.98 -7.60 3.15
N PHE B 27 -9.38 -7.71 1.99
CA PHE B 27 -9.79 -8.70 1.01
C PHE B 27 -8.65 -9.65 0.66
N SER B 28 -8.96 -10.62 -0.19
CA SER B 28 -8.03 -11.65 -0.60
C SER B 28 -6.82 -11.08 -1.36
N PRO B 29 -5.60 -11.45 -0.92
CA PRO B 29 -4.34 -10.94 -1.51
C PRO B 29 -4.20 -11.28 -3.00
N TYR B 30 -4.80 -12.38 -3.42
CA TYR B 30 -4.70 -12.81 -4.82
C TYR B 30 -5.58 -11.97 -5.75
N GLU B 31 -6.54 -11.24 -5.21
CA GLU B 31 -7.41 -10.38 -6.03
C GLU B 31 -6.76 -9.03 -6.20
N THR B 32 -5.84 -8.75 -5.32
CA THR B 32 -5.10 -7.51 -5.25
C THR B 32 -4.47 -7.08 -6.61
N PRO B 33 -3.74 -7.98 -7.34
CA PRO B 33 -3.16 -7.67 -8.66
C PRO B 33 -4.18 -7.05 -9.62
N ASP B 34 -5.40 -7.58 -9.61
CA ASP B 34 -6.46 -7.10 -10.48
C ASP B 34 -7.00 -5.76 -9.99
N VAL B 35 -7.06 -5.59 -8.66
CA VAL B 35 -7.48 -4.33 -8.04
C VAL B 35 -6.49 -3.25 -8.44
N MET B 36 -5.22 -3.61 -8.39
CA MET B 36 -4.15 -2.75 -8.77
C MET B 36 -4.27 -2.33 -10.24
N GLY B 37 -4.70 -3.26 -11.07
CA GLY B 37 -4.93 -2.96 -12.47
C GLY B 37 -6.02 -1.90 -12.64
N ALA B 38 -7.08 -2.03 -11.85
CA ALA B 38 -8.18 -1.08 -11.88
C ALA B 38 -7.69 0.32 -11.49
N LEU B 39 -6.91 0.40 -10.41
CA LEU B 39 -6.34 1.66 -9.95
C LEU B 39 -5.46 2.26 -11.02
N THR B 40 -4.69 1.40 -11.67
CA THR B 40 -3.81 1.79 -12.75
C THR B 40 -4.61 2.41 -13.88
N SER B 41 -5.66 1.74 -14.28
CA SER B 41 -6.51 2.16 -15.37
C SER B 41 -7.17 3.50 -15.03
N LEU B 42 -7.48 3.68 -13.76
CA LEU B 42 -8.19 4.84 -13.28
C LEU B 42 -7.25 5.91 -12.70
N LYS B 43 -5.92 5.72 -12.88
CA LYS B 43 -4.87 6.71 -12.42
C LYS B 43 -5.01 7.02 -10.92
N MET B 44 -5.58 6.12 -10.18
CA MET B 44 -5.90 6.37 -8.77
C MET B 44 -4.71 6.28 -7.83
N THR B 45 -4.16 5.07 -7.64
CA THR B 45 -3.08 4.83 -6.68
C THR B 45 -3.60 4.78 -5.25
N ALA B 46 -3.26 3.72 -4.58
CA ALA B 46 -3.72 3.48 -3.25
C ALA B 46 -2.65 2.78 -2.47
N ASP B 47 -2.76 2.83 -1.17
CA ASP B 47 -1.86 2.15 -0.27
C ASP B 47 -2.50 0.89 0.19
N PHE B 48 -1.94 -0.22 -0.18
CA PHE B 48 -2.43 -1.50 0.25
C PHE B 48 -1.65 -1.94 1.45
N ILE B 49 -2.29 -1.96 2.58
CA ILE B 49 -1.64 -2.39 3.78
C ILE B 49 -1.93 -3.86 3.99
N LEU B 50 -0.90 -4.65 3.97
CA LEU B 50 -1.03 -6.06 4.16
C LEU B 50 -1.01 -6.38 5.61
N GLN B 51 -2.08 -6.96 6.06
CA GLN B 51 -2.24 -7.26 7.44
C GLN B 51 -1.71 -8.66 7.71
N SER B 52 -1.36 -8.90 8.94
CA SER B 52 -0.78 -10.14 9.40
C SER B 52 -1.74 -11.32 9.32
N ASP B 53 -3.02 -11.01 9.16
CA ASP B 53 -4.08 -12.02 9.04
C ASP B 53 -4.04 -12.64 7.63
N GLY B 54 -3.35 -11.99 6.72
CA GLY B 54 -3.23 -12.50 5.37
C GLY B 54 -4.19 -11.85 4.41
N LEU B 55 -4.60 -10.64 4.74
CA LEU B 55 -5.52 -9.88 3.92
C LEU B 55 -5.01 -8.48 3.78
N THR B 56 -5.35 -7.81 2.72
CA THR B 56 -4.90 -6.46 2.53
C THR B 56 -6.10 -5.56 2.23
N TYR B 57 -5.95 -4.29 2.50
CA TYR B 57 -6.96 -3.30 2.25
C TYR B 57 -6.27 -2.08 1.71
N PHE B 58 -6.92 -1.36 0.84
CA PHE B 58 -6.29 -0.21 0.27
C PHE B 58 -7.02 1.05 0.64
N ILE B 59 -6.29 2.11 0.75
CA ILE B 59 -6.87 3.39 0.94
C ILE B 59 -6.40 4.21 -0.25
N SER B 60 -7.30 4.68 -1.07
CA SER B 60 -6.91 5.41 -2.26
C SER B 60 -6.70 6.88 -1.96
N LYS B 61 -5.81 7.49 -2.71
CA LYS B 61 -5.61 8.92 -2.62
C LYS B 61 -6.77 9.62 -3.35
N PRO B 62 -7.04 10.90 -3.05
CA PRO B 62 -8.13 11.64 -3.70
C PRO B 62 -7.92 11.76 -5.21
N THR B 63 -8.91 11.36 -5.96
CA THR B 63 -8.87 11.44 -7.39
C THR B 63 -10.14 12.18 -7.85
N SER B 64 -10.45 12.16 -9.10
CA SER B 64 -11.63 12.81 -9.60
C SER B 64 -12.80 11.79 -9.61
N ASP B 65 -14.06 12.27 -9.51
CA ASP B 65 -15.24 11.38 -9.46
C ASP B 65 -15.34 10.48 -10.70
N ALA B 66 -14.82 10.95 -11.81
CA ALA B 66 -14.81 10.20 -13.07
C ALA B 66 -13.94 8.94 -12.94
N GLN B 67 -12.86 9.05 -12.20
CA GLN B 67 -11.99 7.89 -11.95
C GLN B 67 -12.65 7.01 -10.90
N LEU B 68 -13.05 7.68 -9.83
CA LEU B 68 -13.69 7.11 -8.66
C LEU B 68 -14.87 6.21 -9.00
N LYS B 69 -15.67 6.65 -9.95
CA LYS B 69 -16.92 6.01 -10.31
C LYS B 69 -16.75 4.52 -10.61
N ALA B 70 -15.77 4.19 -11.42
CA ALA B 70 -15.57 2.84 -11.88
C ALA B 70 -14.97 1.96 -10.81
N MET B 71 -14.20 2.54 -9.91
CA MET B 71 -13.54 1.78 -8.90
C MET B 71 -14.56 1.28 -7.88
N LYS B 72 -15.50 2.15 -7.49
CA LYS B 72 -16.54 1.77 -6.54
C LYS B 72 -17.30 0.60 -7.11
N GLU B 73 -17.64 0.74 -8.38
CA GLU B 73 -18.35 -0.28 -9.13
C GLU B 73 -17.59 -1.59 -9.15
N TYR B 74 -16.27 -1.51 -9.22
CA TYR B 74 -15.43 -2.70 -9.25
C TYR B 74 -15.51 -3.47 -7.94
N LEU B 75 -15.36 -2.77 -6.85
CA LEU B 75 -15.43 -3.36 -5.53
C LEU B 75 -16.82 -3.92 -5.29
N ASP B 76 -17.79 -3.25 -5.88
CA ASP B 76 -19.20 -3.65 -5.83
C ASP B 76 -19.42 -4.96 -6.56
N ARG B 77 -18.74 -5.14 -7.69
CA ARG B 77 -18.94 -6.35 -8.49
C ARG B 77 -18.27 -7.50 -7.79
N LYS B 78 -17.26 -7.18 -7.02
CA LYS B 78 -16.57 -8.18 -6.24
C LYS B 78 -17.33 -8.47 -4.96
N GLY B 79 -18.33 -7.68 -4.68
CA GLY B 79 -19.10 -7.87 -3.49
C GLY B 79 -18.31 -7.60 -2.23
N TRP B 80 -17.30 -6.76 -2.32
CA TRP B 80 -16.46 -6.45 -1.18
C TRP B 80 -17.01 -5.25 -0.45
N TRP B 81 -16.69 -5.15 0.80
CA TRP B 81 -17.06 -4.01 1.57
C TRP B 81 -16.05 -2.91 1.31
N TYR B 82 -16.54 -1.71 1.16
CA TYR B 82 -15.71 -0.57 0.97
C TYR B 82 -16.44 0.66 1.44
N GLU B 83 -15.77 1.77 1.44
CA GLU B 83 -16.39 3.01 1.80
C GLU B 83 -16.12 4.01 0.75
N VAL B 84 -17.11 4.76 0.39
CA VAL B 84 -16.95 5.82 -0.52
C VAL B 84 -16.83 7.09 0.27
N LYS B 85 -15.76 7.77 0.06
CA LYS B 85 -15.55 9.00 0.71
C LYS B 85 -15.99 10.11 -0.24
N GLY A 1 -2.37 22.71 2.37
CA GLY A 1 -2.79 22.84 3.76
C GLY A 1 -1.61 22.74 4.68
N SER A 2 -1.87 22.62 5.96
CA SER A 2 -0.83 22.43 6.94
C SER A 2 -0.47 20.94 6.95
N ILE A 3 -1.44 20.11 7.34
CA ILE A 3 -1.35 18.65 7.35
C ILE A 3 -0.14 18.11 8.13
N GLN A 4 -0.34 17.87 9.40
CA GLN A 4 0.69 17.27 10.20
C GLN A 4 0.57 15.76 10.19
N LYS A 5 1.13 15.18 9.18
CA LYS A 5 1.15 13.76 9.01
C LYS A 5 2.50 13.27 9.52
N VAL A 6 2.48 12.51 10.58
CA VAL A 6 3.70 12.09 11.21
C VAL A 6 4.28 10.84 10.54
N LYS A 7 5.25 11.05 9.70
CA LYS A 7 5.98 9.96 9.10
C LYS A 7 7.42 9.92 9.54
N ASN A 8 7.63 9.18 10.59
CA ASN A 8 8.92 8.94 11.16
C ASN A 8 8.85 7.59 11.82
N GLY A 9 9.83 6.77 11.59
CA GLY A 9 9.78 5.43 12.10
C GLY A 9 10.15 5.35 13.56
N ASN A 10 9.99 4.18 14.12
CA ASN A 10 10.30 3.94 15.51
C ASN A 10 11.81 3.85 15.69
N VAL A 11 12.38 4.89 16.23
CA VAL A 11 13.79 4.93 16.50
C VAL A 11 14.08 4.32 17.88
N ALA A 12 14.56 3.11 17.85
CA ALA A 12 14.83 2.36 19.07
C ALA A 12 16.05 2.89 19.78
N THR A 13 15.99 2.91 21.11
CA THR A 13 17.10 3.37 21.96
C THR A 13 18.33 2.54 21.64
N THR A 14 18.16 1.23 21.68
CA THR A 14 19.18 0.33 21.25
C THR A 14 19.14 0.29 19.74
N SER A 15 19.74 1.27 19.15
CA SER A 15 19.71 1.45 17.73
C SER A 15 20.62 0.45 17.01
N PRO A 16 20.04 -0.38 16.14
CA PRO A 16 20.76 -1.27 15.29
C PRO A 16 21.11 -0.57 13.98
N THR A 17 22.10 -1.06 13.27
CA THR A 17 22.52 -0.44 11.99
C THR A 17 21.49 -0.75 10.86
N LYS A 18 20.45 -1.37 11.28
CA LYS A 18 19.37 -1.77 10.45
C LYS A 18 18.09 -1.52 11.22
N GLN A 19 17.18 -0.89 10.57
CA GLN A 19 15.88 -0.55 11.15
C GLN A 19 14.94 -1.76 11.07
N ASN A 20 15.43 -2.82 10.40
CA ASN A 20 14.68 -4.10 10.21
C ASN A 20 13.49 -3.86 9.32
N ILE A 21 13.67 -2.94 8.41
CA ILE A 21 12.67 -2.51 7.46
C ILE A 21 13.17 -2.85 6.06
N ILE A 22 12.28 -3.05 5.13
CA ILE A 22 12.63 -3.32 3.76
C ILE A 22 11.71 -2.57 2.84
N GLN A 23 12.24 -1.98 1.80
CA GLN A 23 11.45 -1.35 0.80
C GLN A 23 11.78 -2.04 -0.49
N SER A 24 10.82 -2.28 -1.32
CA SER A 24 11.10 -2.92 -2.57
C SER A 24 11.00 -1.92 -3.70
N GLY A 25 11.40 -2.34 -4.87
CA GLY A 25 11.20 -1.54 -6.04
C GLY A 25 9.89 -1.91 -6.65
N ALA A 26 9.48 -1.18 -7.66
CA ALA A 26 8.25 -1.47 -8.36
C ALA A 26 8.33 -2.82 -9.08
N PHE A 27 7.47 -3.74 -8.68
CA PHE A 27 7.41 -5.06 -9.28
C PHE A 27 6.00 -5.36 -9.81
N SER A 28 5.86 -6.49 -10.45
CA SER A 28 4.62 -6.89 -11.10
C SER A 28 3.48 -7.19 -10.10
N PRO A 29 2.26 -6.65 -10.37
CA PRO A 29 1.08 -6.78 -9.50
C PRO A 29 0.66 -8.22 -9.21
N TYR A 30 0.93 -9.13 -10.13
CA TYR A 30 0.58 -10.53 -9.95
C TYR A 30 1.45 -11.23 -8.89
N GLU A 31 2.59 -10.64 -8.56
CA GLU A 31 3.48 -11.20 -7.54
C GLU A 31 3.13 -10.67 -6.17
N THR A 32 2.41 -9.58 -6.17
CA THR A 32 1.95 -8.91 -4.97
C THR A 32 1.25 -9.88 -3.96
N PRO A 33 0.27 -10.71 -4.39
CA PRO A 33 -0.41 -11.68 -3.51
C PRO A 33 0.61 -12.61 -2.81
N ASP A 34 1.63 -13.03 -3.55
CA ASP A 34 2.65 -13.93 -3.03
C ASP A 34 3.55 -13.19 -2.04
N VAL A 35 3.81 -11.90 -2.32
CA VAL A 35 4.59 -11.07 -1.41
C VAL A 35 3.82 -10.80 -0.12
N MET A 36 2.54 -10.49 -0.26
CA MET A 36 1.67 -10.21 0.88
C MET A 36 1.58 -11.40 1.81
N GLY A 37 1.65 -12.60 1.24
CA GLY A 37 1.64 -13.79 2.04
C GLY A 37 2.92 -13.92 2.83
N ALA A 38 4.04 -13.61 2.18
CA ALA A 38 5.35 -13.66 2.82
C ALA A 38 5.41 -12.69 3.99
N LEU A 39 4.94 -11.47 3.78
CA LEU A 39 4.94 -10.43 4.81
C LEU A 39 4.13 -10.88 6.01
N THR A 40 3.02 -11.52 5.75
CA THR A 40 2.16 -12.00 6.79
C THR A 40 2.79 -13.18 7.52
N SER A 41 3.44 -14.03 6.75
CA SER A 41 4.11 -15.21 7.29
C SER A 41 5.30 -14.77 8.16
N LEU A 42 5.89 -13.66 7.79
CA LEU A 42 7.03 -13.11 8.48
C LEU A 42 6.63 -11.96 9.39
N LYS A 43 5.32 -11.81 9.64
CA LYS A 43 4.75 -10.78 10.56
C LYS A 43 5.30 -9.37 10.32
N MET A 44 5.58 -9.07 9.09
CA MET A 44 6.17 -7.80 8.73
C MET A 44 5.14 -6.71 8.60
N THR A 45 4.21 -6.90 7.64
CA THR A 45 3.18 -5.91 7.33
C THR A 45 3.81 -4.69 6.60
N ALA A 46 3.31 -4.39 5.43
CA ALA A 46 3.91 -3.36 4.59
C ALA A 46 2.88 -2.55 3.84
N ASP A 47 3.31 -1.43 3.34
CA ASP A 47 2.48 -0.54 2.56
C ASP A 47 2.84 -0.69 1.09
N PHE A 48 1.91 -1.18 0.31
CA PHE A 48 2.11 -1.37 -1.12
C PHE A 48 1.54 -0.22 -1.90
N ILE A 49 2.38 0.56 -2.49
CA ILE A 49 1.88 1.66 -3.27
C ILE A 49 1.80 1.25 -4.71
N LEU A 50 0.62 1.30 -5.25
CA LEU A 50 0.37 1.00 -6.62
C LEU A 50 0.60 2.23 -7.41
N GLN A 51 1.45 2.10 -8.36
CA GLN A 51 1.89 3.21 -9.16
C GLN A 51 1.04 3.28 -10.43
N SER A 52 1.07 4.43 -11.10
CA SER A 52 0.25 4.69 -12.28
C SER A 52 0.73 3.85 -13.47
N ASP A 53 1.96 3.36 -13.34
CA ASP A 53 2.62 2.55 -14.34
C ASP A 53 2.11 1.10 -14.33
N GLY A 54 1.40 0.73 -13.26
CA GLY A 54 0.85 -0.60 -13.16
C GLY A 54 1.69 -1.55 -12.33
N LEU A 55 2.62 -1.00 -11.59
CA LEU A 55 3.48 -1.80 -10.72
C LEU A 55 3.32 -1.32 -9.30
N THR A 56 3.76 -2.11 -8.35
CA THR A 56 3.65 -1.72 -6.97
C THR A 56 4.94 -2.05 -6.23
N TYR A 57 5.12 -1.45 -5.08
CA TYR A 57 6.28 -1.64 -4.25
C TYR A 57 5.82 -1.53 -2.81
N PHE A 58 6.50 -2.16 -1.90
CA PHE A 58 6.08 -2.09 -0.54
C PHE A 58 7.15 -1.53 0.34
N ILE A 59 6.73 -0.86 1.38
CA ILE A 59 7.63 -0.43 2.40
C ILE A 59 7.15 -1.11 3.67
N SER A 60 7.97 -1.93 4.26
CA SER A 60 7.55 -2.73 5.40
C SER A 60 7.76 -2.02 6.72
N LYS A 61 6.97 -2.43 7.70
CA LYS A 61 7.17 -2.01 9.06
C LYS A 61 8.36 -2.79 9.64
N PRO A 62 9.04 -2.24 10.66
CA PRO A 62 10.18 -2.89 11.30
C PRO A 62 9.79 -4.22 11.96
N THR A 63 10.43 -5.27 11.55
CA THR A 63 10.21 -6.58 12.09
C THR A 63 11.49 -7.03 12.86
N SER A 64 11.65 -8.29 13.10
CA SER A 64 12.83 -8.82 13.74
C SER A 64 13.83 -9.20 12.65
N ASP A 65 15.14 -9.26 12.96
CA ASP A 65 16.14 -9.66 11.97
C ASP A 65 15.83 -11.01 11.33
N ALA A 66 15.39 -11.94 12.14
CA ALA A 66 15.03 -13.28 11.69
C ALA A 66 13.93 -13.25 10.62
N GLN A 67 12.93 -12.43 10.83
CA GLN A 67 11.85 -12.26 9.85
C GLN A 67 12.33 -11.38 8.68
N LEU A 68 13.13 -10.37 9.01
CA LEU A 68 13.78 -9.45 8.06
C LEU A 68 14.60 -10.20 7.02
N LYS A 69 15.51 -11.03 7.51
CA LYS A 69 16.47 -11.76 6.68
C LYS A 69 15.76 -12.59 5.65
N ALA A 70 14.67 -13.21 6.05
CA ALA A 70 13.91 -14.10 5.20
C ALA A 70 13.28 -13.36 4.06
N MET A 71 12.83 -12.14 4.33
CA MET A 71 12.20 -11.36 3.34
C MET A 71 13.21 -10.74 2.38
N LYS A 72 14.38 -10.36 2.90
CA LYS A 72 15.45 -9.82 2.04
C LYS A 72 15.82 -10.90 1.07
N GLU A 73 16.02 -12.08 1.64
CA GLU A 73 16.32 -13.26 0.88
C GLU A 73 15.22 -13.55 -0.14
N TYR A 74 13.99 -13.32 0.26
CA TYR A 74 12.82 -13.57 -0.60
C TYR A 74 12.87 -12.68 -1.84
N LEU A 75 13.09 -11.39 -1.62
CA LEU A 75 13.14 -10.42 -2.70
C LEU A 75 14.34 -10.71 -3.59
N ASP A 76 15.37 -11.25 -2.99
CA ASP A 76 16.58 -11.66 -3.69
C ASP A 76 16.29 -12.85 -4.59
N ARG A 77 15.41 -13.74 -4.13
CA ARG A 77 15.04 -14.93 -4.89
C ARG A 77 14.22 -14.50 -6.07
N LYS A 78 13.46 -13.44 -5.87
CA LYS A 78 12.64 -12.90 -6.93
C LYS A 78 13.45 -12.03 -7.88
N GLY A 79 14.68 -11.74 -7.49
CA GLY A 79 15.54 -10.90 -8.30
C GLY A 79 15.04 -9.45 -8.37
N TRP A 80 14.38 -8.97 -7.33
CA TRP A 80 13.87 -7.60 -7.35
C TRP A 80 14.80 -6.71 -6.57
N TRP A 81 14.80 -5.44 -6.88
CA TRP A 81 15.57 -4.48 -6.13
C TRP A 81 14.86 -4.19 -4.81
N TYR A 82 15.64 -3.99 -3.76
CA TYR A 82 15.08 -3.66 -2.48
C TYR A 82 16.06 -2.85 -1.66
N GLU A 83 15.62 -2.39 -0.51
CA GLU A 83 16.45 -1.67 0.41
C GLU A 83 16.34 -2.29 1.77
N VAL A 84 17.46 -2.40 2.41
CA VAL A 84 17.54 -2.87 3.75
C VAL A 84 17.57 -1.66 4.62
N LYS A 85 16.58 -1.54 5.37
CA LYS A 85 16.40 -0.42 6.23
C LYS A 85 16.24 -0.87 7.63
N GLY B 1 10.73 20.06 13.44
CA GLY B 1 10.51 21.07 14.46
C GLY B 1 9.26 21.86 14.18
N SER B 2 8.76 21.71 12.99
CA SER B 2 7.56 22.39 12.59
C SER B 2 6.58 21.34 12.07
N ILE B 3 7.09 20.45 11.23
CA ILE B 3 6.37 19.30 10.67
C ILE B 3 5.18 19.69 9.78
N GLN B 4 5.40 19.68 8.49
CA GLN B 4 4.36 19.84 7.50
C GLN B 4 4.58 18.77 6.48
N LYS B 5 3.55 18.09 6.11
CA LYS B 5 3.71 17.01 5.18
C LYS B 5 3.15 17.42 3.83
N VAL B 6 3.84 17.06 2.76
CA VAL B 6 3.37 17.38 1.45
C VAL B 6 2.33 16.36 1.03
N LYS B 7 1.14 16.64 1.46
CA LYS B 7 -0.03 15.90 1.18
C LYS B 7 -1.12 16.93 1.15
N ASN B 8 -1.47 17.35 -0.03
CA ASN B 8 -2.37 18.46 -0.19
C ASN B 8 -3.38 18.16 -1.29
N GLY B 9 -4.44 18.93 -1.33
CA GLY B 9 -5.46 18.74 -2.33
C GLY B 9 -5.58 19.95 -3.24
N ASN B 10 -5.97 19.70 -4.47
CA ASN B 10 -6.16 20.75 -5.48
C ASN B 10 -7.40 21.59 -5.12
N VAL B 11 -7.19 22.87 -4.88
CA VAL B 11 -8.29 23.76 -4.55
C VAL B 11 -8.75 24.53 -5.78
N ALA B 12 -10.04 24.78 -5.86
CA ALA B 12 -10.62 25.51 -6.95
C ALA B 12 -11.74 26.40 -6.44
N THR B 13 -12.37 27.15 -7.31
CA THR B 13 -13.49 27.98 -6.94
C THR B 13 -14.65 27.08 -6.59
N THR B 14 -15.01 26.24 -7.54
CA THR B 14 -16.04 25.30 -7.35
C THR B 14 -15.41 23.94 -7.17
N SER B 15 -15.03 23.68 -5.97
CA SER B 15 -14.43 22.41 -5.62
C SER B 15 -15.54 21.38 -5.35
N PRO B 16 -15.41 20.16 -5.90
CA PRO B 16 -16.38 19.09 -5.66
C PRO B 16 -16.39 18.71 -4.19
N THR B 17 -17.57 18.36 -3.68
CA THR B 17 -17.71 17.99 -2.29
C THR B 17 -17.05 16.65 -2.03
N LYS B 18 -16.94 15.93 -3.06
CA LYS B 18 -16.28 14.67 -3.05
C LYS B 18 -14.82 14.86 -3.43
N GLN B 19 -14.00 14.05 -2.88
CA GLN B 19 -12.58 14.11 -3.06
C GLN B 19 -12.18 13.20 -4.21
N ASN B 20 -13.11 12.29 -4.56
CA ASN B 20 -12.97 11.30 -5.63
C ASN B 20 -11.99 10.23 -5.21
N ILE B 21 -11.91 10.03 -3.92
CA ILE B 21 -11.02 9.07 -3.30
C ILE B 21 -11.87 7.89 -2.77
N ILE B 22 -11.30 6.73 -2.71
CA ILE B 22 -11.97 5.58 -2.18
C ILE B 22 -11.07 4.92 -1.14
N GLN B 23 -11.65 4.51 -0.02
CA GLN B 23 -10.92 3.82 1.01
C GLN B 23 -11.68 2.51 1.24
N SER B 24 -11.04 1.38 0.97
CA SER B 24 -11.74 0.09 1.00
C SER B 24 -11.52 -0.69 2.31
N GLY B 25 -12.29 -1.74 2.46
CA GLY B 25 -12.10 -2.64 3.55
C GLY B 25 -10.98 -3.60 3.23
N ALA B 26 -10.54 -4.34 4.21
CA ALA B 26 -9.48 -5.30 3.99
C ALA B 26 -10.01 -6.51 3.24
N PHE B 27 -9.48 -6.72 2.06
CA PHE B 27 -9.90 -7.82 1.23
C PHE B 27 -8.77 -8.80 0.99
N SER B 28 -9.07 -9.89 0.33
CA SER B 28 -8.14 -10.97 0.10
C SER B 28 -7.00 -10.56 -0.86
N PRO B 29 -5.73 -10.87 -0.47
CA PRO B 29 -4.52 -10.50 -1.23
C PRO B 29 -4.52 -10.99 -2.67
N TYR B 30 -5.20 -12.09 -2.92
CA TYR B 30 -5.24 -12.65 -4.26
C TYR B 30 -6.11 -11.83 -5.22
N GLU B 31 -6.98 -10.98 -4.68
CA GLU B 31 -7.84 -10.13 -5.53
C GLU B 31 -7.12 -8.83 -5.83
N THR B 32 -6.16 -8.53 -5.00
CA THR B 32 -5.34 -7.34 -5.08
C THR B 32 -4.72 -7.09 -6.50
N PRO B 33 -4.06 -8.10 -7.14
CA PRO B 33 -3.50 -7.97 -8.48
C PRO B 33 -4.54 -7.47 -9.49
N ASP B 34 -5.77 -7.94 -9.35
CA ASP B 34 -6.84 -7.56 -10.23
C ASP B 34 -7.28 -6.12 -9.94
N VAL B 35 -7.38 -5.79 -8.65
CA VAL B 35 -7.71 -4.44 -8.20
C VAL B 35 -6.67 -3.45 -8.73
N MET B 36 -5.40 -3.84 -8.65
CA MET B 36 -4.31 -3.03 -9.16
C MET B 36 -4.42 -2.83 -10.65
N GLY B 37 -4.93 -3.84 -11.34
CA GLY B 37 -5.14 -3.73 -12.76
C GLY B 37 -6.20 -2.70 -13.08
N ALA B 38 -7.28 -2.71 -12.30
CA ALA B 38 -8.35 -1.75 -12.44
C ALA B 38 -7.83 -0.34 -12.24
N LEU B 39 -7.11 -0.13 -11.15
CA LEU B 39 -6.55 1.17 -10.80
C LEU B 39 -5.61 1.68 -11.89
N THR B 40 -4.88 0.77 -12.49
CA THR B 40 -3.96 1.12 -13.55
C THR B 40 -4.73 1.54 -14.81
N SER B 41 -5.76 0.79 -15.14
CA SER B 41 -6.56 1.10 -16.31
C SER B 41 -7.35 2.38 -16.08
N LEU B 42 -7.86 2.52 -14.88
CA LEU B 42 -8.67 3.67 -14.50
C LEU B 42 -7.81 4.85 -14.06
N LYS B 43 -6.48 4.71 -14.16
CA LYS B 43 -5.52 5.80 -13.89
C LYS B 43 -5.71 6.40 -12.50
N MET B 44 -6.12 5.59 -11.56
CA MET B 44 -6.41 6.06 -10.24
C MET B 44 -5.19 6.09 -9.36
N THR B 45 -4.50 4.94 -9.26
CA THR B 45 -3.32 4.80 -8.40
C THR B 45 -3.76 4.78 -6.90
N ALA B 46 -3.30 3.80 -6.15
CA ALA B 46 -3.76 3.66 -4.77
C ALA B 46 -2.70 3.09 -3.87
N ASP B 47 -2.87 3.33 -2.61
CA ASP B 47 -1.99 2.82 -1.59
C ASP B 47 -2.66 1.65 -0.92
N PHE B 48 -2.09 0.49 -1.05
CA PHE B 48 -2.60 -0.72 -0.48
C PHE B 48 -1.86 -1.04 0.79
N ILE B 49 -2.51 -0.94 1.89
CA ILE B 49 -1.86 -1.26 3.12
C ILE B 49 -2.16 -2.69 3.47
N LEU B 50 -1.13 -3.47 3.56
CA LEU B 50 -1.22 -4.85 3.91
C LEU B 50 -1.22 -4.93 5.39
N GLN B 51 -2.22 -5.55 5.92
CA GLN B 51 -2.46 -5.61 7.33
C GLN B 51 -1.85 -6.88 7.91
N SER B 52 -1.70 -6.92 9.22
CA SER B 52 -1.06 -8.04 9.90
C SER B 52 -1.87 -9.35 9.82
N ASP B 53 -3.17 -9.26 9.52
CA ASP B 53 -4.01 -10.47 9.37
C ASP B 53 -3.77 -11.12 8.01
N GLY B 54 -3.19 -10.38 7.10
CA GLY B 54 -2.91 -10.93 5.78
C GLY B 54 -3.94 -10.51 4.75
N LEU B 55 -4.51 -9.34 4.95
CA LEU B 55 -5.46 -8.75 4.03
C LEU B 55 -5.01 -7.34 3.74
N THR B 56 -5.52 -6.73 2.70
CA THR B 56 -5.09 -5.39 2.37
C THR B 56 -6.28 -4.51 2.01
N TYR B 57 -6.12 -3.21 2.19
CA TYR B 57 -7.12 -2.23 1.85
C TYR B 57 -6.42 -1.11 1.12
N PHE B 58 -7.10 -0.43 0.23
CA PHE B 58 -6.43 0.59 -0.52
C PHE B 58 -7.10 1.93 -0.35
N ILE B 59 -6.34 2.96 -0.59
CA ILE B 59 -6.82 4.30 -0.60
C ILE B 59 -6.34 4.90 -1.91
N SER B 60 -7.25 5.30 -2.75
CA SER B 60 -6.88 5.76 -4.06
C SER B 60 -6.55 7.26 -4.08
N LYS B 61 -5.75 7.66 -5.03
CA LYS B 61 -5.51 9.06 -5.26
C LYS B 61 -6.75 9.70 -5.88
N PRO B 62 -7.04 10.97 -5.55
CA PRO B 62 -8.17 11.70 -6.12
C PRO B 62 -8.09 11.72 -7.64
N THR B 63 -9.11 11.20 -8.27
CA THR B 63 -9.18 11.11 -9.69
C THR B 63 -10.46 11.81 -10.17
N SER B 64 -10.90 11.54 -11.36
CA SER B 64 -12.13 12.10 -11.86
C SER B 64 -13.32 11.17 -11.53
N ASP B 65 -14.54 11.73 -11.42
CA ASP B 65 -15.76 10.94 -11.16
C ASP B 65 -15.89 9.75 -12.11
N ALA B 66 -15.61 9.97 -13.37
CA ALA B 66 -15.68 8.92 -14.40
C ALA B 66 -14.82 7.70 -14.02
N GLN B 67 -13.59 7.94 -13.63
CA GLN B 67 -12.70 6.84 -13.28
C GLN B 67 -13.04 6.32 -11.87
N LEU B 68 -13.44 7.23 -11.00
CA LEU B 68 -13.92 6.94 -9.65
C LEU B 68 -15.10 5.97 -9.66
N LYS B 69 -16.08 6.27 -10.49
CA LYS B 69 -17.33 5.55 -10.54
C LYS B 69 -17.11 4.11 -10.92
N ALA B 70 -16.21 3.88 -11.86
CA ALA B 70 -15.94 2.56 -12.34
C ALA B 70 -15.31 1.71 -11.26
N MET B 71 -14.43 2.32 -10.48
CA MET B 71 -13.77 1.61 -9.44
C MET B 71 -14.71 1.31 -8.30
N LYS B 72 -15.53 2.28 -7.91
CA LYS B 72 -16.46 2.00 -6.88
C LYS B 72 -17.54 1.01 -7.27
N GLU B 73 -17.93 1.03 -8.54
CA GLU B 73 -18.81 0.00 -9.07
C GLU B 73 -18.10 -1.38 -9.06
N TYR B 74 -16.77 -1.36 -9.20
CA TYR B 74 -15.94 -2.59 -9.15
C TYR B 74 -15.98 -3.19 -7.76
N LEU B 75 -15.80 -2.35 -6.76
CA LEU B 75 -15.81 -2.79 -5.38
C LEU B 75 -17.19 -3.28 -5.01
N ASP B 76 -18.18 -2.67 -5.63
CA ASP B 76 -19.58 -3.06 -5.48
C ASP B 76 -19.81 -4.46 -6.05
N ARG B 77 -19.09 -4.78 -7.13
CA ARG B 77 -19.17 -6.09 -7.76
C ARG B 77 -18.57 -7.13 -6.85
N LYS B 78 -17.56 -6.73 -6.13
CA LYS B 78 -16.86 -7.63 -5.25
C LYS B 78 -17.52 -7.77 -3.90
N GLY B 79 -18.49 -6.93 -3.63
CA GLY B 79 -19.19 -6.97 -2.37
C GLY B 79 -18.28 -6.57 -1.21
N TRP B 80 -17.33 -5.69 -1.49
CA TRP B 80 -16.41 -5.25 -0.45
C TRP B 80 -16.89 -3.91 0.10
N TRP B 81 -16.55 -3.65 1.33
CA TRP B 81 -16.84 -2.38 1.94
C TRP B 81 -15.87 -1.34 1.40
N TYR B 82 -16.35 -0.15 1.20
CA TYR B 82 -15.52 0.93 0.74
C TYR B 82 -16.21 2.23 1.04
N GLU B 83 -15.48 3.29 0.94
CA GLU B 83 -16.02 4.61 1.10
C GLU B 83 -15.63 5.44 -0.06
N VAL B 84 -16.47 6.37 -0.36
CA VAL B 84 -16.24 7.29 -1.39
C VAL B 84 -16.04 8.61 -0.73
N LYS B 85 -14.89 9.09 -0.88
CA LYS B 85 -14.45 10.28 -0.30
C LYS B 85 -14.39 11.31 -1.31
N GLY A 1 5.88 32.32 14.05
CA GLY A 1 4.68 31.78 13.43
C GLY A 1 4.11 30.65 14.23
N SER A 2 3.89 29.52 13.61
CA SER A 2 3.34 28.38 14.29
C SER A 2 4.46 27.51 14.86
N ILE A 3 4.15 26.74 15.87
CA ILE A 3 5.13 25.88 16.51
C ILE A 3 4.94 24.43 16.06
N GLN A 4 5.83 23.55 16.49
CA GLN A 4 5.73 22.16 16.11
C GLN A 4 6.31 21.26 17.21
N LYS A 5 5.47 20.38 17.70
CA LYS A 5 5.87 19.42 18.71
C LYS A 5 5.69 17.98 18.23
N VAL A 6 6.78 17.38 17.85
CA VAL A 6 6.83 15.99 17.46
C VAL A 6 7.67 15.25 18.48
N LYS A 7 7.37 14.01 18.75
CA LYS A 7 8.07 13.34 19.81
C LYS A 7 9.34 12.66 19.33
N ASN A 8 10.46 13.19 19.78
CA ASN A 8 11.78 12.63 19.52
C ASN A 8 12.53 12.56 20.81
N GLY A 9 11.80 12.66 21.91
CA GLY A 9 12.39 12.60 23.22
C GLY A 9 12.72 11.18 23.63
N ASN A 10 13.62 10.57 22.91
CA ASN A 10 14.09 9.25 23.24
C ASN A 10 15.31 9.37 24.10
N VAL A 11 15.14 9.15 25.39
CA VAL A 11 16.20 9.32 26.35
C VAL A 11 17.15 8.13 26.33
N ALA A 12 18.13 8.23 25.46
CA ALA A 12 19.16 7.24 25.28
C ALA A 12 20.19 7.79 24.33
N THR A 13 21.33 7.16 24.29
CA THR A 13 22.35 7.54 23.37
C THR A 13 22.03 6.91 22.01
N THR A 14 21.54 7.73 21.12
CA THR A 14 21.10 7.25 19.84
C THR A 14 22.23 7.06 18.84
N SER A 15 22.66 5.83 18.72
CA SER A 15 23.61 5.42 17.74
C SER A 15 22.84 4.68 16.64
N PRO A 16 23.33 4.69 15.38
CA PRO A 16 22.65 4.04 14.24
C PRO A 16 22.14 2.64 14.58
N THR A 17 20.94 2.37 14.18
CA THR A 17 20.29 1.12 14.46
C THR A 17 19.65 0.59 13.20
N LYS A 18 19.51 -0.71 13.10
CA LYS A 18 18.82 -1.25 11.97
C LYS A 18 17.36 -1.04 12.15
N GLN A 19 16.76 -0.49 11.14
CA GLN A 19 15.36 -0.20 11.17
C GLN A 19 14.55 -1.48 10.97
N ASN A 20 15.23 -2.52 10.42
CA ASN A 20 14.59 -3.82 10.11
C ASN A 20 13.50 -3.64 9.10
N ILE A 21 13.71 -2.68 8.28
CA ILE A 21 12.76 -2.29 7.26
C ILE A 21 13.28 -2.70 5.89
N ILE A 22 12.39 -3.02 5.00
CA ILE A 22 12.74 -3.36 3.65
C ILE A 22 11.82 -2.61 2.72
N GLN A 23 12.35 -2.06 1.67
CA GLN A 23 11.54 -1.46 0.67
C GLN A 23 11.86 -2.15 -0.61
N SER A 24 10.88 -2.42 -1.40
CA SER A 24 11.12 -3.06 -2.67
C SER A 24 11.01 -2.05 -3.77
N GLY A 25 11.37 -2.46 -4.97
CA GLY A 25 11.14 -1.65 -6.11
C GLY A 25 9.78 -1.98 -6.68
N ALA A 26 9.41 -1.30 -7.71
CA ALA A 26 8.14 -1.54 -8.36
C ALA A 26 8.16 -2.91 -9.09
N PHE A 27 7.30 -3.79 -8.67
CA PHE A 27 7.21 -5.11 -9.27
C PHE A 27 5.81 -5.40 -9.79
N SER A 28 5.68 -6.52 -10.48
CA SER A 28 4.45 -6.93 -11.11
C SER A 28 3.33 -7.18 -10.08
N PRO A 29 2.13 -6.62 -10.35
CA PRO A 29 0.96 -6.70 -9.44
C PRO A 29 0.52 -8.15 -9.13
N TYR A 30 0.77 -9.06 -10.07
CA TYR A 30 0.36 -10.45 -9.87
C TYR A 30 1.22 -11.16 -8.83
N GLU A 31 2.39 -10.60 -8.53
CA GLU A 31 3.31 -11.16 -7.54
C GLU A 31 2.95 -10.71 -6.16
N THR A 32 2.20 -9.64 -6.09
CA THR A 32 1.78 -9.01 -4.87
C THR A 32 1.13 -9.99 -3.86
N PRO A 33 0.11 -10.81 -4.27
CA PRO A 33 -0.51 -11.81 -3.39
C PRO A 33 0.50 -12.73 -2.70
N ASP A 34 1.54 -13.13 -3.43
CA ASP A 34 2.55 -14.01 -2.87
C ASP A 34 3.42 -13.26 -1.88
N VAL A 35 3.79 -12.05 -2.27
CA VAL A 35 4.62 -11.19 -1.44
C VAL A 35 3.88 -10.83 -0.14
N MET A 36 2.58 -10.54 -0.27
CA MET A 36 1.75 -10.28 0.90
C MET A 36 1.67 -11.48 1.80
N GLY A 37 1.63 -12.66 1.19
CA GLY A 37 1.61 -13.88 1.94
C GLY A 37 2.89 -14.05 2.74
N ALA A 38 4.02 -13.72 2.12
CA ALA A 38 5.32 -13.77 2.76
C ALA A 38 5.36 -12.83 3.95
N LEU A 39 4.96 -11.58 3.74
CA LEU A 39 4.93 -10.56 4.79
C LEU A 39 4.07 -10.99 5.94
N THR A 40 2.97 -11.63 5.63
CA THR A 40 2.05 -12.11 6.63
C THR A 40 2.67 -13.26 7.41
N SER A 41 3.27 -14.18 6.70
CA SER A 41 3.85 -15.35 7.30
C SER A 41 5.06 -14.92 8.17
N LEU A 42 5.72 -13.87 7.72
CA LEU A 42 6.85 -13.31 8.43
C LEU A 42 6.42 -12.18 9.37
N LYS A 43 5.12 -12.00 9.53
CA LYS A 43 4.53 -11.01 10.47
C LYS A 43 5.11 -9.59 10.27
N MET A 44 5.54 -9.28 9.08
CA MET A 44 6.22 -8.03 8.80
C MET A 44 5.27 -6.86 8.63
N THR A 45 4.34 -7.00 7.69
CA THR A 45 3.35 -5.96 7.38
C THR A 45 4.00 -4.79 6.60
N ALA A 46 3.48 -4.50 5.45
CA ALA A 46 4.06 -3.49 4.59
C ALA A 46 3.01 -2.69 3.89
N ASP A 47 3.40 -1.53 3.47
CA ASP A 47 2.55 -0.64 2.74
C ASP A 47 2.87 -0.75 1.28
N PHE A 48 1.94 -1.21 0.49
CA PHE A 48 2.11 -1.38 -0.93
C PHE A 48 1.56 -0.17 -1.65
N ILE A 49 2.43 0.58 -2.22
CA ILE A 49 2.02 1.73 -2.97
C ILE A 49 1.95 1.37 -4.43
N LEU A 50 0.81 1.56 -5.00
CA LEU A 50 0.56 1.27 -6.38
C LEU A 50 0.99 2.45 -7.19
N GLN A 51 1.78 2.19 -8.19
CA GLN A 51 2.32 3.20 -9.04
C GLN A 51 1.43 3.31 -10.28
N SER A 52 1.45 4.45 -10.94
CA SER A 52 0.55 4.70 -12.06
C SER A 52 0.88 3.83 -13.30
N ASP A 53 2.06 3.25 -13.31
CA ASP A 53 2.49 2.37 -14.39
C ASP A 53 1.81 1.00 -14.26
N GLY A 54 1.27 0.72 -13.10
CA GLY A 54 0.63 -0.55 -12.87
C GLY A 54 1.53 -1.52 -12.16
N LEU A 55 2.42 -0.98 -11.37
CA LEU A 55 3.35 -1.76 -10.57
C LEU A 55 3.21 -1.31 -9.15
N THR A 56 3.63 -2.11 -8.22
CA THR A 56 3.55 -1.70 -6.85
C THR A 56 4.85 -2.05 -6.14
N TYR A 57 5.11 -1.35 -5.06
CA TYR A 57 6.28 -1.57 -4.25
C TYR A 57 5.85 -1.46 -2.81
N PHE A 58 6.47 -2.19 -1.95
CA PHE A 58 6.07 -2.15 -0.58
C PHE A 58 7.17 -1.61 0.28
N ILE A 59 6.78 -0.92 1.30
CA ILE A 59 7.71 -0.48 2.29
C ILE A 59 7.28 -1.18 3.56
N SER A 60 8.11 -2.01 4.12
CA SER A 60 7.71 -2.79 5.28
C SER A 60 7.86 -2.02 6.57
N LYS A 61 6.98 -2.27 7.49
CA LYS A 61 7.06 -1.71 8.80
C LYS A 61 8.13 -2.49 9.58
N PRO A 62 8.75 -1.88 10.62
CA PRO A 62 9.84 -2.53 11.38
C PRO A 62 9.41 -3.86 12.02
N THR A 63 10.28 -4.84 11.90
CA THR A 63 10.05 -6.17 12.42
C THR A 63 11.37 -6.67 13.07
N SER A 64 11.52 -7.96 13.30
CA SER A 64 12.75 -8.48 13.85
C SER A 64 13.72 -8.87 12.73
N ASP A 65 14.97 -9.16 13.07
CA ASP A 65 15.97 -9.51 12.06
C ASP A 65 15.66 -10.86 11.40
N ALA A 66 15.08 -11.76 12.16
CA ALA A 66 14.72 -13.09 11.67
C ALA A 66 13.66 -13.01 10.57
N GLN A 67 12.74 -12.10 10.72
CA GLN A 67 11.70 -11.92 9.73
C GLN A 67 12.29 -11.16 8.54
N LEU A 68 13.04 -10.10 8.87
CA LEU A 68 13.77 -9.27 7.91
C LEU A 68 14.62 -10.11 6.97
N LYS A 69 15.46 -10.94 7.56
CA LYS A 69 16.44 -11.72 6.83
C LYS A 69 15.78 -12.63 5.80
N ALA A 70 14.61 -13.15 6.14
CA ALA A 70 13.92 -14.08 5.28
C ALA A 70 13.29 -13.38 4.09
N MET A 71 12.70 -12.22 4.35
CA MET A 71 12.02 -11.49 3.33
C MET A 71 12.98 -10.91 2.31
N LYS A 72 14.06 -10.34 2.78
CA LYS A 72 15.03 -9.76 1.89
C LYS A 72 15.72 -10.84 1.06
N GLU A 73 15.89 -12.01 1.66
CA GLU A 73 16.38 -13.18 1.03
C GLU A 73 15.40 -13.56 -0.12
N TYR A 74 14.10 -13.49 0.17
CA TYR A 74 13.04 -13.77 -0.79
C TYR A 74 13.06 -12.83 -1.99
N LEU A 75 13.23 -11.55 -1.74
CA LEU A 75 13.24 -10.56 -2.82
C LEU A 75 14.42 -10.79 -3.73
N ASP A 76 15.51 -11.28 -3.16
CA ASP A 76 16.73 -11.56 -3.91
C ASP A 76 16.57 -12.80 -4.79
N ARG A 77 15.68 -13.71 -4.36
CA ARG A 77 15.40 -14.94 -5.13
C ARG A 77 14.73 -14.52 -6.42
N LYS A 78 13.98 -13.46 -6.33
CA LYS A 78 13.27 -12.93 -7.45
C LYS A 78 14.05 -11.88 -8.19
N GLY A 79 15.17 -11.52 -7.65
CA GLY A 79 16.04 -10.55 -8.27
C GLY A 79 15.45 -9.16 -8.29
N TRP A 80 14.46 -8.90 -7.45
CA TRP A 80 13.87 -7.57 -7.41
C TRP A 80 14.75 -6.68 -6.58
N TRP A 81 14.80 -5.42 -6.94
CA TRP A 81 15.54 -4.45 -6.18
C TRP A 81 14.86 -4.21 -4.84
N TYR A 82 15.64 -4.08 -3.80
CA TYR A 82 15.13 -3.82 -2.49
C TYR A 82 16.18 -3.15 -1.65
N GLU A 83 15.78 -2.64 -0.53
CA GLU A 83 16.66 -2.00 0.40
C GLU A 83 16.46 -2.57 1.77
N VAL A 84 17.52 -2.65 2.50
CA VAL A 84 17.50 -3.09 3.86
C VAL A 84 17.74 -1.87 4.69
N LYS A 85 16.78 -1.55 5.44
CA LYS A 85 16.80 -0.38 6.26
C LYS A 85 16.66 -0.75 7.69
N GLY B 1 12.25 30.60 17.80
CA GLY B 1 13.02 29.38 18.03
C GLY B 1 12.30 28.15 17.52
N SER B 2 11.39 28.35 16.60
CA SER B 2 10.63 27.26 16.06
C SER B 2 10.40 27.43 14.57
N ILE B 3 11.15 26.69 13.77
CA ILE B 3 10.98 26.76 12.34
C ILE B 3 9.85 25.86 11.85
N GLN B 4 8.67 26.42 11.81
CA GLN B 4 7.51 25.75 11.31
C GLN B 4 6.70 26.72 10.49
N LYS B 5 6.77 26.56 9.21
CA LYS B 5 6.12 27.45 8.32
C LYS B 5 4.89 26.79 7.73
N VAL B 6 3.74 27.05 8.32
CA VAL B 6 2.51 26.56 7.75
C VAL B 6 1.87 27.71 6.99
N LYS B 7 1.33 27.43 5.85
CA LYS B 7 0.77 28.48 5.05
C LYS B 7 -0.62 28.11 4.51
N ASN B 8 -1.15 26.98 4.98
CA ASN B 8 -2.49 26.58 4.57
C ASN B 8 -3.54 27.46 5.20
N GLY B 9 -3.89 28.48 4.48
CA GLY B 9 -4.89 29.41 4.89
C GLY B 9 -5.55 29.96 3.69
N ASN B 10 -6.00 29.06 2.86
CA ASN B 10 -6.64 29.40 1.61
C ASN B 10 -8.09 29.74 1.85
N VAL B 11 -8.37 31.01 1.91
CA VAL B 11 -9.72 31.48 2.09
C VAL B 11 -10.37 31.62 0.73
N ALA B 12 -11.33 30.78 0.46
CA ALA B 12 -12.00 30.75 -0.82
C ALA B 12 -13.44 30.37 -0.61
N THR B 13 -14.17 30.22 -1.68
CA THR B 13 -15.55 29.84 -1.57
C THR B 13 -15.64 28.34 -1.25
N THR B 14 -16.02 28.03 -0.05
CA THR B 14 -16.14 26.65 0.37
C THR B 14 -17.48 26.10 -0.07
N SER B 15 -17.46 25.38 -1.13
CA SER B 15 -18.63 24.75 -1.62
C SER B 15 -18.59 23.31 -1.17
N PRO B 16 -19.76 22.66 -0.93
CA PRO B 16 -19.75 21.27 -0.54
C PRO B 16 -19.14 20.45 -1.66
N THR B 17 -18.24 19.61 -1.30
CA THR B 17 -17.51 18.80 -2.23
C THR B 17 -17.16 17.50 -1.58
N LYS B 18 -16.42 16.69 -2.28
CA LYS B 18 -16.02 15.44 -1.78
C LYS B 18 -14.54 15.28 -1.98
N GLN B 19 -14.01 14.16 -1.62
CA GLN B 19 -12.58 13.94 -1.72
C GLN B 19 -12.25 13.22 -3.03
N ASN B 20 -13.24 12.44 -3.51
CA ASN B 20 -13.15 11.60 -4.72
C ASN B 20 -12.25 10.44 -4.43
N ILE B 21 -12.26 10.06 -3.17
CA ILE B 21 -11.44 9.00 -2.62
C ILE B 21 -12.31 7.79 -2.26
N ILE B 22 -11.72 6.63 -2.23
CA ILE B 22 -12.37 5.41 -1.81
C ILE B 22 -11.43 4.66 -0.90
N GLN B 23 -11.94 4.10 0.16
CA GLN B 23 -11.14 3.25 0.99
C GLN B 23 -11.85 1.93 1.04
N SER B 24 -11.15 0.86 0.93
CA SER B 24 -11.80 -0.42 1.00
C SER B 24 -11.56 -1.04 2.36
N GLY B 25 -12.23 -2.14 2.61
CA GLY B 25 -11.96 -2.91 3.77
C GLY B 25 -10.88 -3.91 3.45
N ALA B 26 -10.47 -4.69 4.41
CA ALA B 26 -9.47 -5.69 4.20
C ALA B 26 -10.03 -6.83 3.35
N PHE B 27 -9.46 -7.03 2.20
CA PHE B 27 -9.91 -8.06 1.30
C PHE B 27 -8.81 -9.05 0.99
N SER B 28 -9.18 -10.07 0.27
CA SER B 28 -8.30 -11.15 -0.10
C SER B 28 -7.13 -10.67 -0.99
N PRO B 29 -5.87 -11.01 -0.60
CA PRO B 29 -4.65 -10.60 -1.30
C PRO B 29 -4.61 -10.99 -2.78
N TYR B 30 -5.29 -12.08 -3.13
CA TYR B 30 -5.27 -12.56 -4.50
C TYR B 30 -6.09 -11.67 -5.45
N GLU B 31 -6.97 -10.85 -4.90
CA GLU B 31 -7.80 -9.95 -5.72
C GLU B 31 -7.10 -8.64 -5.95
N THR B 32 -6.12 -8.39 -5.11
CA THR B 32 -5.33 -7.18 -5.12
C THR B 32 -4.75 -6.83 -6.53
N PRO B 33 -4.08 -7.79 -7.26
CA PRO B 33 -3.54 -7.56 -8.61
C PRO B 33 -4.57 -6.95 -9.57
N ASP B 34 -5.79 -7.47 -9.55
CA ASP B 34 -6.84 -7.00 -10.44
C ASP B 34 -7.34 -5.63 -10.01
N VAL B 35 -7.44 -5.42 -8.70
CA VAL B 35 -7.84 -4.14 -8.16
C VAL B 35 -6.80 -3.09 -8.54
N MET B 36 -5.53 -3.47 -8.46
CA MET B 36 -4.45 -2.60 -8.88
C MET B 36 -4.55 -2.29 -10.36
N GLY B 37 -4.99 -3.28 -11.13
CA GLY B 37 -5.21 -3.08 -12.54
C GLY B 37 -6.32 -2.09 -12.79
N ALA B 38 -7.38 -2.18 -12.00
CA ALA B 38 -8.51 -1.28 -12.11
C ALA B 38 -8.07 0.15 -11.79
N LEU B 39 -7.25 0.30 -10.77
CA LEU B 39 -6.71 1.61 -10.38
C LEU B 39 -5.87 2.18 -11.50
N THR B 40 -5.03 1.33 -12.08
CA THR B 40 -4.15 1.67 -13.18
C THR B 40 -4.98 2.06 -14.41
N SER B 41 -6.13 1.46 -14.54
CA SER B 41 -7.03 1.74 -15.63
C SER B 41 -7.77 3.07 -15.38
N LEU B 42 -8.18 3.28 -14.14
CA LEU B 42 -8.98 4.44 -13.75
C LEU B 42 -8.12 5.62 -13.27
N LYS B 43 -6.81 5.51 -13.45
CA LYS B 43 -5.82 6.57 -13.12
C LYS B 43 -5.92 6.96 -11.63
N MET B 44 -6.39 6.06 -10.80
CA MET B 44 -6.67 6.38 -9.41
C MET B 44 -5.43 6.38 -8.55
N THR B 45 -4.80 5.21 -8.45
CA THR B 45 -3.61 5.01 -7.62
C THR B 45 -3.99 5.00 -6.12
N ALA B 46 -3.64 3.94 -5.45
CA ALA B 46 -4.02 3.76 -4.08
C ALA B 46 -2.89 3.22 -3.25
N ASP B 47 -3.05 3.35 -1.96
CA ASP B 47 -2.12 2.83 -0.99
C ASP B 47 -2.72 1.58 -0.40
N PHE B 48 -2.10 0.46 -0.63
CA PHE B 48 -2.57 -0.80 -0.12
C PHE B 48 -1.82 -1.16 1.13
N ILE B 49 -2.48 -1.11 2.23
CA ILE B 49 -1.84 -1.46 3.46
C ILE B 49 -2.12 -2.90 3.75
N LEU B 50 -1.08 -3.66 3.85
CA LEU B 50 -1.18 -5.05 4.15
C LEU B 50 -1.23 -5.18 5.64
N GLN B 51 -2.20 -5.89 6.11
CA GLN B 51 -2.42 -6.06 7.52
C GLN B 51 -1.72 -7.33 7.97
N SER B 52 -1.43 -7.40 9.25
CA SER B 52 -0.69 -8.51 9.83
C SER B 52 -1.48 -9.84 9.74
N ASP B 53 -2.79 -9.71 9.50
CA ASP B 53 -3.69 -10.86 9.36
C ASP B 53 -3.57 -11.49 7.97
N GLY B 54 -2.99 -10.76 7.04
CA GLY B 54 -2.84 -11.29 5.69
C GLY B 54 -3.90 -10.84 4.75
N LEU B 55 -4.41 -9.66 4.98
CA LEU B 55 -5.41 -9.04 4.15
C LEU B 55 -4.97 -7.64 3.89
N THR B 56 -5.41 -7.04 2.82
CA THR B 56 -5.00 -5.69 2.54
C THR B 56 -6.21 -4.84 2.20
N TYR B 57 -6.07 -3.55 2.36
CA TYR B 57 -7.10 -2.60 2.04
C TYR B 57 -6.43 -1.43 1.39
N PHE B 58 -7.10 -0.78 0.49
CA PHE B 58 -6.48 0.32 -0.18
C PHE B 58 -7.21 1.59 0.11
N ILE B 59 -6.47 2.66 0.18
CA ILE B 59 -7.05 3.94 0.27
C ILE B 59 -6.61 4.64 -1.00
N SER B 60 -7.53 5.02 -1.82
CA SER B 60 -7.17 5.61 -3.09
C SER B 60 -6.90 7.08 -2.95
N LYS B 61 -5.95 7.57 -3.70
CA LYS B 61 -5.73 8.98 -3.78
C LYS B 61 -6.81 9.58 -4.67
N PRO B 62 -7.14 10.87 -4.47
CA PRO B 62 -8.19 11.56 -5.23
C PRO B 62 -8.07 11.39 -6.76
N THR B 63 -9.20 11.46 -7.40
CA THR B 63 -9.34 11.30 -8.81
C THR B 63 -10.59 12.07 -9.22
N SER B 64 -11.09 11.89 -10.40
CA SER B 64 -12.31 12.55 -10.77
C SER B 64 -13.48 11.64 -10.38
N ASP B 65 -14.66 12.22 -10.15
CA ASP B 65 -15.84 11.44 -9.78
C ASP B 65 -16.19 10.40 -10.86
N ALA B 66 -15.84 10.71 -12.09
CA ALA B 66 -16.06 9.81 -13.23
C ALA B 66 -15.20 8.53 -13.12
N GLN B 67 -13.98 8.67 -12.63
CA GLN B 67 -13.11 7.50 -12.43
C GLN B 67 -13.57 6.78 -11.16
N LEU B 68 -13.84 7.60 -10.15
CA LEU B 68 -14.33 7.18 -8.84
C LEU B 68 -15.53 6.27 -8.95
N LYS B 69 -16.50 6.74 -9.69
CA LYS B 69 -17.77 6.09 -9.80
C LYS B 69 -17.63 4.65 -10.27
N ALA B 70 -16.72 4.42 -11.19
CA ALA B 70 -16.55 3.10 -11.76
C ALA B 70 -15.92 2.15 -10.75
N MET B 71 -14.93 2.63 -10.00
CA MET B 71 -14.24 1.82 -9.07
C MET B 71 -15.13 1.42 -7.90
N LYS B 72 -15.94 2.33 -7.43
CA LYS B 72 -16.82 2.00 -6.35
C LYS B 72 -17.92 1.04 -6.77
N GLU B 73 -18.35 1.12 -8.04
CA GLU B 73 -19.27 0.14 -8.60
C GLU B 73 -18.63 -1.25 -8.60
N TYR B 74 -17.32 -1.29 -8.88
CA TYR B 74 -16.51 -2.51 -8.88
C TYR B 74 -16.56 -3.19 -7.51
N LEU B 75 -16.25 -2.42 -6.48
CA LEU B 75 -16.18 -2.92 -5.12
C LEU B 75 -17.53 -3.45 -4.66
N ASP B 76 -18.57 -2.84 -5.18
CA ASP B 76 -19.95 -3.23 -4.87
C ASP B 76 -20.27 -4.61 -5.45
N ARG B 77 -19.63 -4.96 -6.55
CA ARG B 77 -19.87 -6.25 -7.20
C ARG B 77 -19.25 -7.34 -6.36
N LYS B 78 -18.19 -6.98 -5.69
CA LYS B 78 -17.44 -7.93 -4.91
C LYS B 78 -17.91 -8.02 -3.50
N GLY B 79 -18.83 -7.14 -3.16
CA GLY B 79 -19.40 -7.13 -1.85
C GLY B 79 -18.42 -6.70 -0.79
N TRP B 80 -17.33 -6.06 -1.20
CA TRP B 80 -16.36 -5.59 -0.23
C TRP B 80 -16.84 -4.30 0.36
N TRP B 81 -16.53 -4.09 1.61
CA TRP B 81 -16.82 -2.84 2.27
C TRP B 81 -15.92 -1.76 1.72
N TYR B 82 -16.46 -0.58 1.52
CA TYR B 82 -15.69 0.52 1.08
C TYR B 82 -16.35 1.81 1.50
N GLU B 83 -15.66 2.88 1.34
CA GLU B 83 -16.17 4.18 1.61
C GLU B 83 -15.94 5.04 0.42
N VAL B 84 -16.84 5.93 0.20
CA VAL B 84 -16.75 6.88 -0.82
C VAL B 84 -16.56 8.20 -0.16
N LYS B 85 -15.46 8.73 -0.38
CA LYS B 85 -15.05 9.91 0.22
C LYS B 85 -15.06 11.01 -0.79
N GLY A 1 28.28 -13.23 51.63
CA GLY A 1 28.89 -14.55 51.52
C GLY A 1 29.71 -14.67 50.27
N SER A 2 30.59 -15.64 50.24
CA SER A 2 31.46 -15.83 49.10
C SER A 2 30.69 -16.51 47.96
N ILE A 3 29.80 -17.41 48.32
CA ILE A 3 29.03 -18.14 47.32
C ILE A 3 27.88 -17.28 46.85
N GLN A 4 28.02 -16.75 45.66
CA GLN A 4 27.00 -15.92 45.08
C GLN A 4 26.86 -16.26 43.63
N LYS A 5 25.72 -15.96 43.08
CA LYS A 5 25.49 -16.17 41.68
C LYS A 5 25.41 -14.82 41.01
N VAL A 6 26.53 -14.33 40.58
CA VAL A 6 26.59 -13.04 39.94
C VAL A 6 27.08 -13.19 38.51
N LYS A 7 26.21 -12.92 37.58
CA LYS A 7 26.51 -13.06 36.17
C LYS A 7 26.21 -11.80 35.42
N ASN A 8 27.21 -10.96 35.30
CA ASN A 8 27.08 -9.69 34.61
C ASN A 8 28.38 -9.36 33.90
N GLY A 9 28.36 -9.44 32.60
CA GLY A 9 29.53 -9.12 31.83
C GLY A 9 29.30 -9.43 30.38
N ASN A 10 28.35 -8.74 29.78
CA ASN A 10 28.01 -8.96 28.39
C ASN A 10 29.08 -8.41 27.48
N VAL A 11 29.82 -9.32 26.88
CA VAL A 11 30.87 -8.97 25.96
C VAL A 11 30.33 -9.03 24.54
N ALA A 12 29.55 -10.06 24.30
CA ALA A 12 28.98 -10.31 23.00
C ALA A 12 27.74 -9.47 22.79
N THR A 13 27.88 -8.43 22.03
CA THR A 13 26.79 -7.59 21.66
C THR A 13 27.13 -6.95 20.32
N THR A 14 26.66 -7.52 19.26
CA THR A 14 26.92 -6.98 17.96
C THR A 14 25.61 -6.52 17.32
N SER A 15 25.29 -5.26 17.49
CA SER A 15 24.10 -4.72 16.89
C SER A 15 24.48 -3.83 15.69
N PRO A 16 23.99 -4.16 14.50
CA PRO A 16 24.24 -3.38 13.30
C PRO A 16 23.29 -2.19 13.19
N THR A 17 23.75 -1.12 12.60
CA THR A 17 22.93 0.07 12.43
C THR A 17 21.89 -0.14 11.34
N LYS A 18 20.67 -0.41 11.74
CA LYS A 18 19.61 -0.63 10.81
C LYS A 18 18.26 -0.40 11.45
N GLN A 19 17.36 0.15 10.67
CA GLN A 19 15.99 0.44 11.08
C GLN A 19 15.16 -0.85 11.08
N ASN A 20 15.67 -1.84 10.35
CA ASN A 20 15.09 -3.17 10.18
C ASN A 20 13.84 -3.11 9.34
N ILE A 21 13.88 -2.26 8.36
CA ILE A 21 12.79 -2.10 7.43
C ILE A 21 13.29 -2.51 6.05
N ILE A 22 12.44 -3.05 5.24
CA ILE A 22 12.79 -3.40 3.88
C ILE A 22 11.78 -2.74 2.94
N GLN A 23 12.28 -2.07 1.92
CA GLN A 23 11.41 -1.49 0.94
C GLN A 23 11.76 -2.09 -0.38
N SER A 24 10.80 -2.38 -1.20
CA SER A 24 11.06 -2.99 -2.46
C SER A 24 10.97 -1.96 -3.59
N GLY A 25 11.41 -2.35 -4.75
CA GLY A 25 11.21 -1.55 -5.91
C GLY A 25 9.87 -1.86 -6.51
N ALA A 26 9.47 -1.11 -7.48
CA ALA A 26 8.19 -1.35 -8.15
C ALA A 26 8.23 -2.67 -8.92
N PHE A 27 7.39 -3.60 -8.54
CA PHE A 27 7.34 -4.90 -9.17
C PHE A 27 5.96 -5.18 -9.75
N SER A 28 5.85 -6.30 -10.46
CA SER A 28 4.65 -6.69 -11.14
C SER A 28 3.49 -7.02 -10.16
N PRO A 29 2.28 -6.52 -10.48
CA PRO A 29 1.08 -6.66 -9.64
C PRO A 29 0.66 -8.13 -9.35
N TYR A 30 0.97 -9.06 -10.26
CA TYR A 30 0.52 -10.46 -10.04
C TYR A 30 1.38 -11.16 -8.98
N GLU A 31 2.55 -10.63 -8.71
CA GLU A 31 3.44 -11.20 -7.68
C GLU A 31 3.04 -10.70 -6.31
N THR A 32 2.22 -9.68 -6.29
CA THR A 32 1.75 -9.03 -5.11
C THR A 32 1.07 -10.00 -4.08
N PRO A 33 0.07 -10.83 -4.51
CA PRO A 33 -0.56 -11.83 -3.61
C PRO A 33 0.46 -12.75 -2.93
N ASP A 34 1.49 -13.12 -3.69
CA ASP A 34 2.53 -14.03 -3.22
C ASP A 34 3.37 -13.35 -2.14
N VAL A 35 3.81 -12.12 -2.42
CA VAL A 35 4.62 -11.36 -1.48
C VAL A 35 3.82 -10.93 -0.25
N MET A 36 2.53 -10.61 -0.44
CA MET A 36 1.65 -10.31 0.69
C MET A 36 1.55 -11.48 1.65
N GLY A 37 1.60 -12.68 1.09
CA GLY A 37 1.58 -13.87 1.89
C GLY A 37 2.85 -13.99 2.72
N ALA A 38 3.99 -13.68 2.09
CA ALA A 38 5.29 -13.74 2.74
C ALA A 38 5.32 -12.80 3.92
N LEU A 39 4.87 -11.58 3.70
CA LEU A 39 4.81 -10.55 4.74
C LEU A 39 3.94 -10.98 5.88
N THR A 40 2.81 -11.58 5.57
CA THR A 40 1.91 -12.07 6.58
C THR A 40 2.52 -13.26 7.34
N SER A 41 3.18 -14.14 6.62
CA SER A 41 3.82 -15.31 7.20
C SER A 41 4.95 -14.88 8.12
N LEU A 42 5.62 -13.81 7.75
CA LEU A 42 6.73 -13.26 8.50
C LEU A 42 6.25 -12.21 9.49
N LYS A 43 4.94 -11.94 9.49
CA LYS A 43 4.30 -10.96 10.42
C LYS A 43 4.90 -9.56 10.27
N MET A 44 5.35 -9.24 9.08
CA MET A 44 5.99 -7.98 8.82
C MET A 44 4.97 -6.91 8.52
N THR A 45 4.13 -7.17 7.51
CA THR A 45 3.09 -6.24 7.06
C THR A 45 3.72 -5.00 6.36
N ALA A 46 3.23 -4.71 5.19
CA ALA A 46 3.78 -3.63 4.42
C ALA A 46 2.70 -2.87 3.69
N ASP A 47 3.04 -1.68 3.27
CA ASP A 47 2.12 -0.85 2.52
C ASP A 47 2.51 -0.95 1.08
N PHE A 48 1.60 -1.38 0.27
CA PHE A 48 1.84 -1.53 -1.14
C PHE A 48 1.29 -0.34 -1.89
N ILE A 49 2.17 0.46 -2.42
CA ILE A 49 1.74 1.61 -3.18
C ILE A 49 1.71 1.25 -4.63
N LEU A 50 0.59 1.45 -5.24
CA LEU A 50 0.39 1.19 -6.63
C LEU A 50 0.82 2.41 -7.39
N GLN A 51 1.70 2.21 -8.31
CA GLN A 51 2.27 3.28 -9.08
C GLN A 51 1.48 3.44 -10.38
N SER A 52 1.57 4.60 -10.99
CA SER A 52 0.84 4.94 -12.20
C SER A 52 1.32 4.12 -13.40
N ASP A 53 2.46 3.51 -13.23
CA ASP A 53 3.08 2.68 -14.25
C ASP A 53 2.45 1.28 -14.29
N GLY A 54 1.68 0.94 -13.26
CA GLY A 54 1.04 -0.37 -13.22
C GLY A 54 1.87 -1.38 -12.49
N LEU A 55 2.66 -0.90 -11.55
CA LEU A 55 3.51 -1.73 -10.72
C LEU A 55 3.31 -1.29 -9.29
N THR A 56 3.67 -2.10 -8.33
CA THR A 56 3.51 -1.72 -6.95
C THR A 56 4.78 -2.09 -6.16
N TYR A 57 4.94 -1.49 -5.01
CA TYR A 57 6.08 -1.73 -4.15
C TYR A 57 5.60 -1.66 -2.72
N PHE A 58 6.29 -2.32 -1.83
CA PHE A 58 5.87 -2.33 -0.46
C PHE A 58 6.89 -1.70 0.45
N ILE A 59 6.41 -1.04 1.48
CA ILE A 59 7.28 -0.54 2.51
C ILE A 59 6.85 -1.27 3.80
N SER A 60 7.75 -2.03 4.38
CA SER A 60 7.43 -2.89 5.53
C SER A 60 7.63 -2.20 6.87
N LYS A 61 6.91 -2.68 7.88
CA LYS A 61 7.14 -2.23 9.25
C LYS A 61 8.50 -2.76 9.74
N PRO A 62 9.11 -2.13 10.76
CA PRO A 62 10.36 -2.59 11.33
C PRO A 62 10.15 -3.86 12.13
N THR A 63 10.72 -4.92 11.66
CA THR A 63 10.59 -6.19 12.30
C THR A 63 11.96 -6.59 12.88
N SER A 64 12.12 -7.82 13.27
CA SER A 64 13.39 -8.27 13.78
C SER A 64 14.23 -8.72 12.60
N ASP A 65 15.55 -8.67 12.74
CA ASP A 65 16.47 -9.03 11.65
C ASP A 65 16.30 -10.49 11.25
N ALA A 66 15.97 -11.33 12.23
CA ALA A 66 15.72 -12.75 11.99
C ALA A 66 14.56 -12.98 11.01
N GLN A 67 13.48 -12.24 11.17
CA GLN A 67 12.34 -12.33 10.27
C GLN A 67 12.66 -11.60 8.97
N LEU A 68 13.27 -10.45 9.13
CA LEU A 68 13.66 -9.56 8.05
C LEU A 68 14.57 -10.25 7.04
N LYS A 69 15.50 -11.05 7.55
CA LYS A 69 16.49 -11.70 6.71
C LYS A 69 15.82 -12.60 5.68
N ALA A 70 14.76 -13.28 6.11
CA ALA A 70 14.06 -14.22 5.27
C ALA A 70 13.33 -13.50 4.15
N MET A 71 12.91 -12.29 4.42
CA MET A 71 12.22 -11.51 3.47
C MET A 71 13.18 -11.01 2.40
N LYS A 72 14.40 -10.65 2.81
CA LYS A 72 15.40 -10.20 1.84
C LYS A 72 15.69 -11.36 0.92
N GLU A 73 15.85 -12.53 1.55
CA GLU A 73 16.11 -13.78 0.86
C GLU A 73 15.02 -14.05 -0.18
N TYR A 74 13.79 -13.68 0.15
CA TYR A 74 12.66 -13.85 -0.76
C TYR A 74 12.76 -12.90 -1.95
N LEU A 75 12.98 -11.64 -1.67
CA LEU A 75 13.07 -10.62 -2.69
C LEU A 75 14.25 -10.90 -3.62
N ASP A 76 15.30 -11.44 -3.06
CA ASP A 76 16.49 -11.79 -3.79
C ASP A 76 16.22 -12.95 -4.73
N ARG A 77 15.38 -13.89 -4.31
CA ARG A 77 15.05 -15.04 -5.14
C ARG A 77 14.17 -14.59 -6.27
N LYS A 78 13.38 -13.56 -6.00
CA LYS A 78 12.53 -12.97 -7.02
C LYS A 78 13.33 -12.03 -7.90
N GLY A 79 14.55 -11.76 -7.49
CA GLY A 79 15.42 -10.88 -8.23
C GLY A 79 14.94 -9.44 -8.25
N TRP A 80 14.21 -9.03 -7.24
CA TRP A 80 13.70 -7.68 -7.19
C TRP A 80 14.66 -6.82 -6.40
N TRP A 81 14.70 -5.56 -6.70
CA TRP A 81 15.52 -4.63 -5.96
C TRP A 81 14.82 -4.26 -4.66
N TYR A 82 15.58 -4.09 -3.62
CA TYR A 82 15.04 -3.70 -2.34
C TYR A 82 16.08 -2.91 -1.56
N GLU A 83 15.66 -2.34 -0.46
CA GLU A 83 16.55 -1.62 0.42
C GLU A 83 16.36 -2.14 1.79
N VAL A 84 17.43 -2.32 2.49
CA VAL A 84 17.34 -2.65 3.86
C VAL A 84 17.62 -1.41 4.64
N LYS A 85 16.64 -0.97 5.34
CA LYS A 85 16.76 0.20 6.16
C LYS A 85 17.46 -0.16 7.44
N GLY B 1 -21.63 49.45 -29.71
CA GLY B 1 -22.40 48.54 -28.91
C GLY B 1 -23.62 48.04 -29.64
N SER B 2 -23.67 48.30 -30.94
CA SER B 2 -24.78 47.83 -31.75
C SER B 2 -24.68 46.31 -31.86
N ILE B 3 -23.50 45.85 -32.19
CA ILE B 3 -23.21 44.44 -32.23
C ILE B 3 -22.38 44.11 -31.02
N GLN B 4 -23.03 43.66 -29.99
CA GLN B 4 -22.36 43.32 -28.77
C GLN B 4 -23.03 42.15 -28.11
N LYS B 5 -22.37 41.03 -28.11
CA LYS B 5 -22.88 39.86 -27.49
C LYS B 5 -21.98 39.48 -26.34
N VAL B 6 -22.41 39.81 -25.16
CA VAL B 6 -21.68 39.53 -23.97
C VAL B 6 -22.51 38.68 -23.02
N LYS B 7 -22.43 37.40 -23.23
CA LYS B 7 -23.19 36.46 -22.43
C LYS B 7 -22.37 36.01 -21.24
N ASN B 8 -23.06 35.51 -20.24
CA ASN B 8 -22.41 35.01 -19.05
C ASN B 8 -22.46 33.49 -19.03
N GLY B 9 -21.33 32.88 -19.34
CA GLY B 9 -21.24 31.43 -19.42
C GLY B 9 -21.33 30.76 -18.07
N ASN B 10 -20.59 31.26 -17.11
CA ASN B 10 -20.63 30.69 -15.77
C ASN B 10 -21.74 31.31 -14.99
N VAL B 11 -22.89 30.70 -15.07
CA VAL B 11 -24.05 31.20 -14.38
C VAL B 11 -23.99 30.75 -12.94
N ALA B 12 -24.06 29.46 -12.73
CA ALA B 12 -24.00 28.89 -11.42
C ALA B 12 -23.48 27.48 -11.48
N THR B 13 -22.22 27.33 -11.27
CA THR B 13 -21.61 26.04 -11.26
C THR B 13 -21.72 25.47 -9.85
N THR B 14 -22.04 24.21 -9.74
CA THR B 14 -22.13 23.59 -8.46
C THR B 14 -21.48 22.22 -8.49
N SER B 15 -20.27 22.17 -8.01
CA SER B 15 -19.54 20.95 -7.92
C SER B 15 -19.68 20.40 -6.51
N PRO B 16 -20.09 19.14 -6.34
CA PRO B 16 -20.28 18.56 -5.02
C PRO B 16 -18.96 18.54 -4.24
N THR B 17 -19.03 18.94 -3.01
CA THR B 17 -17.87 18.98 -2.18
C THR B 17 -17.65 17.64 -1.53
N LYS B 18 -16.71 16.93 -2.09
CA LYS B 18 -16.37 15.62 -1.64
C LYS B 18 -14.87 15.49 -1.71
N GLN B 19 -14.37 14.34 -1.41
CA GLN B 19 -12.95 14.11 -1.40
C GLN B 19 -12.53 13.47 -2.72
N ASN B 20 -13.49 12.75 -3.31
CA ASN B 20 -13.33 12.03 -4.58
C ASN B 20 -12.41 10.87 -4.37
N ILE B 21 -12.46 10.35 -3.18
CA ILE B 21 -11.65 9.24 -2.75
C ILE B 21 -12.54 8.02 -2.60
N ILE B 22 -12.00 6.88 -2.81
CA ILE B 22 -12.68 5.63 -2.61
C ILE B 22 -11.78 4.74 -1.82
N GLN B 23 -12.31 4.18 -0.76
CA GLN B 23 -11.56 3.27 0.04
C GLN B 23 -12.27 1.96 -0.03
N SER B 24 -11.55 0.88 -0.12
CA SER B 24 -12.19 -0.40 -0.15
C SER B 24 -12.04 -1.07 1.20
N GLY B 25 -12.74 -2.16 1.36
CA GLY B 25 -12.57 -2.97 2.52
C GLY B 25 -11.57 -4.05 2.25
N ALA B 26 -11.28 -4.85 3.23
CA ALA B 26 -10.32 -5.92 3.09
C ALA B 26 -10.84 -6.99 2.13
N PHE B 27 -10.05 -7.29 1.12
CA PHE B 27 -10.37 -8.31 0.14
C PHE B 27 -9.20 -9.26 -0.02
N SER B 28 -9.37 -10.30 -0.82
CA SER B 28 -8.36 -11.31 -0.96
C SER B 28 -7.20 -10.83 -1.84
N PRO B 29 -5.95 -11.09 -1.38
CA PRO B 29 -4.73 -10.67 -2.06
C PRO B 29 -4.64 -11.03 -3.56
N TYR B 30 -5.31 -12.12 -3.98
CA TYR B 30 -5.23 -12.51 -5.39
C TYR B 30 -6.04 -11.57 -6.29
N GLU B 31 -6.97 -10.82 -5.71
CA GLU B 31 -7.78 -9.86 -6.47
C GLU B 31 -7.06 -8.54 -6.58
N THR B 32 -6.03 -8.40 -5.79
CA THR B 32 -5.22 -7.21 -5.74
C THR B 32 -4.64 -6.80 -7.14
N PRO B 33 -3.97 -7.73 -7.89
CA PRO B 33 -3.46 -7.43 -9.24
C PRO B 33 -4.57 -6.95 -10.19
N ASP B 34 -5.74 -7.56 -10.05
CA ASP B 34 -6.87 -7.28 -10.92
C ASP B 34 -7.48 -5.92 -10.63
N VAL B 35 -7.54 -5.55 -9.35
CA VAL B 35 -8.03 -4.25 -8.96
C VAL B 35 -6.98 -3.16 -9.26
N MET B 36 -5.69 -3.50 -9.10
CA MET B 36 -4.60 -2.59 -9.46
C MET B 36 -4.65 -2.22 -10.93
N GLY B 37 -5.06 -3.18 -11.75
CA GLY B 37 -5.23 -2.93 -13.17
C GLY B 37 -6.29 -1.87 -13.42
N ALA B 38 -7.39 -1.96 -12.68
CA ALA B 38 -8.48 -1.02 -12.77
C ALA B 38 -8.00 0.38 -12.40
N LEU B 39 -7.31 0.48 -11.27
CA LEU B 39 -6.77 1.75 -10.76
C LEU B 39 -5.81 2.38 -11.75
N THR B 40 -5.00 1.54 -12.37
CA THR B 40 -4.02 2.00 -13.34
C THR B 40 -4.74 2.47 -14.63
N SER B 41 -5.76 1.73 -15.04
CA SER B 41 -6.49 2.01 -16.24
C SER B 41 -7.33 3.28 -16.09
N LEU B 42 -7.92 3.43 -14.92
CA LEU B 42 -8.78 4.57 -14.62
C LEU B 42 -7.93 5.76 -14.15
N LYS B 43 -6.63 5.54 -14.01
CA LYS B 43 -5.68 6.57 -13.59
C LYS B 43 -6.01 7.16 -12.23
N MET B 44 -6.23 6.30 -11.29
CA MET B 44 -6.62 6.68 -9.97
C MET B 44 -5.45 6.58 -9.00
N THR B 45 -4.86 5.39 -8.93
CA THR B 45 -3.73 5.10 -8.03
C THR B 45 -4.17 5.02 -6.55
N ALA B 46 -3.73 3.99 -5.84
CA ALA B 46 -4.14 3.78 -4.48
C ALA B 46 -3.07 3.14 -3.64
N ASP B 47 -3.21 3.27 -2.35
CA ASP B 47 -2.32 2.67 -1.38
C ASP B 47 -2.99 1.44 -0.85
N PHE B 48 -2.38 0.32 -1.07
CA PHE B 48 -2.89 -0.95 -0.60
C PHE B 48 -2.23 -1.33 0.70
N ILE B 49 -2.98 -1.29 1.74
CA ILE B 49 -2.47 -1.64 3.03
C ILE B 49 -2.78 -3.07 3.34
N LEU B 50 -1.78 -3.82 3.66
CA LEU B 50 -1.91 -5.19 3.99
C LEU B 50 -2.27 -5.29 5.46
N GLN B 51 -3.21 -6.10 5.76
CA GLN B 51 -3.65 -6.26 7.11
C GLN B 51 -2.83 -7.41 7.72
N SER B 52 -2.86 -7.55 9.00
CA SER B 52 -2.06 -8.56 9.68
C SER B 52 -2.52 -10.00 9.39
N ASP B 53 -3.73 -10.15 8.85
CA ASP B 53 -4.28 -11.46 8.53
C ASP B 53 -3.89 -11.84 7.09
N GLY B 54 -3.46 -10.86 6.34
CA GLY B 54 -3.05 -11.10 4.97
C GLY B 54 -4.08 -10.71 3.92
N LEU B 55 -5.09 -9.94 4.32
CA LEU B 55 -5.99 -9.33 3.35
C LEU B 55 -5.49 -7.92 3.09
N THR B 56 -5.96 -7.27 2.06
CA THR B 56 -5.54 -5.93 1.81
C THR B 56 -6.72 -5.10 1.33
N TYR B 57 -6.57 -3.80 1.41
CA TYR B 57 -7.56 -2.84 1.01
C TYR B 57 -6.83 -1.63 0.48
N PHE B 58 -7.43 -0.89 -0.40
CA PHE B 58 -6.77 0.24 -0.95
C PHE B 58 -7.49 1.50 -0.62
N ILE B 59 -6.75 2.56 -0.49
CA ILE B 59 -7.35 3.85 -0.35
C ILE B 59 -6.85 4.65 -1.55
N SER B 60 -7.76 5.08 -2.39
CA SER B 60 -7.38 5.73 -3.62
C SER B 60 -7.11 7.21 -3.44
N LYS B 61 -6.27 7.74 -4.29
CA LYS B 61 -5.96 9.15 -4.33
C LYS B 61 -7.09 9.90 -5.00
N PRO B 62 -7.40 11.12 -4.52
CA PRO B 62 -8.49 11.94 -5.06
C PRO B 62 -8.38 12.12 -6.56
N THR B 63 -9.39 11.72 -7.25
CA THR B 63 -9.45 11.82 -8.69
C THR B 63 -10.72 12.62 -9.04
N SER B 64 -11.21 12.51 -10.23
CA SER B 64 -12.43 13.18 -10.59
C SER B 64 -13.59 12.25 -10.31
N ASP B 65 -14.77 12.81 -10.13
CA ASP B 65 -15.96 12.01 -9.86
C ASP B 65 -16.31 11.07 -11.02
N ALA B 66 -16.04 11.56 -12.23
CA ALA B 66 -16.23 10.80 -13.47
C ALA B 66 -15.41 9.51 -13.48
N GLN B 67 -14.17 9.60 -13.04
CA GLN B 67 -13.29 8.46 -13.01
C GLN B 67 -13.61 7.54 -11.84
N LEU B 68 -13.79 8.12 -10.66
CA LEU B 68 -14.00 7.34 -9.45
C LEU B 68 -15.30 6.56 -9.53
N LYS B 69 -16.31 7.13 -10.16
CA LYS B 69 -17.63 6.52 -10.21
C LYS B 69 -17.58 5.13 -10.86
N ALA B 70 -16.71 4.98 -11.84
CA ALA B 70 -16.56 3.73 -12.55
C ALA B 70 -15.89 2.70 -11.66
N MET B 71 -15.03 3.17 -10.78
CA MET B 71 -14.33 2.34 -9.88
C MET B 71 -15.25 1.87 -8.76
N LYS B 72 -16.23 2.71 -8.38
CA LYS B 72 -17.21 2.31 -7.36
C LYS B 72 -17.92 1.10 -7.87
N GLU B 73 -18.38 1.24 -9.10
CA GLU B 73 -19.10 0.22 -9.81
C GLU B 73 -18.27 -1.06 -9.95
N TYR B 74 -16.97 -0.90 -10.05
CA TYR B 74 -16.05 -2.04 -10.13
C TYR B 74 -16.06 -2.81 -8.82
N LEU B 75 -15.88 -2.11 -7.73
CA LEU B 75 -15.84 -2.71 -6.39
C LEU B 75 -17.21 -3.30 -6.07
N ASP B 76 -18.22 -2.65 -6.60
CA ASP B 76 -19.60 -3.07 -6.45
C ASP B 76 -19.84 -4.38 -7.18
N ARG B 77 -19.18 -4.56 -8.33
CA ARG B 77 -19.33 -5.79 -9.09
C ARG B 77 -18.56 -6.89 -8.42
N LYS B 78 -17.52 -6.52 -7.68
CA LYS B 78 -16.74 -7.48 -6.94
C LYS B 78 -17.43 -7.85 -5.64
N GLY B 79 -18.48 -7.11 -5.32
CA GLY B 79 -19.20 -7.35 -4.10
C GLY B 79 -18.38 -7.00 -2.86
N TRP B 80 -17.49 -6.03 -2.99
CA TRP B 80 -16.67 -5.63 -1.86
C TRP B 80 -17.28 -4.41 -1.22
N TRP B 81 -17.00 -4.22 0.03
CA TRP B 81 -17.41 -3.04 0.71
C TRP B 81 -16.45 -1.91 0.36
N TYR B 82 -16.97 -0.72 0.23
CA TYR B 82 -16.14 0.43 -0.05
C TYR B 82 -16.79 1.68 0.48
N GLU B 83 -16.07 2.77 0.45
CA GLU B 83 -16.58 4.03 0.88
C GLU B 83 -16.32 5.03 -0.19
N VAL B 84 -17.28 5.85 -0.46
CA VAL B 84 -17.11 6.92 -1.38
C VAL B 84 -16.95 8.18 -0.61
N LYS B 85 -15.85 8.79 -0.76
CA LYS B 85 -15.56 9.99 -0.06
C LYS B 85 -16.02 11.18 -0.92
N GLY A 1 -6.37 25.57 16.22
CA GLY A 1 -7.12 25.29 17.44
C GLY A 1 -6.20 25.17 18.61
N SER A 2 -6.75 25.14 19.80
CA SER A 2 -5.96 25.00 21.00
C SER A 2 -5.40 23.60 21.08
N ILE A 3 -4.14 23.50 21.50
CA ILE A 3 -3.43 22.25 21.64
C ILE A 3 -3.13 21.65 20.26
N GLN A 4 -1.97 21.98 19.76
CA GLN A 4 -1.49 21.49 18.48
C GLN A 4 -1.21 19.99 18.57
N LYS A 5 -1.96 19.22 17.83
CA LYS A 5 -1.82 17.78 17.85
C LYS A 5 -2.09 17.15 16.48
N VAL A 6 -2.20 17.99 15.44
CA VAL A 6 -2.47 17.46 14.10
C VAL A 6 -1.14 17.14 13.37
N LYS A 7 -0.05 17.48 14.03
CA LYS A 7 1.26 17.21 13.48
C LYS A 7 1.89 16.01 14.18
N ASN A 8 2.42 15.12 13.41
CA ASN A 8 3.10 13.96 13.94
C ASN A 8 4.54 14.02 13.46
N GLY A 9 5.41 14.48 14.33
CA GLY A 9 6.78 14.64 13.97
C GLY A 9 7.71 14.27 15.09
N ASN A 10 8.91 14.89 15.08
CA ASN A 10 9.98 14.65 16.09
C ASN A 10 10.64 13.31 15.87
N VAL A 11 10.24 12.65 14.81
CA VAL A 11 10.73 11.35 14.49
C VAL A 11 10.91 11.23 12.98
N ALA A 12 12.03 10.71 12.57
CA ALA A 12 12.34 10.50 11.18
C ALA A 12 13.15 9.23 11.08
N THR A 13 13.19 8.64 9.93
CA THR A 13 13.94 7.43 9.73
C THR A 13 15.42 7.69 9.61
N THR A 14 16.04 7.82 10.75
CA THR A 14 17.46 7.98 10.89
C THR A 14 17.82 7.51 12.28
N SER A 15 17.98 6.23 12.41
CA SER A 15 18.28 5.65 13.69
C SER A 15 19.57 4.87 13.62
N PRO A 16 20.32 4.80 14.74
CA PRO A 16 21.51 3.98 14.81
C PRO A 16 21.12 2.50 14.74
N THR A 17 21.97 1.69 14.11
CA THR A 17 21.73 0.26 13.91
C THR A 17 20.62 0.08 12.81
N LYS A 18 20.48 -1.12 12.28
CA LYS A 18 19.48 -1.40 11.26
C LYS A 18 18.08 -0.99 11.74
N GLN A 19 17.34 -0.39 10.86
CA GLN A 19 15.99 0.06 11.16
C GLN A 19 15.02 -1.09 11.08
N ASN A 20 15.47 -2.15 10.37
CA ASN A 20 14.72 -3.40 10.19
C ASN A 20 13.56 -3.20 9.24
N ILE A 21 13.74 -2.24 8.38
CA ILE A 21 12.73 -1.89 7.40
C ILE A 21 13.23 -2.33 6.03
N ILE A 22 12.35 -2.79 5.19
CA ILE A 22 12.73 -3.20 3.84
C ILE A 22 11.82 -2.51 2.84
N GLN A 23 12.39 -1.96 1.80
CA GLN A 23 11.60 -1.38 0.76
C GLN A 23 11.98 -2.05 -0.52
N SER A 24 11.03 -2.32 -1.36
CA SER A 24 11.31 -2.97 -2.61
C SER A 24 11.19 -1.96 -3.73
N GLY A 25 11.57 -2.37 -4.91
CA GLY A 25 11.31 -1.57 -6.07
C GLY A 25 9.91 -1.86 -6.56
N ALA A 26 9.45 -1.12 -7.52
CA ALA A 26 8.12 -1.34 -8.07
C ALA A 26 8.11 -2.61 -8.93
N PHE A 27 7.33 -3.59 -8.53
CA PHE A 27 7.27 -4.87 -9.22
C PHE A 27 5.87 -5.19 -9.75
N SER A 28 5.77 -6.30 -10.46
CA SER A 28 4.58 -6.77 -11.11
C SER A 28 3.43 -7.07 -10.11
N PRO A 29 2.22 -6.53 -10.39
CA PRO A 29 1.03 -6.66 -9.51
C PRO A 29 0.63 -8.12 -9.22
N TYR A 30 0.91 -9.02 -10.14
CA TYR A 30 0.54 -10.43 -9.93
C TYR A 30 1.47 -11.14 -8.96
N GLU A 31 2.63 -10.56 -8.71
CA GLU A 31 3.58 -11.12 -7.74
C GLU A 31 3.19 -10.72 -6.33
N THR A 32 2.45 -9.62 -6.26
CA THR A 32 2.03 -8.99 -5.02
C THR A 32 1.33 -9.97 -4.02
N PRO A 33 0.30 -10.77 -4.44
CA PRO A 33 -0.39 -11.73 -3.56
C PRO A 33 0.58 -12.66 -2.84
N ASP A 34 1.63 -13.07 -3.55
CA ASP A 34 2.61 -13.97 -3.01
C ASP A 34 3.50 -13.24 -2.01
N VAL A 35 3.88 -12.00 -2.35
CA VAL A 35 4.69 -11.17 -1.48
C VAL A 35 3.95 -10.91 -0.18
N MET A 36 2.65 -10.69 -0.29
CA MET A 36 1.79 -10.49 0.84
C MET A 36 1.74 -11.72 1.73
N GLY A 37 1.75 -12.90 1.11
CA GLY A 37 1.76 -14.15 1.86
C GLY A 37 3.02 -14.29 2.68
N ALA A 38 4.14 -13.83 2.12
CA ALA A 38 5.41 -13.87 2.81
C ALA A 38 5.38 -12.95 4.03
N LEU A 39 4.93 -11.71 3.83
CA LEU A 39 4.84 -10.73 4.93
C LEU A 39 3.94 -11.21 6.03
N THR A 40 2.82 -11.79 5.65
CA THR A 40 1.84 -12.30 6.58
C THR A 40 2.46 -13.41 7.45
N SER A 41 3.20 -14.29 6.83
CA SER A 41 3.78 -15.40 7.53
C SER A 41 5.00 -14.97 8.36
N LEU A 42 5.67 -13.94 7.90
CA LEU A 42 6.84 -13.41 8.59
C LEU A 42 6.44 -12.32 9.58
N LYS A 43 5.12 -12.10 9.71
CA LYS A 43 4.54 -11.15 10.70
C LYS A 43 5.09 -9.72 10.50
N MET A 44 5.41 -9.39 9.26
CA MET A 44 6.05 -8.12 8.96
C MET A 44 5.05 -6.98 8.75
N THR A 45 4.24 -7.09 7.69
CA THR A 45 3.26 -6.05 7.32
C THR A 45 3.96 -4.88 6.58
N ALA A 46 3.49 -4.63 5.39
CA ALA A 46 4.07 -3.62 4.55
C ALA A 46 3.00 -2.86 3.84
N ASP A 47 3.34 -1.67 3.44
CA ASP A 47 2.43 -0.82 2.73
C ASP A 47 2.82 -0.86 1.27
N PHE A 48 1.94 -1.36 0.45
CA PHE A 48 2.16 -1.48 -0.98
C PHE A 48 1.56 -0.30 -1.70
N ILE A 49 2.36 0.54 -2.24
CA ILE A 49 1.85 1.66 -2.99
C ILE A 49 1.80 1.30 -4.46
N LEU A 50 0.62 1.31 -5.01
CA LEU A 50 0.43 0.99 -6.40
C LEU A 50 0.61 2.21 -7.22
N GLN A 51 1.57 2.15 -8.10
CA GLN A 51 1.94 3.28 -8.91
C GLN A 51 1.08 3.30 -10.17
N SER A 52 0.96 4.45 -10.77
CA SER A 52 0.14 4.69 -11.92
C SER A 52 0.62 3.91 -13.17
N ASP A 53 1.86 3.42 -13.11
CA ASP A 53 2.46 2.65 -14.19
C ASP A 53 1.97 1.20 -14.17
N GLY A 54 1.41 0.79 -13.07
CA GLY A 54 0.92 -0.58 -12.96
C GLY A 54 1.89 -1.48 -12.25
N LEU A 55 2.65 -0.91 -11.35
CA LEU A 55 3.60 -1.65 -10.54
C LEU A 55 3.45 -1.20 -9.12
N THR A 56 3.76 -2.04 -8.18
CA THR A 56 3.64 -1.66 -6.81
C THR A 56 4.94 -1.94 -6.07
N TYR A 57 5.23 -1.14 -5.09
CA TYR A 57 6.39 -1.34 -4.25
C TYR A 57 5.91 -1.31 -2.83
N PHE A 58 6.53 -2.06 -1.98
CA PHE A 58 6.08 -2.08 -0.62
C PHE A 58 7.15 -1.56 0.28
N ILE A 59 6.74 -0.92 1.31
CA ILE A 59 7.66 -0.50 2.30
C ILE A 59 7.24 -1.26 3.54
N SER A 60 8.09 -2.10 4.06
CA SER A 60 7.74 -2.90 5.19
C SER A 60 8.06 -2.19 6.47
N LYS A 61 7.08 -2.08 7.32
CA LYS A 61 7.25 -1.45 8.59
C LYS A 61 8.12 -2.34 9.51
N PRO A 62 8.87 -1.72 10.46
CA PRO A 62 9.86 -2.40 11.32
C PRO A 62 9.41 -3.75 11.89
N THR A 63 10.35 -4.66 11.94
CA THR A 63 10.13 -5.99 12.41
C THR A 63 11.47 -6.49 12.98
N SER A 64 11.56 -7.75 13.32
CA SER A 64 12.80 -8.31 13.81
C SER A 64 13.69 -8.69 12.61
N ASP A 65 15.02 -8.74 12.82
CA ASP A 65 15.94 -8.98 11.70
C ASP A 65 15.82 -10.39 11.17
N ALA A 66 15.55 -11.33 12.05
CA ALA A 66 15.37 -12.73 11.69
C ALA A 66 14.14 -12.91 10.80
N GLN A 67 13.16 -12.04 10.98
CA GLN A 67 11.96 -12.08 10.18
C GLN A 67 12.23 -11.49 8.81
N LEU A 68 12.76 -10.28 8.79
CA LEU A 68 13.02 -9.55 7.56
C LEU A 68 14.06 -10.23 6.69
N LYS A 69 15.05 -10.87 7.31
CA LYS A 69 16.13 -11.52 6.56
C LYS A 69 15.58 -12.54 5.57
N ALA A 70 14.51 -13.23 5.96
CA ALA A 70 13.90 -14.23 5.12
C ALA A 70 13.14 -13.56 3.98
N MET A 71 12.59 -12.39 4.27
CA MET A 71 11.84 -11.65 3.31
C MET A 71 12.80 -11.07 2.28
N LYS A 72 13.91 -10.51 2.74
CA LYS A 72 14.90 -10.00 1.83
C LYS A 72 15.51 -11.11 0.96
N GLU A 73 15.61 -12.33 1.52
CA GLU A 73 16.00 -13.48 0.74
C GLU A 73 14.94 -13.84 -0.29
N TYR A 74 13.70 -13.54 0.02
CA TYR A 74 12.61 -13.79 -0.87
C TYR A 74 12.69 -12.88 -2.09
N LEU A 75 12.91 -11.61 -1.85
CA LEU A 75 13.03 -10.62 -2.91
C LEU A 75 14.25 -10.97 -3.76
N ASP A 76 15.23 -11.53 -3.08
CA ASP A 76 16.49 -11.97 -3.66
C ASP A 76 16.29 -13.15 -4.62
N ARG A 77 15.33 -14.02 -4.32
CA ARG A 77 15.02 -15.18 -5.19
C ARG A 77 14.40 -14.67 -6.47
N LYS A 78 13.71 -13.58 -6.34
CA LYS A 78 13.06 -12.95 -7.44
C LYS A 78 13.91 -11.96 -8.16
N GLY A 79 15.08 -11.72 -7.61
CA GLY A 79 16.02 -10.82 -8.22
C GLY A 79 15.54 -9.39 -8.22
N TRP A 80 14.58 -9.07 -7.36
CA TRP A 80 14.08 -7.71 -7.30
C TRP A 80 15.02 -6.87 -6.46
N TRP A 81 15.07 -5.61 -6.81
CA TRP A 81 15.84 -4.66 -6.07
C TRP A 81 15.11 -4.31 -4.77
N TYR A 82 15.85 -4.19 -3.70
CA TYR A 82 15.29 -3.83 -2.45
C TYR A 82 16.32 -3.11 -1.61
N GLU A 83 15.89 -2.55 -0.51
CA GLU A 83 16.75 -1.87 0.41
C GLU A 83 16.50 -2.41 1.78
N VAL A 84 17.53 -2.65 2.53
CA VAL A 84 17.36 -3.01 3.90
C VAL A 84 17.75 -1.82 4.74
N LYS A 85 16.81 -1.28 5.42
CA LYS A 85 17.03 -0.14 6.25
C LYS A 85 17.59 -0.58 7.57
N GLY B 1 17.20 22.28 14.94
CA GLY B 1 17.52 23.54 15.54
C GLY B 1 17.31 24.68 14.57
N SER B 2 18.10 24.70 13.53
CA SER B 2 17.98 25.71 12.51
C SER B 2 16.90 25.31 11.53
N ILE B 3 15.84 26.11 11.46
CA ILE B 3 14.69 25.85 10.60
C ILE B 3 13.93 24.62 11.08
N GLN B 4 12.88 24.87 11.81
CA GLN B 4 12.06 23.81 12.32
C GLN B 4 11.03 23.41 11.26
N LYS B 5 10.84 22.13 11.10
CA LYS B 5 9.93 21.60 10.10
C LYS B 5 9.17 20.41 10.67
N VAL B 6 8.97 20.44 11.98
CA VAL B 6 8.36 19.34 12.71
C VAL B 6 6.85 19.17 12.37
N LYS B 7 6.21 20.25 11.95
CA LYS B 7 4.79 20.19 11.64
C LYS B 7 4.49 19.45 10.32
N ASN B 8 4.24 18.17 10.46
CA ASN B 8 3.89 17.29 9.36
C ASN B 8 2.68 16.51 9.75
N GLY B 9 1.73 16.45 8.88
CA GLY B 9 0.54 15.73 9.17
C GLY B 9 -0.61 16.38 8.47
N ASN B 10 -1.20 17.38 9.12
CA ASN B 10 -2.34 18.14 8.58
C ASN B 10 -3.53 17.26 8.27
N VAL B 11 -3.59 16.13 8.94
CA VAL B 11 -4.66 15.18 8.74
C VAL B 11 -5.99 15.69 9.31
N ALA B 12 -6.78 16.29 8.44
CA ALA B 12 -8.08 16.81 8.78
C ALA B 12 -8.98 16.68 7.58
N THR B 13 -9.72 15.59 7.54
CA THR B 13 -10.63 15.33 6.47
C THR B 13 -11.91 16.14 6.68
N THR B 14 -12.02 17.20 5.94
CA THR B 14 -13.17 18.08 5.96
C THR B 14 -13.21 18.74 4.57
N SER B 15 -12.81 17.94 3.60
CA SER B 15 -12.64 18.37 2.24
C SER B 15 -13.98 18.72 1.59
N PRO B 16 -14.13 19.95 1.05
CA PRO B 16 -15.34 20.36 0.36
C PRO B 16 -15.49 19.63 -0.97
N THR B 17 -16.73 19.50 -1.46
CA THR B 17 -17.04 18.72 -2.66
C THR B 17 -16.69 17.22 -2.36
N LYS B 18 -16.77 16.32 -3.32
CA LYS B 18 -16.32 14.97 -3.03
C LYS B 18 -14.83 14.93 -3.09
N GLN B 19 -14.27 13.97 -2.44
CA GLN B 19 -12.83 13.83 -2.36
C GLN B 19 -12.29 13.14 -3.62
N ASN B 20 -13.15 12.32 -4.22
CA ASN B 20 -12.86 11.48 -5.37
C ASN B 20 -11.91 10.39 -4.96
N ILE B 21 -12.13 9.90 -3.76
CA ILE B 21 -11.31 8.88 -3.16
C ILE B 21 -12.17 7.64 -2.90
N ILE B 22 -11.57 6.51 -2.96
CA ILE B 22 -12.20 5.26 -2.64
C ILE B 22 -11.29 4.48 -1.72
N GLN B 23 -11.83 3.93 -0.68
CA GLN B 23 -11.07 3.13 0.21
C GLN B 23 -11.77 1.81 0.29
N SER B 24 -11.06 0.74 0.30
CA SER B 24 -11.68 -0.55 0.40
C SER B 24 -11.52 -1.09 1.80
N GLY B 25 -12.19 -2.18 2.06
CA GLY B 25 -11.98 -2.89 3.26
C GLY B 25 -10.98 -3.99 3.00
N ALA B 26 -10.65 -4.74 4.01
CA ALA B 26 -9.72 -5.85 3.86
C ALA B 26 -10.30 -6.94 2.95
N PHE B 27 -9.60 -7.22 1.87
CA PHE B 27 -10.03 -8.24 0.92
C PHE B 27 -8.89 -9.23 0.62
N SER B 28 -9.21 -10.25 -0.16
CA SER B 28 -8.31 -11.34 -0.50
C SER B 28 -7.10 -10.87 -1.33
N PRO B 29 -5.87 -11.26 -0.92
CA PRO B 29 -4.62 -10.84 -1.56
C PRO B 29 -4.52 -11.27 -3.04
N TYR B 30 -5.17 -12.36 -3.40
CA TYR B 30 -5.08 -12.87 -4.77
C TYR B 30 -5.90 -12.01 -5.75
N GLU B 31 -6.82 -11.22 -5.23
CA GLU B 31 -7.65 -10.36 -6.08
C GLU B 31 -6.96 -9.02 -6.29
N THR B 32 -5.99 -8.77 -5.45
CA THR B 32 -5.21 -7.55 -5.44
C THR B 32 -4.62 -7.17 -6.84
N PRO B 33 -3.96 -8.11 -7.57
CA PRO B 33 -3.43 -7.86 -8.92
C PRO B 33 -4.46 -7.21 -9.85
N ASP B 34 -5.67 -7.73 -9.82
CA ASP B 34 -6.74 -7.22 -10.67
C ASP B 34 -7.23 -5.89 -10.18
N VAL B 35 -7.22 -5.70 -8.87
CA VAL B 35 -7.58 -4.43 -8.29
C VAL B 35 -6.53 -3.37 -8.67
N MET B 36 -5.26 -3.75 -8.62
CA MET B 36 -4.17 -2.89 -9.02
C MET B 36 -4.25 -2.55 -10.49
N GLY B 37 -4.63 -3.53 -11.30
CA GLY B 37 -4.82 -3.30 -12.72
C GLY B 37 -5.90 -2.26 -12.98
N ALA B 38 -6.95 -2.28 -12.16
CA ALA B 38 -8.03 -1.33 -12.27
C ALA B 38 -7.51 0.06 -11.95
N LEU B 39 -6.80 0.18 -10.82
CA LEU B 39 -6.23 1.44 -10.37
C LEU B 39 -5.27 2.00 -11.42
N THR B 40 -4.56 1.09 -12.07
CA THR B 40 -3.63 1.45 -13.13
C THR B 40 -4.37 2.02 -14.33
N SER B 41 -5.42 1.35 -14.73
CA SER B 41 -6.18 1.73 -15.91
C SER B 41 -6.97 3.01 -15.66
N LEU B 42 -7.34 3.19 -14.42
CA LEU B 42 -8.12 4.33 -14.02
C LEU B 42 -7.22 5.42 -13.43
N LYS B 43 -5.90 5.18 -13.48
CA LYS B 43 -4.86 6.15 -13.05
C LYS B 43 -5.14 6.71 -11.65
N MET B 44 -5.62 5.86 -10.81
CA MET B 44 -6.03 6.22 -9.47
C MET B 44 -4.86 6.26 -8.50
N THR B 45 -4.15 5.11 -8.39
CA THR B 45 -3.01 4.95 -7.46
C THR B 45 -3.51 4.84 -6.00
N ALA B 46 -3.13 3.80 -5.33
CA ALA B 46 -3.61 3.55 -4.00
C ALA B 46 -2.57 2.88 -3.12
N ASP B 47 -2.79 3.00 -1.82
CA ASP B 47 -1.93 2.38 -0.81
C ASP B 47 -2.61 1.14 -0.33
N PHE B 48 -2.01 0.02 -0.58
CA PHE B 48 -2.50 -1.25 -0.11
C PHE B 48 -1.78 -1.63 1.16
N ILE B 49 -2.48 -1.61 2.24
CA ILE B 49 -1.87 -1.99 3.49
C ILE B 49 -2.14 -3.45 3.73
N LEU B 50 -1.10 -4.21 3.82
CA LEU B 50 -1.20 -5.62 4.07
C LEU B 50 -1.26 -5.84 5.54
N GLN B 51 -2.32 -6.42 5.98
CA GLN B 51 -2.57 -6.58 7.37
C GLN B 51 -2.04 -7.92 7.83
N SER B 52 -1.86 -8.07 9.13
CA SER B 52 -1.33 -9.27 9.74
C SER B 52 -2.24 -10.48 9.54
N ASP B 53 -3.49 -10.20 9.21
CA ASP B 53 -4.48 -11.23 8.96
C ASP B 53 -4.29 -11.84 7.58
N GLY B 54 -3.53 -11.16 6.74
CA GLY B 54 -3.25 -11.66 5.41
C GLY B 54 -4.13 -11.04 4.35
N LEU B 55 -4.90 -10.07 4.74
CA LEU B 55 -5.76 -9.36 3.82
C LEU B 55 -5.21 -7.97 3.62
N THR B 56 -5.58 -7.33 2.56
CA THR B 56 -5.10 -6.01 2.31
C THR B 56 -6.27 -5.10 1.93
N TYR B 57 -6.08 -3.81 2.02
CA TYR B 57 -7.07 -2.83 1.66
C TYR B 57 -6.36 -1.65 1.07
N PHE B 58 -6.98 -0.96 0.15
CA PHE B 58 -6.33 0.14 -0.48
C PHE B 58 -7.03 1.44 -0.19
N ILE B 59 -6.25 2.49 -0.08
CA ILE B 59 -6.79 3.81 0.03
C ILE B 59 -6.29 4.55 -1.19
N SER B 60 -7.19 5.00 -2.03
CA SER B 60 -6.81 5.61 -3.29
C SER B 60 -6.57 7.10 -3.19
N LYS B 61 -5.72 7.59 -4.07
CA LYS B 61 -5.45 9.00 -4.23
C LYS B 61 -6.61 9.62 -4.99
N PRO B 62 -6.91 10.91 -4.76
CA PRO B 62 -7.97 11.62 -5.47
C PRO B 62 -7.74 11.57 -6.99
N THR B 63 -8.80 11.33 -7.70
CA THR B 63 -8.76 11.20 -9.13
C THR B 63 -10.01 11.91 -9.70
N SER B 64 -10.36 11.61 -10.91
CA SER B 64 -11.56 12.15 -11.51
C SER B 64 -12.71 11.19 -11.19
N ASP B 65 -13.95 11.67 -11.15
CA ASP B 65 -15.08 10.82 -10.81
C ASP B 65 -15.28 9.74 -11.86
N ALA B 66 -15.00 10.09 -13.10
CA ALA B 66 -15.12 9.17 -14.22
C ALA B 66 -14.22 7.96 -14.06
N GLN B 67 -13.10 8.15 -13.40
CA GLN B 67 -12.16 7.08 -13.16
C GLN B 67 -12.66 6.19 -12.03
N LEU B 68 -12.94 6.81 -10.91
CA LEU B 68 -13.33 6.11 -9.70
C LEU B 68 -14.65 5.39 -9.83
N LYS B 69 -15.59 5.97 -10.59
CA LYS B 69 -16.92 5.40 -10.76
C LYS B 69 -16.85 3.96 -11.27
N ALA B 70 -15.87 3.68 -12.14
CA ALA B 70 -15.70 2.34 -12.69
C ALA B 70 -15.09 1.41 -11.65
N MET B 71 -14.30 1.98 -10.77
CA MET B 71 -13.63 1.22 -9.76
C MET B 71 -14.64 0.86 -8.67
N LYS B 72 -15.44 1.84 -8.24
CA LYS B 72 -16.48 1.57 -7.26
C LYS B 72 -17.48 0.53 -7.75
N GLU B 73 -17.75 0.54 -9.06
CA GLU B 73 -18.59 -0.49 -9.65
C GLU B 73 -17.93 -1.86 -9.52
N TYR B 74 -16.60 -1.88 -9.70
CA TYR B 74 -15.81 -3.12 -9.63
C TYR B 74 -15.93 -3.75 -8.25
N LEU B 75 -15.70 -2.94 -7.24
CA LEU B 75 -15.72 -3.39 -5.86
C LEU B 75 -17.10 -3.92 -5.49
N ASP B 76 -18.10 -3.28 -6.06
CA ASP B 76 -19.48 -3.64 -5.84
C ASP B 76 -19.81 -4.98 -6.51
N ARG B 77 -19.10 -5.29 -7.60
CA ARG B 77 -19.33 -6.54 -8.31
C ARG B 77 -18.82 -7.69 -7.50
N LYS B 78 -17.81 -7.38 -6.70
CA LYS B 78 -17.17 -8.35 -5.85
C LYS B 78 -17.78 -8.41 -4.49
N GLY B 79 -18.68 -7.49 -4.24
CA GLY B 79 -19.36 -7.44 -2.98
C GLY B 79 -18.45 -7.06 -1.84
N TRP B 80 -17.34 -6.43 -2.14
CA TRP B 80 -16.46 -6.00 -1.08
C TRP B 80 -16.97 -4.71 -0.51
N TRP B 81 -16.62 -4.46 0.71
CA TRP B 81 -16.97 -3.22 1.34
C TRP B 81 -15.95 -2.16 0.96
N TYR B 82 -16.42 -0.97 0.73
CA TYR B 82 -15.57 0.13 0.38
C TYR B 82 -16.28 1.42 0.74
N GLU B 83 -15.58 2.52 0.59
CA GLU B 83 -16.15 3.81 0.87
C GLU B 83 -15.90 4.70 -0.32
N VAL B 84 -16.87 5.50 -0.64
CA VAL B 84 -16.76 6.44 -1.71
C VAL B 84 -16.69 7.79 -1.10
N LYS B 85 -15.61 8.39 -1.29
CA LYS B 85 -15.32 9.65 -0.77
C LYS B 85 -15.33 10.65 -1.89
N GLY A 1 -4.74 21.72 10.77
CA GLY A 1 -5.52 20.48 10.69
C GLY A 1 -5.10 19.53 11.79
N SER A 2 -5.76 19.64 12.93
CA SER A 2 -5.44 18.84 14.08
C SER A 2 -6.25 17.54 14.10
N ILE A 3 -7.11 17.36 13.07
CA ILE A 3 -7.95 16.15 12.92
C ILE A 3 -7.11 14.89 13.05
N GLN A 4 -5.98 14.87 12.36
CA GLN A 4 -5.04 13.79 12.48
C GLN A 4 -3.64 14.35 12.53
N LYS A 5 -2.86 13.80 13.38
CA LYS A 5 -1.49 14.20 13.57
C LYS A 5 -0.64 12.96 13.47
N VAL A 6 0.65 13.10 13.66
CA VAL A 6 1.50 11.93 13.71
C VAL A 6 1.81 11.59 15.16
N LYS A 7 1.61 12.58 16.06
CA LYS A 7 1.78 12.47 17.53
C LYS A 7 3.26 12.31 17.96
N ASN A 8 4.09 11.90 17.01
CA ASN A 8 5.53 11.67 17.18
C ASN A 8 5.80 10.42 17.96
N GLY A 9 5.85 9.34 17.24
CA GLY A 9 6.16 8.06 17.80
C GLY A 9 6.96 7.28 16.81
N ASN A 10 6.37 7.11 15.65
CA ASN A 10 7.02 6.46 14.56
C ASN A 10 6.65 7.16 13.28
N VAL A 11 7.51 8.03 12.84
CA VAL A 11 7.29 8.79 11.62
C VAL A 11 8.63 9.05 10.93
N ALA A 12 9.65 9.30 11.72
CA ALA A 12 10.99 9.50 11.24
C ALA A 12 11.91 8.52 11.92
N THR A 13 12.08 7.38 11.30
CA THR A 13 12.87 6.32 11.86
C THR A 13 14.35 6.70 12.00
N THR A 14 14.74 6.91 13.23
CA THR A 14 16.10 7.23 13.57
C THR A 14 16.58 6.14 14.54
N SER A 15 17.02 5.04 14.00
CA SER A 15 17.38 3.92 14.82
C SER A 15 18.78 3.39 14.54
N PRO A 16 19.54 3.05 15.61
CA PRO A 16 20.84 2.41 15.48
C PRO A 16 20.65 0.95 15.07
N THR A 17 21.69 0.33 14.47
CA THR A 17 21.59 -1.05 13.98
C THR A 17 20.67 -1.00 12.71
N LYS A 18 20.30 -2.13 12.12
CA LYS A 18 19.38 -2.03 11.01
C LYS A 18 18.00 -1.67 11.54
N GLN A 19 17.30 -0.86 10.79
CA GLN A 19 15.95 -0.42 11.14
C GLN A 19 14.95 -1.58 10.99
N ASN A 20 15.41 -2.64 10.30
CA ASN A 20 14.62 -3.87 10.05
C ASN A 20 13.49 -3.57 9.09
N ILE A 21 13.72 -2.59 8.26
CA ILE A 21 12.76 -2.14 7.29
C ILE A 21 13.25 -2.55 5.90
N ILE A 22 12.36 -2.74 4.97
CA ILE A 22 12.73 -3.08 3.59
C ILE A 22 11.82 -2.32 2.67
N GLN A 23 12.36 -1.75 1.64
CA GLN A 23 11.51 -1.21 0.64
C GLN A 23 11.89 -1.86 -0.65
N SER A 24 10.94 -2.21 -1.44
CA SER A 24 11.24 -2.87 -2.67
C SER A 24 11.07 -1.90 -3.83
N GLY A 25 11.47 -2.34 -5.00
CA GLY A 25 11.22 -1.61 -6.17
C GLY A 25 9.89 -2.03 -6.74
N ALA A 26 9.39 -1.29 -7.67
CA ALA A 26 8.11 -1.60 -8.28
C ALA A 26 8.17 -2.92 -9.05
N PHE A 27 7.31 -3.84 -8.68
CA PHE A 27 7.22 -5.13 -9.32
C PHE A 27 5.81 -5.39 -9.84
N SER A 28 5.66 -6.47 -10.59
CA SER A 28 4.42 -6.84 -11.22
C SER A 28 3.33 -7.20 -10.18
N PRO A 29 2.09 -6.69 -10.39
CA PRO A 29 0.96 -6.85 -9.48
C PRO A 29 0.59 -8.31 -9.17
N TYR A 30 0.85 -9.24 -10.09
CA TYR A 30 0.45 -10.63 -9.85
C TYR A 30 1.36 -11.31 -8.82
N GLU A 31 2.53 -10.73 -8.58
CA GLU A 31 3.47 -11.28 -7.60
C GLU A 31 3.10 -10.82 -6.21
N THR A 32 2.39 -9.72 -6.17
CA THR A 32 1.98 -9.05 -4.95
C THR A 32 1.26 -9.96 -3.92
N PRO A 33 0.21 -10.75 -4.31
CA PRO A 33 -0.50 -11.66 -3.40
C PRO A 33 0.47 -12.59 -2.64
N ASP A 34 1.47 -13.08 -3.35
CA ASP A 34 2.46 -13.99 -2.75
C ASP A 34 3.39 -13.22 -1.82
N VAL A 35 3.80 -12.03 -2.26
CA VAL A 35 4.61 -11.14 -1.44
C VAL A 35 3.87 -10.85 -0.13
N MET A 36 2.58 -10.56 -0.24
CA MET A 36 1.74 -10.33 0.91
C MET A 36 1.64 -11.57 1.78
N GLY A 37 1.57 -12.73 1.14
CA GLY A 37 1.55 -13.98 1.87
C GLY A 37 2.80 -14.17 2.70
N ALA A 38 3.95 -13.83 2.13
CA ALA A 38 5.21 -13.90 2.83
C ALA A 38 5.20 -12.96 4.04
N LEU A 39 4.82 -11.70 3.79
CA LEU A 39 4.74 -10.67 4.84
C LEU A 39 3.79 -11.07 5.95
N THR A 40 2.77 -11.84 5.60
CA THR A 40 1.80 -12.32 6.54
C THR A 40 2.42 -13.39 7.47
N SER A 41 3.04 -14.39 6.88
CA SER A 41 3.63 -15.47 7.65
C SER A 41 4.88 -15.01 8.39
N LEU A 42 5.52 -14.00 7.86
CA LEU A 42 6.68 -13.44 8.48
C LEU A 42 6.28 -12.33 9.44
N LYS A 43 4.96 -12.04 9.53
CA LYS A 43 4.39 -11.04 10.47
C LYS A 43 5.10 -9.71 10.38
N MET A 44 5.40 -9.34 9.18
CA MET A 44 6.16 -8.13 8.93
C MET A 44 5.25 -6.96 8.69
N THR A 45 4.38 -7.09 7.68
CA THR A 45 3.46 -6.04 7.29
C THR A 45 4.18 -4.93 6.50
N ALA A 46 3.59 -4.53 5.41
CA ALA A 46 4.17 -3.55 4.55
C ALA A 46 3.12 -2.71 3.93
N ASP A 47 3.50 -1.52 3.57
CA ASP A 47 2.63 -0.61 2.90
C ASP A 47 3.00 -0.68 1.44
N PHE A 48 2.09 -1.14 0.63
CA PHE A 48 2.30 -1.30 -0.79
C PHE A 48 1.81 -0.08 -1.52
N ILE A 49 2.68 0.55 -2.23
CA ILE A 49 2.30 1.69 -3.00
C ILE A 49 2.16 1.26 -4.44
N LEU A 50 0.99 1.41 -4.96
CA LEU A 50 0.72 1.10 -6.32
C LEU A 50 1.07 2.29 -7.14
N GLN A 51 1.86 2.07 -8.14
CA GLN A 51 2.32 3.13 -8.97
C GLN A 51 1.39 3.25 -10.17
N SER A 52 1.37 4.41 -10.77
CA SER A 52 0.46 4.72 -11.88
C SER A 52 0.82 3.90 -13.13
N ASP A 53 2.02 3.34 -13.12
CA ASP A 53 2.53 2.55 -14.22
C ASP A 53 2.02 1.09 -14.19
N GLY A 54 1.39 0.70 -13.08
CA GLY A 54 0.84 -0.65 -12.98
C GLY A 54 1.73 -1.59 -12.24
N LEU A 55 2.62 -1.05 -11.45
CA LEU A 55 3.52 -1.85 -10.66
C LEU A 55 3.43 -1.39 -9.23
N THR A 56 3.75 -2.23 -8.29
CA THR A 56 3.68 -1.83 -6.91
C THR A 56 4.93 -2.26 -6.18
N TYR A 57 5.20 -1.62 -5.08
CA TYR A 57 6.33 -1.93 -4.25
C TYR A 57 5.87 -1.80 -2.83
N PHE A 58 6.56 -2.41 -1.93
CA PHE A 58 6.14 -2.34 -0.57
C PHE A 58 7.22 -1.81 0.30
N ILE A 59 6.84 -1.18 1.36
CA ILE A 59 7.76 -0.76 2.34
C ILE A 59 7.40 -1.57 3.57
N SER A 60 8.28 -2.41 4.03
CA SER A 60 7.97 -3.24 5.15
C SER A 60 8.26 -2.53 6.42
N LYS A 61 7.36 -2.62 7.31
CA LYS A 61 7.44 -1.94 8.57
C LYS A 61 8.41 -2.69 9.48
N PRO A 62 9.07 -1.96 10.42
CA PRO A 62 10.10 -2.54 11.30
C PRO A 62 9.65 -3.83 12.01
N THR A 63 10.49 -4.84 11.95
CA THR A 63 10.21 -6.12 12.54
C THR A 63 11.55 -6.67 13.12
N SER A 64 11.65 -7.94 13.38
CA SER A 64 12.89 -8.51 13.90
C SER A 64 13.84 -8.84 12.74
N ASP A 65 15.14 -9.01 13.02
CA ASP A 65 16.13 -9.24 11.95
C ASP A 65 15.96 -10.62 11.30
N ALA A 66 15.45 -11.54 12.06
CA ALA A 66 15.17 -12.89 11.59
C ALA A 66 13.96 -12.91 10.66
N GLN A 67 12.94 -12.11 10.97
CA GLN A 67 11.77 -12.02 10.10
C GLN A 67 12.11 -11.17 8.88
N LEU A 68 12.87 -10.10 9.12
CA LEU A 68 13.43 -9.22 8.08
C LEU A 68 14.16 -10.02 7.01
N LYS A 69 15.06 -10.88 7.46
CA LYS A 69 15.95 -11.58 6.58
C LYS A 69 15.22 -12.43 5.57
N ALA A 70 14.19 -13.12 6.01
CA ALA A 70 13.45 -14.04 5.17
C ALA A 70 12.78 -13.35 4.00
N MET A 71 12.29 -12.14 4.23
CA MET A 71 11.62 -11.41 3.23
C MET A 71 12.60 -10.80 2.25
N LYS A 72 13.70 -10.26 2.75
CA LYS A 72 14.68 -9.68 1.88
C LYS A 72 15.36 -10.75 1.04
N GLU A 73 15.50 -11.95 1.62
CA GLU A 73 15.99 -13.12 0.89
C GLU A 73 15.05 -13.45 -0.27
N TYR A 74 13.74 -13.34 -0.02
CA TYR A 74 12.71 -13.58 -1.03
C TYR A 74 12.88 -12.63 -2.21
N LEU A 75 13.05 -11.36 -1.91
CA LEU A 75 13.20 -10.32 -2.93
C LEU A 75 14.46 -10.56 -3.72
N ASP A 76 15.46 -11.05 -3.03
CA ASP A 76 16.75 -11.39 -3.61
C ASP A 76 16.62 -12.57 -4.56
N ARG A 77 15.74 -13.50 -4.21
CA ARG A 77 15.51 -14.69 -5.03
C ARG A 77 14.72 -14.29 -6.26
N LYS A 78 13.90 -13.28 -6.10
CA LYS A 78 13.11 -12.77 -7.19
C LYS A 78 13.94 -11.83 -8.06
N GLY A 79 15.11 -11.50 -7.59
CA GLY A 79 15.98 -10.60 -8.30
C GLY A 79 15.43 -9.18 -8.37
N TRP A 80 14.58 -8.82 -7.41
CA TRP A 80 13.99 -7.51 -7.39
C TRP A 80 14.88 -6.57 -6.63
N TRP A 81 14.77 -5.31 -6.93
CA TRP A 81 15.52 -4.32 -6.21
C TRP A 81 14.85 -4.05 -4.89
N TYR A 82 15.63 -3.90 -3.86
CA TYR A 82 15.11 -3.58 -2.56
C TYR A 82 16.16 -2.91 -1.73
N GLU A 83 15.75 -2.37 -0.61
CA GLU A 83 16.65 -1.77 0.32
C GLU A 83 16.41 -2.34 1.68
N VAL A 84 17.47 -2.58 2.38
CA VAL A 84 17.41 -3.06 3.71
C VAL A 84 17.74 -1.91 4.60
N LYS A 85 16.79 -1.55 5.36
CA LYS A 85 16.88 -0.43 6.22
C LYS A 85 16.70 -0.85 7.63
N GLY B 1 18.11 10.62 10.00
CA GLY B 1 16.94 10.23 10.76
C GLY B 1 15.82 11.21 10.58
N SER B 2 16.09 12.45 10.92
CA SER B 2 15.12 13.53 10.83
C SER B 2 15.10 14.11 9.41
N ILE B 3 15.73 13.40 8.48
CA ILE B 3 15.72 13.77 7.07
C ILE B 3 14.31 13.48 6.53
N GLN B 4 13.66 12.54 7.18
CA GLN B 4 12.32 12.12 6.87
C GLN B 4 11.33 13.13 7.46
N LYS B 5 10.59 13.79 6.61
CA LYS B 5 9.64 14.78 7.05
C LYS B 5 8.26 14.47 6.53
N VAL B 6 7.24 14.98 7.20
CA VAL B 6 5.87 14.76 6.80
C VAL B 6 5.49 15.63 5.60
N LYS B 7 6.18 16.79 5.47
CA LYS B 7 6.09 17.67 4.29
C LYS B 7 4.70 18.37 4.14
N ASN B 8 3.83 18.20 5.13
CA ASN B 8 2.44 18.70 5.06
C ASN B 8 1.72 17.98 3.94
N GLY B 9 1.18 16.85 4.25
CA GLY B 9 0.56 16.06 3.24
C GLY B 9 -0.74 15.49 3.68
N ASN B 10 -1.17 14.45 3.01
CA ASN B 10 -2.43 13.82 3.29
C ASN B 10 -2.36 12.94 4.52
N VAL B 11 -2.58 13.59 5.63
CA VAL B 11 -2.67 12.99 6.93
C VAL B 11 -3.58 13.87 7.76
N ALA B 12 -3.39 15.18 7.63
CA ALA B 12 -4.28 16.12 8.24
C ALA B 12 -5.47 16.26 7.33
N THR B 13 -6.40 15.40 7.54
CA THR B 13 -7.53 15.29 6.68
C THR B 13 -8.57 16.40 6.88
N THR B 14 -8.40 17.45 6.12
CA THR B 14 -9.32 18.54 6.06
C THR B 14 -9.27 19.13 4.65
N SER B 15 -10.01 18.54 3.75
CA SER B 15 -9.99 18.97 2.36
C SER B 15 -11.33 19.57 1.98
N PRO B 16 -11.34 20.69 1.25
CA PRO B 16 -12.57 21.31 0.77
C PRO B 16 -13.17 20.49 -0.37
N THR B 17 -14.49 20.28 -0.33
CA THR B 17 -15.21 19.48 -1.32
C THR B 17 -14.78 17.98 -1.15
N LYS B 18 -15.38 17.05 -1.90
CA LYS B 18 -14.98 15.67 -1.77
C LYS B 18 -13.55 15.47 -2.23
N GLN B 19 -12.94 14.50 -1.67
CA GLN B 19 -11.54 14.22 -1.88
C GLN B 19 -11.37 13.38 -3.16
N ASN B 20 -12.44 12.62 -3.49
CA ASN B 20 -12.50 11.71 -4.66
C ASN B 20 -11.66 10.48 -4.41
N ILE B 21 -11.52 10.19 -3.17
CA ILE B 21 -10.75 9.09 -2.67
C ILE B 21 -11.69 7.92 -2.34
N ILE B 22 -11.15 6.74 -2.35
CA ILE B 22 -11.88 5.55 -1.98
C ILE B 22 -11.00 4.75 -1.07
N GLN B 23 -11.54 4.24 0.00
CA GLN B 23 -10.81 3.37 0.83
C GLN B 23 -11.58 2.09 0.89
N SER B 24 -10.91 1.00 0.84
CA SER B 24 -11.57 -0.26 0.92
C SER B 24 -11.43 -0.83 2.31
N GLY B 25 -12.17 -1.88 2.57
CA GLY B 25 -11.94 -2.64 3.76
C GLY B 25 -10.89 -3.68 3.47
N ALA B 26 -10.50 -4.43 4.45
CA ALA B 26 -9.50 -5.47 4.25
C ALA B 26 -10.09 -6.60 3.40
N PHE B 27 -9.51 -6.81 2.23
CA PHE B 27 -9.97 -7.85 1.33
C PHE B 27 -8.88 -8.86 1.05
N SER B 28 -9.23 -9.89 0.30
CA SER B 28 -8.34 -11.00 0.01
C SER B 28 -7.21 -10.62 -0.96
N PRO B 29 -5.97 -11.08 -0.66
CA PRO B 29 -4.77 -10.75 -1.42
C PRO B 29 -4.82 -11.13 -2.92
N TYR B 30 -5.58 -12.16 -3.27
CA TYR B 30 -5.59 -12.60 -4.67
C TYR B 30 -6.41 -11.67 -5.57
N GLU B 31 -7.27 -10.84 -4.98
CA GLU B 31 -8.06 -9.89 -5.75
C GLU B 31 -7.27 -8.60 -5.96
N THR B 32 -6.28 -8.42 -5.11
CA THR B 32 -5.43 -7.25 -5.09
C THR B 32 -4.80 -6.90 -6.48
N PRO B 33 -4.15 -7.88 -7.18
CA PRO B 33 -3.58 -7.65 -8.52
C PRO B 33 -4.58 -7.00 -9.49
N ASP B 34 -5.83 -7.46 -9.45
CA ASP B 34 -6.86 -6.92 -10.33
C ASP B 34 -7.28 -5.53 -9.89
N VAL B 35 -7.37 -5.32 -8.57
CA VAL B 35 -7.68 -3.99 -8.03
C VAL B 35 -6.62 -3.00 -8.49
N MET B 36 -5.37 -3.44 -8.43
CA MET B 36 -4.23 -2.65 -8.88
C MET B 36 -4.33 -2.36 -10.37
N GLY B 37 -4.75 -3.35 -11.13
CA GLY B 37 -4.97 -3.17 -12.54
C GLY B 37 -6.03 -2.11 -12.82
N ALA B 38 -7.09 -2.13 -12.03
CA ALA B 38 -8.17 -1.16 -12.14
C ALA B 38 -7.66 0.25 -11.83
N LEU B 39 -6.96 0.39 -10.71
CA LEU B 39 -6.40 1.67 -10.28
C LEU B 39 -5.43 2.23 -11.31
N THR B 40 -4.71 1.34 -11.95
CA THR B 40 -3.79 1.73 -12.98
C THR B 40 -4.53 2.18 -14.25
N SER B 41 -5.55 1.43 -14.63
CA SER B 41 -6.30 1.73 -15.82
C SER B 41 -7.11 3.01 -15.63
N LEU B 42 -7.52 3.24 -14.41
CA LEU B 42 -8.28 4.41 -14.06
C LEU B 42 -7.36 5.53 -13.58
N LYS B 43 -6.03 5.28 -13.60
CA LYS B 43 -4.98 6.28 -13.24
C LYS B 43 -5.25 6.94 -11.90
N MET B 44 -5.68 6.14 -10.98
CA MET B 44 -6.02 6.62 -9.65
C MET B 44 -4.86 6.54 -8.70
N THR B 45 -4.30 5.31 -8.55
CA THR B 45 -3.15 5.06 -7.67
C THR B 45 -3.60 5.01 -6.19
N ALA B 46 -3.19 3.98 -5.46
CA ALA B 46 -3.60 3.81 -4.09
C ALA B 46 -2.53 3.13 -3.26
N ASP B 47 -2.62 3.28 -1.95
CA ASP B 47 -1.73 2.65 -1.01
C ASP B 47 -2.42 1.44 -0.42
N PHE B 48 -1.86 0.29 -0.65
CA PHE B 48 -2.40 -0.97 -0.15
C PHE B 48 -1.67 -1.39 1.11
N ILE B 49 -2.34 -1.36 2.22
CA ILE B 49 -1.73 -1.76 3.46
C ILE B 49 -2.05 -3.21 3.72
N LEU B 50 -1.03 -4.00 3.86
CA LEU B 50 -1.16 -5.39 4.15
C LEU B 50 -1.27 -5.58 5.64
N GLN B 51 -2.28 -6.26 6.06
CA GLN B 51 -2.55 -6.47 7.45
C GLN B 51 -1.93 -7.79 7.89
N SER B 52 -1.68 -7.94 9.18
CA SER B 52 -0.99 -9.10 9.76
C SER B 52 -1.78 -10.41 9.53
N ASP B 53 -3.05 -10.28 9.23
CA ASP B 53 -3.92 -11.42 9.01
C ASP B 53 -3.83 -11.96 7.58
N GLY B 54 -3.27 -11.17 6.69
CA GLY B 54 -3.17 -11.61 5.31
C GLY B 54 -4.26 -11.05 4.43
N LEU B 55 -4.67 -9.86 4.77
CA LEU B 55 -5.67 -9.12 4.01
C LEU B 55 -5.13 -7.75 3.77
N THR B 56 -5.55 -7.09 2.74
CA THR B 56 -5.04 -5.76 2.48
C THR B 56 -6.20 -4.82 2.12
N TYR B 57 -5.96 -3.54 2.27
CA TYR B 57 -6.94 -2.52 1.95
C TYR B 57 -6.21 -1.37 1.32
N PHE B 58 -6.84 -0.66 0.43
CA PHE B 58 -6.17 0.41 -0.22
C PHE B 58 -6.84 1.72 0.10
N ILE B 59 -6.07 2.76 0.14
CA ILE B 59 -6.62 4.07 0.23
C ILE B 59 -6.16 4.77 -1.04
N SER B 60 -7.07 5.18 -1.87
CA SER B 60 -6.70 5.76 -3.15
C SER B 60 -6.32 7.21 -3.02
N LYS B 61 -5.44 7.64 -3.88
CA LYS B 61 -5.06 9.01 -3.96
C LYS B 61 -6.18 9.78 -4.66
N PRO B 62 -6.31 11.10 -4.39
CA PRO B 62 -7.38 11.92 -4.98
C PRO B 62 -7.36 11.89 -6.51
N THR B 63 -8.52 11.84 -7.11
CA THR B 63 -8.64 11.80 -8.55
C THR B 63 -9.91 12.59 -8.97
N SER B 64 -10.37 12.41 -10.18
CA SER B 64 -11.57 13.08 -10.63
C SER B 64 -12.77 12.18 -10.34
N ASP B 65 -13.97 12.74 -10.28
CA ASP B 65 -15.16 11.92 -10.00
C ASP B 65 -15.42 10.93 -11.13
N ALA B 66 -15.02 11.31 -12.32
CA ALA B 66 -15.11 10.45 -13.51
C ALA B 66 -14.26 9.20 -13.36
N GLN B 67 -13.06 9.34 -12.84
CA GLN B 67 -12.19 8.19 -12.61
C GLN B 67 -12.65 7.43 -11.36
N LEU B 68 -13.04 8.20 -10.36
CA LEU B 68 -13.59 7.71 -9.09
C LEU B 68 -14.78 6.78 -9.28
N LYS B 69 -15.74 7.25 -10.07
CA LYS B 69 -17.03 6.58 -10.23
C LYS B 69 -16.91 5.10 -10.58
N ALA B 70 -16.05 4.78 -11.53
CA ALA B 70 -15.90 3.42 -11.98
C ALA B 70 -15.27 2.53 -10.92
N MET B 71 -14.30 3.07 -10.22
CA MET B 71 -13.60 2.32 -9.24
C MET B 71 -14.47 2.03 -8.03
N LYS B 72 -15.25 2.99 -7.59
CA LYS B 72 -16.10 2.75 -6.45
C LYS B 72 -17.19 1.74 -6.77
N GLU B 73 -17.65 1.75 -8.02
CA GLU B 73 -18.60 0.76 -8.49
C GLU B 73 -17.94 -0.63 -8.47
N TYR B 74 -16.65 -0.68 -8.75
CA TYR B 74 -15.87 -1.92 -8.76
C TYR B 74 -15.96 -2.66 -7.44
N LEU B 75 -15.73 -1.97 -6.33
CA LEU B 75 -15.79 -2.62 -5.03
C LEU B 75 -17.20 -3.04 -4.70
N ASP B 76 -18.14 -2.28 -5.21
CA ASP B 76 -19.55 -2.58 -5.02
C ASP B 76 -19.94 -3.83 -5.79
N ARG B 77 -19.26 -4.05 -6.92
CA ARG B 77 -19.52 -5.25 -7.72
C ARG B 77 -18.91 -6.44 -7.03
N LYS B 78 -17.81 -6.18 -6.34
CA LYS B 78 -17.10 -7.22 -5.60
C LYS B 78 -17.76 -7.47 -4.26
N GLY B 79 -18.70 -6.64 -3.91
CA GLY B 79 -19.40 -6.77 -2.67
C GLY B 79 -18.52 -6.47 -1.46
N TRP B 80 -17.51 -5.63 -1.64
CA TRP B 80 -16.62 -5.29 -0.55
C TRP B 80 -17.09 -3.99 0.05
N TRP B 81 -16.77 -3.77 1.29
CA TRP B 81 -17.08 -2.51 1.90
C TRP B 81 -16.03 -1.48 1.48
N TYR B 82 -16.48 -0.27 1.23
CA TYR B 82 -15.59 0.78 0.84
C TYR B 82 -16.14 2.13 1.27
N GLU B 83 -15.31 3.12 1.19
CA GLU B 83 -15.68 4.46 1.52
C GLU B 83 -15.30 5.35 0.38
N VAL B 84 -16.13 6.30 0.12
CA VAL B 84 -15.93 7.26 -0.88
C VAL B 84 -15.74 8.57 -0.19
N LYS B 85 -14.62 9.08 -0.40
CA LYS B 85 -14.19 10.27 0.21
C LYS B 85 -13.88 11.23 -0.87
N GLY A 1 -6.25 -16.85 21.73
CA GLY A 1 -6.34 -17.32 20.35
C GLY A 1 -5.13 -16.90 19.55
N SER A 2 -4.67 -17.79 18.66
CA SER A 2 -3.50 -17.55 17.79
C SER A 2 -2.22 -17.35 18.62
N ILE A 3 -2.20 -17.92 19.80
CA ILE A 3 -1.07 -17.78 20.67
C ILE A 3 0.01 -18.79 20.32
N GLN A 4 0.75 -18.48 19.30
CA GLN A 4 1.89 -19.25 18.89
C GLN A 4 2.98 -18.33 18.47
N LYS A 5 3.70 -17.81 19.43
CA LYS A 5 4.79 -16.92 19.15
C LYS A 5 6.05 -17.70 19.02
N VAL A 6 6.24 -18.23 17.85
CA VAL A 6 7.39 -19.03 17.52
C VAL A 6 7.94 -18.55 16.20
N LYS A 7 9.22 -18.40 16.14
CA LYS A 7 9.88 -17.99 14.94
C LYS A 7 10.62 -19.16 14.33
N ASN A 8 10.20 -19.53 13.13
CA ASN A 8 10.90 -20.56 12.39
C ASN A 8 12.17 -19.95 11.85
N GLY A 9 13.29 -20.35 12.40
CA GLY A 9 14.52 -19.69 12.12
C GLY A 9 14.64 -18.55 13.09
N ASN A 10 14.77 -18.91 14.36
CA ASN A 10 14.74 -17.98 15.49
C ASN A 10 15.76 -16.87 15.34
N VAL A 11 17.00 -17.22 15.13
CA VAL A 11 18.05 -16.23 15.06
C VAL A 11 18.42 -15.93 13.62
N ALA A 12 18.82 -14.70 13.39
CA ALA A 12 19.27 -14.30 12.09
C ALA A 12 20.73 -14.01 12.15
N THR A 13 21.07 -12.86 12.71
CA THR A 13 22.45 -12.47 12.88
C THR A 13 22.54 -11.43 14.02
N THR A 14 21.43 -10.72 14.29
CA THR A 14 21.37 -9.68 15.31
C THR A 14 22.32 -8.55 14.86
N SER A 15 22.29 -8.29 13.55
CA SER A 15 23.20 -7.37 12.92
C SER A 15 22.98 -5.92 13.39
N PRO A 16 24.07 -5.18 13.59
CA PRO A 16 24.02 -3.80 14.03
C PRO A 16 23.65 -2.85 12.89
N THR A 17 23.15 -1.69 13.26
CA THR A 17 22.81 -0.60 12.37
C THR A 17 21.76 -0.90 11.30
N LYS A 18 20.52 -0.62 11.63
CA LYS A 18 19.41 -0.65 10.70
C LYS A 18 18.12 -0.21 11.37
N GLN A 19 17.16 0.07 10.55
CA GLN A 19 15.83 0.43 10.97
C GLN A 19 14.94 -0.81 10.87
N ASN A 20 15.51 -1.87 10.28
CA ASN A 20 14.89 -3.20 10.11
C ASN A 20 13.66 -3.11 9.19
N ILE A 21 13.73 -2.20 8.26
CA ILE A 21 12.66 -1.97 7.31
C ILE A 21 13.17 -2.33 5.92
N ILE A 22 12.37 -2.93 5.11
CA ILE A 22 12.77 -3.28 3.76
C ILE A 22 11.81 -2.61 2.77
N GLN A 23 12.36 -1.99 1.73
CA GLN A 23 11.53 -1.42 0.69
C GLN A 23 11.91 -2.13 -0.58
N SER A 24 10.96 -2.44 -1.40
CA SER A 24 11.26 -3.10 -2.63
C SER A 24 11.18 -2.12 -3.78
N GLY A 25 11.59 -2.56 -4.95
CA GLY A 25 11.39 -1.80 -6.15
C GLY A 25 10.04 -2.14 -6.72
N ALA A 26 9.66 -1.47 -7.78
CA ALA A 26 8.37 -1.70 -8.39
C ALA A 26 8.35 -3.03 -9.14
N PHE A 27 7.49 -3.92 -8.69
CA PHE A 27 7.34 -5.24 -9.28
C PHE A 27 5.94 -5.42 -9.84
N SER A 28 5.70 -6.56 -10.46
CA SER A 28 4.44 -6.83 -11.11
C SER A 28 3.32 -7.11 -10.10
N PRO A 29 2.10 -6.55 -10.37
CA PRO A 29 0.93 -6.68 -9.49
C PRO A 29 0.51 -8.14 -9.21
N TYR A 30 0.78 -9.07 -10.13
CA TYR A 30 0.36 -10.47 -9.91
C TYR A 30 1.26 -11.16 -8.87
N GLU A 31 2.41 -10.58 -8.62
CA GLU A 31 3.36 -11.11 -7.63
C GLU A 31 2.98 -10.64 -6.24
N THR A 32 2.25 -9.56 -6.20
CA THR A 32 1.83 -8.88 -4.99
C THR A 32 1.15 -9.83 -3.95
N PRO A 33 0.12 -10.63 -4.36
CA PRO A 33 -0.55 -11.59 -3.45
C PRO A 33 0.43 -12.54 -2.77
N ASP A 34 1.43 -12.96 -3.54
CA ASP A 34 2.43 -13.89 -3.06
C ASP A 34 3.35 -13.22 -2.05
N VAL A 35 3.73 -11.98 -2.35
CA VAL A 35 4.56 -11.19 -1.45
C VAL A 35 3.80 -10.94 -0.14
N MET A 36 2.51 -10.64 -0.28
CA MET A 36 1.63 -10.43 0.88
C MET A 36 1.54 -11.68 1.73
N GLY A 37 1.53 -12.84 1.08
CA GLY A 37 1.50 -14.10 1.81
C GLY A 37 2.76 -14.29 2.63
N ALA A 38 3.90 -13.89 2.07
CA ALA A 38 5.17 -13.97 2.76
C ALA A 38 5.16 -13.04 3.96
N LEU A 39 4.78 -11.80 3.74
CA LEU A 39 4.74 -10.78 4.80
C LEU A 39 3.83 -11.17 5.94
N THR A 40 2.70 -11.75 5.61
CA THR A 40 1.75 -12.22 6.57
C THR A 40 2.33 -13.38 7.42
N SER A 41 3.01 -14.30 6.77
CA SER A 41 3.59 -15.46 7.44
C SER A 41 4.85 -15.05 8.22
N LEU A 42 5.59 -14.11 7.67
CA LEU A 42 6.77 -13.56 8.33
C LEU A 42 6.35 -12.52 9.35
N LYS A 43 5.05 -12.26 9.41
CA LYS A 43 4.43 -11.34 10.36
C LYS A 43 5.07 -9.96 10.35
N MET A 44 5.51 -9.59 9.19
CA MET A 44 6.22 -8.33 8.98
C MET A 44 5.23 -7.23 8.74
N THR A 45 4.39 -7.43 7.72
CA THR A 45 3.35 -6.50 7.31
C THR A 45 3.99 -5.27 6.60
N ALA A 46 3.51 -4.96 5.41
CA ALA A 46 4.09 -3.89 4.62
C ALA A 46 3.04 -3.05 3.95
N ASP A 47 3.46 -1.89 3.52
CA ASP A 47 2.62 -0.96 2.81
C ASP A 47 2.95 -1.07 1.34
N PHE A 48 2.01 -1.48 0.56
CA PHE A 48 2.18 -1.64 -0.87
C PHE A 48 1.70 -0.42 -1.60
N ILE A 49 2.61 0.30 -2.16
CA ILE A 49 2.27 1.48 -2.88
C ILE A 49 2.20 1.16 -4.34
N LEU A 50 1.08 1.47 -4.92
CA LEU A 50 0.88 1.26 -6.30
C LEU A 50 1.41 2.45 -7.02
N GLN A 51 2.09 2.19 -8.08
CA GLN A 51 2.63 3.20 -8.89
C GLN A 51 1.63 3.47 -10.00
N SER A 52 1.69 4.63 -10.58
CA SER A 52 0.72 5.03 -11.60
C SER A 52 0.96 4.24 -12.89
N ASP A 53 2.12 3.64 -12.97
CA ASP A 53 2.55 2.84 -14.10
C ASP A 53 1.96 1.40 -14.02
N GLY A 54 1.31 1.08 -12.91
CA GLY A 54 0.69 -0.25 -12.76
C GLY A 54 1.49 -1.25 -11.97
N LEU A 55 2.64 -0.85 -11.51
CA LEU A 55 3.48 -1.73 -10.69
C LEU A 55 3.38 -1.30 -9.24
N THR A 56 3.76 -2.15 -8.32
CA THR A 56 3.69 -1.78 -6.93
C THR A 56 4.97 -2.19 -6.22
N TYR A 57 5.20 -1.61 -5.07
CA TYR A 57 6.35 -1.89 -4.24
C TYR A 57 5.91 -1.77 -2.80
N PHE A 58 6.54 -2.49 -1.92
CA PHE A 58 6.13 -2.45 -0.55
C PHE A 58 7.23 -1.91 0.31
N ILE A 59 6.83 -1.29 1.38
CA ILE A 59 7.77 -0.89 2.37
C ILE A 59 7.27 -1.53 3.65
N SER A 60 8.07 -2.38 4.22
CA SER A 60 7.65 -3.15 5.38
C SER A 60 7.69 -2.34 6.65
N LYS A 61 6.87 -2.73 7.61
CA LYS A 61 6.91 -2.15 8.92
C LYS A 61 8.18 -2.65 9.60
N PRO A 62 8.75 -1.85 10.51
CA PRO A 62 9.95 -2.25 11.24
C PRO A 62 9.70 -3.51 12.05
N THR A 63 10.56 -4.47 11.90
CA THR A 63 10.41 -5.74 12.56
C THR A 63 11.79 -6.19 13.07
N SER A 64 11.95 -7.43 13.41
CA SER A 64 13.21 -7.95 13.85
C SER A 64 14.03 -8.40 12.65
N ASP A 65 15.35 -8.50 12.80
CA ASP A 65 16.20 -8.96 11.71
C ASP A 65 15.82 -10.40 11.31
N ALA A 66 15.33 -11.15 12.27
CA ALA A 66 14.86 -12.53 12.09
C ALA A 66 13.69 -12.62 11.09
N GLN A 67 12.78 -11.69 11.14
CA GLN A 67 11.67 -11.69 10.21
C GLN A 67 12.12 -11.22 8.83
N LEU A 68 12.76 -10.07 8.83
CA LEU A 68 13.16 -9.37 7.62
C LEU A 68 14.14 -10.17 6.76
N LYS A 69 15.00 -10.95 7.41
CA LYS A 69 16.05 -11.72 6.71
C LYS A 69 15.46 -12.55 5.55
N ALA A 70 14.35 -13.24 5.82
CA ALA A 70 13.72 -14.11 4.86
C ALA A 70 13.11 -13.33 3.73
N MET A 71 12.69 -12.11 4.03
CA MET A 71 12.11 -11.24 3.02
C MET A 71 13.18 -10.71 2.08
N LYS A 72 14.36 -10.38 2.61
CA LYS A 72 15.46 -9.92 1.77
C LYS A 72 15.79 -11.04 0.81
N GLU A 73 15.95 -12.22 1.38
CA GLU A 73 16.25 -13.43 0.66
C GLU A 73 15.14 -13.74 -0.35
N TYR A 74 13.91 -13.43 0.01
CA TYR A 74 12.75 -13.65 -0.84
C TYR A 74 12.79 -12.75 -2.07
N LEU A 75 12.98 -11.47 -1.85
CA LEU A 75 13.06 -10.52 -2.93
C LEU A 75 14.26 -10.85 -3.82
N ASP A 76 15.30 -11.33 -3.19
CA ASP A 76 16.53 -11.73 -3.86
C ASP A 76 16.33 -13.01 -4.68
N ARG A 77 15.37 -13.86 -4.26
CA ARG A 77 15.04 -15.08 -5.02
C ARG A 77 14.41 -14.66 -6.30
N LYS A 78 13.66 -13.59 -6.22
CA LYS A 78 12.99 -13.05 -7.36
C LYS A 78 13.82 -12.07 -8.14
N GLY A 79 14.98 -11.76 -7.60
CA GLY A 79 15.88 -10.86 -8.25
C GLY A 79 15.40 -9.44 -8.25
N TRP A 80 14.44 -9.14 -7.39
CA TRP A 80 13.93 -7.78 -7.33
C TRP A 80 14.87 -6.95 -6.49
N TRP A 81 14.88 -5.69 -6.76
CA TRP A 81 15.70 -4.75 -6.03
C TRP A 81 15.00 -4.37 -4.72
N TYR A 82 15.79 -4.15 -3.67
CA TYR A 82 15.26 -3.74 -2.40
C TYR A 82 16.25 -2.93 -1.60
N GLU A 83 15.76 -2.31 -0.56
CA GLU A 83 16.57 -1.54 0.34
C GLU A 83 16.30 -1.98 1.72
N VAL A 84 17.32 -2.11 2.48
CA VAL A 84 17.18 -2.42 3.84
C VAL A 84 17.45 -1.17 4.60
N LYS A 85 16.46 -0.71 5.26
CA LYS A 85 16.60 0.44 6.09
C LYS A 85 16.85 -0.01 7.48
N GLY B 1 5.38 13.02 -19.17
CA GLY B 1 4.54 13.99 -18.48
C GLY B 1 3.21 13.40 -18.09
N SER B 2 3.16 12.06 -17.98
CA SER B 2 1.97 11.33 -17.60
C SER B 2 0.80 11.56 -18.60
N ILE B 3 1.13 11.97 -19.81
CA ILE B 3 0.13 12.30 -20.80
C ILE B 3 -0.34 11.05 -21.54
N GLN B 4 -1.05 10.23 -20.83
CA GLN B 4 -1.68 9.06 -21.40
C GLN B 4 -3.09 9.02 -20.87
N LYS B 5 -4.00 9.58 -21.65
CA LYS B 5 -5.40 9.61 -21.30
C LYS B 5 -6.23 9.31 -22.53
N VAL B 6 -7.00 8.27 -22.47
CA VAL B 6 -7.95 7.96 -23.52
C VAL B 6 -9.28 7.84 -22.85
N LYS B 7 -9.89 8.96 -22.60
CA LYS B 7 -11.10 9.02 -21.87
C LYS B 7 -12.27 9.25 -22.81
N ASN B 8 -13.30 8.49 -22.62
CA ASN B 8 -14.51 8.67 -23.36
C ASN B 8 -15.30 9.78 -22.70
N GLY B 9 -15.40 10.90 -23.37
CA GLY B 9 -16.13 12.01 -22.83
C GLY B 9 -17.61 11.79 -22.96
N ASN B 10 -18.17 11.11 -22.01
CA ASN B 10 -19.56 10.76 -22.06
C ASN B 10 -20.29 11.25 -20.84
N VAL B 11 -19.98 10.67 -19.71
CA VAL B 11 -20.61 11.01 -18.45
C VAL B 11 -19.57 11.15 -17.33
N ALA B 12 -19.36 12.36 -16.88
CA ALA B 12 -18.42 12.60 -15.81
C ALA B 12 -19.14 12.57 -14.48
N THR B 13 -20.43 12.97 -14.52
CA THR B 13 -21.31 13.03 -13.36
C THR B 13 -20.93 14.21 -12.44
N THR B 14 -19.68 14.21 -11.98
CA THR B 14 -19.10 15.26 -11.18
C THR B 14 -19.87 15.54 -9.88
N SER B 15 -19.47 14.87 -8.84
CA SER B 15 -20.04 15.11 -7.55
C SER B 15 -19.32 16.32 -6.93
N PRO B 16 -20.09 17.34 -6.50
CA PRO B 16 -19.52 18.56 -5.93
C PRO B 16 -19.03 18.39 -4.49
N THR B 17 -17.97 19.12 -4.16
CA THR B 17 -17.32 19.12 -2.85
C THR B 17 -16.98 17.73 -2.32
N LYS B 18 -15.83 17.26 -2.67
CA LYS B 18 -15.37 15.96 -2.25
C LYS B 18 -13.87 15.91 -2.28
N GLN B 19 -13.31 14.80 -1.86
CA GLN B 19 -11.86 14.64 -1.82
C GLN B 19 -11.36 13.93 -3.09
N ASN B 20 -12.25 13.15 -3.68
CA ASN B 20 -11.99 12.34 -4.89
C ASN B 20 -11.10 11.18 -4.53
N ILE B 21 -11.41 10.61 -3.39
CA ILE B 21 -10.69 9.51 -2.80
C ILE B 21 -11.69 8.38 -2.48
N ILE B 22 -11.21 7.17 -2.50
CA ILE B 22 -11.98 6.00 -2.12
C ILE B 22 -11.09 5.12 -1.28
N GLN B 23 -11.63 4.60 -0.21
CA GLN B 23 -10.91 3.67 0.58
C GLN B 23 -11.71 2.41 0.63
N SER B 24 -11.07 1.29 0.56
CA SER B 24 -11.76 0.04 0.60
C SER B 24 -11.61 -0.59 1.97
N GLY B 25 -12.33 -1.65 2.19
CA GLY B 25 -12.13 -2.43 3.36
C GLY B 25 -11.07 -3.46 3.06
N ALA B 26 -10.64 -4.18 4.06
CA ALA B 26 -9.65 -5.23 3.88
C ALA B 26 -10.23 -6.40 3.07
N PHE B 27 -9.65 -6.65 1.91
CA PHE B 27 -10.05 -7.74 1.04
C PHE B 27 -8.88 -8.70 0.81
N SER B 28 -9.13 -9.76 0.07
CA SER B 28 -8.14 -10.80 -0.12
C SER B 28 -6.99 -10.37 -1.05
N PRO B 29 -5.72 -10.67 -0.66
CA PRO B 29 -4.51 -10.29 -1.40
C PRO B 29 -4.50 -10.75 -2.86
N TYR B 30 -5.18 -11.84 -3.17
CA TYR B 30 -5.21 -12.36 -4.53
C TYR B 30 -6.13 -11.54 -5.44
N GLU B 31 -7.00 -10.74 -4.86
CA GLU B 31 -7.93 -9.93 -5.63
C GLU B 31 -7.23 -8.61 -5.99
N THR B 32 -6.26 -8.29 -5.16
CA THR B 32 -5.47 -7.08 -5.20
C THR B 32 -4.83 -6.77 -6.59
N PRO B 33 -4.11 -7.75 -7.24
CA PRO B 33 -3.49 -7.55 -8.57
C PRO B 33 -4.44 -6.92 -9.59
N ASP B 34 -5.65 -7.42 -9.65
CA ASP B 34 -6.63 -6.92 -10.59
C ASP B 34 -7.15 -5.55 -10.15
N VAL B 35 -7.33 -5.37 -8.84
CA VAL B 35 -7.76 -4.09 -8.29
C VAL B 35 -6.72 -3.01 -8.63
N MET B 36 -5.46 -3.38 -8.56
CA MET B 36 -4.37 -2.50 -8.95
C MET B 36 -4.49 -2.14 -10.41
N GLY B 37 -4.84 -3.13 -11.22
CA GLY B 37 -5.05 -2.89 -12.64
C GLY B 37 -6.16 -1.87 -12.86
N ALA B 38 -7.21 -1.95 -12.05
CA ALA B 38 -8.33 -1.02 -12.15
C ALA B 38 -7.87 0.38 -11.80
N LEU B 39 -7.16 0.51 -10.70
CA LEU B 39 -6.62 1.79 -10.24
C LEU B 39 -5.67 2.40 -11.26
N THR B 40 -4.88 1.55 -11.88
CA THR B 40 -3.99 1.97 -12.92
C THR B 40 -4.76 2.45 -14.18
N SER B 41 -5.80 1.73 -14.55
CA SER B 41 -6.60 2.05 -15.74
C SER B 41 -7.44 3.30 -15.51
N LEU B 42 -7.88 3.47 -14.28
CA LEU B 42 -8.67 4.63 -13.89
C LEU B 42 -7.75 5.74 -13.42
N LYS B 43 -6.45 5.51 -13.54
CA LYS B 43 -5.40 6.45 -13.18
C LYS B 43 -5.62 7.09 -11.83
N MET B 44 -5.89 6.27 -10.86
CA MET B 44 -6.18 6.72 -9.52
C MET B 44 -4.96 6.63 -8.66
N THR B 45 -4.38 5.42 -8.60
CA THR B 45 -3.20 5.12 -7.79
C THR B 45 -3.57 5.11 -6.29
N ALA B 46 -3.26 4.04 -5.60
CA ALA B 46 -3.65 3.89 -4.22
C ALA B 46 -2.57 3.26 -3.39
N ASP B 47 -2.67 3.46 -2.11
CA ASP B 47 -1.78 2.88 -1.14
C ASP B 47 -2.47 1.68 -0.55
N PHE B 48 -1.93 0.51 -0.78
CA PHE B 48 -2.48 -0.71 -0.26
C PHE B 48 -1.78 -1.09 1.01
N ILE B 49 -2.46 -1.00 2.09
CA ILE B 49 -1.88 -1.38 3.34
C ILE B 49 -2.26 -2.80 3.65
N LEU B 50 -1.28 -3.61 3.88
CA LEU B 50 -1.50 -4.98 4.22
C LEU B 50 -1.70 -5.05 5.70
N GLN B 51 -2.65 -5.80 6.09
CA GLN B 51 -2.90 -6.00 7.47
C GLN B 51 -2.16 -7.28 7.86
N SER B 52 -1.86 -7.43 9.12
CA SER B 52 -1.06 -8.55 9.59
C SER B 52 -1.80 -9.90 9.48
N ASP B 53 -3.11 -9.82 9.31
CA ASP B 53 -3.96 -11.01 9.19
C ASP B 53 -3.94 -11.56 7.75
N GLY B 54 -3.37 -10.80 6.84
CA GLY B 54 -3.26 -11.27 5.47
C GLY B 54 -4.32 -10.73 4.54
N LEU B 55 -4.77 -9.54 4.79
CA LEU B 55 -5.72 -8.84 3.93
C LEU B 55 -5.21 -7.46 3.68
N THR B 56 -5.65 -6.82 2.63
CA THR B 56 -5.17 -5.49 2.35
C THR B 56 -6.34 -4.59 1.94
N TYR B 57 -6.14 -3.31 2.11
CA TYR B 57 -7.11 -2.31 1.76
C TYR B 57 -6.37 -1.17 1.12
N PHE B 58 -6.99 -0.48 0.23
CA PHE B 58 -6.32 0.60 -0.43
C PHE B 58 -6.96 1.91 -0.14
N ILE B 59 -6.16 2.92 -0.03
CA ILE B 59 -6.66 4.25 0.08
C ILE B 59 -6.18 4.94 -1.17
N SER B 60 -7.07 5.40 -2.00
CA SER B 60 -6.70 5.97 -3.27
C SER B 60 -6.27 7.43 -3.16
N LYS B 61 -5.42 7.85 -4.07
CA LYS B 61 -5.05 9.24 -4.17
C LYS B 61 -6.19 9.99 -4.82
N PRO B 62 -6.29 11.31 -4.60
CA PRO B 62 -7.33 12.11 -5.22
C PRO B 62 -7.15 12.13 -6.73
N THR B 63 -8.17 11.71 -7.42
CA THR B 63 -8.16 11.70 -8.85
C THR B 63 -9.32 12.59 -9.32
N SER B 64 -9.74 12.46 -10.55
CA SER B 64 -10.86 13.22 -11.02
C SER B 64 -12.14 12.43 -10.76
N ASP B 65 -13.26 13.12 -10.65
CA ASP B 65 -14.55 12.50 -10.34
C ASP B 65 -15.00 11.46 -11.37
N ALA B 66 -14.77 11.73 -12.64
CA ALA B 66 -15.08 10.81 -13.73
C ALA B 66 -14.33 9.47 -13.60
N GLN B 67 -13.11 9.52 -13.13
CA GLN B 67 -12.33 8.32 -12.88
C GLN B 67 -12.81 7.65 -11.58
N LEU B 68 -12.91 8.50 -10.56
CA LEU B 68 -13.27 8.12 -9.20
C LEU B 68 -14.62 7.39 -9.15
N LYS B 69 -15.57 7.87 -9.94
CA LYS B 69 -16.92 7.31 -9.95
C LYS B 69 -16.91 5.82 -10.32
N ALA B 70 -16.07 5.47 -11.27
CA ALA B 70 -16.03 4.13 -11.85
C ALA B 70 -15.52 3.10 -10.86
N MET B 71 -14.60 3.51 -10.01
CA MET B 71 -14.02 2.60 -9.08
C MET B 71 -15.02 2.24 -7.99
N LYS B 72 -15.86 3.21 -7.59
CA LYS B 72 -16.89 2.95 -6.58
C LYS B 72 -17.74 1.82 -7.09
N GLU B 73 -18.09 1.95 -8.35
CA GLU B 73 -18.93 1.02 -9.04
C GLU B 73 -18.27 -0.35 -9.13
N TYR B 74 -16.95 -0.37 -9.21
CA TYR B 74 -16.20 -1.63 -9.28
C TYR B 74 -16.30 -2.36 -7.95
N LEU B 75 -16.01 -1.66 -6.88
CA LEU B 75 -16.05 -2.22 -5.55
C LEU B 75 -17.46 -2.67 -5.23
N ASP B 76 -18.41 -1.89 -5.73
CA ASP B 76 -19.83 -2.18 -5.63
C ASP B 76 -20.19 -3.46 -6.37
N ARG B 77 -19.49 -3.72 -7.48
CA ARG B 77 -19.72 -4.92 -8.27
C ARG B 77 -19.25 -6.13 -7.54
N LYS B 78 -18.26 -5.92 -6.70
CA LYS B 78 -17.69 -6.98 -5.94
C LYS B 78 -18.29 -7.09 -4.58
N GLY B 79 -19.11 -6.13 -4.26
CA GLY B 79 -19.76 -6.11 -2.99
C GLY B 79 -18.80 -5.84 -1.86
N TRP B 80 -17.66 -5.27 -2.16
CA TRP B 80 -16.70 -4.94 -1.13
C TRP B 80 -17.08 -3.61 -0.52
N TRP B 81 -16.87 -3.48 0.75
CA TRP B 81 -17.14 -2.26 1.45
C TRP B 81 -16.10 -1.20 1.07
N TYR B 82 -16.54 0.04 0.95
CA TYR B 82 -15.68 1.14 0.65
C TYR B 82 -16.22 2.43 1.22
N GLU B 83 -15.45 3.48 1.12
CA GLU B 83 -15.85 4.80 1.57
C GLU B 83 -15.60 5.77 0.43
N VAL B 84 -16.49 6.70 0.26
CA VAL B 84 -16.40 7.68 -0.78
C VAL B 84 -16.03 8.97 -0.17
N LYS B 85 -14.94 9.46 -0.57
CA LYS B 85 -14.44 10.66 -0.06
C LYS B 85 -14.34 11.65 -1.20
N GLY A 1 2.35 19.20 28.29
CA GLY A 1 3.20 18.54 27.31
C GLY A 1 2.99 17.05 27.34
N SER A 2 4.04 16.31 27.14
CA SER A 2 3.96 14.89 27.17
C SER A 2 4.29 14.35 28.56
N ILE A 3 3.31 13.84 29.25
CA ILE A 3 3.52 13.28 30.56
C ILE A 3 3.02 11.84 30.64
N GLN A 4 1.86 11.58 30.07
CA GLN A 4 1.35 10.21 30.08
C GLN A 4 1.77 9.50 28.82
N LYS A 5 1.91 10.24 27.73
CA LYS A 5 2.32 9.64 26.49
C LYS A 5 3.70 10.07 26.07
N VAL A 6 4.64 9.26 26.42
CA VAL A 6 6.02 9.41 26.04
C VAL A 6 6.51 8.06 25.58
N LYS A 7 7.24 8.00 24.51
CA LYS A 7 7.72 6.72 24.04
C LYS A 7 9.13 6.49 24.53
N ASN A 8 9.26 5.71 25.57
CA ASN A 8 10.55 5.39 26.10
C ASN A 8 10.66 3.87 26.16
N GLY A 9 11.84 3.39 26.05
CA GLY A 9 12.09 1.98 25.97
C GLY A 9 13.28 1.77 25.11
N ASN A 10 13.34 2.53 24.04
CA ASN A 10 14.48 2.54 23.16
C ASN A 10 15.58 3.33 23.81
N VAL A 11 16.65 2.67 24.17
CA VAL A 11 17.78 3.34 24.77
C VAL A 11 18.68 3.91 23.68
N ALA A 12 18.37 3.53 22.43
CA ALA A 12 19.06 3.99 21.22
C ALA A 12 20.47 3.45 21.10
N THR A 13 20.73 2.77 20.04
CA THR A 13 22.02 2.22 19.79
C THR A 13 22.96 3.30 19.26
N THR A 14 24.10 3.45 19.90
CA THR A 14 25.08 4.42 19.50
C THR A 14 25.94 3.84 18.38
N SER A 15 25.99 2.55 18.34
CA SER A 15 26.66 1.84 17.30
C SER A 15 25.71 1.73 16.11
N PRO A 16 26.23 1.68 14.86
CA PRO A 16 25.38 1.53 13.66
C PRO A 16 24.46 0.33 13.82
N THR A 17 23.21 0.51 13.50
CA THR A 17 22.23 -0.52 13.62
C THR A 17 21.18 -0.36 12.53
N LYS A 18 20.64 -1.46 12.09
CA LYS A 18 19.63 -1.49 11.07
C LYS A 18 18.30 -0.98 11.63
N GLN A 19 17.41 -0.64 10.73
CA GLN A 19 16.09 -0.17 11.07
C GLN A 19 15.12 -1.34 10.99
N ASN A 20 15.54 -2.39 10.28
CA ASN A 20 14.79 -3.66 10.11
C ASN A 20 13.61 -3.47 9.17
N ILE A 21 13.73 -2.46 8.36
CA ILE A 21 12.72 -2.12 7.38
C ILE A 21 13.22 -2.56 5.99
N ILE A 22 12.33 -2.90 5.11
CA ILE A 22 12.70 -3.27 3.75
C ILE A 22 11.79 -2.53 2.81
N GLN A 23 12.34 -1.97 1.76
CA GLN A 23 11.51 -1.42 0.74
C GLN A 23 11.89 -2.06 -0.55
N SER A 24 10.94 -2.36 -1.36
CA SER A 24 11.20 -3.01 -2.61
C SER A 24 11.06 -2.01 -3.74
N GLY A 25 11.51 -2.40 -4.91
CA GLY A 25 11.28 -1.63 -6.07
C GLY A 25 9.91 -1.97 -6.62
N ALA A 26 9.44 -1.18 -7.54
CA ALA A 26 8.15 -1.43 -8.18
C ALA A 26 8.18 -2.73 -8.98
N PHE A 27 7.34 -3.67 -8.60
CA PHE A 27 7.30 -4.98 -9.24
C PHE A 27 5.92 -5.28 -9.82
N SER A 28 5.82 -6.44 -10.45
CA SER A 28 4.63 -6.90 -11.12
C SER A 28 3.47 -7.12 -10.13
N PRO A 29 2.26 -6.59 -10.43
CA PRO A 29 1.06 -6.69 -9.56
C PRO A 29 0.67 -8.15 -9.21
N TYR A 30 0.96 -9.07 -10.11
CA TYR A 30 0.62 -10.49 -9.88
C TYR A 30 1.54 -11.17 -8.86
N GLU A 31 2.69 -10.56 -8.60
CA GLU A 31 3.63 -11.09 -7.62
C GLU A 31 3.27 -10.57 -6.23
N THR A 32 2.52 -9.50 -6.21
CA THR A 32 2.05 -8.86 -5.01
C THR A 32 1.34 -9.84 -4.02
N PRO A 33 0.33 -10.65 -4.47
CA PRO A 33 -0.36 -11.64 -3.61
C PRO A 33 0.63 -12.64 -3.01
N ASP A 34 1.61 -13.02 -3.81
CA ASP A 34 2.66 -13.94 -3.40
C ASP A 34 3.47 -13.32 -2.27
N VAL A 35 3.88 -12.06 -2.46
CA VAL A 35 4.63 -11.30 -1.46
C VAL A 35 3.79 -11.06 -0.19
N MET A 36 2.52 -10.71 -0.36
CA MET A 36 1.63 -10.45 0.77
C MET A 36 1.50 -11.65 1.68
N GLY A 37 1.48 -12.85 1.11
CA GLY A 37 1.44 -14.05 1.91
C GLY A 37 2.68 -14.19 2.76
N ALA A 38 3.83 -13.88 2.17
CA ALA A 38 5.10 -13.95 2.86
C ALA A 38 5.14 -12.97 4.04
N LEU A 39 4.77 -11.72 3.76
CA LEU A 39 4.76 -10.65 4.77
C LEU A 39 3.86 -11.01 5.94
N THR A 40 2.73 -11.59 5.63
CA THR A 40 1.80 -12.04 6.63
C THR A 40 2.40 -13.19 7.47
N SER A 41 3.00 -14.16 6.81
CA SER A 41 3.55 -15.33 7.48
C SER A 41 4.78 -14.93 8.32
N LEU A 42 5.55 -14.01 7.79
CA LEU A 42 6.75 -13.53 8.46
C LEU A 42 6.42 -12.40 9.41
N LYS A 43 5.12 -12.09 9.56
CA LYS A 43 4.61 -11.06 10.46
C LYS A 43 5.33 -9.73 10.32
N MET A 44 5.46 -9.30 9.12
CA MET A 44 6.14 -8.06 8.84
C MET A 44 5.15 -6.96 8.59
N THR A 45 4.28 -7.20 7.62
CA THR A 45 3.25 -6.24 7.19
C THR A 45 3.89 -5.04 6.46
N ALA A 46 3.36 -4.73 5.30
CA ALA A 46 3.93 -3.69 4.48
C ALA A 46 2.88 -2.81 3.90
N ASP A 47 3.32 -1.66 3.50
CA ASP A 47 2.50 -0.64 2.91
C ASP A 47 2.83 -0.64 1.41
N PHE A 48 1.86 -0.97 0.60
CA PHE A 48 2.03 -1.14 -0.84
C PHE A 48 1.51 0.04 -1.63
N ILE A 49 2.38 0.71 -2.31
CA ILE A 49 1.98 1.83 -3.13
C ILE A 49 1.92 1.41 -4.58
N LEU A 50 0.77 1.57 -5.17
CA LEU A 50 0.59 1.29 -6.56
C LEU A 50 0.95 2.51 -7.35
N GLN A 51 1.70 2.32 -8.38
CA GLN A 51 2.04 3.39 -9.25
C GLN A 51 1.05 3.38 -10.41
N SER A 52 0.89 4.49 -11.08
CA SER A 52 -0.09 4.63 -12.15
C SER A 52 0.33 3.82 -13.38
N ASP A 53 1.59 3.44 -13.41
CA ASP A 53 2.14 2.64 -14.51
C ASP A 53 1.73 1.16 -14.38
N GLY A 54 1.19 0.78 -13.22
CA GLY A 54 0.74 -0.59 -13.03
C GLY A 54 1.74 -1.47 -12.33
N LEU A 55 2.52 -0.88 -11.47
CA LEU A 55 3.51 -1.59 -10.67
C LEU A 55 3.36 -1.15 -9.24
N THR A 56 3.70 -1.98 -8.31
CA THR A 56 3.58 -1.60 -6.93
C THR A 56 4.86 -1.99 -6.18
N TYR A 57 5.12 -1.30 -5.10
CA TYR A 57 6.26 -1.56 -4.26
C TYR A 57 5.80 -1.48 -2.84
N PHE A 58 6.43 -2.19 -1.96
CA PHE A 58 6.00 -2.17 -0.59
C PHE A 58 7.08 -1.64 0.29
N ILE A 59 6.67 -1.00 1.34
CA ILE A 59 7.57 -0.58 2.35
C ILE A 59 7.13 -1.35 3.59
N SER A 60 7.97 -2.18 4.11
CA SER A 60 7.60 -2.98 5.26
C SER A 60 7.83 -2.24 6.53
N LYS A 61 6.98 -2.46 7.50
CA LYS A 61 7.16 -1.86 8.78
C LYS A 61 8.27 -2.59 9.51
N PRO A 62 9.03 -1.89 10.36
CA PRO A 62 10.17 -2.47 11.09
C PRO A 62 9.83 -3.77 11.78
N THR A 63 10.47 -4.81 11.37
CA THR A 63 10.24 -6.11 11.93
C THR A 63 11.48 -6.54 12.72
N SER A 64 11.59 -7.78 13.09
CA SER A 64 12.76 -8.26 13.77
C SER A 64 13.78 -8.77 12.74
N ASP A 65 15.06 -8.76 13.09
CA ASP A 65 16.15 -9.19 12.18
C ASP A 65 15.91 -10.58 11.58
N ALA A 66 15.50 -11.52 12.41
CA ALA A 66 15.22 -12.89 11.98
C ALA A 66 14.09 -12.96 10.94
N GLN A 67 13.11 -12.10 11.08
CA GLN A 67 11.99 -12.05 10.14
C GLN A 67 12.46 -11.32 8.86
N LEU A 68 13.16 -10.22 9.07
CA LEU A 68 13.79 -9.39 8.03
C LEU A 68 14.66 -10.23 7.10
N LYS A 69 15.55 -10.99 7.70
CA LYS A 69 16.56 -11.73 6.98
C LYS A 69 15.97 -12.68 5.94
N ALA A 70 14.88 -13.32 6.28
CA ALA A 70 14.26 -14.30 5.39
C ALA A 70 13.55 -13.62 4.23
N MET A 71 12.85 -12.54 4.52
CA MET A 71 12.11 -11.83 3.53
C MET A 71 13.00 -11.14 2.52
N LYS A 72 14.11 -10.61 2.96
CA LYS A 72 14.99 -9.96 2.02
C LYS A 72 15.68 -10.98 1.09
N GLU A 73 15.97 -12.17 1.62
CA GLU A 73 16.48 -13.28 0.81
C GLU A 73 15.43 -13.71 -0.23
N TYR A 74 14.17 -13.58 0.17
CA TYR A 74 13.01 -13.88 -0.65
C TYR A 74 12.93 -12.90 -1.83
N LEU A 75 13.10 -11.63 -1.53
CA LEU A 75 13.09 -10.59 -2.56
C LEU A 75 14.27 -10.78 -3.50
N ASP A 76 15.35 -11.29 -2.94
CA ASP A 76 16.53 -11.63 -3.71
C ASP A 76 16.21 -12.76 -4.67
N ARG A 77 15.36 -13.69 -4.22
CA ARG A 77 14.91 -14.83 -5.04
C ARG A 77 14.14 -14.32 -6.22
N LYS A 78 13.46 -13.22 -5.99
CA LYS A 78 12.67 -12.61 -7.03
C LYS A 78 13.53 -11.77 -7.95
N GLY A 79 14.77 -11.57 -7.59
CA GLY A 79 15.66 -10.76 -8.39
C GLY A 79 15.24 -9.30 -8.42
N TRP A 80 14.46 -8.86 -7.43
CA TRP A 80 13.98 -7.49 -7.40
C TRP A 80 14.95 -6.65 -6.61
N TRP A 81 14.94 -5.39 -6.89
CA TRP A 81 15.72 -4.47 -6.12
C TRP A 81 14.96 -4.17 -4.83
N TYR A 82 15.69 -4.10 -3.73
CA TYR A 82 15.11 -3.77 -2.47
C TYR A 82 16.18 -3.14 -1.60
N GLU A 83 15.79 -2.60 -0.47
CA GLU A 83 16.74 -2.06 0.45
C GLU A 83 16.49 -2.60 1.82
N VAL A 84 17.54 -2.94 2.50
CA VAL A 84 17.45 -3.26 3.88
C VAL A 84 17.77 -2.02 4.65
N LYS A 85 16.82 -1.53 5.35
CA LYS A 85 17.02 -0.37 6.16
C LYS A 85 17.64 -0.76 7.46
N GLY B 1 5.83 33.89 -2.05
CA GLY B 1 6.46 32.94 -2.96
C GLY B 1 5.44 32.02 -3.59
N SER B 2 4.21 32.21 -3.19
CA SER B 2 3.07 31.39 -3.63
C SER B 2 2.71 31.63 -5.10
N ILE B 3 3.46 32.49 -5.75
CA ILE B 3 3.23 32.84 -7.14
C ILE B 3 3.88 31.80 -8.08
N GLN B 4 4.81 31.00 -7.55
CA GLN B 4 5.51 30.03 -8.37
C GLN B 4 4.62 28.83 -8.73
N LYS B 5 3.93 28.29 -7.76
CA LYS B 5 3.05 27.17 -8.04
C LYS B 5 1.59 27.61 -7.95
N VAL B 6 1.07 28.03 -9.07
CA VAL B 6 -0.30 28.47 -9.14
C VAL B 6 -1.18 27.34 -9.68
N LYS B 7 -2.27 27.08 -8.99
CA LYS B 7 -3.18 26.03 -9.38
C LYS B 7 -4.54 26.28 -8.80
N ASN B 8 -5.48 26.58 -9.63
CA ASN B 8 -6.85 26.74 -9.19
C ASN B 8 -7.78 26.00 -10.11
N GLY B 9 -7.94 24.74 -9.84
CA GLY B 9 -8.83 23.92 -10.62
C GLY B 9 -10.00 23.50 -9.79
N ASN B 10 -10.07 24.06 -8.61
CA ASN B 10 -11.10 23.77 -7.66
C ASN B 10 -12.22 24.75 -7.84
N VAL B 11 -13.42 24.24 -8.00
CA VAL B 11 -14.59 25.08 -8.19
C VAL B 11 -15.06 25.70 -6.87
N ALA B 12 -14.56 25.13 -5.77
CA ALA B 12 -14.90 25.54 -4.41
C ALA B 12 -16.40 25.42 -4.15
N THR B 13 -16.81 24.24 -3.81
CA THR B 13 -18.20 23.97 -3.57
C THR B 13 -18.61 24.37 -2.17
N THR B 14 -19.79 24.92 -2.05
CA THR B 14 -20.32 25.31 -0.77
C THR B 14 -21.13 24.14 -0.20
N SER B 15 -21.71 23.38 -1.11
CA SER B 15 -22.45 22.20 -0.77
C SER B 15 -21.46 21.06 -0.53
N PRO B 16 -21.82 20.05 0.34
CA PRO B 16 -20.93 18.91 0.68
C PRO B 16 -20.19 18.39 -0.54
N THR B 17 -18.92 18.19 -0.37
CA THR B 17 -18.06 17.83 -1.44
C THR B 17 -17.69 16.38 -1.33
N LYS B 18 -17.52 15.73 -2.44
CA LYS B 18 -17.03 14.37 -2.44
C LYS B 18 -15.53 14.43 -2.63
N GLN B 19 -14.85 13.42 -2.23
CA GLN B 19 -13.40 13.40 -2.33
C GLN B 19 -12.97 12.74 -3.63
N ASN B 20 -13.86 11.88 -4.15
CA ASN B 20 -13.64 11.13 -5.41
C ASN B 20 -12.66 10.03 -5.13
N ILE B 21 -12.69 9.60 -3.91
CA ILE B 21 -11.79 8.60 -3.39
C ILE B 21 -12.59 7.36 -2.97
N ILE B 22 -11.95 6.21 -2.91
CA ILE B 22 -12.58 5.00 -2.45
C ILE B 22 -11.70 4.37 -1.42
N GLN B 23 -12.28 3.92 -0.34
CA GLN B 23 -11.55 3.25 0.69
C GLN B 23 -12.24 1.89 0.86
N SER B 24 -11.55 0.81 0.61
CA SER B 24 -12.16 -0.52 0.63
C SER B 24 -11.87 -1.27 1.92
N GLY B 25 -12.61 -2.34 2.13
CA GLY B 25 -12.33 -3.22 3.22
C GLY B 25 -11.17 -4.12 2.87
N ALA B 26 -10.66 -4.83 3.84
CA ALA B 26 -9.55 -5.71 3.60
C ALA B 26 -10.02 -6.98 2.88
N PHE B 27 -9.51 -7.18 1.70
CA PHE B 27 -9.90 -8.30 0.88
C PHE B 27 -8.74 -9.24 0.60
N SER B 28 -9.05 -10.33 -0.07
CA SER B 28 -8.12 -11.40 -0.37
C SER B 28 -6.96 -10.92 -1.28
N PRO B 29 -5.69 -11.24 -0.87
CA PRO B 29 -4.47 -10.79 -1.58
C PRO B 29 -4.43 -11.18 -3.06
N TYR B 30 -5.07 -12.29 -3.42
CA TYR B 30 -5.07 -12.76 -4.81
C TYR B 30 -5.98 -11.93 -5.72
N GLU B 31 -6.89 -11.17 -5.14
CA GLU B 31 -7.78 -10.32 -5.93
C GLU B 31 -7.11 -8.98 -6.18
N THR B 32 -6.17 -8.68 -5.31
CA THR B 32 -5.40 -7.44 -5.33
C THR B 32 -4.77 -7.11 -6.72
N PRO B 33 -4.07 -8.07 -7.38
CA PRO B 33 -3.50 -7.86 -8.73
C PRO B 33 -4.54 -7.36 -9.74
N ASP B 34 -5.75 -7.90 -9.63
CA ASP B 34 -6.83 -7.53 -10.54
C ASP B 34 -7.34 -6.14 -10.19
N VAL B 35 -7.40 -5.84 -8.90
CA VAL B 35 -7.78 -4.52 -8.40
C VAL B 35 -6.78 -3.48 -8.90
N MET B 36 -5.50 -3.81 -8.78
CA MET B 36 -4.43 -2.94 -9.24
C MET B 36 -4.53 -2.68 -10.73
N GLY B 37 -4.90 -3.71 -11.47
CA GLY B 37 -5.10 -3.56 -12.90
C GLY B 37 -6.19 -2.54 -13.21
N ALA B 38 -7.31 -2.65 -12.50
CA ALA B 38 -8.43 -1.73 -12.67
C ALA B 38 -8.02 -0.29 -12.35
N LEU B 39 -7.37 -0.12 -11.19
CA LEU B 39 -6.89 1.19 -10.73
C LEU B 39 -5.92 1.81 -11.71
N THR B 40 -5.07 0.98 -12.29
CA THR B 40 -4.14 1.43 -13.28
C THR B 40 -4.87 1.84 -14.58
N SER B 41 -5.82 1.03 -15.00
CA SER B 41 -6.54 1.27 -16.24
C SER B 41 -7.45 2.51 -16.10
N LEU B 42 -8.00 2.69 -14.93
CA LEU B 42 -8.84 3.82 -14.63
C LEU B 42 -8.00 5.00 -14.15
N LYS B 43 -6.68 4.78 -14.11
CA LYS B 43 -5.68 5.78 -13.69
C LYS B 43 -6.05 6.47 -12.40
N MET B 44 -6.53 5.72 -11.48
CA MET B 44 -6.95 6.22 -10.19
C MET B 44 -5.80 6.15 -9.24
N THR B 45 -5.19 4.96 -9.17
CA THR B 45 -4.05 4.69 -8.31
C THR B 45 -4.48 4.66 -6.82
N ALA B 46 -4.06 3.67 -6.10
CA ALA B 46 -4.44 3.53 -4.72
C ALA B 46 -3.30 3.14 -3.87
N ASP B 47 -3.43 3.47 -2.64
CA ASP B 47 -2.46 3.19 -1.63
C ASP B 47 -2.99 1.96 -0.88
N PHE B 48 -2.27 0.86 -0.96
CA PHE B 48 -2.70 -0.42 -0.41
C PHE B 48 -2.01 -0.74 0.90
N ILE B 49 -2.78 -1.00 1.91
CA ILE B 49 -2.24 -1.35 3.18
C ILE B 49 -2.53 -2.80 3.49
N LEU B 50 -1.51 -3.55 3.78
CA LEU B 50 -1.65 -4.93 4.13
C LEU B 50 -1.90 -5.00 5.61
N GLN B 51 -2.85 -5.78 5.99
CA GLN B 51 -3.18 -5.95 7.36
C GLN B 51 -2.44 -7.20 7.85
N SER B 52 -2.30 -7.34 9.16
CA SER B 52 -1.55 -8.46 9.75
C SER B 52 -2.32 -9.78 9.56
N ASP B 53 -3.61 -9.65 9.25
CA ASP B 53 -4.47 -10.79 9.00
C ASP B 53 -4.22 -11.39 7.61
N GLY B 54 -3.48 -10.67 6.79
CA GLY B 54 -3.15 -11.16 5.45
C GLY B 54 -4.03 -10.60 4.36
N LEU B 55 -4.97 -9.78 4.74
CA LEU B 55 -5.84 -9.14 3.79
C LEU B 55 -5.40 -7.71 3.61
N THR B 56 -5.66 -7.14 2.46
CA THR B 56 -5.22 -5.79 2.21
C THR B 56 -6.40 -4.92 1.76
N TYR B 57 -6.31 -3.63 2.03
CA TYR B 57 -7.33 -2.67 1.65
C TYR B 57 -6.65 -1.51 0.98
N PHE B 58 -7.35 -0.78 0.15
CA PHE B 58 -6.72 0.31 -0.53
C PHE B 58 -7.48 1.59 -0.33
N ILE B 59 -6.79 2.68 -0.52
CA ILE B 59 -7.40 3.98 -0.52
C ILE B 59 -6.94 4.65 -1.80
N SER B 60 -7.86 5.00 -2.65
CA SER B 60 -7.52 5.56 -3.94
C SER B 60 -7.19 7.05 -3.82
N LYS B 61 -6.35 7.53 -4.70
CA LYS B 61 -6.05 8.95 -4.75
C LYS B 61 -7.22 9.68 -5.41
N PRO B 62 -7.42 10.99 -5.09
CA PRO B 62 -8.51 11.78 -5.67
C PRO B 62 -8.44 11.81 -7.19
N THR B 63 -9.48 11.35 -7.81
CA THR B 63 -9.54 11.28 -9.24
C THR B 63 -10.83 11.96 -9.74
N SER B 64 -11.21 11.70 -10.96
CA SER B 64 -12.42 12.23 -11.52
C SER B 64 -13.54 11.21 -11.26
N ASP B 65 -14.81 11.65 -11.19
CA ASP B 65 -15.91 10.72 -10.85
C ASP B 65 -16.16 9.69 -11.95
N ALA B 66 -15.93 10.07 -13.18
CA ALA B 66 -16.07 9.18 -14.32
C ALA B 66 -15.07 8.01 -14.24
N GLN B 67 -13.90 8.27 -13.68
CA GLN B 67 -12.90 7.24 -13.47
C GLN B 67 -13.30 6.42 -12.23
N LEU B 68 -13.66 7.16 -11.18
CA LEU B 68 -14.14 6.63 -9.88
C LEU B 68 -15.28 5.62 -10.04
N LYS B 69 -16.27 5.99 -10.81
CA LYS B 69 -17.51 5.25 -10.94
C LYS B 69 -17.29 3.77 -11.29
N ALA B 70 -16.41 3.51 -12.24
CA ALA B 70 -16.19 2.17 -12.71
C ALA B 70 -15.49 1.30 -11.67
N MET B 71 -14.66 1.91 -10.85
CA MET B 71 -13.92 1.20 -9.87
C MET B 71 -14.82 0.83 -8.70
N LYS B 72 -15.63 1.76 -8.25
CA LYS B 72 -16.50 1.47 -7.14
C LYS B 72 -17.55 0.43 -7.52
N GLU B 73 -17.98 0.44 -8.78
CA GLU B 73 -18.86 -0.60 -9.28
C GLU B 73 -18.16 -1.94 -9.27
N TYR B 74 -16.88 -1.95 -9.58
CA TYR B 74 -16.06 -3.16 -9.57
C TYR B 74 -16.01 -3.78 -8.18
N LEU B 75 -15.84 -2.97 -7.17
CA LEU B 75 -15.78 -3.44 -5.80
C LEU B 75 -17.13 -4.02 -5.39
N ASP B 76 -18.17 -3.43 -5.93
CA ASP B 76 -19.54 -3.86 -5.69
C ASP B 76 -19.83 -5.16 -6.43
N ARG B 77 -19.14 -5.37 -7.54
CA ARG B 77 -19.28 -6.60 -8.31
C ARG B 77 -18.65 -7.73 -7.54
N LYS B 78 -17.60 -7.39 -6.83
CA LYS B 78 -16.89 -8.34 -6.01
C LYS B 78 -17.57 -8.55 -4.68
N GLY B 79 -18.55 -7.74 -4.41
CA GLY B 79 -19.24 -7.83 -3.16
C GLY B 79 -18.37 -7.43 -1.99
N TRP B 80 -17.43 -6.53 -2.22
CA TRP B 80 -16.55 -6.07 -1.15
C TRP B 80 -17.09 -4.83 -0.53
N TRP B 81 -16.74 -4.58 0.69
CA TRP B 81 -17.14 -3.38 1.34
C TRP B 81 -16.20 -2.26 0.93
N TYR B 82 -16.75 -1.09 0.72
CA TYR B 82 -15.98 0.06 0.36
C TYR B 82 -16.76 1.30 0.71
N GLU B 83 -16.10 2.40 0.67
CA GLU B 83 -16.73 3.67 0.89
C GLU B 83 -16.34 4.57 -0.23
N VAL B 84 -17.28 5.30 -0.74
CA VAL B 84 -16.98 6.32 -1.66
C VAL B 84 -16.77 7.59 -0.87
N LYS B 85 -15.60 8.05 -0.92
CA LYS B 85 -15.20 9.22 -0.23
C LYS B 85 -15.55 10.41 -1.09
N GLY A 1 9.68 11.32 0.62
CA GLY A 1 8.30 11.76 0.88
C GLY A 1 8.25 13.24 1.16
N SER A 2 7.11 13.83 0.95
CA SER A 2 6.92 15.23 1.17
C SER A 2 5.61 15.45 1.91
N ILE A 3 5.73 15.84 3.15
CA ILE A 3 4.59 16.17 3.94
C ILE A 3 4.55 17.70 4.05
N GLN A 4 3.43 18.29 3.68
CA GLN A 4 3.36 19.76 3.65
C GLN A 4 2.16 20.30 4.39
N LYS A 5 1.00 20.10 3.81
CA LYS A 5 -0.23 20.64 4.35
C LYS A 5 -0.68 19.84 5.56
N VAL A 6 -0.52 18.54 5.46
CA VAL A 6 -0.91 17.65 6.53
C VAL A 6 0.19 17.56 7.58
N LYS A 7 -0.14 17.01 8.71
CA LYS A 7 0.81 16.88 9.81
C LYS A 7 0.77 15.46 10.38
N ASN A 8 -0.05 14.62 9.80
CA ASN A 8 -0.24 13.28 10.32
C ASN A 8 0.33 12.25 9.39
N GLY A 9 0.78 11.16 9.95
CA GLY A 9 1.36 10.10 9.18
C GLY A 9 1.30 8.79 9.92
N ASN A 10 1.89 7.78 9.35
CA ASN A 10 1.92 6.46 9.98
C ASN A 10 3.33 5.97 10.19
N VAL A 11 4.31 6.61 9.57
CA VAL A 11 5.68 6.15 9.70
C VAL A 11 6.57 7.17 10.42
N ALA A 12 7.56 6.65 11.13
CA ALA A 12 8.56 7.43 11.85
C ALA A 12 9.57 6.49 12.48
N THR A 13 10.73 6.44 11.93
CA THR A 13 11.77 5.61 12.45
C THR A 13 12.97 6.51 12.85
N THR A 14 13.76 6.94 11.85
CA THR A 14 14.87 7.91 12.03
C THR A 14 15.88 7.45 13.16
N SER A 15 15.93 6.17 13.43
CA SER A 15 16.75 5.64 14.48
C SER A 15 18.11 5.15 13.95
N PRO A 16 19.17 5.21 14.80
CA PRO A 16 20.50 4.65 14.47
C PRO A 16 20.47 3.11 14.50
N THR A 17 21.44 2.49 13.80
CA THR A 17 21.53 1.02 13.67
C THR A 17 20.47 0.55 12.63
N LYS A 18 20.52 -0.72 12.22
CA LYS A 18 19.57 -1.23 11.25
C LYS A 18 18.15 -1.04 11.72
N GLN A 19 17.38 -0.47 10.85
CA GLN A 19 15.99 -0.19 11.10
C GLN A 19 15.15 -1.46 11.01
N ASN A 20 15.72 -2.49 10.35
CA ASN A 20 15.06 -3.79 10.13
C ASN A 20 13.86 -3.60 9.23
N ILE A 21 13.99 -2.63 8.36
CA ILE A 21 12.95 -2.26 7.42
C ILE A 21 13.39 -2.62 6.00
N ILE A 22 12.46 -2.92 5.14
CA ILE A 22 12.74 -3.23 3.75
C ILE A 22 11.76 -2.48 2.86
N GLN A 23 12.26 -1.92 1.78
CA GLN A 23 11.41 -1.34 0.80
C GLN A 23 11.78 -2.01 -0.50
N SER A 24 10.83 -2.31 -1.30
CA SER A 24 11.10 -2.96 -2.54
C SER A 24 11.01 -1.96 -3.68
N GLY A 25 11.41 -2.39 -4.84
CA GLY A 25 11.20 -1.61 -6.00
C GLY A 25 9.85 -1.93 -6.56
N ALA A 26 9.44 -1.22 -7.57
CA ALA A 26 8.17 -1.49 -8.21
C ALA A 26 8.23 -2.83 -8.94
N PHE A 27 7.39 -3.74 -8.52
CA PHE A 27 7.33 -5.06 -9.10
C PHE A 27 5.96 -5.36 -9.67
N SER A 28 5.89 -6.48 -10.36
CA SER A 28 4.70 -6.94 -11.03
C SER A 28 3.54 -7.19 -10.04
N PRO A 29 2.35 -6.61 -10.32
CA PRO A 29 1.18 -6.73 -9.46
C PRO A 29 0.71 -8.18 -9.24
N TYR A 30 0.98 -9.06 -10.22
CA TYR A 30 0.54 -10.45 -10.07
C TYR A 30 1.38 -11.18 -9.01
N GLU A 31 2.54 -10.63 -8.69
CA GLU A 31 3.43 -11.20 -7.68
C GLU A 31 3.05 -10.70 -6.29
N THR A 32 2.26 -9.66 -6.26
CA THR A 32 1.82 -9.02 -5.04
C THR A 32 1.15 -10.02 -4.03
N PRO A 33 0.13 -10.83 -4.46
CA PRO A 33 -0.51 -11.83 -3.59
C PRO A 33 0.52 -12.78 -2.97
N ASP A 34 1.51 -13.12 -3.75
CA ASP A 34 2.60 -13.98 -3.34
C ASP A 34 3.42 -13.31 -2.23
N VAL A 35 3.77 -12.04 -2.44
CA VAL A 35 4.51 -11.25 -1.46
C VAL A 35 3.70 -11.06 -0.18
N MET A 36 2.41 -10.81 -0.35
CA MET A 36 1.51 -10.61 0.78
C MET A 36 1.43 -11.85 1.66
N GLY A 37 1.49 -13.02 1.04
CA GLY A 37 1.50 -14.26 1.80
C GLY A 37 2.76 -14.38 2.64
N ALA A 38 3.87 -13.90 2.10
CA ALA A 38 5.14 -13.93 2.80
C ALA A 38 5.11 -13.00 3.99
N LEU A 39 4.68 -11.76 3.76
CA LEU A 39 4.61 -10.74 4.81
C LEU A 39 3.73 -11.19 5.95
N THR A 40 2.62 -11.82 5.61
CA THR A 40 1.69 -12.32 6.59
C THR A 40 2.34 -13.43 7.43
N SER A 41 3.04 -14.33 6.76
CA SER A 41 3.68 -15.44 7.43
C SER A 41 4.87 -14.95 8.26
N LEU A 42 5.56 -13.97 7.76
CA LEU A 42 6.72 -13.40 8.41
C LEU A 42 6.33 -12.29 9.37
N LYS A 43 5.02 -12.09 9.57
CA LYS A 43 4.47 -11.08 10.52
C LYS A 43 5.09 -9.70 10.30
N MET A 44 5.36 -9.38 9.06
CA MET A 44 5.98 -8.12 8.74
C MET A 44 4.94 -7.03 8.57
N THR A 45 4.07 -7.20 7.58
CA THR A 45 3.03 -6.22 7.27
C THR A 45 3.64 -4.97 6.60
N ALA A 46 3.16 -4.65 5.43
CA ALA A 46 3.74 -3.58 4.63
C ALA A 46 2.68 -2.82 3.87
N ASP A 47 3.05 -1.63 3.46
CA ASP A 47 2.19 -0.77 2.68
C ASP A 47 2.62 -0.87 1.23
N PHE A 48 1.75 -1.37 0.40
CA PHE A 48 2.00 -1.52 -1.02
C PHE A 48 1.45 -0.34 -1.76
N ILE A 49 2.29 0.46 -2.28
CA ILE A 49 1.83 1.59 -3.03
C ILE A 49 1.83 1.24 -4.49
N LEU A 50 0.70 1.40 -5.10
CA LEU A 50 0.52 1.11 -6.48
C LEU A 50 0.95 2.33 -7.25
N GLN A 51 1.75 2.12 -8.24
CA GLN A 51 2.32 3.18 -9.02
C GLN A 51 1.46 3.43 -10.24
N SER A 52 1.59 4.58 -10.83
CA SER A 52 0.80 4.97 -11.99
C SER A 52 1.15 4.13 -13.22
N ASP A 53 2.29 3.47 -13.15
CA ASP A 53 2.77 2.60 -14.23
C ASP A 53 2.18 1.18 -14.09
N GLY A 54 1.47 0.92 -13.01
CA GLY A 54 0.81 -0.36 -12.83
C GLY A 54 1.57 -1.36 -11.98
N LEU A 55 2.72 -0.95 -11.51
CA LEU A 55 3.53 -1.80 -10.65
C LEU A 55 3.36 -1.33 -9.22
N THR A 56 3.70 -2.15 -8.26
CA THR A 56 3.57 -1.74 -6.87
C THR A 56 4.87 -2.03 -6.12
N TYR A 57 5.07 -1.35 -5.04
CA TYR A 57 6.22 -1.53 -4.19
C TYR A 57 5.75 -1.45 -2.77
N PHE A 58 6.38 -2.16 -1.88
CA PHE A 58 5.94 -2.13 -0.52
C PHE A 58 7.01 -1.58 0.37
N ILE A 59 6.58 -0.90 1.40
CA ILE A 59 7.48 -0.47 2.41
C ILE A 59 7.04 -1.18 3.66
N SER A 60 7.89 -1.99 4.22
CA SER A 60 7.52 -2.76 5.38
C SER A 60 7.82 -2.01 6.65
N LYS A 61 7.05 -2.26 7.67
CA LYS A 61 7.29 -1.66 8.96
C LYS A 61 8.46 -2.40 9.61
N PRO A 62 9.17 -1.75 10.54
CA PRO A 62 10.30 -2.36 11.25
C PRO A 62 9.90 -3.64 11.98
N THR A 63 10.63 -4.70 11.73
CA THR A 63 10.37 -5.98 12.33
C THR A 63 11.69 -6.51 12.93
N SER A 64 11.77 -7.79 13.23
CA SER A 64 13.00 -8.35 13.77
C SER A 64 13.95 -8.72 12.64
N ASP A 65 15.20 -9.00 12.97
CA ASP A 65 16.19 -9.41 11.95
C ASP A 65 15.81 -10.76 11.37
N ALA A 66 15.19 -11.58 12.20
CA ALA A 66 14.72 -12.91 11.83
C ALA A 66 13.70 -12.83 10.69
N GLN A 67 12.80 -11.89 10.79
CA GLN A 67 11.79 -11.72 9.76
C GLN A 67 12.42 -11.02 8.57
N LEU A 68 13.19 -10.00 8.87
CA LEU A 68 13.92 -9.20 7.88
C LEU A 68 14.72 -10.06 6.95
N LYS A 69 15.59 -10.87 7.52
CA LYS A 69 16.54 -11.67 6.81
C LYS A 69 15.87 -12.54 5.74
N ALA A 70 14.80 -13.20 6.12
CA ALA A 70 14.11 -14.09 5.24
C ALA A 70 13.47 -13.35 4.09
N MET A 71 12.87 -12.21 4.38
CA MET A 71 12.21 -11.44 3.38
C MET A 71 13.18 -10.81 2.39
N LYS A 72 14.31 -10.31 2.89
CA LYS A 72 15.30 -9.78 1.98
C LYS A 72 15.91 -10.86 1.10
N GLU A 73 16.05 -12.06 1.65
CA GLU A 73 16.49 -13.22 0.88
C GLU A 73 15.43 -13.62 -0.16
N TYR A 74 14.19 -13.36 0.16
CA TYR A 74 13.01 -13.64 -0.68
C TYR A 74 12.96 -12.67 -1.86
N LEU A 75 13.16 -11.40 -1.59
CA LEU A 75 13.17 -10.40 -2.66
C LEU A 75 14.36 -10.62 -3.57
N ASP A 76 15.45 -11.10 -2.98
CA ASP A 76 16.65 -11.49 -3.73
C ASP A 76 16.35 -12.72 -4.56
N ARG A 77 15.48 -13.56 -4.03
CA ARG A 77 15.04 -14.79 -4.65
C ARG A 77 14.19 -14.44 -5.86
N LYS A 78 13.49 -13.33 -5.76
CA LYS A 78 12.68 -12.84 -6.86
C LYS A 78 13.49 -12.03 -7.84
N GLY A 79 14.71 -11.75 -7.48
CA GLY A 79 15.56 -10.96 -8.33
C GLY A 79 15.07 -9.52 -8.45
N TRP A 80 14.35 -9.05 -7.45
CA TRP A 80 13.83 -7.68 -7.49
C TRP A 80 14.75 -6.78 -6.73
N TRP A 81 14.73 -5.52 -7.07
CA TRP A 81 15.49 -4.55 -6.35
C TRP A 81 14.78 -4.23 -5.03
N TYR A 82 15.56 -4.02 -3.98
CA TYR A 82 15.02 -3.69 -2.70
C TYR A 82 16.08 -2.96 -1.88
N GLU A 83 15.69 -2.45 -0.75
CA GLU A 83 16.63 -1.80 0.15
C GLU A 83 16.46 -2.38 1.53
N VAL A 84 17.55 -2.55 2.20
CA VAL A 84 17.55 -3.05 3.53
C VAL A 84 17.89 -1.92 4.45
N LYS A 85 16.98 -1.59 5.27
CA LYS A 85 17.16 -0.53 6.20
C LYS A 85 17.70 -1.05 7.50
N GLY B 1 -4.73 13.40 14.08
CA GLY B 1 -5.44 12.19 13.69
C GLY B 1 -4.57 10.97 13.88
N SER B 2 -3.33 11.07 13.52
CA SER B 2 -2.39 10.02 13.67
C SER B 2 -1.03 10.64 13.95
N ILE B 3 -0.75 10.80 15.21
CA ILE B 3 0.48 11.40 15.62
C ILE B 3 0.85 11.01 17.06
N GLN B 4 1.59 9.93 17.19
CA GLN B 4 2.20 9.57 18.46
C GLN B 4 3.49 10.34 18.54
N LYS B 5 4.43 9.92 17.71
CA LYS B 5 5.66 10.63 17.52
C LYS B 5 5.93 10.50 16.01
N VAL B 6 4.85 10.23 15.29
CA VAL B 6 4.90 10.09 13.85
C VAL B 6 4.45 11.38 13.21
N LYS B 7 5.21 11.85 12.27
CA LYS B 7 4.91 13.10 11.60
C LYS B 7 5.36 12.99 10.14
N ASN B 8 5.36 11.77 9.64
CA ASN B 8 5.77 11.52 8.27
C ASN B 8 4.66 10.76 7.60
N GLY B 9 4.11 11.30 6.56
CA GLY B 9 3.10 10.60 5.85
C GLY B 9 2.18 11.51 5.11
N ASN B 10 1.23 10.90 4.44
CA ASN B 10 0.23 11.61 3.67
C ASN B 10 -1.12 11.19 4.23
N VAL B 11 -1.09 10.79 5.48
CA VAL B 11 -2.25 10.21 6.14
C VAL B 11 -3.11 11.28 6.79
N ALA B 12 -3.92 11.92 5.96
CA ALA B 12 -4.89 12.95 6.35
C ALA B 12 -5.42 13.57 5.08
N THR B 13 -6.70 13.78 5.00
CA THR B 13 -7.24 14.38 3.83
C THR B 13 -7.76 15.79 4.08
N THR B 14 -9.02 15.90 4.51
CA THR B 14 -9.70 17.18 4.72
C THR B 14 -9.54 18.10 3.49
N SER B 15 -10.35 17.88 2.51
CA SER B 15 -10.29 18.62 1.29
C SER B 15 -11.65 19.23 0.97
N PRO B 16 -11.68 20.39 0.28
CA PRO B 16 -12.94 21.02 -0.13
C PRO B 16 -13.61 20.21 -1.24
N THR B 17 -14.96 20.20 -1.26
CA THR B 17 -15.76 19.41 -2.24
C THR B 17 -15.57 17.90 -1.88
N LYS B 18 -16.06 16.96 -2.68
CA LYS B 18 -15.75 15.57 -2.40
C LYS B 18 -14.26 15.36 -2.59
N GLN B 19 -13.76 14.37 -1.96
CA GLN B 19 -12.35 14.11 -1.95
C GLN B 19 -11.93 13.43 -3.25
N ASN B 20 -12.89 12.68 -3.82
CA ASN B 20 -12.73 11.89 -5.04
C ASN B 20 -11.75 10.77 -4.75
N ILE B 21 -11.97 10.18 -3.61
CA ILE B 21 -11.20 9.10 -3.09
C ILE B 21 -12.13 7.90 -2.83
N ILE B 22 -11.56 6.72 -2.87
CA ILE B 22 -12.25 5.50 -2.53
C ILE B 22 -11.34 4.67 -1.68
N GLN B 23 -11.82 4.22 -0.54
CA GLN B 23 -11.06 3.32 0.25
C GLN B 23 -11.86 2.06 0.40
N SER B 24 -11.22 0.94 0.33
CA SER B 24 -11.92 -0.30 0.41
C SER B 24 -11.68 -0.95 1.75
N GLY B 25 -12.39 -2.02 1.99
CA GLY B 25 -12.12 -2.82 3.14
C GLY B 25 -11.11 -3.87 2.78
N ALA B 26 -10.54 -4.49 3.77
CA ALA B 26 -9.54 -5.52 3.56
C ALA B 26 -10.14 -6.75 2.85
N PHE B 27 -9.63 -7.03 1.67
CA PHE B 27 -10.09 -8.15 0.85
C PHE B 27 -8.97 -9.15 0.62
N SER B 28 -9.30 -10.26 -0.07
CA SER B 28 -8.36 -11.33 -0.32
C SER B 28 -7.21 -10.91 -1.28
N PRO B 29 -5.96 -11.28 -0.92
CA PRO B 29 -4.74 -10.88 -1.65
C PRO B 29 -4.71 -11.27 -3.14
N TYR B 30 -5.39 -12.34 -3.52
CA TYR B 30 -5.35 -12.81 -4.90
C TYR B 30 -6.17 -11.90 -5.84
N GLU B 31 -7.06 -11.10 -5.24
CA GLU B 31 -7.90 -10.19 -6.01
C GLU B 31 -7.14 -8.89 -6.26
N THR B 32 -6.19 -8.64 -5.41
CA THR B 32 -5.37 -7.45 -5.40
C THR B 32 -4.73 -7.10 -6.78
N PRO B 33 -4.06 -8.06 -7.47
CA PRO B 33 -3.44 -7.81 -8.79
C PRO B 33 -4.44 -7.23 -9.79
N ASP B 34 -5.65 -7.76 -9.79
CA ASP B 34 -6.67 -7.32 -10.73
C ASP B 34 -7.21 -5.95 -10.33
N VAL B 35 -7.34 -5.73 -9.01
CA VAL B 35 -7.72 -4.43 -8.49
C VAL B 35 -6.68 -3.38 -8.91
N MET B 36 -5.40 -3.76 -8.81
CA MET B 36 -4.30 -2.91 -9.23
C MET B 36 -4.38 -2.62 -10.71
N GLY B 37 -4.76 -3.62 -11.49
CA GLY B 37 -4.95 -3.45 -12.92
C GLY B 37 -6.02 -2.40 -13.20
N ALA B 38 -7.13 -2.51 -12.49
CA ALA B 38 -8.23 -1.56 -12.62
C ALA B 38 -7.76 -0.14 -12.26
N LEU B 39 -7.03 -0.02 -11.16
CA LEU B 39 -6.51 1.26 -10.69
C LEU B 39 -5.56 1.88 -11.70
N THR B 40 -4.81 1.03 -12.37
CA THR B 40 -3.87 1.47 -13.39
C THR B 40 -4.64 1.98 -14.63
N SER B 41 -5.65 1.23 -14.99
CA SER B 41 -6.48 1.53 -16.15
C SER B 41 -7.27 2.81 -15.89
N LEU B 42 -7.74 2.95 -14.68
CA LEU B 42 -8.51 4.09 -14.27
C LEU B 42 -7.63 5.21 -13.73
N LYS B 43 -6.30 5.04 -13.79
CA LYS B 43 -5.32 6.07 -13.35
C LYS B 43 -5.58 6.56 -11.93
N MET B 44 -6.19 5.72 -11.13
CA MET B 44 -6.58 6.11 -9.79
C MET B 44 -5.41 6.11 -8.86
N THR B 45 -4.71 4.98 -8.80
CA THR B 45 -3.54 4.79 -7.94
C THR B 45 -3.94 4.72 -6.44
N ALA B 46 -3.52 3.69 -5.76
CA ALA B 46 -3.93 3.47 -4.39
C ALA B 46 -2.85 2.90 -3.53
N ASP B 47 -3.03 3.06 -2.25
CA ASP B 47 -2.16 2.51 -1.23
C ASP B 47 -2.82 1.27 -0.70
N PHE B 48 -2.21 0.15 -0.92
CA PHE B 48 -2.72 -1.11 -0.42
C PHE B 48 -2.03 -1.46 0.86
N ILE B 49 -2.73 -1.42 1.93
CA ILE B 49 -2.15 -1.77 3.19
C ILE B 49 -2.45 -3.21 3.47
N LEU B 50 -1.42 -3.99 3.59
CA LEU B 50 -1.53 -5.37 3.89
C LEU B 50 -1.58 -5.52 5.36
N GLN B 51 -2.59 -6.17 5.84
CA GLN B 51 -2.79 -6.38 7.24
C GLN B 51 -2.19 -7.72 7.63
N SER B 52 -1.87 -7.88 8.90
CA SER B 52 -1.23 -9.11 9.41
C SER B 52 -2.14 -10.33 9.24
N ASP B 53 -3.42 -10.07 9.02
CA ASP B 53 -4.41 -11.12 8.84
C ASP B 53 -4.30 -11.72 7.43
N GLY B 54 -3.60 -11.02 6.56
CA GLY B 54 -3.40 -11.51 5.21
C GLY B 54 -4.39 -10.94 4.24
N LEU B 55 -4.97 -9.83 4.59
CA LEU B 55 -5.92 -9.16 3.74
C LEU B 55 -5.40 -7.77 3.48
N THR B 56 -5.79 -7.17 2.39
CA THR B 56 -5.31 -5.85 2.08
C THR B 56 -6.47 -4.98 1.61
N TYR B 57 -6.34 -3.70 1.83
CA TYR B 57 -7.33 -2.73 1.41
C TYR B 57 -6.61 -1.60 0.74
N PHE B 58 -7.24 -0.93 -0.17
CA PHE B 58 -6.57 0.12 -0.86
C PHE B 58 -7.23 1.44 -0.59
N ILE B 59 -6.44 2.46 -0.54
CA ILE B 59 -6.92 3.80 -0.43
C ILE B 59 -6.52 4.47 -1.71
N SER B 60 -7.46 4.90 -2.49
CA SER B 60 -7.12 5.50 -3.74
C SER B 60 -6.89 6.97 -3.56
N LYS B 61 -5.79 7.45 -4.07
CA LYS B 61 -5.47 8.85 -3.98
C LYS B 61 -6.37 9.62 -4.94
N PRO B 62 -6.72 10.88 -4.59
CA PRO B 62 -7.68 11.71 -5.35
C PRO B 62 -7.44 11.70 -6.86
N THR B 63 -8.46 11.29 -7.56
CA THR B 63 -8.49 11.25 -8.99
C THR B 63 -9.78 11.94 -9.44
N SER B 64 -10.17 11.82 -10.66
CA SER B 64 -11.42 12.39 -11.09
C SER B 64 -12.54 11.41 -10.74
N ASP B 65 -13.75 11.90 -10.54
CA ASP B 65 -14.87 11.03 -10.19
C ASP B 65 -15.24 10.15 -11.36
N ALA B 66 -14.92 10.62 -12.56
CA ALA B 66 -15.12 9.87 -13.80
C ALA B 66 -14.35 8.53 -13.79
N GLN B 67 -13.16 8.54 -13.23
CA GLN B 67 -12.37 7.31 -13.10
C GLN B 67 -12.93 6.50 -11.95
N LEU B 68 -13.02 7.19 -10.83
CA LEU B 68 -13.48 6.69 -9.55
C LEU B 68 -14.81 5.94 -9.63
N LYS B 69 -15.74 6.47 -10.39
CA LYS B 69 -17.09 5.93 -10.49
C LYS B 69 -17.10 4.47 -10.97
N ALA B 70 -16.15 4.12 -11.82
CA ALA B 70 -16.07 2.78 -12.34
C ALA B 70 -15.52 1.82 -11.30
N MET B 71 -14.55 2.30 -10.53
CA MET B 71 -13.92 1.50 -9.54
C MET B 71 -14.87 1.16 -8.42
N LYS B 72 -15.65 2.12 -7.99
CA LYS B 72 -16.66 1.86 -6.97
C LYS B 72 -17.65 0.81 -7.44
N GLU B 73 -18.01 0.84 -8.72
CA GLU B 73 -18.88 -0.17 -9.27
C GLU B 73 -18.17 -1.53 -9.31
N TYR B 74 -16.86 -1.51 -9.54
CA TYR B 74 -16.03 -2.73 -9.53
C TYR B 74 -16.06 -3.34 -8.13
N LEU B 75 -15.86 -2.51 -7.14
CA LEU B 75 -15.86 -2.97 -5.76
C LEU B 75 -17.22 -3.51 -5.38
N ASP B 76 -18.25 -2.92 -5.95
CA ASP B 76 -19.61 -3.37 -5.73
C ASP B 76 -19.84 -4.72 -6.42
N ARG B 77 -19.16 -4.95 -7.55
CA ARG B 77 -19.25 -6.23 -8.26
C ARG B 77 -18.71 -7.31 -7.36
N LYS B 78 -17.74 -6.92 -6.57
CA LYS B 78 -17.09 -7.82 -5.65
C LYS B 78 -17.80 -7.87 -4.32
N GLY B 79 -18.75 -7.00 -4.13
CA GLY B 79 -19.47 -6.93 -2.89
C GLY B 79 -18.60 -6.48 -1.72
N TRP B 80 -17.51 -5.78 -2.00
CA TRP B 80 -16.60 -5.35 -0.95
C TRP B 80 -17.06 -4.04 -0.37
N TRP B 81 -16.71 -3.82 0.87
CA TRP B 81 -17.00 -2.57 1.52
C TRP B 81 -16.05 -1.51 0.99
N TYR B 82 -16.57 -0.35 0.76
CA TYR B 82 -15.78 0.75 0.34
C TYR B 82 -16.45 2.03 0.75
N GLU B 83 -15.77 3.12 0.59
CA GLU B 83 -16.33 4.40 0.85
C GLU B 83 -16.08 5.26 -0.32
N VAL B 84 -17.06 6.02 -0.70
CA VAL B 84 -16.86 7.01 -1.68
C VAL B 84 -16.60 8.28 -0.93
N LYS B 85 -15.43 8.76 -1.08
CA LYS B 85 -14.95 9.87 -0.35
C LYS B 85 -14.72 10.99 -1.32
N GLY A 1 63.89 -10.40 24.10
CA GLY A 1 63.16 -9.99 22.89
C GLY A 1 61.76 -9.55 23.24
N SER A 2 61.14 -8.80 22.35
CA SER A 2 59.79 -8.34 22.58
C SER A 2 58.79 -9.41 22.14
N ILE A 3 57.82 -9.67 22.96
CA ILE A 3 56.81 -10.65 22.66
C ILE A 3 55.67 -9.99 21.92
N GLN A 4 55.42 -10.45 20.72
CA GLN A 4 54.35 -9.93 19.92
C GLN A 4 53.08 -10.67 20.31
N LYS A 5 52.12 -9.93 20.79
CA LYS A 5 50.85 -10.49 21.15
C LYS A 5 49.84 -10.28 20.05
N VAL A 6 49.62 -11.30 19.26
CA VAL A 6 48.60 -11.26 18.22
C VAL A 6 47.27 -11.62 18.88
N LYS A 7 47.38 -12.13 20.09
CA LYS A 7 46.26 -12.48 20.89
C LYS A 7 45.74 -11.21 21.57
N ASN A 8 44.91 -10.50 20.84
CA ASN A 8 44.32 -9.27 21.30
C ASN A 8 43.15 -8.95 20.43
N GLY A 9 42.04 -8.66 21.03
CA GLY A 9 40.88 -8.34 20.29
C GLY A 9 39.65 -8.77 21.01
N ASN A 10 39.09 -7.85 21.78
CA ASN A 10 37.85 -8.11 22.47
C ASN A 10 36.73 -8.16 21.46
N VAL A 11 36.28 -9.34 21.19
CA VAL A 11 35.28 -9.56 20.18
C VAL A 11 33.91 -9.77 20.80
N ALA A 12 32.90 -9.35 20.08
CA ALA A 12 31.53 -9.52 20.44
C ALA A 12 30.78 -9.74 19.16
N THR A 13 29.60 -10.33 19.24
CA THR A 13 28.81 -10.60 18.06
C THR A 13 28.42 -9.29 17.39
N THR A 14 29.10 -9.01 16.30
CA THR A 14 28.94 -7.79 15.61
C THR A 14 27.81 -7.87 14.61
N SER A 15 26.65 -7.46 15.03
CA SER A 15 25.52 -7.44 14.17
C SER A 15 25.40 -6.04 13.60
N PRO A 16 25.43 -5.90 12.26
CA PRO A 16 25.31 -4.58 11.62
C PRO A 16 24.04 -3.88 12.06
N THR A 17 24.13 -2.63 12.39
CA THR A 17 23.01 -1.87 12.88
C THR A 17 22.03 -1.66 11.74
N LYS A 18 20.77 -1.82 12.03
CA LYS A 18 19.76 -1.63 11.01
C LYS A 18 18.48 -1.13 11.65
N GLN A 19 17.55 -0.74 10.83
CA GLN A 19 16.24 -0.28 11.28
C GLN A 19 15.24 -1.45 11.24
N ASN A 20 15.60 -2.50 10.50
CA ASN A 20 14.75 -3.68 10.22
C ASN A 20 13.52 -3.30 9.46
N ILE A 21 13.77 -2.81 8.27
CA ILE A 21 12.76 -2.34 7.37
C ILE A 21 13.23 -2.70 5.94
N ILE A 22 12.31 -2.99 5.06
CA ILE A 22 12.65 -3.33 3.68
C ILE A 22 11.65 -2.66 2.77
N GLN A 23 12.12 -2.05 1.71
CA GLN A 23 11.24 -1.51 0.73
C GLN A 23 11.64 -2.11 -0.59
N SER A 24 10.71 -2.47 -1.39
CA SER A 24 10.99 -3.04 -2.67
C SER A 24 10.91 -1.99 -3.76
N GLY A 25 11.31 -2.37 -4.95
CA GLY A 25 11.09 -1.54 -6.10
C GLY A 25 9.77 -1.90 -6.70
N ALA A 26 9.31 -1.16 -7.66
CA ALA A 26 8.04 -1.43 -8.31
C ALA A 26 8.08 -2.76 -9.06
N PHE A 27 7.26 -3.69 -8.63
CA PHE A 27 7.20 -5.01 -9.24
C PHE A 27 5.84 -5.31 -9.84
N SER A 28 5.77 -6.41 -10.56
CA SER A 28 4.59 -6.85 -11.27
C SER A 28 3.41 -7.11 -10.30
N PRO A 29 2.21 -6.56 -10.60
CA PRO A 29 1.02 -6.70 -9.74
C PRO A 29 0.62 -8.17 -9.43
N TYR A 30 0.95 -9.12 -10.33
CA TYR A 30 0.59 -10.52 -10.10
C TYR A 30 1.43 -11.12 -8.96
N GLU A 31 2.55 -10.48 -8.64
CA GLU A 31 3.48 -10.93 -7.59
C GLU A 31 3.02 -10.48 -6.23
N THR A 32 2.20 -9.45 -6.24
CA THR A 32 1.69 -8.82 -5.06
C THR A 32 1.03 -9.80 -4.04
N PRO A 33 0.06 -10.65 -4.47
CA PRO A 33 -0.60 -11.62 -3.57
C PRO A 33 0.40 -12.55 -2.90
N ASP A 34 1.36 -13.02 -3.68
CA ASP A 34 2.37 -13.94 -3.21
C ASP A 34 3.29 -13.30 -2.21
N VAL A 35 3.73 -12.08 -2.50
CA VAL A 35 4.62 -11.40 -1.60
C VAL A 35 3.88 -10.95 -0.32
N MET A 36 2.59 -10.58 -0.46
CA MET A 36 1.75 -10.26 0.71
C MET A 36 1.65 -11.45 1.65
N GLY A 37 1.56 -12.64 1.07
CA GLY A 37 1.52 -13.86 1.86
C GLY A 37 2.78 -14.01 2.69
N ALA A 38 3.92 -13.74 2.07
CA ALA A 38 5.22 -13.79 2.75
C ALA A 38 5.25 -12.84 3.94
N LEU A 39 4.84 -11.59 3.70
CA LEU A 39 4.80 -10.55 4.73
C LEU A 39 3.91 -10.94 5.89
N THR A 40 2.82 -11.61 5.57
CA THR A 40 1.88 -12.04 6.57
C THR A 40 2.46 -13.21 7.38
N SER A 41 3.08 -14.14 6.70
CA SER A 41 3.65 -15.32 7.32
C SER A 41 4.88 -14.93 8.16
N LEU A 42 5.64 -13.98 7.65
CA LEU A 42 6.83 -13.50 8.31
C LEU A 42 6.50 -12.43 9.36
N LYS A 43 5.22 -12.04 9.44
CA LYS A 43 4.75 -11.02 10.42
C LYS A 43 5.50 -9.73 10.30
N MET A 44 5.57 -9.27 9.10
CA MET A 44 6.26 -8.04 8.81
C MET A 44 5.28 -6.94 8.53
N THR A 45 4.39 -7.20 7.57
CA THR A 45 3.34 -6.26 7.17
C THR A 45 3.95 -5.01 6.43
N ALA A 46 3.33 -4.62 5.33
CA ALA A 46 3.87 -3.56 4.48
C ALA A 46 2.81 -2.76 3.78
N ASP A 47 3.20 -1.59 3.32
CA ASP A 47 2.37 -0.70 2.55
C ASP A 47 2.75 -0.85 1.10
N PHE A 48 1.81 -1.27 0.31
CA PHE A 48 2.02 -1.43 -1.11
C PHE A 48 1.49 -0.22 -1.85
N ILE A 49 2.37 0.55 -2.39
CA ILE A 49 1.96 1.71 -3.13
C ILE A 49 1.88 1.35 -4.59
N LEU A 50 0.70 1.49 -5.15
CA LEU A 50 0.47 1.20 -6.53
C LEU A 50 0.81 2.41 -7.32
N GLN A 51 1.67 2.22 -8.28
CA GLN A 51 2.18 3.31 -9.07
C GLN A 51 1.36 3.41 -10.37
N SER A 52 1.44 4.56 -11.02
CA SER A 52 0.68 4.84 -12.25
C SER A 52 1.20 4.00 -13.42
N ASP A 53 2.39 3.44 -13.26
CA ASP A 53 3.02 2.61 -14.27
C ASP A 53 2.38 1.22 -14.26
N GLY A 54 1.64 0.92 -13.20
CA GLY A 54 0.96 -0.36 -13.10
C GLY A 54 1.78 -1.37 -12.36
N LEU A 55 2.60 -0.90 -11.47
CA LEU A 55 3.44 -1.75 -10.66
C LEU A 55 3.33 -1.26 -9.24
N THR A 56 3.65 -2.08 -8.28
CA THR A 56 3.55 -1.67 -6.91
C THR A 56 4.82 -2.04 -6.16
N TYR A 57 5.05 -1.41 -5.04
CA TYR A 57 6.19 -1.68 -4.21
C TYR A 57 5.73 -1.66 -2.78
N PHE A 58 6.38 -2.39 -1.91
CA PHE A 58 5.95 -2.45 -0.54
C PHE A 58 7.00 -1.88 0.37
N ILE A 59 6.56 -1.28 1.44
CA ILE A 59 7.43 -0.77 2.46
C ILE A 59 7.05 -1.48 3.73
N SER A 60 7.93 -2.23 4.31
CA SER A 60 7.60 -3.00 5.48
C SER A 60 7.80 -2.22 6.76
N LYS A 61 6.97 -2.51 7.75
CA LYS A 61 7.12 -1.93 9.08
C LYS A 61 8.27 -2.66 9.78
N PRO A 62 8.88 -2.05 10.83
CA PRO A 62 9.99 -2.66 11.57
C PRO A 62 9.64 -4.04 12.15
N THR A 63 10.63 -4.91 12.22
CA THR A 63 10.46 -6.26 12.71
C THR A 63 11.83 -6.74 13.29
N SER A 64 12.01 -8.03 13.46
CA SER A 64 13.26 -8.56 14.00
C SER A 64 14.21 -8.87 12.86
N ASP A 65 15.51 -8.98 13.15
CA ASP A 65 16.52 -9.31 12.12
C ASP A 65 16.24 -10.70 11.51
N ALA A 66 15.69 -11.58 12.33
CA ALA A 66 15.33 -12.94 11.92
C ALA A 66 14.21 -12.92 10.88
N GLN A 67 13.22 -12.10 11.09
CA GLN A 67 12.13 -11.97 10.16
C GLN A 67 12.56 -11.12 8.95
N LEU A 68 13.28 -10.06 9.23
CA LEU A 68 13.80 -9.12 8.24
C LEU A 68 14.66 -9.87 7.21
N LYS A 69 15.59 -10.68 7.70
CA LYS A 69 16.56 -11.37 6.85
C LYS A 69 15.88 -12.28 5.82
N ALA A 70 14.82 -12.95 6.24
CA ALA A 70 14.15 -13.92 5.40
C ALA A 70 13.42 -13.27 4.24
N MET A 71 12.93 -12.07 4.48
CA MET A 71 12.22 -11.37 3.48
C MET A 71 13.16 -10.78 2.44
N LYS A 72 14.29 -10.27 2.89
CA LYS A 72 15.25 -9.77 1.94
C LYS A 72 15.85 -10.87 1.08
N GLU A 73 16.01 -12.06 1.66
CA GLU A 73 16.43 -13.22 0.90
C GLU A 73 15.32 -13.62 -0.10
N TYR A 74 14.06 -13.35 0.26
CA TYR A 74 12.89 -13.64 -0.56
C TYR A 74 12.92 -12.83 -1.85
N LEU A 75 13.06 -11.50 -1.72
CA LEU A 75 13.12 -10.63 -2.91
C LEU A 75 14.34 -10.93 -3.73
N ASP A 76 15.38 -11.37 -3.07
CA ASP A 76 16.61 -11.76 -3.74
C ASP A 76 16.37 -12.98 -4.62
N ARG A 77 15.44 -13.84 -4.22
CA ARG A 77 15.08 -15.01 -5.01
C ARG A 77 14.21 -14.61 -6.18
N LYS A 78 13.50 -13.53 -6.00
CA LYS A 78 12.67 -13.01 -7.04
C LYS A 78 13.42 -12.07 -7.95
N GLY A 79 14.64 -11.77 -7.57
CA GLY A 79 15.48 -10.91 -8.35
C GLY A 79 15.01 -9.48 -8.32
N TRP A 80 14.17 -9.14 -7.36
CA TRP A 80 13.68 -7.77 -7.26
C TRP A 80 14.67 -6.91 -6.53
N TRP A 81 14.63 -5.65 -6.82
CA TRP A 81 15.42 -4.70 -6.12
C TRP A 81 14.70 -4.31 -4.84
N TYR A 82 15.45 -4.07 -3.79
CA TYR A 82 14.91 -3.68 -2.53
C TYR A 82 15.96 -2.95 -1.74
N GLU A 83 15.59 -2.42 -0.60
CA GLU A 83 16.51 -1.75 0.28
C GLU A 83 16.39 -2.32 1.66
N VAL A 84 17.51 -2.49 2.30
CA VAL A 84 17.54 -2.97 3.65
C VAL A 84 17.73 -1.78 4.54
N LYS A 85 16.76 -1.53 5.31
CA LYS A 85 16.72 -0.40 6.18
C LYS A 85 16.54 -0.83 7.59
N GLY B 1 -55.88 35.16 0.25
CA GLY B 1 -55.16 35.81 -0.82
C GLY B 1 -54.35 34.81 -1.62
N SER B 2 -54.82 34.48 -2.80
CA SER B 2 -54.14 33.49 -3.63
C SER B 2 -53.09 34.13 -4.54
N ILE B 3 -52.89 35.44 -4.42
CA ILE B 3 -51.91 36.13 -5.23
C ILE B 3 -50.54 35.96 -4.57
N GLN B 4 -49.79 34.98 -5.02
CA GLN B 4 -48.49 34.67 -4.48
C GLN B 4 -47.73 33.83 -5.50
N LYS B 5 -46.45 34.10 -5.66
CA LYS B 5 -45.64 33.38 -6.63
C LYS B 5 -44.88 32.25 -5.98
N VAL B 6 -45.38 31.06 -6.15
CA VAL B 6 -44.77 29.88 -5.59
C VAL B 6 -43.95 29.17 -6.68
N LYS B 7 -44.19 29.54 -7.92
CA LYS B 7 -43.51 28.95 -9.03
C LYS B 7 -42.17 29.61 -9.25
N ASN B 8 -41.18 28.79 -9.40
CA ASN B 8 -39.86 29.24 -9.71
C ASN B 8 -39.36 28.37 -10.84
N GLY B 9 -39.37 28.90 -12.04
CA GLY B 9 -38.99 28.11 -13.19
C GLY B 9 -37.50 27.99 -13.37
N ASN B 10 -36.78 27.82 -12.29
CA ASN B 10 -35.36 27.67 -12.34
C ASN B 10 -34.95 26.58 -11.37
N VAL B 11 -34.22 25.62 -11.85
CA VAL B 11 -33.77 24.52 -11.03
C VAL B 11 -32.34 24.14 -11.42
N ALA B 12 -31.53 23.80 -10.44
CA ALA B 12 -30.18 23.38 -10.67
C ALA B 12 -29.89 22.15 -9.83
N THR B 13 -29.48 21.09 -10.49
CA THR B 13 -29.14 19.85 -9.82
C THR B 13 -27.98 20.08 -8.84
N THR B 14 -28.29 20.08 -7.57
CA THR B 14 -27.32 20.34 -6.56
C THR B 14 -26.47 19.10 -6.32
N SER B 15 -25.33 19.10 -6.92
CA SER B 15 -24.42 18.00 -6.83
C SER B 15 -23.59 18.15 -5.55
N PRO B 16 -23.48 17.09 -4.76
CA PRO B 16 -22.70 17.12 -3.52
C PRO B 16 -21.22 17.31 -3.83
N THR B 17 -20.55 18.06 -3.00
CA THR B 17 -19.14 18.29 -3.16
C THR B 17 -18.36 17.05 -2.74
N LYS B 18 -18.01 16.25 -3.70
CA LYS B 18 -17.33 15.01 -3.45
C LYS B 18 -15.84 15.18 -3.65
N GLN B 19 -15.09 14.34 -2.99
CA GLN B 19 -13.65 14.38 -3.04
C GLN B 19 -13.15 13.59 -4.25
N ASN B 20 -13.93 12.58 -4.59
CA ASN B 20 -13.63 11.60 -5.61
C ASN B 20 -12.56 10.68 -5.16
N ILE B 21 -12.76 10.19 -3.96
CA ILE B 21 -11.87 9.25 -3.33
C ILE B 21 -12.69 8.01 -2.92
N ILE B 22 -12.05 6.89 -2.89
CA ILE B 22 -12.67 5.65 -2.47
C ILE B 22 -11.69 4.88 -1.60
N GLN B 23 -12.18 4.34 -0.50
CA GLN B 23 -11.36 3.48 0.30
C GLN B 23 -12.08 2.17 0.40
N SER B 24 -11.38 1.09 0.31
CA SER B 24 -12.01 -0.18 0.40
C SER B 24 -11.75 -0.78 1.78
N GLY B 25 -12.40 -1.86 2.06
CA GLY B 25 -12.14 -2.59 3.26
C GLY B 25 -11.14 -3.68 2.97
N ALA B 26 -10.77 -4.41 3.99
CA ALA B 26 -9.83 -5.50 3.85
C ALA B 26 -10.41 -6.61 2.97
N PHE B 27 -9.76 -6.86 1.85
CA PHE B 27 -10.21 -7.89 0.93
C PHE B 27 -9.12 -8.91 0.66
N SER B 28 -9.49 -9.97 -0.06
CA SER B 28 -8.62 -11.08 -0.38
C SER B 28 -7.40 -10.65 -1.24
N PRO B 29 -6.18 -11.04 -0.81
CA PRO B 29 -4.91 -10.68 -1.50
C PRO B 29 -4.85 -11.15 -2.97
N TYR B 30 -5.55 -12.21 -3.29
CA TYR B 30 -5.53 -12.73 -4.65
C TYR B 30 -6.34 -11.86 -5.62
N GLU B 31 -7.21 -11.00 -5.09
CA GLU B 31 -8.01 -10.10 -5.93
C GLU B 31 -7.25 -8.80 -6.17
N THR B 32 -6.25 -8.59 -5.36
CA THR B 32 -5.38 -7.43 -5.40
C THR B 32 -4.78 -7.14 -6.82
N PRO B 33 -4.18 -8.15 -7.52
CA PRO B 33 -3.63 -7.97 -8.89
C PRO B 33 -4.68 -7.41 -9.85
N ASP B 34 -5.91 -7.89 -9.73
CA ASP B 34 -7.01 -7.48 -10.59
C ASP B 34 -7.47 -6.08 -10.25
N VAL B 35 -7.59 -5.77 -8.97
CA VAL B 35 -8.03 -4.45 -8.58
C VAL B 35 -6.94 -3.40 -8.88
N MET B 36 -5.66 -3.77 -8.67
CA MET B 36 -4.55 -2.87 -9.03
C MET B 36 -4.60 -2.55 -10.51
N GLY B 37 -4.91 -3.56 -11.31
CA GLY B 37 -5.05 -3.38 -12.73
C GLY B 37 -6.13 -2.37 -13.06
N ALA B 38 -7.21 -2.39 -12.28
CA ALA B 38 -8.33 -1.49 -12.49
C ALA B 38 -7.91 -0.05 -12.27
N LEU B 39 -7.26 0.23 -11.13
CA LEU B 39 -6.84 1.61 -10.84
C LEU B 39 -5.75 2.06 -11.76
N THR B 40 -4.95 1.13 -12.21
CA THR B 40 -3.92 1.42 -13.18
C THR B 40 -4.56 1.89 -14.50
N SER B 41 -5.56 1.17 -14.96
CA SER B 41 -6.20 1.49 -16.21
C SER B 41 -7.06 2.76 -16.06
N LEU B 42 -7.69 2.89 -14.91
CA LEU B 42 -8.52 4.05 -14.62
C LEU B 42 -7.68 5.25 -14.18
N LYS B 43 -6.37 5.03 -14.04
CA LYS B 43 -5.41 6.08 -13.63
C LYS B 43 -5.81 6.79 -12.35
N MET B 44 -6.17 6.01 -11.38
CA MET B 44 -6.60 6.52 -10.10
C MET B 44 -5.46 6.49 -9.10
N THR B 45 -4.85 5.31 -8.97
CA THR B 45 -3.72 5.06 -8.07
C THR B 45 -4.16 5.06 -6.59
N ALA B 46 -3.76 4.03 -5.87
CA ALA B 46 -4.13 3.87 -4.49
C ALA B 46 -3.02 3.25 -3.70
N ASP B 47 -3.14 3.36 -2.41
CA ASP B 47 -2.21 2.75 -1.51
C ASP B 47 -2.86 1.49 -0.99
N PHE B 48 -2.27 0.36 -1.26
CA PHE B 48 -2.79 -0.90 -0.79
C PHE B 48 -2.03 -1.31 0.45
N ILE B 49 -2.68 -1.28 1.55
CA ILE B 49 -2.02 -1.60 2.78
C ILE B 49 -2.31 -3.02 3.17
N LEU B 50 -1.27 -3.78 3.33
CA LEU B 50 -1.37 -5.15 3.74
C LEU B 50 -1.40 -5.16 5.23
N GLN B 51 -2.39 -5.80 5.76
CA GLN B 51 -2.59 -5.89 7.18
C GLN B 51 -1.97 -7.21 7.67
N SER B 52 -1.68 -7.27 8.94
CA SER B 52 -1.04 -8.44 9.54
C SER B 52 -1.97 -9.67 9.52
N ASP B 53 -3.24 -9.43 9.28
CA ASP B 53 -4.24 -10.50 9.17
C ASP B 53 -4.13 -11.20 7.81
N GLY B 54 -3.44 -10.58 6.87
CA GLY B 54 -3.27 -11.20 5.56
C GLY B 54 -4.25 -10.71 4.53
N LEU B 55 -4.84 -9.57 4.78
CA LEU B 55 -5.76 -8.95 3.86
C LEU B 55 -5.25 -7.56 3.55
N THR B 56 -5.72 -6.97 2.48
CA THR B 56 -5.26 -5.65 2.13
C THR B 56 -6.46 -4.76 1.76
N TYR B 57 -6.28 -3.46 1.87
CA TYR B 57 -7.30 -2.49 1.53
C TYR B 57 -6.61 -1.34 0.82
N PHE B 58 -7.29 -0.67 -0.07
CA PHE B 58 -6.66 0.42 -0.77
C PHE B 58 -7.36 1.72 -0.50
N ILE B 59 -6.60 2.79 -0.50
CA ILE B 59 -7.18 4.09 -0.40
C ILE B 59 -6.77 4.82 -1.67
N SER B 60 -7.73 5.20 -2.49
CA SER B 60 -7.41 5.81 -3.77
C SER B 60 -7.22 7.29 -3.68
N LYS B 61 -6.35 7.81 -4.49
CA LYS B 61 -6.17 9.23 -4.62
C LYS B 61 -7.31 9.79 -5.46
N PRO B 62 -7.68 11.06 -5.25
CA PRO B 62 -8.77 11.69 -5.99
C PRO B 62 -8.56 11.67 -7.51
N THR B 63 -9.65 11.51 -8.21
CA THR B 63 -9.68 11.46 -9.65
C THR B 63 -10.96 12.17 -10.10
N SER B 64 -11.38 12.00 -11.34
CA SER B 64 -12.59 12.66 -11.81
C SER B 64 -13.82 11.79 -11.48
N ASP B 65 -14.99 12.43 -11.37
CA ASP B 65 -16.26 11.70 -11.08
C ASP B 65 -16.51 10.61 -12.10
N ALA B 66 -16.08 10.88 -13.30
CA ALA B 66 -16.19 9.97 -14.44
C ALA B 66 -15.42 8.67 -14.20
N GLN B 67 -14.18 8.80 -13.79
CA GLN B 67 -13.33 7.66 -13.53
C GLN B 67 -13.70 7.00 -12.20
N LEU B 68 -13.94 7.84 -11.21
CA LEU B 68 -14.25 7.43 -9.85
C LEU B 68 -15.51 6.55 -9.82
N LYS B 69 -16.53 6.96 -10.59
CA LYS B 69 -17.81 6.26 -10.60
C LYS B 69 -17.67 4.82 -11.08
N ALA B 70 -16.73 4.59 -11.99
CA ALA B 70 -16.53 3.29 -12.56
C ALA B 70 -15.92 2.34 -11.55
N MET B 71 -15.00 2.85 -10.76
CA MET B 71 -14.32 2.06 -9.80
C MET B 71 -15.25 1.60 -8.68
N LYS B 72 -16.12 2.47 -8.23
CA LYS B 72 -17.08 2.08 -7.22
C LYS B 72 -18.05 1.01 -7.69
N GLU B 73 -18.40 1.04 -8.99
CA GLU B 73 -19.21 -0.03 -9.58
C GLU B 73 -18.44 -1.35 -9.48
N TYR B 74 -17.15 -1.30 -9.79
CA TYR B 74 -16.26 -2.47 -9.78
C TYR B 74 -16.20 -3.11 -8.39
N LEU B 75 -16.00 -2.30 -7.39
CA LEU B 75 -15.92 -2.78 -6.01
C LEU B 75 -17.23 -3.40 -5.58
N ASP B 76 -18.33 -2.90 -6.13
CA ASP B 76 -19.64 -3.44 -5.84
C ASP B 76 -19.82 -4.78 -6.55
N ARG B 77 -19.13 -4.96 -7.67
CA ARG B 77 -19.19 -6.21 -8.41
C ARG B 77 -18.51 -7.25 -7.57
N LYS B 78 -17.49 -6.81 -6.86
CA LYS B 78 -16.72 -7.68 -6.01
C LYS B 78 -17.37 -7.90 -4.65
N GLY B 79 -18.39 -7.13 -4.37
CA GLY B 79 -19.09 -7.26 -3.11
C GLY B 79 -18.22 -6.85 -1.92
N TRP B 80 -17.31 -5.92 -2.14
CA TRP B 80 -16.42 -5.48 -1.06
C TRP B 80 -16.97 -4.24 -0.43
N TRP B 81 -16.60 -4.00 0.80
CA TRP B 81 -16.97 -2.77 1.45
C TRP B 81 -16.07 -1.66 0.95
N TYR B 82 -16.64 -0.51 0.72
CA TYR B 82 -15.89 0.64 0.30
C TYR B 82 -16.63 1.90 0.68
N GLU B 83 -15.99 3.01 0.54
CA GLU B 83 -16.60 4.29 0.77
C GLU B 83 -16.36 5.19 -0.39
N VAL B 84 -17.28 6.05 -0.63
CA VAL B 84 -17.22 7.02 -1.67
C VAL B 84 -17.09 8.35 -1.00
N LYS B 85 -16.01 8.95 -1.23
CA LYS B 85 -15.63 10.17 -0.62
C LYS B 85 -15.61 11.25 -1.66
#